data_6U5Z
#
_entry.id   6U5Z
#
_cell.length_a   1.00
_cell.length_b   1.00
_cell.length_c   1.00
_cell.angle_alpha   90.00
_cell.angle_beta   90.00
_cell.angle_gamma   90.00
#
_symmetry.space_group_name_H-M   'P 1'
#
_entity_poly.entity_id   1
_entity_poly.type   'polypeptide(L)'
_entity_poly.pdbx_seq_one_letter_code
;MNPERSERIEIPVLPLRDVVVYPHMVIPLFVGREKSIRCLEAAMDHDKKIMLVAQKEASTDEPGVNDLFTVGTVASILQM
LKLPDGTVKVLVEGLQRARISALSDNGEHFSAKAEYLESPTIDEREQEVLVRTAISQFEGYIKLNKKIPPEVLTSLNSID
DPARLADTIAAHMPLKLADKQSVLEMSDVNERLEYLMAMMESEIDLLQVEKRIRNRVKKQMEKSQREYYLNEQMKAIQKE
LGEMDDAPDENEALKRKIDAAKMPKEAKEKAEAELQKLKMMSPMSAEATVVRGYIDWMVQVPWNARSKVKKDLRQAQEIL
DTDHYGLERVKDRILEYLAVQSRVNKIKGPILCLVGPPGVGKTSLGQSIAKATGRKYVRMALGGVRDEAEIRGHRRTYIG
SMPGKLIQKMAKVGVKNPLFLLDEIDKMSSDMRGDPASALLEVLDPEQNVAFSDHYLEVDYDLSDVMFVATSNSMNIPAP
LLDRMEVIRLSGYTEDEKLNIAKRHLLPKQIERNALKKGELTVDDSAIIGIIRYYTREAGVRGLEREISKLCRKAVKQLL
LDKSLKHIEINGDNLHDYLGVQRFDYGRADNENRVGQVTGLAWTEVGGDLLTIETACVPGKGKLTYTGSLGEVMQESIQA
ALTVVRARAEKLGINPDFYEKRDIHVHVPEGATPKDGPAAGIAMCTALVSCLTGNPVRADVAMTGEITLRGQVLPIGGLK
EKLLAAHRGGIKTVLIPFENKRDLEEIPDNVIADLDIHPVKRIEEVLTLALQNEPSGMQVVTAK
;
_entity_poly.pdbx_strand_id   A,B,C,D,E,F
#
# COMPACT_ATOMS: atom_id res chain seq x y z
N ALA A 247 -30.08 27.60 -3.93
CA ALA A 247 -30.70 28.44 -2.92
C ALA A 247 -30.00 29.81 -2.76
N PRO A 248 -28.65 29.85 -2.70
CA PRO A 248 -27.99 31.16 -2.55
C PRO A 248 -28.10 32.02 -3.80
N ASP A 249 -27.48 33.19 -3.77
CA ASP A 249 -27.53 34.11 -4.90
C ASP A 249 -26.84 33.52 -6.13
N GLU A 250 -25.76 32.77 -5.93
CA GLU A 250 -25.03 32.18 -7.05
C GLU A 250 -25.96 31.33 -7.92
N ASN A 251 -26.65 30.36 -7.31
CA ASN A 251 -27.57 29.50 -8.03
C ASN A 251 -28.58 30.29 -8.85
N GLU A 252 -28.80 31.56 -8.51
CA GLU A 252 -29.73 32.39 -9.27
C GLU A 252 -29.04 32.90 -10.54
N ALA A 253 -27.88 33.53 -10.39
CA ALA A 253 -27.14 34.05 -11.53
C ALA A 253 -26.87 32.96 -12.55
N LEU A 254 -26.36 31.81 -12.08
CA LEU A 254 -26.10 30.69 -12.97
C LEU A 254 -27.35 30.29 -13.73
N LYS A 255 -28.50 30.29 -13.04
CA LYS A 255 -29.75 29.92 -13.70
C LYS A 255 -30.03 30.84 -14.88
N ARG A 256 -29.69 32.12 -14.75
CA ARG A 256 -29.92 33.06 -15.85
C ARG A 256 -29.13 32.65 -17.08
N LYS A 257 -27.91 32.13 -16.89
CA LYS A 257 -27.10 31.69 -18.03
C LYS A 257 -27.78 30.58 -18.82
N ILE A 258 -28.80 29.95 -18.24
CA ILE A 258 -29.51 28.88 -18.94
C ILE A 258 -30.63 29.47 -19.80
N ASP A 259 -31.21 30.59 -19.38
CA ASP A 259 -32.30 31.22 -20.13
C ASP A 259 -31.82 32.25 -21.14
N ALA A 260 -30.65 32.86 -20.91
CA ALA A 260 -30.13 33.87 -21.82
C ALA A 260 -29.51 33.30 -23.08
N ALA A 261 -29.44 31.98 -23.22
CA ALA A 261 -28.85 31.34 -24.40
C ALA A 261 -29.85 30.39 -25.03
N LYS A 262 -30.06 30.54 -26.34
CA LYS A 262 -30.97 29.68 -27.06
C LYS A 262 -30.38 28.28 -27.15
N MET A 263 -31.21 27.26 -26.90
CA MET A 263 -30.72 25.89 -26.91
C MET A 263 -31.65 24.91 -27.62
N PRO A 264 -31.10 24.01 -28.44
CA PRO A 264 -31.92 23.00 -29.13
C PRO A 264 -32.40 21.91 -28.17
N LYS A 265 -32.99 20.85 -28.72
CA LYS A 265 -33.51 19.76 -27.88
C LYS A 265 -32.43 19.14 -27.00
N GLU A 266 -31.29 18.76 -27.60
CA GLU A 266 -30.22 18.15 -26.81
C GLU A 266 -29.64 19.14 -25.80
N ALA A 267 -29.44 20.40 -26.23
CA ALA A 267 -28.92 21.39 -25.32
C ALA A 267 -29.93 21.69 -24.22
N LYS A 268 -31.22 21.67 -24.57
CA LYS A 268 -32.24 21.89 -23.54
C LYS A 268 -32.26 20.74 -22.55
N GLU A 269 -31.96 19.53 -23.02
CA GLU A 269 -31.93 18.37 -22.14
C GLU A 269 -30.78 18.50 -21.13
N LYS A 270 -29.58 18.83 -21.63
CA LYS A 270 -28.47 19.00 -20.69
C LYS A 270 -28.71 20.20 -19.79
N ALA A 271 -29.41 21.22 -20.29
CA ALA A 271 -29.71 22.39 -19.47
C ALA A 271 -30.66 22.00 -18.35
N GLU A 272 -31.64 21.15 -18.64
CA GLU A 272 -32.57 20.69 -17.62
C GLU A 272 -31.84 19.85 -16.59
N ALA A 273 -30.88 19.03 -17.04
CA ALA A 273 -30.11 18.22 -16.10
C ALA A 273 -29.32 19.11 -15.17
N GLU A 274 -28.68 20.15 -15.73
CA GLU A 274 -27.91 21.07 -14.89
C GLU A 274 -28.84 21.83 -13.95
N LEU A 275 -30.03 22.18 -14.43
CA LEU A 275 -31.00 22.87 -13.57
C LEU A 275 -31.36 22.00 -12.39
N GLN A 276 -31.55 20.70 -12.63
CA GLN A 276 -31.85 19.78 -11.54
C GLN A 276 -30.66 19.69 -10.60
N LYS A 277 -29.44 19.83 -11.15
CA LYS A 277 -28.23 19.81 -10.34
C LYS A 277 -27.95 21.16 -9.69
N LEU A 278 -28.64 22.22 -10.12
CA LEU A 278 -28.47 23.55 -9.57
C LEU A 278 -29.46 23.75 -8.42
N LYS A 279 -29.62 25.01 -8.00
CA LYS A 279 -30.51 25.41 -6.91
C LYS A 279 -30.14 24.74 -5.59
N MET A 280 -28.91 24.27 -5.47
CA MET A 280 -28.42 23.62 -4.27
C MET A 280 -27.54 24.59 -3.49
N MET A 281 -26.90 24.09 -2.44
CA MET A 281 -26.03 24.92 -1.61
C MET A 281 -24.77 25.29 -2.38
N SER A 282 -24.51 26.59 -2.50
CA SER A 282 -23.34 27.09 -3.22
C SER A 282 -22.02 26.81 -2.49
N PRO A 283 -21.94 26.87 -1.13
CA PRO A 283 -20.65 26.58 -0.48
C PRO A 283 -20.29 25.11 -0.48
N MET A 284 -21.08 24.29 -1.18
CA MET A 284 -20.82 22.85 -1.26
C MET A 284 -19.54 22.63 -2.03
N SER A 285 -18.48 22.20 -1.32
CA SER A 285 -17.19 21.96 -1.94
C SER A 285 -17.29 20.90 -3.02
N ALA A 286 -16.68 21.19 -4.16
CA ALA A 286 -16.62 20.31 -5.33
C ALA A 286 -17.98 19.99 -5.92
N GLU A 287 -19.03 20.74 -5.54
CA GLU A 287 -20.37 20.50 -6.06
C GLU A 287 -20.90 21.67 -6.85
N ALA A 288 -20.76 22.90 -6.34
CA ALA A 288 -21.23 24.07 -7.06
C ALA A 288 -20.25 24.51 -8.15
N THR A 289 -18.95 24.31 -7.92
CA THR A 289 -17.96 24.71 -8.92
C THR A 289 -18.06 23.86 -10.18
N VAL A 290 -18.30 22.55 -10.02
CA VAL A 290 -18.40 21.69 -11.19
C VAL A 290 -19.65 22.02 -12.01
N VAL A 291 -20.78 22.28 -11.34
CA VAL A 291 -21.98 22.63 -12.09
C VAL A 291 -21.81 24.00 -12.73
N ARG A 292 -21.10 24.92 -12.08
CA ARG A 292 -20.86 26.22 -12.68
C ARG A 292 -20.00 26.07 -13.92
N GLY A 293 -18.98 25.21 -13.86
CA GLY A 293 -18.15 24.98 -15.01
C GLY A 293 -18.95 24.34 -16.14
N TYR A 294 -19.86 23.43 -15.80
CA TYR A 294 -20.70 22.79 -16.81
C TYR A 294 -21.58 23.84 -17.48
N ILE A 295 -22.13 24.77 -16.70
CA ILE A 295 -22.96 25.82 -17.26
C ILE A 295 -22.14 26.67 -18.22
N ASP A 296 -20.92 27.03 -17.81
CA ASP A 296 -20.06 27.83 -18.67
C ASP A 296 -19.73 27.08 -19.96
N TRP A 297 -19.47 25.79 -19.86
CA TRP A 297 -19.17 24.99 -21.05
C TRP A 297 -20.36 24.98 -21.99
N MET A 298 -21.56 24.74 -21.45
CA MET A 298 -22.76 24.73 -22.29
C MET A 298 -22.94 26.06 -22.98
N VAL A 299 -22.76 27.17 -22.25
CA VAL A 299 -22.89 28.49 -22.87
C VAL A 299 -21.84 28.66 -23.95
N GLN A 300 -20.67 28.03 -23.77
CA GLN A 300 -19.61 28.13 -24.76
C GLN A 300 -19.77 27.14 -25.90
N VAL A 301 -20.48 26.03 -25.67
CA VAL A 301 -20.68 25.04 -26.75
C VAL A 301 -21.47 25.70 -27.87
N PRO A 302 -21.06 25.57 -29.13
CA PRO A 302 -21.79 26.22 -30.22
C PRO A 302 -23.02 25.45 -30.68
N TRP A 303 -24.04 26.21 -31.05
CA TRP A 303 -25.32 25.74 -31.57
C TRP A 303 -26.11 26.95 -32.02
N ASN A 304 -26.96 26.75 -33.02
CA ASN A 304 -27.78 27.82 -33.61
C ASN A 304 -26.93 28.95 -34.16
N ALA A 305 -25.66 28.66 -34.47
CA ALA A 305 -24.72 29.64 -35.01
C ALA A 305 -23.64 28.87 -35.74
N ARG A 306 -23.18 29.41 -36.87
CA ARG A 306 -22.15 28.75 -37.66
C ARG A 306 -21.42 29.79 -38.51
N SER A 307 -20.35 29.34 -39.14
CA SER A 307 -19.55 30.19 -40.01
C SER A 307 -20.15 30.17 -41.41
N LYS A 308 -20.10 31.32 -42.08
CA LYS A 308 -20.63 31.44 -43.43
C LYS A 308 -19.73 30.66 -44.39
N VAL A 309 -20.14 29.43 -44.72
CA VAL A 309 -19.36 28.60 -45.62
C VAL A 309 -19.51 29.11 -47.04
N LYS A 310 -18.38 29.27 -47.72
CA LYS A 310 -18.38 29.75 -49.10
C LYS A 310 -18.76 28.63 -50.06
N LYS A 311 -19.44 29.01 -51.15
CA LYS A 311 -19.88 28.05 -52.16
C LYS A 311 -19.10 28.13 -53.46
N ASP A 312 -18.49 29.26 -53.78
CA ASP A 312 -17.73 29.40 -55.00
C ASP A 312 -16.40 28.67 -54.89
N LEU A 313 -15.91 28.17 -56.03
CA LEU A 313 -14.65 27.45 -56.07
C LEU A 313 -13.50 28.30 -56.60
N ARG A 314 -13.78 29.34 -57.38
CA ARG A 314 -12.71 30.19 -57.91
C ARG A 314 -11.95 30.85 -56.77
N GLN A 315 -12.68 31.41 -55.80
CA GLN A 315 -12.02 32.05 -54.67
C GLN A 315 -11.21 31.04 -53.88
N ALA A 316 -11.70 29.80 -53.78
CA ALA A 316 -10.97 28.77 -53.05
C ALA A 316 -9.63 28.49 -53.74
N GLN A 317 -9.64 28.44 -55.07
CA GLN A 317 -8.40 28.20 -55.81
C GLN A 317 -7.46 29.37 -55.64
N GLU A 318 -7.98 30.59 -55.71
CA GLU A 318 -7.14 31.77 -55.54
C GLU A 318 -6.50 31.79 -54.15
N ILE A 319 -7.24 31.35 -53.14
CA ILE A 319 -6.70 31.31 -51.78
C ILE A 319 -5.66 30.21 -51.65
N LEU A 320 -5.93 29.05 -52.24
CA LEU A 320 -4.98 27.95 -52.17
C LEU A 320 -3.72 28.22 -52.97
N ASP A 321 -3.76 29.16 -53.91
CA ASP A 321 -2.58 29.48 -54.71
C ASP A 321 -1.60 30.39 -53.98
N THR A 322 -1.95 30.90 -52.79
CA THR A 322 -1.08 31.78 -52.04
C THR A 322 -0.82 31.28 -50.62
N ASP A 323 -0.93 29.97 -50.38
CA ASP A 323 -0.66 29.46 -49.04
C ASP A 323 0.84 29.35 -48.81
N HIS A 324 1.49 28.43 -49.50
CA HIS A 324 2.93 28.27 -49.42
C HIS A 324 3.58 28.48 -50.79
N TYR A 325 3.27 27.63 -51.75
CA TYR A 325 3.73 27.73 -53.13
C TYR A 325 2.68 27.31 -54.15
N GLY A 326 1.72 26.45 -53.77
CA GLY A 326 0.67 25.96 -54.63
C GLY A 326 0.91 24.50 -54.94
N LEU A 327 2.16 24.19 -55.30
CA LEU A 327 2.67 22.86 -55.62
C LEU A 327 2.03 22.25 -56.86
N GLU A 328 0.94 22.86 -57.35
CA GLU A 328 0.21 22.41 -58.54
C GLU A 328 -0.15 20.93 -58.53
N ARG A 329 0.00 20.24 -57.39
CA ARG A 329 -0.32 18.82 -57.33
C ARG A 329 -1.35 18.47 -56.27
N VAL A 330 -1.14 18.96 -55.03
CA VAL A 330 -2.05 18.63 -53.95
C VAL A 330 -3.27 19.56 -53.95
N LYS A 331 -3.05 20.86 -54.22
CA LYS A 331 -4.17 21.80 -54.24
C LYS A 331 -5.26 21.33 -55.18
N ASP A 332 -4.89 20.74 -56.32
CA ASP A 332 -5.90 20.23 -57.24
C ASP A 332 -6.81 19.23 -56.54
N ARG A 333 -6.21 18.24 -55.87
CA ARG A 333 -7.01 17.27 -55.14
C ARG A 333 -7.90 17.97 -54.13
N ILE A 334 -7.35 18.96 -53.42
CA ILE A 334 -8.16 19.70 -52.46
C ILE A 334 -9.38 20.30 -53.14
N LEU A 335 -9.15 20.93 -54.29
CA LEU A 335 -10.23 21.54 -55.05
C LEU A 335 -11.29 20.48 -55.37
N GLU A 336 -10.84 19.29 -55.79
CA GLU A 336 -11.77 18.21 -56.10
C GLU A 336 -12.67 17.96 -54.90
N TYR A 337 -12.06 17.79 -53.73
CA TYR A 337 -12.84 17.56 -52.52
C TYR A 337 -13.83 18.68 -52.29
N LEU A 338 -13.37 19.92 -52.44
CA LEU A 338 -14.25 21.06 -52.24
C LEU A 338 -15.44 20.99 -53.19
N ALA A 339 -15.19 20.60 -54.44
CA ALA A 339 -16.27 20.47 -55.40
C ALA A 339 -17.27 19.43 -54.93
N VAL A 340 -16.78 18.31 -54.41
CA VAL A 340 -17.68 17.27 -53.91
C VAL A 340 -18.47 17.81 -52.73
N GLN A 341 -17.90 18.73 -51.98
CA GLN A 341 -18.56 19.34 -50.83
C GLN A 341 -19.29 20.63 -51.19
N SER A 342 -19.35 20.98 -52.47
CA SER A 342 -20.01 22.19 -52.92
C SER A 342 -21.51 21.97 -53.19
N ARG A 343 -22.08 20.88 -52.69
CA ARG A 343 -23.48 20.58 -52.89
C ARG A 343 -24.27 20.56 -51.59
N VAL A 344 -23.78 19.83 -50.58
CA VAL A 344 -24.45 19.73 -49.29
C VAL A 344 -23.41 19.93 -48.19
N ASN A 345 -23.89 20.12 -46.97
CA ASN A 345 -23.04 20.31 -45.80
C ASN A 345 -22.63 19.00 -45.15
N LYS A 346 -22.94 17.87 -45.78
CA LYS A 346 -22.59 16.55 -45.26
C LYS A 346 -21.39 16.00 -46.02
N ILE A 347 -20.34 15.66 -45.29
CA ILE A 347 -19.14 15.12 -45.94
C ILE A 347 -19.43 13.75 -46.55
N LYS A 348 -19.79 12.79 -45.70
CA LYS A 348 -20.10 11.43 -46.13
C LYS A 348 -18.98 10.83 -46.97
N GLY A 349 -17.76 10.88 -46.44
CA GLY A 349 -16.61 10.35 -47.14
C GLY A 349 -15.30 10.58 -46.41
N PRO A 350 -14.23 10.77 -47.18
CA PRO A 350 -12.90 10.99 -46.58
C PRO A 350 -12.78 12.28 -45.78
N ILE A 351 -11.60 12.49 -45.17
CA ILE A 351 -11.33 13.67 -44.37
C ILE A 351 -10.12 14.44 -44.86
N LEU A 352 -9.64 14.15 -46.07
CA LEU A 352 -8.48 14.83 -46.68
C LEU A 352 -7.23 14.71 -45.81
N CYS A 353 -6.74 13.48 -45.66
CA CYS A 353 -5.54 13.24 -44.87
C CYS A 353 -4.30 13.60 -45.68
N LEU A 354 -3.36 14.30 -45.06
CA LEU A 354 -2.11 14.72 -45.70
C LEU A 354 -0.94 13.98 -45.06
N VAL A 355 -0.04 13.49 -45.90
CA VAL A 355 1.14 12.77 -45.43
C VAL A 355 2.35 13.24 -46.22
N GLY A 356 3.51 13.24 -45.56
CA GLY A 356 4.74 13.66 -46.17
C GLY A 356 5.82 13.94 -45.14
N PRO A 357 7.04 14.22 -45.60
CA PRO A 357 8.11 14.51 -44.66
C PRO A 357 7.87 15.80 -43.91
N PRO A 358 8.39 15.94 -42.69
CA PRO A 358 8.17 17.17 -41.94
C PRO A 358 8.86 18.35 -42.58
N GLY A 359 8.32 19.53 -42.34
CA GLY A 359 8.86 20.76 -42.89
C GLY A 359 8.17 21.25 -44.14
N VAL A 360 6.95 20.79 -44.43
CA VAL A 360 6.21 21.21 -45.62
C VAL A 360 5.04 22.07 -45.18
N GLY A 361 4.29 22.59 -46.15
CA GLY A 361 3.15 23.43 -45.85
C GLY A 361 1.90 22.75 -45.36
N LYS A 362 2.01 21.91 -44.33
CA LYS A 362 0.83 21.22 -43.82
C LYS A 362 -0.08 22.20 -43.08
N THR A 363 0.48 22.92 -42.10
CA THR A 363 -0.31 23.90 -41.36
C THR A 363 -0.80 25.00 -42.29
N SER A 364 0.04 25.39 -43.26
CA SER A 364 -0.36 26.41 -44.21
C SER A 364 -1.53 25.92 -45.07
N LEU A 365 -1.48 24.64 -45.46
CA LEU A 365 -2.58 24.08 -46.25
C LEU A 365 -3.86 24.06 -45.44
N GLY A 366 -3.75 23.69 -44.15
CA GLY A 366 -4.94 23.68 -43.32
C GLY A 366 -5.55 25.06 -43.16
N GLN A 367 -4.69 26.06 -42.92
CA GLN A 367 -5.18 27.43 -42.77
C GLN A 367 -5.79 27.93 -44.08
N SER A 368 -5.18 27.57 -45.22
CA SER A 368 -5.72 28.00 -46.50
C SER A 368 -7.08 27.35 -46.75
N ILE A 369 -7.23 26.09 -46.35
CA ILE A 369 -8.53 25.42 -46.53
C ILE A 369 -9.57 26.08 -45.64
N ALA A 370 -9.18 26.44 -44.41
CA ALA A 370 -10.12 27.10 -43.50
C ALA A 370 -10.55 28.45 -44.06
N LYS A 371 -9.62 29.19 -44.65
CA LYS A 371 -9.96 30.49 -45.23
C LYS A 371 -10.83 30.34 -46.47
N ALA A 372 -10.54 29.34 -47.30
CA ALA A 372 -11.32 29.13 -48.52
C ALA A 372 -12.74 28.66 -48.20
N THR A 373 -12.89 27.83 -47.16
CA THR A 373 -14.21 27.34 -46.78
C THR A 373 -14.97 28.31 -45.90
N GLY A 374 -14.35 29.42 -45.49
CA GLY A 374 -15.02 30.39 -44.65
C GLY A 374 -15.33 29.92 -43.25
N ARG A 375 -14.64 28.89 -42.76
CA ARG A 375 -14.86 28.35 -41.43
C ARG A 375 -13.67 28.70 -40.53
N LYS A 376 -13.95 28.83 -39.24
CA LYS A 376 -12.91 29.16 -38.28
C LYS A 376 -11.88 28.04 -38.19
N TYR A 377 -10.64 28.42 -37.93
CA TYR A 377 -9.52 27.49 -37.83
C TYR A 377 -9.24 27.12 -36.38
N VAL A 378 -9.02 25.82 -36.15
CA VAL A 378 -8.72 25.30 -34.82
C VAL A 378 -7.88 24.05 -35.01
N ARG A 379 -6.87 23.88 -34.15
CA ARG A 379 -5.97 22.75 -34.22
C ARG A 379 -6.00 21.92 -32.94
N MET A 380 -5.61 20.66 -33.08
CA MET A 380 -5.53 19.71 -31.97
C MET A 380 -4.52 18.65 -32.36
N ALA A 381 -3.56 18.40 -31.49
CA ALA A 381 -2.50 17.42 -31.75
C ALA A 381 -2.89 16.03 -31.27
N LEU A 382 -2.74 15.05 -32.16
CA LEU A 382 -3.07 13.66 -31.84
C LEU A 382 -1.84 12.88 -31.38
N GLY A 383 -0.64 13.40 -31.60
CA GLY A 383 0.55 12.70 -31.19
C GLY A 383 0.66 12.63 -29.67
N GLY A 384 1.20 11.52 -29.18
CA GLY A 384 1.36 11.30 -27.75
C GLY A 384 0.10 10.91 -27.03
N VAL A 385 -1.05 10.92 -27.69
CA VAL A 385 -2.31 10.56 -27.05
C VAL A 385 -2.36 9.04 -26.90
N ARG A 386 -2.64 8.58 -25.68
CA ARG A 386 -2.71 7.15 -25.41
C ARG A 386 -3.88 6.79 -24.49
N ASP A 387 -4.78 7.72 -24.21
CA ASP A 387 -5.92 7.47 -23.33
C ASP A 387 -7.15 8.18 -23.87
N GLU A 388 -8.31 7.56 -23.64
CA GLU A 388 -9.57 8.17 -24.08
C GLU A 388 -9.89 9.42 -23.27
N ALA A 389 -9.23 9.61 -22.12
CA ALA A 389 -9.45 10.78 -21.29
C ALA A 389 -8.88 12.05 -21.91
N GLU A 390 -8.17 11.93 -23.05
CA GLU A 390 -7.61 13.08 -23.73
C GLU A 390 -8.59 13.63 -24.77
N ILE A 391 -9.27 12.74 -25.49
CA ILE A 391 -10.26 13.19 -26.46
C ILE A 391 -11.57 13.51 -25.76
N ARG A 392 -11.99 12.63 -24.85
CA ARG A 392 -13.19 12.80 -24.06
C ARG A 392 -12.81 13.37 -22.69
N GLY A 393 -13.82 13.76 -21.93
CA GLY A 393 -13.63 14.31 -20.61
C GLY A 393 -13.65 13.24 -19.54
N HIS A 394 -13.80 13.69 -18.30
CA HIS A 394 -13.86 12.81 -17.15
C HIS A 394 -15.33 12.59 -16.78
N ARG A 395 -15.55 11.67 -15.85
CA ARG A 395 -16.91 11.37 -15.41
C ARG A 395 -17.54 12.57 -14.71
N ARG A 396 -18.87 12.59 -14.70
CA ARG A 396 -19.60 13.67 -14.06
C ARG A 396 -19.46 13.52 -12.55
N THR A 397 -18.41 14.11 -12.00
CA THR A 397 -18.11 14.03 -10.58
C THR A 397 -17.63 15.40 -10.11
N TYR A 398 -16.96 15.42 -8.95
CA TYR A 398 -16.43 16.62 -8.32
C TYR A 398 -15.63 17.50 -9.28
N ILE A 399 -15.49 18.78 -8.92
CA ILE A 399 -14.77 19.78 -9.71
C ILE A 399 -13.40 19.24 -10.10
N GLY A 400 -12.95 19.61 -11.29
CA GLY A 400 -11.69 19.17 -11.84
C GLY A 400 -11.84 18.25 -13.03
N SER A 401 -13.03 17.66 -13.19
CA SER A 401 -13.32 16.76 -14.29
C SER A 401 -13.67 17.60 -15.52
N MET A 402 -12.63 18.19 -16.11
CA MET A 402 -12.82 19.03 -17.28
C MET A 402 -13.09 18.18 -18.52
N PRO A 403 -13.83 18.71 -19.49
CA PRO A 403 -14.11 17.94 -20.70
C PRO A 403 -12.84 17.67 -21.50
N GLY A 404 -13.00 16.87 -22.54
CA GLY A 404 -11.89 16.51 -23.39
C GLY A 404 -11.38 17.68 -24.21
N LYS A 405 -10.26 17.44 -24.90
CA LYS A 405 -9.67 18.48 -25.74
C LYS A 405 -10.63 18.91 -26.83
N LEU A 406 -11.36 17.96 -27.42
CA LEU A 406 -12.30 18.30 -28.48
C LEU A 406 -13.39 19.23 -27.99
N ILE A 407 -13.98 18.91 -26.82
CA ILE A 407 -15.05 19.75 -26.28
C ILE A 407 -14.52 21.14 -25.95
N GLN A 408 -13.28 21.22 -25.44
CA GLN A 408 -12.71 22.52 -25.13
C GLN A 408 -12.51 23.34 -26.40
N LYS A 409 -11.98 22.71 -27.45
CA LYS A 409 -11.79 23.42 -28.72
C LYS A 409 -13.12 23.90 -29.28
N MET A 410 -14.16 23.06 -29.17
CA MET A 410 -15.47 23.46 -29.67
C MET A 410 -16.07 24.58 -28.85
N ALA A 411 -15.79 24.60 -27.55
CA ALA A 411 -16.31 25.66 -26.69
C ALA A 411 -15.61 26.98 -26.99
N LYS A 412 -14.30 26.92 -27.29
CA LYS A 412 -13.57 28.14 -27.60
C LYS A 412 -13.97 28.71 -28.96
N VAL A 413 -14.27 27.83 -29.93
CA VAL A 413 -14.66 28.24 -31.27
C VAL A 413 -16.19 28.15 -31.32
N GLY A 414 -16.85 29.30 -31.16
CA GLY A 414 -18.30 29.35 -31.15
C GLY A 414 -19.02 29.17 -32.48
N VAL A 415 -18.66 28.14 -33.23
CA VAL A 415 -19.30 27.84 -34.51
C VAL A 415 -19.55 26.34 -34.57
N LYS A 416 -20.68 25.96 -35.19
CA LYS A 416 -21.03 24.55 -35.29
C LYS A 416 -20.34 23.84 -36.45
N ASN A 417 -19.70 24.56 -37.36
CA ASN A 417 -19.02 23.96 -38.50
C ASN A 417 -17.59 24.48 -38.62
N PRO A 418 -16.72 24.11 -37.69
CA PRO A 418 -15.32 24.56 -37.75
C PRO A 418 -14.44 23.52 -38.45
N LEU A 419 -13.21 23.95 -38.74
CA LEU A 419 -12.23 23.08 -39.39
C LEU A 419 -11.33 22.52 -38.29
N PHE A 420 -11.59 21.28 -37.90
CA PHE A 420 -10.82 20.62 -36.84
C PHE A 420 -9.66 19.87 -37.48
N LEU A 421 -8.44 20.32 -37.20
CA LEU A 421 -7.24 19.69 -37.75
C LEU A 421 -6.70 18.65 -36.79
N LEU A 422 -6.33 17.49 -37.32
CA LEU A 422 -5.79 16.38 -36.55
C LEU A 422 -4.32 16.23 -36.93
N ASP A 423 -3.44 16.81 -36.11
CA ASP A 423 -2.00 16.76 -36.35
C ASP A 423 -1.36 15.54 -35.69
N GLU A 424 -0.38 14.96 -36.37
CA GLU A 424 0.37 13.80 -35.90
C GLU A 424 -0.56 12.63 -35.56
N ILE A 425 -1.28 12.17 -36.58
CA ILE A 425 -2.19 11.05 -36.38
C ILE A 425 -1.40 9.73 -36.31
N ASP A 426 -0.23 9.69 -36.93
CA ASP A 426 0.60 8.47 -36.91
C ASP A 426 1.34 8.31 -35.59
N LYS A 427 1.47 9.36 -34.80
CA LYS A 427 2.16 9.31 -33.52
C LYS A 427 1.24 8.87 -32.38
N MET A 428 -0.06 8.74 -32.63
CA MET A 428 -0.97 8.33 -31.58
C MET A 428 -0.75 6.86 -31.24
N SER A 429 -0.84 6.54 -29.95
CA SER A 429 -0.63 5.18 -29.47
C SER A 429 -1.80 4.78 -28.57
N SER A 430 -1.71 3.57 -28.01
CA SER A 430 -2.73 3.01 -27.12
C SER A 430 -2.00 2.31 -25.98
N ASP A 431 -1.77 3.03 -24.89
CA ASP A 431 -1.06 2.43 -23.75
C ASP A 431 -1.70 2.68 -22.39
N MET A 432 -2.61 3.65 -22.22
CA MET A 432 -3.20 3.92 -20.92
C MET A 432 -4.57 3.29 -20.74
N ARG A 433 -5.54 3.61 -21.61
CA ARG A 433 -6.90 3.07 -21.49
C ARG A 433 -7.37 2.59 -22.87
N GLY A 434 -7.16 1.31 -23.15
CA GLY A 434 -7.57 0.74 -24.43
C GLY A 434 -6.99 1.51 -25.60
N ASP A 435 -7.79 1.65 -26.65
CA ASP A 435 -7.39 2.35 -27.86
C ASP A 435 -8.29 3.56 -28.07
N PRO A 436 -7.78 4.79 -27.98
CA PRO A 436 -8.64 5.96 -28.18
C PRO A 436 -9.15 6.10 -29.61
N ALA A 437 -8.62 5.33 -30.55
CA ALA A 437 -9.08 5.41 -31.93
C ALA A 437 -10.59 5.25 -32.03
N SER A 438 -11.17 4.38 -31.20
CA SER A 438 -12.61 4.19 -31.21
C SER A 438 -13.33 5.51 -30.98
N ALA A 439 -12.89 6.27 -29.96
CA ALA A 439 -13.50 7.57 -29.70
C ALA A 439 -13.37 8.46 -30.92
N LEU A 440 -12.19 8.45 -31.56
CA LEU A 440 -12.00 9.25 -32.76
C LEU A 440 -13.05 8.88 -33.81
N LEU A 441 -13.29 7.58 -33.99
CA LEU A 441 -14.29 7.14 -34.94
C LEU A 441 -15.66 7.69 -34.56
N GLU A 442 -16.00 7.62 -33.27
CA GLU A 442 -17.28 8.12 -32.82
C GLU A 442 -17.43 9.61 -33.11
N VAL A 443 -16.31 10.34 -33.16
CA VAL A 443 -16.35 11.77 -33.46
C VAL A 443 -16.10 12.07 -34.93
N LEU A 444 -15.80 11.06 -35.73
CA LEU A 444 -15.53 11.24 -37.15
C LEU A 444 -16.53 10.54 -38.05
N ASP A 445 -17.09 9.41 -37.62
CA ASP A 445 -18.06 8.70 -38.45
C ASP A 445 -19.34 9.53 -38.54
N PRO A 446 -19.84 9.83 -39.74
CA PRO A 446 -21.07 10.63 -39.84
C PRO A 446 -22.27 10.01 -39.15
N GLU A 447 -22.25 8.70 -38.89
CA GLU A 447 -23.35 8.04 -38.22
C GLU A 447 -23.21 8.04 -36.70
N GLN A 448 -22.06 8.48 -36.18
CA GLN A 448 -21.83 8.53 -34.75
C GLN A 448 -21.55 9.93 -34.22
N ASN A 449 -21.03 10.84 -35.04
CA ASN A 449 -20.75 12.19 -34.57
C ASN A 449 -22.03 12.98 -34.29
N VAL A 450 -23.15 12.59 -34.90
CA VAL A 450 -24.41 13.30 -34.67
C VAL A 450 -24.88 13.09 -33.24
N ALA A 451 -24.49 11.98 -32.63
CA ALA A 451 -24.87 11.64 -31.26
C ALA A 451 -23.65 11.27 -30.45
N PHE A 452 -22.57 12.04 -30.58
CA PHE A 452 -21.35 11.79 -29.85
C PHE A 452 -21.52 12.16 -28.39
N SER A 453 -21.28 11.20 -27.50
CA SER A 453 -21.41 11.39 -26.06
C SER A 453 -20.04 11.45 -25.42
N ASP A 454 -19.91 12.31 -24.41
CA ASP A 454 -18.68 12.50 -23.67
C ASP A 454 -18.86 12.02 -22.24
N HIS A 455 -17.74 11.82 -21.54
CA HIS A 455 -17.84 11.37 -20.15
C HIS A 455 -18.41 12.48 -19.27
N TYR A 456 -18.02 13.71 -19.52
CA TYR A 456 -18.53 14.87 -18.78
C TYR A 456 -19.80 15.38 -19.42
N LEU A 457 -19.81 15.51 -20.75
CA LEU A 457 -20.98 15.95 -21.50
C LEU A 457 -21.72 14.71 -22.00
N GLU A 458 -22.31 13.99 -21.05
CA GLU A 458 -23.02 12.74 -21.34
C GLU A 458 -24.15 12.93 -22.34
N VAL A 459 -24.68 14.15 -22.48
CA VAL A 459 -25.76 14.39 -23.44
C VAL A 459 -25.18 14.42 -24.84
N ASP A 460 -25.84 13.73 -25.77
CA ASP A 460 -25.38 13.67 -27.15
C ASP A 460 -25.29 15.07 -27.76
N TYR A 461 -24.23 15.29 -28.54
CA TYR A 461 -23.99 16.55 -29.21
C TYR A 461 -23.83 16.31 -30.71
N ASP A 462 -24.43 17.19 -31.51
CA ASP A 462 -24.37 17.06 -32.96
C ASP A 462 -23.02 17.57 -33.47
N LEU A 463 -22.25 16.68 -34.11
CA LEU A 463 -20.95 17.02 -34.66
C LEU A 463 -20.83 16.64 -36.13
N SER A 464 -21.96 16.48 -36.82
CA SER A 464 -21.93 16.10 -38.23
C SER A 464 -21.48 17.26 -39.12
N ASP A 465 -21.71 18.50 -38.69
CA ASP A 465 -21.33 19.66 -39.48
C ASP A 465 -19.88 20.06 -39.29
N VAL A 466 -19.15 19.41 -38.38
CA VAL A 466 -17.75 19.73 -38.14
C VAL A 466 -16.89 19.01 -39.16
N MET A 467 -16.07 19.76 -39.89
CA MET A 467 -15.18 19.21 -40.89
C MET A 467 -13.85 18.85 -40.24
N PHE A 468 -13.38 17.63 -40.49
CA PHE A 468 -12.13 17.15 -39.92
C PHE A 468 -11.08 16.95 -41.02
N VAL A 469 -9.84 17.24 -40.66
CA VAL A 469 -8.69 17.10 -41.55
C VAL A 469 -7.54 16.54 -40.73
N ALA A 470 -6.88 15.51 -41.24
CA ALA A 470 -5.77 14.87 -40.55
C ALA A 470 -4.47 15.04 -41.32
N THR A 471 -3.37 15.09 -40.58
CA THR A 471 -2.04 15.23 -41.15
C THR A 471 -1.13 14.17 -40.51
N SER A 472 -0.12 13.75 -41.27
CA SER A 472 0.80 12.73 -40.77
C SER A 472 2.11 12.83 -41.52
N ASN A 473 3.09 12.06 -41.04
CA ASN A 473 4.42 12.00 -41.64
C ASN A 473 4.64 10.74 -42.46
N SER A 474 4.21 9.59 -41.94
CA SER A 474 4.33 8.31 -42.60
C SER A 474 2.94 7.73 -42.91
N MET A 475 2.92 6.70 -43.75
CA MET A 475 1.69 6.04 -44.14
C MET A 475 1.29 4.94 -43.17
N ASN A 476 1.88 4.90 -41.98
CA ASN A 476 1.56 3.87 -40.98
C ASN A 476 0.42 4.35 -40.07
N ILE A 477 -0.73 4.57 -40.70
CA ILE A 477 -1.93 5.01 -40.01
C ILE A 477 -2.64 3.78 -39.47
N PRO A 478 -3.15 3.81 -38.23
CA PRO A 478 -3.83 2.63 -37.68
C PRO A 478 -5.01 2.21 -38.55
N ALA A 479 -5.22 0.91 -38.64
CA ALA A 479 -6.31 0.35 -39.45
C ALA A 479 -7.67 0.93 -39.11
N PRO A 480 -8.10 1.06 -37.86
CA PRO A 480 -9.43 1.63 -37.60
C PRO A 480 -9.55 3.08 -38.03
N LEU A 481 -8.46 3.83 -38.04
CA LEU A 481 -8.50 5.23 -38.44
C LEU A 481 -8.29 5.41 -39.94
N LEU A 482 -8.09 4.33 -40.68
CA LEU A 482 -7.89 4.43 -42.12
C LEU A 482 -9.20 4.55 -42.88
N ASP A 483 -10.31 4.09 -42.30
CA ASP A 483 -11.60 4.17 -42.97
C ASP A 483 -12.07 5.62 -43.07
N ARG A 484 -12.79 5.91 -44.17
CA ARG A 484 -13.32 7.24 -44.45
C ARG A 484 -12.19 8.27 -44.45
N MET A 485 -11.11 7.95 -45.16
CA MET A 485 -9.97 8.84 -45.21
C MET A 485 -9.25 8.73 -46.54
N GLU A 486 -8.86 9.87 -47.10
CA GLU A 486 -8.14 9.92 -48.37
C GLU A 486 -6.72 10.37 -48.09
N VAL A 487 -5.75 9.57 -48.53
CA VAL A 487 -4.34 9.86 -48.32
C VAL A 487 -3.80 10.68 -49.49
N ILE A 488 -3.18 11.82 -49.16
CA ILE A 488 -2.58 12.71 -50.15
C ILE A 488 -1.12 12.84 -49.75
N ARG A 489 -0.23 12.31 -50.57
CA ARG A 489 1.20 12.33 -50.29
C ARG A 489 1.87 13.60 -50.82
N LEU A 490 2.75 14.16 -50.01
CA LEU A 490 3.51 15.35 -50.34
C LEU A 490 4.99 15.00 -50.43
N SER A 491 5.74 15.81 -51.16
CA SER A 491 7.17 15.55 -51.32
C SER A 491 7.99 16.81 -51.12
N GLY A 492 9.29 16.72 -51.39
CA GLY A 492 10.19 17.85 -51.24
C GLY A 492 10.06 18.84 -52.37
N TYR A 493 11.00 19.79 -52.40
CA TYR A 493 11.03 20.82 -53.42
C TYR A 493 12.41 20.86 -54.06
N THR A 494 12.46 21.41 -55.27
CA THR A 494 13.71 21.52 -56.02
C THR A 494 14.47 22.78 -55.59
N GLU A 495 15.58 23.05 -56.25
CA GLU A 495 16.38 24.22 -55.90
C GLU A 495 15.63 25.51 -56.24
N ASP A 496 15.13 25.63 -57.47
CA ASP A 496 14.40 26.83 -57.85
C ASP A 496 13.11 26.97 -57.05
N GLU A 497 12.45 25.84 -56.77
CA GLU A 497 11.21 25.89 -55.99
C GLU A 497 11.49 26.40 -54.58
N LYS A 498 12.54 25.87 -53.93
CA LYS A 498 12.87 26.31 -52.59
C LYS A 498 13.31 27.78 -52.61
N LEU A 499 14.01 28.19 -53.66
CA LEU A 499 14.44 29.59 -53.76
C LEU A 499 13.25 30.51 -53.85
N ASN A 500 12.27 30.15 -54.68
CA ASN A 500 11.07 30.97 -54.82
C ASN A 500 10.27 30.99 -53.52
N ILE A 501 10.20 29.84 -52.83
CA ILE A 501 9.47 29.78 -51.57
C ILE A 501 10.13 30.67 -50.53
N ALA A 502 11.47 30.66 -50.50
CA ALA A 502 12.19 31.50 -49.54
C ALA A 502 12.01 32.98 -49.86
N LYS A 503 12.06 33.34 -51.14
CA LYS A 503 11.90 34.73 -51.54
C LYS A 503 10.45 35.20 -51.49
N ARG A 504 9.49 34.31 -51.35
CA ARG A 504 8.08 34.69 -51.29
C ARG A 504 7.51 34.77 -49.88
N HIS A 505 7.77 33.78 -49.03
CA HIS A 505 7.20 33.85 -47.70
C HIS A 505 8.22 33.73 -46.57
N LEU A 506 9.25 32.89 -46.72
CA LEU A 506 10.24 32.72 -45.66
C LEU A 506 10.93 34.03 -45.33
N LEU A 507 11.49 34.70 -46.34
CA LEU A 507 12.18 35.97 -46.10
C LEU A 507 11.28 37.03 -45.52
N PRO A 508 10.08 37.31 -46.07
CA PRO A 508 9.24 38.36 -45.45
C PRO A 508 8.80 38.01 -44.04
N LYS A 509 8.46 36.75 -43.78
CA LYS A 509 8.04 36.36 -42.43
C LYS A 509 9.18 36.53 -41.44
N GLN A 510 10.40 36.09 -41.81
CA GLN A 510 11.53 36.23 -40.91
C GLN A 510 11.91 37.70 -40.71
N ILE A 511 11.73 38.54 -41.74
CA ILE A 511 12.05 39.95 -41.61
C ILE A 511 11.05 40.63 -40.69
N GLU A 512 9.77 40.29 -40.82
CA GLU A 512 8.74 40.90 -39.97
C GLU A 512 8.83 40.39 -38.54
N ARG A 513 9.25 39.14 -38.35
CA ARG A 513 9.34 38.60 -36.99
C ARG A 513 10.51 39.21 -36.22
N ASN A 514 11.62 39.50 -36.90
CA ASN A 514 12.79 40.09 -36.25
C ASN A 514 12.69 41.60 -36.12
N ALA A 515 11.52 42.17 -36.38
CA ALA A 515 11.29 43.62 -36.28
C ALA A 515 12.25 44.40 -37.17
N LEU A 516 12.35 43.99 -38.43
CA LEU A 516 13.21 44.63 -39.40
C LEU A 516 12.40 45.52 -40.33
N LYS A 517 13.11 46.48 -40.95
CA LYS A 517 12.48 47.41 -41.87
C LYS A 517 12.53 46.87 -43.29
N LYS A 518 11.90 47.60 -44.21
CA LYS A 518 11.87 47.18 -45.61
C LYS A 518 13.24 47.31 -46.26
N GLY A 519 14.00 48.34 -45.89
CA GLY A 519 15.31 48.55 -46.48
C GLY A 519 16.49 48.34 -45.55
N GLU A 520 16.39 47.37 -44.64
CA GLU A 520 17.47 47.09 -43.70
C GLU A 520 18.31 45.87 -44.11
N LEU A 521 17.69 44.83 -44.65
CA LEU A 521 18.40 43.63 -45.06
C LEU A 521 17.95 43.22 -46.46
N THR A 522 18.93 42.91 -47.31
CA THR A 522 18.67 42.49 -48.68
C THR A 522 19.47 41.23 -48.96
N VAL A 523 18.79 40.13 -49.24
CA VAL A 523 19.42 38.84 -49.52
C VAL A 523 19.14 38.48 -50.97
N ASP A 524 20.19 38.14 -51.71
CA ASP A 524 20.07 37.76 -53.10
C ASP A 524 19.82 36.25 -53.22
N ASP A 525 19.73 35.78 -54.47
CA ASP A 525 19.51 34.36 -54.70
C ASP A 525 20.76 33.53 -54.45
N SER A 526 21.94 34.13 -54.60
CA SER A 526 23.18 33.39 -54.38
C SER A 526 23.29 32.88 -52.96
N ALA A 527 22.92 33.72 -51.98
CA ALA A 527 22.99 33.31 -50.58
C ALA A 527 22.04 32.15 -50.29
N ILE A 528 20.82 32.22 -50.83
CA ILE A 528 19.85 31.15 -50.62
C ILE A 528 20.34 29.86 -51.26
N ILE A 529 20.91 29.96 -52.47
CA ILE A 529 21.42 28.76 -53.15
C ILE A 529 22.57 28.16 -52.33
N GLY A 530 23.46 29.00 -51.81
CA GLY A 530 24.56 28.49 -51.01
C GLY A 530 24.07 27.84 -49.73
N ILE A 531 23.01 28.39 -49.14
CA ILE A 531 22.46 27.81 -47.92
C ILE A 531 21.83 26.45 -48.20
N ILE A 532 21.11 26.34 -49.33
CA ILE A 532 20.46 25.09 -49.67
C ILE A 532 21.49 24.03 -50.08
N ARG A 533 22.62 24.45 -50.64
CA ARG A 533 23.63 23.49 -51.09
C ARG A 533 24.64 23.09 -50.01
N TYR A 534 25.02 23.99 -49.11
CA TYR A 534 26.03 23.65 -48.10
C TYR A 534 25.56 23.84 -46.66
N TYR A 535 24.29 24.13 -46.40
CA TYR A 535 23.84 24.32 -45.03
C TYR A 535 22.61 23.53 -44.65
N THR A 536 22.00 22.79 -45.56
CA THR A 536 20.82 22.01 -45.22
C THR A 536 20.65 20.86 -46.20
N ARG A 537 20.22 19.71 -45.68
CA ARG A 537 19.99 18.50 -46.47
C ARG A 537 18.68 17.89 -45.96
N GLU A 538 17.57 18.28 -46.56
CA GLU A 538 16.26 17.77 -46.17
C GLU A 538 15.27 18.07 -47.30
N ALA A 539 14.05 17.58 -47.14
CA ALA A 539 13.00 17.79 -48.12
C ALA A 539 12.17 19.04 -47.84
N GLY A 540 12.08 19.44 -46.56
CA GLY A 540 11.32 20.62 -46.19
C GLY A 540 12.11 21.89 -46.33
N VAL A 541 11.69 22.90 -45.57
CA VAL A 541 12.34 24.21 -45.60
C VAL A 541 12.69 24.65 -44.18
N ARG A 542 12.83 23.69 -43.27
CA ARG A 542 13.18 24.02 -41.89
C ARG A 542 14.57 24.64 -41.81
N GLY A 543 15.54 24.02 -42.50
CA GLY A 543 16.88 24.55 -42.49
C GLY A 543 16.95 25.96 -43.04
N LEU A 544 16.20 26.22 -44.12
CA LEU A 544 16.19 27.56 -44.71
C LEU A 544 15.63 28.57 -43.71
N GLU A 545 14.56 28.20 -43.01
CA GLU A 545 13.97 29.11 -42.02
C GLU A 545 14.96 29.41 -40.90
N ARG A 546 15.63 28.38 -40.39
CA ARG A 546 16.60 28.60 -39.32
C ARG A 546 17.75 29.46 -39.78
N GLU A 547 18.26 29.22 -40.98
CA GLU A 547 19.38 30.02 -41.49
C GLU A 547 18.96 31.47 -41.69
N ILE A 548 17.77 31.70 -42.23
CA ILE A 548 17.31 33.08 -42.44
C ILE A 548 17.12 33.77 -41.10
N SER A 549 16.63 33.02 -40.09
CA SER A 549 16.45 33.62 -38.78
C SER A 549 17.79 34.02 -38.18
N LYS A 550 18.80 33.15 -38.32
CA LYS A 550 20.13 33.48 -37.82
C LYS A 550 20.70 34.69 -38.55
N LEU A 551 20.50 34.76 -39.86
CA LEU A 551 20.99 35.89 -40.64
C LEU A 551 20.34 37.18 -40.18
N CYS A 552 19.02 37.16 -39.97
CA CYS A 552 18.31 38.36 -39.53
C CYS A 552 18.78 38.80 -38.14
N ARG A 553 18.95 37.85 -37.23
CA ARG A 553 19.39 38.20 -35.87
C ARG A 553 20.79 38.80 -35.91
N LYS A 554 21.70 38.18 -36.65
CA LYS A 554 23.06 38.70 -36.73
C LYS A 554 23.09 40.08 -37.40
N ALA A 555 22.26 40.27 -38.43
CA ALA A 555 22.21 41.57 -39.09
C ALA A 555 21.68 42.64 -38.15
N VAL A 556 20.67 42.31 -37.35
CA VAL A 556 20.12 43.28 -36.41
C VAL A 556 21.17 43.66 -35.37
N LYS A 557 21.87 42.66 -34.83
CA LYS A 557 22.89 42.95 -33.83
C LYS A 557 24.04 43.76 -34.42
N GLN A 558 24.44 43.47 -35.66
CA GLN A 558 25.53 44.19 -36.29
C GLN A 558 25.13 45.64 -36.60
N LEU A 559 23.91 45.85 -37.09
CA LEU A 559 23.48 47.20 -37.42
C LEU A 559 23.18 48.03 -36.17
N LEU A 560 22.77 47.39 -35.08
CA LEU A 560 22.48 48.13 -33.86
C LEU A 560 23.77 48.64 -33.20
N LEU A 561 24.80 47.81 -33.16
CA LEU A 561 26.07 48.20 -32.56
C LEU A 561 26.94 49.06 -33.48
N ASP A 562 26.43 49.46 -34.64
CA ASP A 562 27.17 50.28 -35.59
C ASP A 562 26.19 51.29 -36.20
N LYS A 563 26.10 52.47 -35.60
CA LYS A 563 25.20 53.50 -36.11
C LYS A 563 25.63 54.06 -37.46
N SER A 564 26.87 53.81 -37.87
CA SER A 564 27.36 54.29 -39.15
C SER A 564 26.95 53.40 -40.31
N LEU A 565 26.39 52.22 -40.04
CA LEU A 565 25.96 51.29 -41.08
C LEU A 565 24.51 51.59 -41.43
N LYS A 566 24.25 51.84 -42.71
CA LYS A 566 22.89 52.15 -43.17
C LYS A 566 22.17 50.96 -43.79
N HIS A 567 22.89 49.97 -44.31
CA HIS A 567 22.24 48.82 -44.92
C HIS A 567 23.20 47.65 -44.92
N ILE A 568 22.64 46.44 -44.78
CA ILE A 568 23.41 45.20 -44.76
C ILE A 568 22.96 44.35 -45.94
N GLU A 569 23.92 43.94 -46.76
CA GLU A 569 23.65 43.12 -47.94
C GLU A 569 24.49 41.85 -47.85
N ILE A 570 23.84 40.69 -47.92
CA ILE A 570 24.50 39.39 -47.85
C ILE A 570 24.40 38.73 -49.21
N ASN A 571 25.52 38.31 -49.76
CA ASN A 571 25.59 37.65 -51.06
C ASN A 571 26.19 36.26 -50.88
N GLY A 572 26.44 35.59 -52.01
CA GLY A 572 27.00 34.26 -51.99
C GLY A 572 28.45 34.16 -51.54
N ASP A 573 29.10 35.30 -51.26
CA ASP A 573 30.49 35.31 -50.82
C ASP A 573 30.63 35.57 -49.34
N ASN A 574 29.99 36.62 -48.83
CA ASN A 574 30.07 36.95 -47.41
C ASN A 574 29.09 36.15 -46.55
N LEU A 575 28.30 35.27 -47.17
CA LEU A 575 27.33 34.46 -46.43
C LEU A 575 28.00 33.69 -45.30
N HIS A 576 29.17 33.10 -45.57
CA HIS A 576 29.87 32.34 -44.54
C HIS A 576 30.17 33.20 -43.32
N ASP A 577 30.42 34.49 -43.52
CA ASP A 577 30.70 35.40 -42.40
C ASP A 577 29.60 35.38 -41.36
N TYR A 578 28.38 35.01 -41.76
CA TYR A 578 27.26 34.95 -40.84
C TYR A 578 26.86 33.53 -40.48
N LEU A 579 27.42 32.52 -41.15
CA LEU A 579 27.10 31.13 -40.87
C LEU A 579 28.30 30.27 -40.54
N GLY A 580 29.51 30.69 -40.87
CA GLY A 580 30.70 29.91 -40.58
C GLY A 580 31.12 29.03 -41.73
N VAL A 581 31.83 27.96 -41.38
CA VAL A 581 32.33 27.01 -42.37
C VAL A 581 31.18 26.13 -42.84
N GLN A 582 31.25 25.74 -44.12
CA GLN A 582 30.22 24.88 -44.69
C GLN A 582 30.19 23.53 -43.99
N ARG A 583 28.99 22.99 -43.80
CA ARG A 583 28.81 21.71 -43.13
C ARG A 583 28.47 20.56 -44.07
N PHE A 584 28.04 20.84 -45.30
CA PHE A 584 27.68 19.81 -46.25
C PHE A 584 28.45 19.99 -47.55
N ASP A 585 28.54 18.90 -48.31
CA ASP A 585 29.26 18.89 -49.61
C ASP A 585 28.24 18.68 -50.75
N TYR A 586 28.40 19.43 -51.84
CA TYR A 586 27.53 19.36 -53.00
C TYR A 586 28.37 18.99 -54.22
N GLY A 587 27.98 17.90 -54.88
CA GLY A 587 28.70 17.43 -56.06
C GLY A 587 29.58 16.24 -55.80
N ARG A 588 29.55 15.27 -56.71
CA ARG A 588 30.34 14.05 -56.60
C ARG A 588 31.45 13.98 -57.66
N ALA A 589 31.80 15.12 -58.26
CA ALA A 589 32.85 15.13 -59.28
C ALA A 589 34.21 14.80 -58.69
N ASP A 590 34.49 15.27 -57.47
CA ASP A 590 35.76 15.04 -56.78
C ASP A 590 35.60 14.00 -55.69
N ASN A 591 34.78 12.98 -55.92
CA ASN A 591 34.55 11.92 -54.94
C ASN A 591 35.67 10.91 -54.87
N GLU A 592 36.56 10.85 -55.87
CA GLU A 592 37.67 9.88 -55.90
C GLU A 592 37.10 8.46 -55.82
N ASN A 593 36.40 8.10 -56.89
CA ASN A 593 35.73 6.81 -57.04
C ASN A 593 36.47 5.66 -56.38
N ARG A 594 35.74 4.90 -55.57
CA ARG A 594 36.25 3.76 -54.83
C ARG A 594 35.76 2.47 -55.45
N VAL A 595 36.30 1.36 -54.95
CA VAL A 595 35.97 0.03 -55.44
C VAL A 595 34.86 -0.62 -54.62
N GLY A 596 35.14 -0.83 -53.33
CA GLY A 596 34.19 -1.47 -52.43
C GLY A 596 32.96 -0.67 -52.06
N GLN A 597 32.85 0.58 -52.49
CA GLN A 597 31.69 1.41 -52.18
C GLN A 597 30.82 1.65 -53.39
N VAL A 598 29.51 1.65 -53.19
CA VAL A 598 28.54 1.88 -54.25
C VAL A 598 27.46 2.82 -53.72
N THR A 599 27.07 3.80 -54.54
CA THR A 599 26.06 4.78 -54.16
C THR A 599 24.71 4.33 -54.69
N GLY A 600 23.72 4.29 -53.79
CA GLY A 600 22.39 3.87 -54.16
C GLY A 600 21.33 4.80 -53.59
N LEU A 601 20.13 4.68 -54.16
CA LEU A 601 18.96 5.46 -53.75
C LEU A 601 18.08 4.61 -52.84
N ALA A 602 17.57 5.22 -51.77
CA ALA A 602 16.72 4.53 -50.81
C ALA A 602 15.37 5.24 -50.69
N TRP A 603 14.30 4.47 -50.73
CA TRP A 603 12.94 4.98 -50.60
C TRP A 603 12.57 5.02 -49.13
N THR A 604 12.23 6.20 -48.64
CA THR A 604 11.85 6.39 -47.23
C THR A 604 10.52 7.10 -47.16
N GLU A 605 9.76 6.80 -46.10
CA GLU A 605 8.45 7.42 -45.91
C GLU A 605 8.54 8.94 -45.78
N VAL A 606 9.71 9.47 -45.47
CA VAL A 606 9.89 10.92 -45.33
C VAL A 606 10.79 11.42 -46.45
N GLY A 607 10.75 10.75 -47.60
CA GLY A 607 11.55 11.15 -48.73
C GLY A 607 12.79 10.30 -48.91
N GLY A 608 13.09 9.93 -50.16
CA GLY A 608 14.27 9.11 -50.42
C GLY A 608 15.56 9.81 -50.04
N ASP A 609 16.61 9.01 -49.93
CA ASP A 609 17.92 9.52 -49.57
C ASP A 609 18.99 8.72 -50.29
N LEU A 610 20.26 9.06 -50.01
CA LEU A 610 21.41 8.41 -50.60
C LEU A 610 22.08 7.51 -49.58
N LEU A 611 22.53 6.34 -50.03
CA LEU A 611 23.21 5.38 -49.18
C LEU A 611 24.47 4.90 -49.86
N THR A 612 25.46 4.50 -49.05
CA THR A 612 26.73 4.00 -49.53
C THR A 612 26.90 2.56 -49.05
N ILE A 613 26.58 1.62 -49.92
CA ILE A 613 26.68 0.19 -49.59
C ILE A 613 28.12 -0.25 -49.81
N GLU A 614 28.61 -1.12 -48.93
CA GLU A 614 29.98 -1.61 -49.01
C GLU A 614 30.00 -3.13 -49.02
N THR A 615 31.06 -3.68 -49.60
CA THR A 615 31.25 -5.12 -49.67
C THR A 615 32.72 -5.43 -49.44
N ALA A 616 32.98 -6.50 -48.69
CA ALA A 616 34.33 -6.92 -48.38
C ALA A 616 34.47 -8.39 -48.74
N CYS A 617 35.49 -8.70 -49.54
CA CYS A 617 35.79 -10.07 -49.97
C CYS A 617 37.12 -10.44 -49.33
N VAL A 618 37.07 -11.15 -48.20
CA VAL A 618 38.27 -11.54 -47.47
C VAL A 618 38.51 -13.03 -47.64
N PRO A 619 39.72 -13.53 -47.34
CA PRO A 619 39.95 -14.97 -47.48
C PRO A 619 39.24 -15.75 -46.38
N GLY A 620 38.64 -16.88 -46.75
CA GLY A 620 37.92 -17.69 -45.79
C GLY A 620 37.44 -19.02 -46.35
N LYS A 621 36.21 -19.40 -45.99
CA LYS A 621 35.62 -20.65 -46.44
C LYS A 621 34.40 -20.45 -47.34
N GLY A 622 33.96 -19.22 -47.54
CA GLY A 622 32.81 -18.95 -48.38
C GLY A 622 31.54 -18.58 -47.65
N LYS A 623 31.63 -18.23 -46.36
CA LYS A 623 30.45 -17.86 -45.60
C LYS A 623 29.99 -16.45 -45.98
N LEU A 624 28.69 -16.20 -45.80
CA LEU A 624 28.08 -14.93 -46.12
C LEU A 624 27.69 -14.20 -44.84
N THR A 625 28.08 -12.93 -44.73
CA THR A 625 27.77 -12.10 -43.59
C THR A 625 27.21 -10.78 -44.08
N TYR A 626 26.23 -10.25 -43.36
CA TYR A 626 25.61 -8.99 -43.73
C TYR A 626 25.39 -8.15 -42.48
N THR A 627 25.44 -6.84 -42.65
CA THR A 627 25.25 -5.89 -41.56
C THR A 627 24.35 -4.77 -42.03
N GLY A 628 23.52 -4.27 -41.12
CA GLY A 628 22.60 -3.19 -41.41
C GLY A 628 21.16 -3.55 -41.08
N SER A 629 20.98 -4.57 -40.24
CA SER A 629 19.66 -5.03 -39.81
C SER A 629 18.80 -5.41 -41.02
N LEU A 630 19.34 -6.32 -41.83
CA LEU A 630 18.65 -6.78 -43.02
C LEU A 630 17.78 -8.00 -42.72
N GLY A 631 16.74 -8.18 -43.53
CA GLY A 631 15.83 -9.29 -43.38
C GLY A 631 16.10 -10.41 -44.37
N GLU A 632 15.09 -11.29 -44.49
CA GLU A 632 15.21 -12.44 -45.41
C GLU A 632 15.22 -11.99 -46.86
N VAL A 633 14.52 -10.91 -47.19
CA VAL A 633 14.50 -10.41 -48.57
C VAL A 633 15.91 -10.04 -49.00
N MET A 634 16.67 -9.39 -48.11
CA MET A 634 18.04 -9.03 -48.45
C MET A 634 18.89 -10.28 -48.60
N GLN A 635 18.61 -11.31 -47.80
CA GLN A 635 19.38 -12.55 -47.90
C GLN A 635 19.18 -13.21 -49.26
N GLU A 636 17.91 -13.34 -49.69
CA GLU A 636 17.68 -13.95 -50.99
C GLU A 636 18.20 -13.07 -52.13
N SER A 637 18.16 -11.73 -51.96
CA SER A 637 18.69 -10.86 -52.99
C SER A 637 20.20 -11.03 -53.12
N ILE A 638 20.90 -11.12 -51.98
CA ILE A 638 22.34 -11.32 -52.01
C ILE A 638 22.66 -12.67 -52.60
N GLN A 639 21.83 -13.68 -52.32
CA GLN A 639 22.06 -15.01 -52.88
C GLN A 639 21.92 -14.97 -54.40
N ALA A 640 20.89 -14.26 -54.90
CA ALA A 640 20.70 -14.16 -56.33
C ALA A 640 21.86 -13.42 -56.98
N ALA A 641 22.34 -12.35 -56.32
CA ALA A 641 23.47 -11.59 -56.86
C ALA A 641 24.72 -12.47 -56.91
N LEU A 642 24.92 -13.29 -55.86
CA LEU A 642 26.08 -14.18 -55.83
C LEU A 642 25.98 -15.21 -56.94
N THR A 643 24.77 -15.71 -57.21
CA THR A 643 24.59 -16.67 -58.29
C THR A 643 24.89 -16.03 -59.64
N VAL A 644 24.44 -14.79 -59.83
CA VAL A 644 24.71 -14.09 -61.09
C VAL A 644 26.21 -13.88 -61.26
N VAL A 645 26.90 -13.53 -60.17
CA VAL A 645 28.34 -13.32 -60.24
C VAL A 645 29.04 -14.64 -60.55
N ARG A 646 28.57 -15.74 -59.96
CA ARG A 646 29.19 -17.04 -60.25
C ARG A 646 28.96 -17.44 -61.70
N ALA A 647 27.83 -17.05 -62.28
CA ALA A 647 27.54 -17.40 -63.65
C ALA A 647 28.31 -16.53 -64.64
N ARG A 648 28.61 -15.28 -64.27
CA ARG A 648 29.33 -14.37 -65.16
C ARG A 648 30.78 -14.15 -64.75
N ALA A 649 31.32 -14.98 -63.85
CA ALA A 649 32.70 -14.83 -63.43
C ALA A 649 33.66 -14.98 -64.59
N GLU A 650 33.40 -15.94 -65.49
CA GLU A 650 34.29 -16.14 -66.63
C GLU A 650 34.31 -14.91 -67.54
N LYS A 651 33.15 -14.27 -67.73
CA LYS A 651 33.11 -13.08 -68.57
C LYS A 651 33.71 -11.87 -67.88
N LEU A 652 33.57 -11.77 -66.56
CA LEU A 652 34.11 -10.65 -65.80
C LEU A 652 35.54 -10.89 -65.33
N GLY A 653 36.11 -12.06 -65.60
CA GLY A 653 37.47 -12.32 -65.17
C GLY A 653 37.62 -12.67 -63.71
N ILE A 654 36.59 -13.24 -63.10
CA ILE A 654 36.61 -13.61 -61.69
C ILE A 654 36.91 -15.10 -61.57
N ASN A 655 37.74 -15.44 -60.59
CA ASN A 655 38.09 -16.84 -60.39
C ASN A 655 36.86 -17.61 -59.93
N PRO A 656 36.49 -18.71 -60.60
CA PRO A 656 35.29 -19.45 -60.21
C PRO A 656 35.33 -20.01 -58.79
N ASP A 657 36.48 -20.07 -58.15
CA ASP A 657 36.58 -20.60 -56.79
C ASP A 657 36.53 -19.51 -55.72
N PHE A 658 35.95 -18.35 -56.03
CA PHE A 658 35.88 -17.28 -55.04
C PHE A 658 34.87 -17.57 -53.95
N TYR A 659 33.76 -18.24 -54.29
CA TYR A 659 32.73 -18.57 -53.31
C TYR A 659 33.10 -19.77 -52.43
N GLU A 660 34.27 -20.37 -52.63
CA GLU A 660 34.70 -21.51 -51.85
C GLU A 660 35.85 -21.23 -50.90
N LYS A 661 36.73 -20.27 -51.24
CA LYS A 661 37.86 -19.93 -50.40
C LYS A 661 37.83 -18.50 -49.90
N ARG A 662 36.74 -17.76 -50.12
CA ARG A 662 36.67 -16.37 -49.68
C ARG A 662 35.30 -16.06 -49.11
N ASP A 663 35.30 -15.38 -47.97
CA ASP A 663 34.08 -14.96 -47.29
C ASP A 663 33.69 -13.57 -47.77
N ILE A 664 32.39 -13.34 -47.87
CA ILE A 664 31.82 -12.08 -48.33
C ILE A 664 31.02 -11.44 -47.20
N HIS A 665 31.26 -10.15 -46.98
CA HIS A 665 30.57 -9.37 -45.96
C HIS A 665 29.98 -8.13 -46.62
N VAL A 666 28.65 -8.05 -46.65
CA VAL A 666 27.93 -6.94 -47.25
C VAL A 666 27.35 -6.06 -46.15
N HIS A 667 27.64 -4.76 -46.22
CA HIS A 667 27.16 -3.79 -45.25
C HIS A 667 26.27 -2.77 -45.96
N VAL A 668 25.02 -2.68 -45.51
CA VAL A 668 24.04 -1.76 -46.06
C VAL A 668 23.63 -0.78 -44.96
N PRO A 669 24.19 0.42 -44.96
CA PRO A 669 23.84 1.40 -43.91
C PRO A 669 22.37 1.78 -43.97
N GLU A 670 21.76 1.89 -42.78
CA GLU A 670 20.36 2.26 -42.64
C GLU A 670 19.46 1.29 -43.41
N GLY A 671 19.70 -0.01 -43.20
CA GLY A 671 18.90 -1.03 -43.87
C GLY A 671 17.49 -1.14 -43.33
N ALA A 672 17.22 -0.59 -42.15
CA ALA A 672 15.90 -0.62 -41.53
C ALA A 672 14.97 0.43 -42.12
N THR A 673 15.31 0.99 -43.27
CA THR A 673 14.45 1.98 -43.89
C THR A 673 13.09 1.38 -44.20
N PRO A 674 12.01 2.17 -44.15
CA PRO A 674 10.69 1.63 -44.45
C PRO A 674 10.51 1.35 -45.93
N LYS A 675 11.34 0.47 -46.47
CA LYS A 675 11.31 0.09 -47.88
C LYS A 675 11.10 -1.42 -47.95
N ASP A 676 9.96 -1.83 -48.47
CA ASP A 676 9.60 -3.24 -48.59
C ASP A 676 10.13 -3.74 -49.94
N GLY A 677 11.25 -4.45 -49.91
CA GLY A 677 11.86 -4.98 -51.11
C GLY A 677 13.30 -4.58 -51.25
N PRO A 678 14.15 -5.52 -51.66
CA PRO A 678 15.59 -5.24 -51.84
C PRO A 678 15.88 -4.49 -53.14
N ALA A 679 15.54 -3.20 -53.15
CA ALA A 679 15.75 -2.36 -54.31
C ALA A 679 17.23 -2.07 -54.59
N ALA A 680 18.14 -2.55 -53.75
CA ALA A 680 19.56 -2.32 -53.92
C ALA A 680 20.28 -3.54 -54.49
N GLY A 681 19.57 -4.37 -55.27
CA GLY A 681 20.20 -5.55 -55.85
C GLY A 681 21.36 -5.21 -56.77
N ILE A 682 21.15 -4.27 -57.69
CA ILE A 682 22.21 -3.89 -58.62
C ILE A 682 23.39 -3.29 -57.88
N ALA A 683 23.13 -2.53 -56.80
CA ALA A 683 24.23 -1.93 -56.04
C ALA A 683 25.10 -3.01 -55.41
N MET A 684 24.48 -3.99 -54.75
CA MET A 684 25.24 -5.06 -54.12
C MET A 684 25.97 -5.90 -55.17
N CYS A 685 25.32 -6.16 -56.30
CA CYS A 685 25.98 -6.94 -57.36
C CYS A 685 27.20 -6.21 -57.91
N THR A 686 27.06 -4.90 -58.15
CA THR A 686 28.18 -4.12 -58.65
C THR A 686 29.31 -4.06 -57.64
N ALA A 687 28.97 -3.91 -56.36
CA ALA A 687 29.99 -3.86 -55.32
C ALA A 687 30.73 -5.20 -55.24
N LEU A 688 30.00 -6.31 -55.40
CA LEU A 688 30.62 -7.63 -55.36
C LEU A 688 31.56 -7.80 -56.54
N VAL A 689 31.11 -7.41 -57.74
CA VAL A 689 31.96 -7.53 -58.92
C VAL A 689 33.20 -6.66 -58.75
N SER A 690 33.06 -5.51 -58.12
CA SER A 690 34.20 -4.63 -57.89
C SER A 690 35.18 -5.25 -56.92
N CYS A 691 34.68 -5.80 -55.82
CA CYS A 691 35.56 -6.44 -54.83
C CYS A 691 36.32 -7.60 -55.44
N LEU A 692 35.64 -8.39 -56.29
CA LEU A 692 36.28 -9.54 -56.90
C LEU A 692 37.22 -9.16 -58.06
N THR A 693 36.98 -8.01 -58.71
CA THR A 693 37.81 -7.60 -59.83
C THR A 693 38.69 -6.39 -59.54
N GLY A 694 38.34 -5.56 -58.56
CA GLY A 694 39.13 -4.39 -58.27
C GLY A 694 38.80 -3.18 -59.11
N ASN A 695 37.74 -3.24 -59.90
CA ASN A 695 37.35 -2.13 -60.75
C ASN A 695 36.62 -1.07 -59.91
N PRO A 696 37.15 0.15 -59.81
CA PRO A 696 36.46 1.17 -59.01
C PRO A 696 35.16 1.60 -59.66
N VAL A 697 34.13 1.75 -58.82
CA VAL A 697 32.81 2.15 -59.29
C VAL A 697 32.85 3.64 -59.60
N ARG A 698 32.42 4.00 -60.81
CA ARG A 698 32.42 5.41 -61.23
C ARG A 698 31.57 6.25 -60.29
N ALA A 699 32.15 7.34 -59.80
CA ALA A 699 31.44 8.23 -58.90
C ALA A 699 30.39 9.01 -59.67
N ASP A 700 29.60 9.79 -58.92
CA ASP A 700 28.53 10.61 -59.50
C ASP A 700 27.51 9.75 -60.24
N VAL A 701 27.32 8.51 -59.78
CA VAL A 701 26.39 7.57 -60.39
C VAL A 701 25.53 6.96 -59.29
N ALA A 702 24.22 6.90 -59.52
CA ALA A 702 23.26 6.34 -58.58
C ALA A 702 22.50 5.20 -59.26
N MET A 703 22.15 4.18 -58.47
CA MET A 703 21.43 3.04 -59.01
C MET A 703 20.48 2.48 -57.96
N THR A 704 19.40 1.87 -58.44
CA THR A 704 18.39 1.27 -57.58
C THR A 704 17.50 0.38 -58.44
N GLY A 705 17.08 -0.74 -57.88
CA GLY A 705 16.22 -1.67 -58.61
C GLY A 705 16.45 -3.10 -58.17
N GLU A 706 15.46 -3.94 -58.46
CA GLU A 706 15.49 -5.35 -58.10
C GLU A 706 16.28 -6.14 -59.14
N ILE A 707 16.73 -7.34 -58.74
CA ILE A 707 17.49 -8.23 -59.60
C ILE A 707 16.92 -9.63 -59.51
N THR A 708 17.21 -10.43 -60.53
CA THR A 708 16.76 -11.81 -60.63
C THR A 708 17.98 -12.72 -60.78
N LEU A 709 17.72 -14.02 -60.90
CA LEU A 709 18.81 -14.99 -61.06
C LEU A 709 19.36 -15.01 -62.48
N ARG A 710 18.60 -14.53 -63.45
CA ARG A 710 19.05 -14.50 -64.84
C ARG A 710 19.66 -13.17 -65.25
N GLY A 711 19.81 -12.23 -64.31
CA GLY A 711 20.38 -10.94 -64.62
C GLY A 711 19.39 -9.89 -65.10
N GLN A 712 18.09 -10.10 -64.87
CA GLN A 712 17.08 -9.16 -65.29
C GLN A 712 16.76 -8.19 -64.16
N VAL A 713 16.46 -6.94 -64.53
CA VAL A 713 16.12 -5.90 -63.57
C VAL A 713 14.61 -5.76 -63.51
N LEU A 714 14.06 -5.72 -62.30
CA LEU A 714 12.62 -5.59 -62.07
C LEU A 714 12.25 -4.16 -61.69
N PRO A 715 11.03 -3.74 -62.00
CA PRO A 715 10.63 -2.37 -61.65
C PRO A 715 10.46 -2.19 -60.15
N ILE A 716 10.52 -0.93 -59.73
CA ILE A 716 10.39 -0.52 -58.35
C ILE A 716 9.44 0.67 -58.27
N GLY A 717 9.16 1.10 -57.04
CA GLY A 717 8.29 2.23 -56.80
C GLY A 717 9.01 3.36 -56.10
N GLY A 718 8.36 4.53 -56.11
CA GLY A 718 8.95 5.71 -55.48
C GLY A 718 10.11 6.31 -56.25
N LEU A 719 10.00 6.41 -57.57
CA LEU A 719 11.07 6.98 -58.36
C LEU A 719 11.22 8.48 -58.15
N LYS A 720 10.12 9.18 -57.84
CA LYS A 720 10.18 10.62 -57.63
C LYS A 720 11.06 10.97 -56.43
N GLU A 721 10.87 10.28 -55.32
CA GLU A 721 11.67 10.56 -54.13
C GLU A 721 13.15 10.27 -54.37
N LYS A 722 13.44 9.15 -55.04
CA LYS A 722 14.84 8.82 -55.32
C LYS A 722 15.47 9.85 -56.26
N LEU A 723 14.72 10.31 -57.26
CA LEU A 723 15.26 11.32 -58.17
C LEU A 723 15.50 12.63 -57.43
N LEU A 724 14.59 13.00 -56.53
CA LEU A 724 14.77 14.22 -55.76
C LEU A 724 16.00 14.12 -54.86
N ALA A 725 16.21 12.94 -54.25
CA ALA A 725 17.37 12.74 -53.41
C ALA A 725 18.66 12.83 -54.23
N ALA A 726 18.66 12.22 -55.41
CA ALA A 726 19.84 12.28 -56.27
C ALA A 726 20.11 13.71 -56.71
N HIS A 727 19.05 14.48 -56.95
CA HIS A 727 19.23 15.87 -57.36
C HIS A 727 19.80 16.71 -56.23
N ARG A 728 19.30 16.49 -55.00
CA ARG A 728 19.81 17.25 -53.86
C ARG A 728 21.27 16.88 -53.56
N GLY A 729 21.61 15.60 -53.72
CA GLY A 729 22.96 15.15 -53.46
C GLY A 729 23.97 15.51 -54.53
N GLY A 730 23.53 16.08 -55.65
CA GLY A 730 24.44 16.45 -56.72
C GLY A 730 24.82 15.32 -57.64
N ILE A 731 23.98 14.30 -57.76
CA ILE A 731 24.26 13.16 -58.63
C ILE A 731 23.59 13.39 -59.98
N LYS A 732 24.36 13.27 -61.06
CA LYS A 732 23.85 13.47 -62.41
C LYS A 732 23.47 12.18 -63.12
N THR A 733 24.23 11.10 -62.91
CA THR A 733 23.95 9.82 -63.54
C THR A 733 23.13 8.95 -62.60
N VAL A 734 21.95 8.54 -63.05
CA VAL A 734 21.05 7.70 -62.27
C VAL A 734 20.59 6.53 -63.14
N LEU A 735 20.74 5.32 -62.62
CA LEU A 735 20.35 4.10 -63.33
C LEU A 735 19.06 3.56 -62.71
N ILE A 736 18.02 3.46 -63.51
CA ILE A 736 16.72 2.96 -63.05
C ILE A 736 16.29 1.82 -63.96
N PRO A 737 15.39 0.96 -63.49
CA PRO A 737 14.92 -0.15 -64.33
C PRO A 737 14.22 0.36 -65.59
N PHE A 738 14.20 -0.50 -66.61
CA PHE A 738 13.56 -0.14 -67.87
C PHE A 738 12.05 -0.10 -67.73
N GLU A 739 11.47 -1.04 -66.97
CA GLU A 739 10.02 -1.06 -66.80
C GLU A 739 9.48 0.21 -66.16
N ASN A 740 10.31 0.95 -65.42
CA ASN A 740 9.89 2.19 -64.79
C ASN A 740 9.98 3.39 -65.73
N LYS A 741 10.42 3.17 -66.98
CA LYS A 741 10.53 4.29 -67.91
C LYS A 741 9.20 4.98 -68.12
N ARG A 742 8.11 4.22 -68.24
CA ARG A 742 6.79 4.80 -68.43
C ARG A 742 6.39 5.69 -67.27
N ASP A 743 7.04 5.56 -66.11
CA ASP A 743 6.72 6.39 -64.97
C ASP A 743 7.34 7.78 -65.07
N LEU A 744 8.41 7.93 -65.86
CA LEU A 744 9.05 9.23 -66.02
C LEU A 744 8.11 10.29 -66.54
N GLU A 745 7.03 9.90 -67.23
CA GLU A 745 6.08 10.86 -67.75
C GLU A 745 5.29 11.55 -66.64
N GLU A 746 5.30 10.98 -65.43
CA GLU A 746 4.59 11.56 -64.29
C GLU A 746 5.50 12.38 -63.40
N ILE A 747 6.72 12.65 -63.84
CA ILE A 747 7.70 13.43 -63.07
C ILE A 747 7.88 14.77 -63.77
N PRO A 748 7.88 15.89 -63.04
CA PRO A 748 8.05 17.20 -63.69
C PRO A 748 9.41 17.31 -64.36
N ASP A 749 9.48 18.22 -65.35
CA ASP A 749 10.71 18.43 -66.09
C ASP A 749 11.80 19.09 -65.25
N ASN A 750 11.44 19.79 -64.17
CA ASN A 750 12.44 20.43 -63.33
C ASN A 750 13.40 19.45 -62.68
N VAL A 751 13.03 18.18 -62.60
CA VAL A 751 13.89 17.15 -62.01
C VAL A 751 14.57 16.31 -63.07
N ILE A 752 13.89 16.05 -64.18
CA ILE A 752 14.48 15.24 -65.25
C ILE A 752 15.51 16.03 -66.04
N ALA A 753 15.31 17.34 -66.20
CA ALA A 753 16.25 18.15 -66.96
C ALA A 753 17.60 18.29 -66.27
N ASP A 754 17.69 18.01 -64.97
CA ASP A 754 18.94 18.12 -64.24
C ASP A 754 19.67 16.80 -64.10
N LEU A 755 18.97 15.67 -64.13
CA LEU A 755 19.59 14.36 -63.99
C LEU A 755 19.62 13.63 -65.32
N ASP A 756 20.61 12.76 -65.48
CA ASP A 756 20.79 11.96 -66.69
C ASP A 756 20.37 10.53 -66.34
N ILE A 757 19.15 10.18 -66.71
CA ILE A 757 18.60 8.86 -66.44
C ILE A 757 18.87 7.94 -67.63
N HIS A 758 19.26 6.70 -67.33
CA HIS A 758 19.55 5.70 -68.36
C HIS A 758 18.76 4.44 -68.04
N PRO A 759 17.60 4.24 -68.67
CA PRO A 759 16.82 3.02 -68.39
C PRO A 759 17.58 1.77 -68.77
N VAL A 760 17.69 0.84 -67.83
CA VAL A 760 18.40 -0.42 -68.03
C VAL A 760 17.49 -1.58 -67.68
N LYS A 761 17.83 -2.76 -68.23
CA LYS A 761 17.06 -3.97 -67.98
C LYS A 761 17.91 -5.20 -67.72
N ARG A 762 19.22 -5.15 -67.95
CA ARG A 762 20.10 -6.29 -67.73
C ARG A 762 21.25 -5.87 -66.81
N ILE A 763 21.90 -6.88 -66.21
CA ILE A 763 23.01 -6.61 -65.30
C ILE A 763 24.24 -6.13 -66.08
N GLU A 764 24.37 -6.54 -67.35
CA GLU A 764 25.53 -6.13 -68.15
C GLU A 764 25.51 -4.63 -68.42
N GLU A 765 24.32 -4.06 -68.66
CA GLU A 765 24.23 -2.63 -68.91
C GLU A 765 24.62 -1.82 -67.68
N VAL A 766 24.18 -2.24 -66.49
CA VAL A 766 24.54 -1.52 -65.27
C VAL A 766 26.01 -1.69 -64.97
N LEU A 767 26.57 -2.88 -65.25
CA LEU A 767 27.99 -3.10 -65.01
C LEU A 767 28.84 -2.27 -65.98
N THR A 768 28.35 -2.05 -67.20
CA THR A 768 29.11 -1.27 -68.16
C THR A 768 29.01 0.23 -67.87
N LEU A 769 27.82 0.70 -67.49
CA LEU A 769 27.65 2.12 -67.19
C LEU A 769 28.10 2.52 -65.79
N ALA A 770 28.36 1.56 -64.91
CA ALA A 770 28.77 1.88 -63.55
C ALA A 770 30.26 1.69 -63.29
N LEU A 771 30.89 0.69 -63.90
CA LEU A 771 32.31 0.46 -63.68
C LEU A 771 33.17 1.37 -64.55
N GLN A 772 34.38 1.65 -64.06
CA GLN A 772 35.29 2.53 -64.80
C GLN A 772 35.80 1.85 -66.07
N ASN A 773 36.13 0.56 -66.00
CA ASN A 773 36.62 -0.16 -67.16
C ASN A 773 35.46 -0.90 -67.84
N GLU A 774 35.79 -1.66 -68.89
CA GLU A 774 34.74 -2.40 -69.59
C GLU A 774 34.21 -3.57 -68.78
N PRO A 775 35.03 -4.47 -68.22
CA PRO A 775 34.42 -5.56 -67.44
C PRO A 775 33.75 -5.08 -66.16
N ALA B 247 -18.52 41.41 8.17
CA ALA B 247 -19.25 42.10 9.23
C ALA B 247 -18.34 42.62 10.36
N PRO B 248 -17.38 41.80 10.86
CA PRO B 248 -16.50 42.32 11.94
C PRO B 248 -15.55 43.40 11.45
N ASP B 249 -14.68 43.87 12.36
CA ASP B 249 -13.73 44.91 12.00
C ASP B 249 -12.73 44.44 10.96
N GLU B 250 -12.32 43.17 11.02
CA GLU B 250 -11.36 42.63 10.05
C GLU B 250 -11.84 42.85 8.63
N ASN B 251 -13.06 42.37 8.32
CA ASN B 251 -13.61 42.52 6.97
C ASN B 251 -13.58 43.96 6.49
N GLU B 252 -13.47 44.93 7.42
CA GLU B 252 -13.40 46.33 7.02
C GLU B 252 -11.98 46.67 6.58
N ALA B 253 -11.01 46.37 7.43
CA ALA B 253 -9.61 46.66 7.09
C ALA B 253 -9.22 45.99 5.79
N LEU B 254 -9.54 44.70 5.64
CA LEU B 254 -9.23 43.99 4.40
C LEU B 254 -9.85 44.70 3.20
N LYS B 255 -11.08 45.19 3.36
CA LYS B 255 -11.75 45.89 2.27
C LYS B 255 -10.93 47.08 1.81
N ARG B 256 -10.28 47.78 2.75
CA ARG B 256 -9.47 48.93 2.39
C ARG B 256 -8.33 48.53 1.47
N LYS B 257 -7.74 47.34 1.70
CA LYS B 257 -6.65 46.88 0.85
C LYS B 257 -7.09 46.72 -0.59
N ILE B 258 -8.39 46.69 -0.85
CA ILE B 258 -8.89 46.57 -2.21
C ILE B 258 -8.99 47.94 -2.88
N ASP B 259 -9.24 48.99 -2.10
CA ASP B 259 -9.38 50.34 -2.65
C ASP B 259 -8.06 51.11 -2.67
N ALA B 260 -7.13 50.78 -1.77
CA ALA B 260 -5.85 51.48 -1.70
C ALA B 260 -4.87 51.06 -2.79
N ALA B 261 -5.22 50.09 -3.63
CA ALA B 261 -4.35 49.62 -4.71
C ALA B 261 -5.04 49.73 -6.04
N LYS B 262 -4.37 50.36 -7.01
CA LYS B 262 -4.94 50.51 -8.35
C LYS B 262 -4.97 49.15 -9.03
N MET B 263 -6.09 48.83 -9.68
CA MET B 263 -6.22 47.54 -10.33
C MET B 263 -6.84 47.60 -11.72
N PRO B 264 -6.29 46.85 -12.69
CA PRO B 264 -6.86 46.83 -14.04
C PRO B 264 -8.15 46.04 -14.11
N LYS B 265 -8.66 45.79 -15.32
CA LYS B 265 -9.92 45.05 -15.47
C LYS B 265 -9.86 43.67 -14.82
N GLU B 266 -8.83 42.88 -15.14
CA GLU B 266 -8.74 41.54 -14.55
C GLU B 266 -8.54 41.61 -13.05
N ALA B 267 -7.69 42.53 -12.59
CA ALA B 267 -7.47 42.67 -11.16
C ALA B 267 -8.74 43.17 -10.48
N LYS B 268 -9.49 44.04 -11.16
CA LYS B 268 -10.74 44.52 -10.58
C LYS B 268 -11.76 43.38 -10.50
N GLU B 269 -11.71 42.46 -11.46
CA GLU B 269 -12.62 41.31 -11.44
C GLU B 269 -12.32 40.42 -10.25
N LYS B 270 -11.03 40.07 -10.06
CA LYS B 270 -10.72 39.23 -8.91
C LYS B 270 -10.97 39.98 -7.60
N ALA B 271 -10.81 41.32 -7.61
CA ALA B 271 -11.09 42.10 -6.42
C ALA B 271 -12.58 42.06 -6.10
N GLU B 272 -13.42 42.11 -7.12
CA GLU B 272 -14.87 42.04 -6.91
C GLU B 272 -15.25 40.66 -6.39
N ALA B 273 -14.59 39.62 -6.91
CA ALA B 273 -14.87 38.27 -6.41
C ALA B 273 -14.50 38.16 -4.95
N GLU B 274 -13.34 38.69 -4.56
CA GLU B 274 -12.94 38.65 -3.16
C GLU B 274 -13.88 39.48 -2.31
N LEU B 275 -14.34 40.61 -2.83
CA LEU B 275 -15.28 41.45 -2.10
C LEU B 275 -16.57 40.68 -1.82
N GLN B 276 -17.03 39.91 -2.82
CA GLN B 276 -18.21 39.09 -2.63
C GLN B 276 -17.93 38.01 -1.59
N LYS B 277 -16.68 37.53 -1.54
CA LYS B 277 -16.27 36.53 -0.56
C LYS B 277 -15.97 37.15 0.80
N LEU B 278 -15.82 38.48 0.87
CA LEU B 278 -15.54 39.19 2.11
C LEU B 278 -16.85 39.59 2.78
N LYS B 279 -16.75 40.47 3.77
CA LYS B 279 -17.89 40.98 4.52
C LYS B 279 -18.64 39.87 5.25
N MET B 280 -17.98 38.73 5.47
CA MET B 280 -18.56 37.58 6.15
C MET B 280 -18.02 37.53 7.58
N MET B 281 -18.35 36.45 8.29
CA MET B 281 -17.90 36.27 9.67
C MET B 281 -16.39 36.02 9.69
N SER B 282 -15.66 36.85 10.44
CA SER B 282 -14.22 36.71 10.55
C SER B 282 -13.79 35.48 11.36
N PRO B 283 -14.50 35.06 12.44
CA PRO B 283 -14.04 33.87 13.17
C PRO B 283 -14.32 32.57 12.42
N MET B 284 -14.79 32.67 11.18
CA MET B 284 -15.08 31.48 10.38
C MET B 284 -13.77 30.76 10.08
N SER B 285 -13.58 29.60 10.70
CA SER B 285 -12.36 28.83 10.51
C SER B 285 -12.18 28.44 9.04
N ALA B 286 -10.97 28.62 8.54
CA ALA B 286 -10.56 28.29 7.17
C ALA B 286 -11.35 29.07 6.11
N GLU B 287 -12.04 30.14 6.49
CA GLU B 287 -12.81 30.94 5.55
C GLU B 287 -12.30 32.37 5.47
N ALA B 288 -12.04 33.01 6.60
CA ALA B 288 -11.55 34.39 6.58
C ALA B 288 -10.04 34.44 6.33
N THR B 289 -9.31 33.43 6.79
CA THR B 289 -7.86 33.43 6.58
C THR B 289 -7.51 33.24 5.11
N VAL B 290 -8.25 32.39 4.40
CA VAL B 290 -7.95 32.18 2.98
C VAL B 290 -8.26 33.43 2.17
N VAL B 291 -9.38 34.10 2.48
CA VAL B 291 -9.69 35.31 1.72
C VAL B 291 -8.69 36.41 2.08
N ARG B 292 -8.22 36.44 3.33
CA ARG B 292 -7.22 37.44 3.70
C ARG B 292 -5.93 37.18 2.94
N GLY B 293 -5.54 35.92 2.83
CA GLY B 293 -4.34 35.59 2.08
C GLY B 293 -4.50 35.95 0.61
N TYR B 294 -5.69 35.73 0.06
CA TYR B 294 -5.94 36.09 -1.33
C TYR B 294 -5.82 37.59 -1.52
N ILE B 295 -6.33 38.37 -0.57
CA ILE B 295 -6.22 39.82 -0.66
C ILE B 295 -4.76 40.24 -0.62
N ASP B 296 -3.99 39.63 0.28
CA ASP B 296 -2.57 39.95 0.37
C ASP B 296 -1.85 39.59 -0.93
N TRP B 297 -2.19 38.45 -1.52
CA TRP B 297 -1.57 38.05 -2.78
C TRP B 297 -1.89 39.07 -3.87
N MET B 298 -3.16 39.45 -3.99
CA MET B 298 -3.55 40.42 -5.00
C MET B 298 -2.79 41.73 -4.81
N VAL B 299 -2.69 42.21 -3.57
CA VAL B 299 -1.94 43.43 -3.31
C VAL B 299 -0.48 43.25 -3.70
N GLN B 300 0.03 42.02 -3.56
CA GLN B 300 1.42 41.74 -3.91
C GLN B 300 1.60 41.46 -5.39
N VAL B 301 0.55 41.01 -6.08
CA VAL B 301 0.67 40.75 -7.52
C VAL B 301 0.99 42.05 -8.25
N PRO B 302 1.97 42.08 -9.14
CA PRO B 302 2.32 43.34 -9.82
C PRO B 302 1.41 43.66 -11.00
N TRP B 303 1.15 44.95 -11.16
CA TRP B 303 0.36 45.54 -12.23
C TRP B 303 0.50 47.06 -12.12
N ASN B 304 0.38 47.73 -13.26
CA ASN B 304 0.52 49.18 -13.34
C ASN B 304 1.88 49.66 -12.84
N ALA B 305 2.86 48.77 -12.84
CA ALA B 305 4.22 49.08 -12.38
C ALA B 305 5.15 48.07 -13.03
N ARG B 306 6.34 48.55 -13.43
CA ARG B 306 7.31 47.68 -14.08
C ARG B 306 8.71 48.25 -13.89
N SER B 307 9.70 47.45 -14.29
CA SER B 307 11.09 47.85 -14.21
C SER B 307 11.47 48.63 -15.46
N LYS B 308 12.32 49.64 -15.29
CA LYS B 308 12.75 50.46 -16.41
C LYS B 308 13.68 49.64 -17.29
N VAL B 309 13.13 49.09 -18.38
CA VAL B 309 13.92 48.27 -19.28
C VAL B 309 14.83 49.17 -20.12
N LYS B 310 16.11 48.80 -20.19
CA LYS B 310 17.08 49.58 -20.94
C LYS B 310 16.95 49.29 -22.42
N LYS B 311 17.23 50.31 -23.25
CA LYS B 311 17.15 50.19 -24.69
C LYS B 311 18.50 50.16 -25.39
N ASP B 312 19.55 50.71 -24.78
CA ASP B 312 20.86 50.72 -25.39
C ASP B 312 21.50 49.34 -25.31
N LEU B 313 22.34 49.02 -26.29
CA LEU B 313 23.02 47.74 -26.34
C LEU B 313 24.47 47.82 -25.90
N ARG B 314 25.10 48.99 -25.97
CA ARG B 314 26.49 49.11 -25.54
C ARG B 314 26.63 48.80 -24.05
N GLN B 315 25.73 49.35 -23.24
CA GLN B 315 25.78 49.07 -21.81
C GLN B 315 25.53 47.60 -21.52
N ALA B 316 24.67 46.96 -22.33
CA ALA B 316 24.42 45.54 -22.14
C ALA B 316 25.67 44.73 -22.41
N GLN B 317 26.43 45.10 -23.45
CA GLN B 317 27.67 44.40 -23.75
C GLN B 317 28.70 44.62 -22.64
N GLU B 318 28.80 45.86 -22.15
CA GLU B 318 29.74 46.15 -21.08
C GLU B 318 29.40 45.36 -19.82
N ILE B 319 28.11 45.18 -19.54
CA ILE B 319 27.69 44.42 -18.37
C ILE B 319 27.98 42.93 -18.58
N LEU B 320 27.70 42.41 -19.78
CA LEU B 320 27.94 41.02 -20.07
C LEU B 320 29.43 40.68 -20.11
N ASP B 321 30.29 41.69 -20.29
CA ASP B 321 31.74 41.45 -20.34
C ASP B 321 32.35 41.29 -18.95
N THR B 322 31.59 41.52 -17.88
CA THR B 322 32.10 41.40 -16.52
C THR B 322 31.29 40.44 -15.66
N ASP B 323 30.59 39.48 -16.28
CA ASP B 323 29.82 38.55 -15.47
C ASP B 323 30.74 37.48 -14.89
N HIS B 324 31.28 36.61 -15.74
CA HIS B 324 32.22 35.59 -15.30
C HIS B 324 33.56 35.76 -16.01
N TYR B 325 33.58 35.62 -17.34
CA TYR B 325 34.76 35.83 -18.16
C TYR B 325 34.44 36.47 -19.51
N GLY B 326 33.21 36.32 -20.01
CA GLY B 326 32.76 36.86 -21.28
C GLY B 326 32.59 35.74 -22.29
N LEU B 327 33.60 34.87 -22.33
CA LEU B 327 33.68 33.67 -23.18
C LEU B 327 33.70 34.00 -24.68
N GLU B 328 33.42 35.26 -25.03
CA GLU B 328 33.42 35.73 -26.42
C GLU B 328 32.61 34.87 -27.37
N ARG B 329 31.80 33.93 -26.87
CA ARG B 329 31.02 33.07 -27.75
C ARG B 329 29.52 33.12 -27.46
N VAL B 330 29.14 32.96 -26.20
CA VAL B 330 27.72 32.96 -25.85
C VAL B 330 27.18 34.38 -25.70
N LYS B 331 27.97 35.28 -25.09
CA LYS B 331 27.51 36.65 -24.91
C LYS B 331 27.08 37.27 -26.24
N ASP B 332 27.81 36.95 -27.32
CA ASP B 332 27.43 37.48 -28.63
C ASP B 332 26.00 37.08 -28.97
N ARG B 333 25.68 35.80 -28.83
CA ARG B 333 24.31 35.34 -29.10
C ARG B 333 23.33 36.09 -28.21
N ILE B 334 23.68 36.28 -26.94
CA ILE B 334 22.80 37.00 -26.03
C ILE B 334 22.54 38.40 -26.59
N LEU B 335 23.61 39.08 -27.02
CA LEU B 335 23.46 40.41 -27.59
C LEU B 335 22.52 40.38 -28.77
N GLU B 336 22.65 39.35 -29.63
CA GLU B 336 21.76 39.24 -30.78
C GLU B 336 20.31 39.23 -30.31
N TYR B 337 20.01 38.38 -29.32
CA TYR B 337 18.66 38.31 -28.80
C TYR B 337 18.21 39.68 -28.29
N LEU B 338 19.09 40.35 -27.54
CA LEU B 338 18.75 41.66 -27.00
C LEU B 338 18.41 42.62 -28.14
N ALA B 339 19.18 42.55 -29.23
CA ALA B 339 18.91 43.42 -30.38
C ALA B 339 17.52 43.13 -30.93
N VAL B 340 17.17 41.84 -31.03
CA VAL B 340 15.85 41.48 -31.54
C VAL B 340 14.78 41.99 -30.59
N GLN B 341 15.10 42.10 -29.30
CA GLN B 341 14.17 42.60 -28.30
C GLN B 341 14.32 44.09 -28.06
N SER B 342 15.16 44.78 -28.84
CA SER B 342 15.36 46.21 -28.69
C SER B 342 14.36 47.04 -29.49
N ARG B 343 13.26 46.43 -29.93
CA ARG B 343 12.24 47.13 -30.70
C ARG B 343 10.90 47.21 -29.97
N VAL B 344 10.40 46.08 -29.48
CA VAL B 344 9.13 46.01 -28.76
C VAL B 344 9.32 45.18 -27.50
N ASN B 345 8.32 45.25 -26.62
CA ASN B 345 8.33 44.51 -25.36
C ASN B 345 7.78 43.10 -25.51
N LYS B 346 7.50 42.65 -26.72
CA LYS B 346 6.97 41.32 -26.98
C LYS B 346 8.09 40.43 -27.49
N ILE B 347 8.31 39.30 -26.81
CA ILE B 347 9.36 38.38 -27.23
C ILE B 347 9.01 37.74 -28.56
N LYS B 348 7.90 36.99 -28.60
CA LYS B 348 7.43 36.31 -29.80
C LYS B 348 8.52 35.45 -30.43
N GLY B 349 9.11 34.59 -29.61
CA GLY B 349 10.16 33.71 -30.08
C GLY B 349 10.77 32.85 -28.99
N PRO B 350 12.07 32.57 -29.12
CA PRO B 350 12.76 31.73 -28.12
C PRO B 350 12.85 32.36 -26.74
N ILE B 351 13.43 31.62 -25.79
CA ILE B 351 13.59 32.08 -24.42
C ILE B 351 15.04 32.05 -23.96
N LEU B 352 15.99 31.91 -24.89
CA LEU B 352 17.43 31.88 -24.60
C LEU B 352 17.79 30.78 -23.61
N CYS B 353 17.61 29.53 -24.05
CA CYS B 353 17.94 28.38 -23.22
C CYS B 353 19.45 28.14 -23.23
N LEU B 354 20.01 27.88 -22.06
CA LEU B 354 21.44 27.63 -21.91
C LEU B 354 21.66 26.18 -21.48
N VAL B 355 22.63 25.51 -22.11
CA VAL B 355 22.94 24.12 -21.81
C VAL B 355 24.46 23.97 -21.74
N GLY B 356 24.91 23.07 -20.88
CA GLY B 356 26.33 22.81 -20.70
C GLY B 356 26.60 22.04 -19.43
N PRO B 357 27.86 21.65 -19.22
CA PRO B 357 28.21 20.92 -18.01
C PRO B 357 28.04 21.79 -16.79
N PRO B 358 27.78 21.19 -15.62
CA PRO B 358 27.63 22.00 -14.41
C PRO B 358 28.94 22.64 -14.00
N GLY B 359 28.83 23.76 -13.30
CA GLY B 359 29.99 24.49 -12.85
C GLY B 359 30.40 25.65 -13.72
N VAL B 360 29.51 26.14 -14.58
CA VAL B 360 29.81 27.26 -15.47
C VAL B 360 29.01 28.48 -15.02
N GLY B 361 29.23 29.61 -15.69
CA GLY B 361 28.54 30.84 -15.33
C GLY B 361 27.10 30.95 -15.76
N LYS B 362 26.26 29.95 -15.44
CA LYS B 362 24.86 30.02 -15.80
C LYS B 362 24.13 31.06 -14.98
N THR B 363 24.21 30.95 -13.65
CA THR B 363 23.57 31.93 -12.78
C THR B 363 24.16 33.31 -13.00
N SER B 364 25.47 33.38 -13.24
CA SER B 364 26.11 34.67 -13.50
C SER B 364 25.58 35.26 -14.79
N LEU B 365 25.38 34.43 -15.81
CA LEU B 365 24.84 34.92 -17.08
C LEU B 365 23.43 35.44 -16.88
N GLY B 366 22.62 34.73 -16.09
CA GLY B 366 21.26 35.18 -15.85
C GLY B 366 21.24 36.52 -15.11
N GLN B 367 22.09 36.65 -14.09
CA GLN B 367 22.14 37.91 -13.34
C GLN B 367 22.64 39.04 -14.24
N SER B 368 23.62 38.75 -15.10
CA SER B 368 24.12 39.78 -16.00
C SER B 368 23.06 40.22 -16.98
N ILE B 369 22.25 39.27 -17.46
CA ILE B 369 21.17 39.62 -18.38
C ILE B 369 20.12 40.46 -17.67
N ALA B 370 19.83 40.12 -16.41
CA ALA B 370 18.86 40.90 -15.64
C ALA B 370 19.36 42.32 -15.43
N LYS B 371 20.66 42.48 -15.15
CA LYS B 371 21.21 43.81 -14.94
C LYS B 371 21.25 44.61 -16.24
N ALA B 372 21.58 43.95 -17.36
CA ALA B 372 21.65 44.65 -18.63
C ALA B 372 20.26 45.06 -19.10
N THR B 373 19.25 44.24 -18.85
CA THR B 373 17.89 44.56 -19.26
C THR B 373 17.16 45.48 -18.28
N GLY B 374 17.78 45.78 -17.13
CA GLY B 374 17.16 46.65 -16.16
C GLY B 374 15.94 46.07 -15.48
N ARG B 375 15.79 44.75 -15.47
CA ARG B 375 14.67 44.08 -14.85
C ARG B 375 15.13 43.34 -13.60
N LYS B 376 14.21 43.20 -12.64
CA LYS B 376 14.54 42.52 -11.40
C LYS B 376 14.82 41.05 -11.65
N TYR B 377 15.72 40.49 -10.84
CA TYR B 377 16.14 39.10 -10.95
C TYR B 377 15.36 38.22 -9.99
N VAL B 378 14.91 37.07 -10.49
CA VAL B 378 14.16 36.09 -9.69
C VAL B 378 14.42 34.71 -10.29
N ARG B 379 14.60 33.72 -9.42
CA ARG B 379 14.88 32.35 -9.85
C ARG B 379 13.81 31.38 -9.36
N MET B 380 13.72 30.27 -10.07
CA MET B 380 12.78 29.19 -9.75
C MET B 380 13.36 27.92 -10.35
N ALA B 381 13.46 26.87 -9.53
CA ALA B 381 14.03 25.61 -9.95
C ALA B 381 12.96 24.68 -10.51
N LEU B 382 13.22 24.14 -11.71
CA LEU B 382 12.30 23.22 -12.36
C LEU B 382 12.64 21.76 -12.09
N GLY B 383 13.83 21.48 -11.57
CA GLY B 383 14.20 20.10 -11.28
C GLY B 383 13.37 19.53 -10.15
N GLY B 384 13.07 18.24 -10.25
CA GLY B 384 12.28 17.55 -9.25
C GLY B 384 10.80 17.82 -9.33
N VAL B 385 10.36 18.72 -10.18
CA VAL B 385 8.93 19.03 -10.31
C VAL B 385 8.25 17.91 -11.08
N ARG B 386 7.17 17.37 -10.52
CA ARG B 386 6.44 16.29 -11.16
C ARG B 386 4.93 16.46 -11.05
N ASP B 387 4.44 17.60 -10.58
CA ASP B 387 3.02 17.84 -10.42
C ASP B 387 2.70 19.27 -10.81
N GLU B 388 1.50 19.46 -11.35
CA GLU B 388 1.06 20.81 -11.73
C GLU B 388 0.81 21.67 -10.50
N ALA B 389 0.68 21.05 -9.32
CA ALA B 389 0.47 21.79 -8.09
C ALA B 389 1.70 22.56 -7.65
N GLU B 390 2.83 22.39 -8.35
CA GLU B 390 4.06 23.10 -8.02
C GLU B 390 4.16 24.42 -8.79
N ILE B 391 3.75 24.41 -10.06
CA ILE B 391 3.77 25.63 -10.85
C ILE B 391 2.52 26.45 -10.55
N ARG B 392 1.37 25.78 -10.50
CA ARG B 392 0.10 26.40 -10.19
C ARG B 392 -0.22 26.16 -8.71
N GLY B 393 -1.25 26.84 -8.24
CA GLY B 393 -1.67 26.72 -6.86
C GLY B 393 -2.70 25.64 -6.68
N HIS B 394 -3.37 25.67 -5.52
CA HIS B 394 -4.41 24.71 -5.20
C HIS B 394 -5.77 25.34 -5.49
N ARG B 395 -6.82 24.52 -5.40
CA ARG B 395 -8.17 24.99 -5.66
C ARG B 395 -8.59 26.05 -4.65
N ARG B 396 -9.56 26.86 -5.04
CA ARG B 396 -10.08 27.91 -4.17
C ARG B 396 -10.91 27.25 -3.08
N THR B 397 -10.24 26.88 -1.99
CA THR B 397 -10.89 26.20 -0.87
C THR B 397 -10.31 26.77 0.42
N TYR B 398 -10.50 26.01 1.51
CA TYR B 398 -10.03 26.38 2.85
C TYR B 398 -8.58 26.84 2.89
N ILE B 399 -8.22 27.58 3.95
CA ILE B 399 -6.87 28.11 4.14
C ILE B 399 -5.84 27.00 3.98
N GLY B 400 -4.68 27.35 3.43
CA GLY B 400 -3.61 26.43 3.17
C GLY B 400 -3.37 26.21 1.69
N SER B 401 -4.35 26.55 0.85
CA SER B 401 -4.24 26.40 -0.60
C SER B 401 -3.48 27.61 -1.13
N MET B 402 -2.16 27.59 -0.91
CA MET B 402 -1.31 28.67 -1.37
C MET B 402 -1.10 28.59 -2.88
N PRO B 403 -0.87 29.72 -3.54
CA PRO B 403 -0.65 29.71 -4.98
C PRO B 403 0.63 28.97 -5.35
N GLY B 404 0.83 28.80 -6.65
CA GLY B 404 2.01 28.11 -7.14
C GLY B 404 3.28 28.91 -6.92
N LYS B 405 4.40 28.27 -7.23
CA LYS B 405 5.69 28.91 -7.07
C LYS B 405 5.80 30.15 -7.95
N LEU B 406 5.27 30.09 -9.16
CA LEU B 406 5.32 31.22 -10.07
C LEU B 406 4.57 32.42 -9.51
N ILE B 407 3.35 32.19 -9.01
CA ILE B 407 2.57 33.29 -8.45
C ILE B 407 3.27 33.89 -7.24
N GLN B 408 3.90 33.04 -6.42
CA GLN B 408 4.61 33.54 -5.25
C GLN B 408 5.79 34.41 -5.66
N LYS B 409 6.56 33.95 -6.65
CA LYS B 409 7.69 34.74 -7.13
C LYS B 409 7.23 36.06 -7.70
N MET B 410 6.11 36.05 -8.44
CA MET B 410 5.59 37.29 -9.00
C MET B 410 5.09 38.22 -7.92
N ALA B 411 4.53 37.67 -6.84
CA ALA B 411 4.04 38.51 -5.75
C ALA B 411 5.21 39.14 -4.99
N LYS B 412 6.30 38.40 -4.84
CA LYS B 412 7.47 38.94 -4.14
C LYS B 412 8.18 40.00 -4.96
N VAL B 413 8.20 39.84 -6.29
CA VAL B 413 8.84 40.78 -7.20
C VAL B 413 7.74 41.67 -7.76
N GLY B 414 7.58 42.86 -7.19
CA GLY B 414 6.54 43.79 -7.61
C GLY B 414 6.72 44.49 -8.95
N VAL B 415 7.05 43.75 -9.99
CA VAL B 415 7.21 44.31 -11.33
C VAL B 415 6.52 43.38 -12.32
N LYS B 416 5.96 43.97 -13.38
CA LYS B 416 5.19 43.20 -14.40
C LYS B 416 6.13 42.59 -15.47
N ASN B 417 7.40 43.02 -15.50
CA ASN B 417 8.34 42.51 -16.50
C ASN B 417 9.63 42.06 -15.82
N PRO B 418 9.59 40.97 -15.06
CA PRO B 418 10.80 40.46 -14.41
C PRO B 418 11.47 39.38 -15.25
N LEU B 419 12.68 39.03 -14.84
CA LEU B 419 13.46 37.99 -15.52
C LEU B 419 13.27 36.70 -14.73
N PHE B 420 12.41 35.83 -15.23
CA PHE B 420 12.11 34.56 -14.58
C PHE B 420 13.05 33.50 -15.13
N LEU B 421 13.93 33.00 -14.28
CA LEU B 421 14.91 31.98 -14.66
C LEU B 421 14.35 30.59 -14.37
N LEU B 422 14.52 29.68 -15.33
CA LEU B 422 14.05 28.29 -15.21
C LEU B 422 15.29 27.41 -15.12
N ASP B 423 15.66 27.04 -13.89
CA ASP B 423 16.83 26.20 -13.66
C ASP B 423 16.46 24.72 -13.65
N GLU B 424 17.37 23.91 -14.18
CA GLU B 424 17.21 22.45 -14.26
C GLU B 424 15.92 22.06 -14.97
N ILE B 425 15.82 22.48 -16.24
CA ILE B 425 14.63 22.15 -17.02
C ILE B 425 14.68 20.69 -17.47
N ASP B 426 15.88 20.12 -17.60
CA ASP B 426 16.03 18.74 -18.01
C ASP B 426 15.73 17.75 -16.89
N LYS B 427 15.75 18.21 -15.64
CA LYS B 427 15.48 17.36 -14.50
C LYS B 427 14.00 17.25 -14.17
N MET B 428 13.16 18.02 -14.85
CA MET B 428 11.72 17.96 -14.58
C MET B 428 11.16 16.65 -15.10
N SER B 429 10.23 16.07 -14.35
CA SER B 429 9.59 14.81 -14.70
C SER B 429 8.08 14.96 -14.62
N SER B 430 7.38 13.84 -14.87
CA SER B 430 5.92 13.79 -14.84
C SER B 430 5.53 12.48 -14.16
N ASP B 431 5.31 12.53 -12.85
CA ASP B 431 4.95 11.32 -12.11
C ASP B 431 3.79 11.48 -11.14
N MET B 432 3.39 12.68 -10.75
CA MET B 432 2.30 12.86 -9.79
C MET B 432 0.96 13.17 -10.45
N ARG B 433 0.88 14.26 -11.22
CA ARG B 433 -0.37 14.66 -11.88
C ARG B 433 -0.08 15.02 -13.34
N GLY B 434 -0.23 14.03 -14.23
CA GLY B 434 0.01 14.26 -15.64
C GLY B 434 1.40 14.82 -15.90
N ASP B 435 1.47 15.72 -16.87
CA ASP B 435 2.72 16.37 -17.24
C ASP B 435 2.63 17.87 -17.00
N PRO B 436 3.40 18.43 -16.06
CA PRO B 436 3.32 19.88 -15.80
C PRO B 436 3.83 20.72 -16.95
N ALA B 437 4.47 20.12 -17.96
CA ALA B 437 4.98 20.87 -19.10
C ALA B 437 3.88 21.71 -19.73
N SER B 438 2.66 21.17 -19.79
CA SER B 438 1.55 21.92 -20.36
C SER B 438 1.37 23.26 -19.65
N ALA B 439 1.37 23.23 -18.31
CA ALA B 439 1.25 24.47 -17.56
C ALA B 439 2.38 25.42 -17.92
N LEU B 440 3.61 24.88 -18.04
CA LEU B 440 4.74 25.72 -18.42
C LEU B 440 4.45 26.40 -19.75
N LEU B 441 3.91 25.66 -20.72
CA LEU B 441 3.57 26.24 -22.00
C LEU B 441 2.55 27.35 -21.84
N GLU B 442 1.54 27.13 -21.00
CA GLU B 442 0.52 28.14 -20.79
C GLU B 442 1.13 29.40 -20.19
N VAL B 443 2.23 29.27 -19.46
CA VAL B 443 2.90 30.42 -18.86
C VAL B 443 4.04 30.94 -19.73
N LEU B 444 4.36 30.26 -20.82
CA LEU B 444 5.45 30.67 -21.70
C LEU B 444 5.00 31.03 -23.10
N ASP B 445 3.93 30.42 -23.60
CA ASP B 445 3.45 30.74 -24.94
C ASP B 445 2.87 32.16 -24.94
N PRO B 446 3.31 33.04 -25.83
CA PRO B 446 2.77 34.41 -25.83
C PRO B 446 1.27 34.48 -26.03
N GLU B 447 0.65 33.44 -26.60
CA GLU B 447 -0.78 33.42 -26.82
C GLU B 447 -1.56 32.88 -25.63
N GLN B 448 -0.87 32.34 -24.62
CA GLN B 448 -1.51 31.79 -23.44
C GLN B 448 -1.11 32.48 -22.14
N ASN B 449 0.08 33.08 -22.08
CA ASN B 449 0.50 33.77 -20.86
C ASN B 449 -0.30 35.03 -20.59
N VAL B 450 -0.89 35.62 -21.63
CA VAL B 450 -1.68 36.84 -21.44
C VAL B 450 -2.95 36.53 -20.64
N ALA B 451 -3.43 35.30 -20.69
CA ALA B 451 -4.63 34.87 -19.97
C ALA B 451 -4.34 33.60 -19.19
N PHE B 452 -3.20 33.56 -18.51
CA PHE B 452 -2.83 32.39 -17.71
C PHE B 452 -3.68 32.33 -16.46
N SER B 453 -4.37 31.21 -16.26
CA SER B 453 -5.22 31.00 -15.10
C SER B 453 -4.58 30.01 -14.16
N ASP B 454 -4.76 30.24 -12.86
CA ASP B 454 -4.22 29.41 -11.80
C ASP B 454 -5.37 28.73 -11.07
N HIS B 455 -5.04 27.69 -10.29
CA HIS B 455 -6.07 27.00 -9.53
C HIS B 455 -6.61 27.89 -8.42
N TYR B 456 -5.72 28.64 -7.77
CA TYR B 456 -6.10 29.57 -6.71
C TYR B 456 -6.47 30.91 -7.30
N LEU B 457 -5.66 31.41 -8.22
CA LEU B 457 -5.91 32.68 -8.90
C LEU B 457 -6.60 32.37 -10.24
N GLU B 458 -7.85 31.91 -10.12
CA GLU B 458 -8.65 31.53 -11.27
C GLU B 458 -8.81 32.67 -12.28
N VAL B 459 -8.69 33.91 -11.86
CA VAL B 459 -8.82 35.04 -12.77
C VAL B 459 -7.58 35.14 -13.63
N ASP B 460 -7.76 35.31 -14.93
CA ASP B 460 -6.65 35.41 -15.86
C ASP B 460 -5.71 36.56 -15.50
N TYR B 461 -4.42 36.31 -15.62
CA TYR B 461 -3.39 37.30 -15.32
C TYR B 461 -2.48 37.48 -16.54
N ASP B 462 -2.14 38.73 -16.82
CA ASP B 462 -1.29 39.05 -17.97
C ASP B 462 0.16 38.75 -17.64
N LEU B 463 0.77 37.82 -18.39
CA LEU B 463 2.17 37.44 -18.20
C LEU B 463 2.97 37.53 -19.50
N SER B 464 2.49 38.33 -20.46
CA SER B 464 3.21 38.45 -21.73
C SER B 464 4.46 39.30 -21.59
N ASP B 465 4.50 40.22 -20.62
CA ASP B 465 5.66 41.07 -20.43
C ASP B 465 6.75 40.42 -19.59
N VAL B 466 6.51 39.22 -19.07
CA VAL B 466 7.50 38.53 -18.25
C VAL B 466 8.46 37.78 -19.17
N MET B 467 9.76 38.06 -19.02
CA MET B 467 10.79 37.41 -19.81
C MET B 467 11.24 36.14 -19.11
N PHE B 468 11.29 35.04 -19.85
CA PHE B 468 11.69 33.76 -19.31
C PHE B 468 13.01 33.29 -19.92
N VAL B 469 13.82 32.64 -19.09
CA VAL B 469 15.13 32.11 -19.48
C VAL B 469 15.27 30.75 -18.82
N ALA B 470 15.68 29.75 -19.59
CA ALA B 470 15.84 28.40 -19.09
C ALA B 470 17.30 27.97 -19.16
N THR B 471 17.69 27.10 -18.24
CA THR B 471 19.04 26.56 -18.16
C THR B 471 18.94 25.05 -18.00
N SER B 472 19.96 24.34 -18.50
CA SER B 472 19.97 22.89 -18.42
C SER B 472 21.41 22.39 -18.51
N ASN B 473 21.56 21.09 -18.29
CA ASN B 473 22.85 20.41 -18.35
C ASN B 473 23.01 19.60 -19.62
N SER B 474 21.98 18.87 -20.03
CA SER B 474 22.00 18.06 -21.24
C SER B 474 20.96 18.58 -22.23
N MET B 475 21.06 18.09 -23.47
CA MET B 475 20.15 18.48 -24.53
C MET B 475 18.88 17.61 -24.56
N ASN B 476 18.61 16.87 -23.49
CA ASN B 476 17.43 16.01 -23.43
C ASN B 476 16.24 16.78 -22.85
N ILE B 477 15.85 17.83 -23.56
CA ILE B 477 14.74 18.68 -23.15
C ILE B 477 13.45 18.04 -23.68
N PRO B 478 12.38 18.00 -22.89
CA PRO B 478 11.13 17.40 -23.37
C PRO B 478 10.64 18.07 -24.63
N ALA B 479 10.05 17.26 -25.53
CA ALA B 479 9.53 17.77 -26.79
C ALA B 479 8.56 18.93 -26.65
N PRO B 480 7.56 18.89 -25.75
CA PRO B 480 6.64 20.05 -25.65
C PRO B 480 7.33 21.31 -25.18
N LEU B 481 8.41 21.21 -24.40
CA LEU B 481 9.13 22.37 -23.91
C LEU B 481 10.22 22.83 -24.87
N LEU B 482 10.41 22.15 -26.00
CA LEU B 482 11.42 22.53 -26.96
C LEU B 482 10.95 23.66 -27.88
N ASP B 483 9.64 23.82 -28.05
CA ASP B 483 9.13 24.86 -28.91
C ASP B 483 9.37 26.24 -28.32
N ARG B 484 9.59 27.22 -29.20
CA ARG B 484 9.85 28.60 -28.80
C ARG B 484 11.05 28.67 -27.86
N MET B 485 12.13 27.99 -28.24
CA MET B 485 13.31 27.96 -27.40
C MET B 485 14.57 27.84 -28.26
N GLU B 486 15.59 28.61 -27.89
CA GLU B 486 16.87 28.60 -28.58
C GLU B 486 17.91 27.97 -27.67
N VAL B 487 18.58 26.94 -28.17
CA VAL B 487 19.59 26.23 -27.39
C VAL B 487 20.96 26.85 -27.62
N ILE B 488 21.63 27.20 -26.53
CA ILE B 488 22.97 27.80 -26.56
C ILE B 488 23.85 26.87 -25.72
N ARG B 489 24.78 26.19 -26.37
CA ARG B 489 25.66 25.25 -25.69
C ARG B 489 26.91 25.93 -25.16
N LEU B 490 27.29 25.56 -23.94
CA LEU B 490 28.47 26.07 -23.26
C LEU B 490 29.46 24.94 -23.07
N SER B 491 30.74 25.30 -22.91
CA SER B 491 31.77 24.29 -22.73
C SER B 491 32.72 24.63 -21.59
N GLY B 492 33.78 23.86 -21.44
CA GLY B 492 34.75 24.09 -20.39
C GLY B 492 35.69 25.24 -20.72
N TYR B 493 36.73 25.36 -19.90
CA TYR B 493 37.73 26.41 -20.06
C TYR B 493 39.11 25.79 -20.09
N THR B 494 40.05 26.54 -20.68
CA THR B 494 41.43 26.09 -20.77
C THR B 494 42.18 26.41 -19.49
N GLU B 495 43.49 26.13 -19.47
CA GLU B 495 44.30 26.40 -18.28
C GLU B 495 44.41 27.90 -18.03
N ASP B 496 44.81 28.66 -19.05
CA ASP B 496 44.94 30.10 -18.87
C ASP B 496 43.58 30.74 -18.60
N GLU B 497 42.53 30.25 -19.24
CA GLU B 497 41.20 30.80 -19.02
C GLU B 497 40.76 30.57 -17.58
N LYS B 498 40.95 29.35 -17.07
CA LYS B 498 40.58 29.06 -15.69
C LYS B 498 41.44 29.87 -14.72
N LEU B 499 42.71 30.06 -15.05
CA LEU B 499 43.60 30.85 -14.19
C LEU B 499 43.11 32.29 -14.10
N ASN B 500 42.75 32.88 -15.25
CA ASN B 500 42.26 34.25 -15.25
C ASN B 500 40.92 34.35 -14.52
N ILE B 501 40.06 33.34 -14.68
CA ILE B 501 38.77 33.36 -14.00
C ILE B 501 38.97 33.28 -12.50
N ALA B 502 39.92 32.46 -12.04
CA ALA B 502 40.19 32.34 -10.62
C ALA B 502 40.78 33.63 -10.07
N LYS B 503 41.70 34.25 -10.81
CA LYS B 503 42.32 35.49 -10.36
C LYS B 503 41.41 36.71 -10.49
N ARG B 504 40.30 36.59 -11.21
CA ARG B 504 39.38 37.72 -11.41
C ARG B 504 38.18 37.70 -10.47
N HIS B 505 37.51 36.56 -10.32
CA HIS B 505 36.35 36.54 -9.44
C HIS B 505 36.38 35.49 -8.35
N LEU B 506 36.92 34.30 -8.63
CA LEU B 506 36.96 33.24 -7.61
C LEU B 506 37.75 33.68 -6.38
N LEU B 507 38.98 34.14 -6.58
CA LEU B 507 39.80 34.57 -5.46
C LEU B 507 39.19 35.73 -4.68
N PRO B 508 38.75 36.83 -5.31
CA PRO B 508 38.16 37.92 -4.51
C PRO B 508 36.90 37.50 -3.78
N LYS B 509 36.03 36.70 -4.42
CA LYS B 509 34.80 36.26 -3.76
C LYS B 509 35.12 35.39 -2.56
N GLN B 510 36.06 34.46 -2.71
CA GLN B 510 36.40 33.60 -1.58
C GLN B 510 37.10 34.37 -0.47
N ILE B 511 37.87 35.41 -0.84
CA ILE B 511 38.55 36.20 0.19
C ILE B 511 37.54 37.04 0.96
N GLU B 512 36.55 37.60 0.26
CA GLU B 512 35.55 38.42 0.93
C GLU B 512 34.58 37.56 1.75
N ARG B 513 34.31 36.33 1.30
CA ARG B 513 33.40 35.46 2.04
C ARG B 513 34.02 34.96 3.33
N ASN B 514 35.33 34.70 3.34
CA ASN B 514 36.02 34.22 4.54
C ASN B 514 36.41 35.36 5.48
N ALA B 515 35.92 36.58 5.24
CA ALA B 515 36.22 37.74 6.07
C ALA B 515 37.73 37.99 6.16
N LEU B 516 38.38 38.01 5.01
CA LEU B 516 39.81 38.24 4.91
C LEU B 516 40.09 39.68 4.48
N LYS B 517 41.31 40.13 4.78
CA LYS B 517 41.73 41.48 4.43
C LYS B 517 42.40 41.49 3.05
N LYS B 518 42.73 42.69 2.59
CA LYS B 518 43.37 42.81 1.29
C LYS B 518 44.80 42.28 1.30
N GLY B 519 45.51 42.46 2.41
CA GLY B 519 46.89 41.99 2.49
C GLY B 519 47.12 40.83 3.45
N GLU B 520 46.17 39.91 3.54
CA GLU B 520 46.31 38.75 4.43
C GLU B 520 46.70 37.48 3.70
N LEU B 521 46.19 37.27 2.48
CA LEU B 521 46.51 36.07 1.71
C LEU B 521 46.84 36.47 0.28
N THR B 522 47.94 35.90 -0.24
CA THR B 522 48.40 36.18 -1.60
C THR B 522 48.70 34.85 -2.28
N VAL B 523 47.95 34.54 -3.33
CA VAL B 523 48.11 33.31 -4.08
C VAL B 523 48.61 33.64 -5.48
N ASP B 524 49.68 32.98 -5.91
CA ASP B 524 50.26 33.20 -7.21
C ASP B 524 49.62 32.29 -8.24
N ASP B 525 50.10 32.36 -9.49
CA ASP B 525 49.55 31.54 -10.55
C ASP B 525 50.01 30.09 -10.45
N SER B 526 51.18 29.85 -9.84
CA SER B 526 51.69 28.49 -9.71
C SER B 526 50.75 27.62 -8.89
N ALA B 527 50.21 28.17 -7.79
CA ALA B 527 49.30 27.40 -6.95
C ALA B 527 48.02 27.05 -7.71
N ILE B 528 47.47 28.00 -8.45
CA ILE B 528 46.27 27.74 -9.22
C ILE B 528 46.52 26.69 -10.30
N ILE B 529 47.68 26.78 -10.96
CA ILE B 529 48.01 25.81 -12.00
C ILE B 529 48.15 24.42 -11.38
N GLY B 530 48.79 24.34 -10.22
CA GLY B 530 48.94 23.04 -9.56
C GLY B 530 47.61 22.48 -9.12
N ILE B 531 46.69 23.34 -8.70
CA ILE B 531 45.37 22.89 -8.28
C ILE B 531 44.58 22.37 -9.48
N ILE B 532 44.67 23.07 -10.61
CA ILE B 532 43.95 22.64 -11.80
C ILE B 532 44.54 21.36 -12.39
N ARG B 533 45.85 21.16 -12.22
CA ARG B 533 46.49 19.97 -12.79
C ARG B 533 46.46 18.74 -11.89
N TYR B 534 46.53 18.89 -10.57
CA TYR B 534 46.56 17.73 -9.69
C TYR B 534 45.45 17.71 -8.64
N TYR B 535 44.48 18.61 -8.67
CA TYR B 535 43.43 18.61 -7.67
C TYR B 535 42.01 18.68 -8.23
N THR B 536 41.83 18.79 -9.55
CA THR B 536 40.49 18.83 -10.11
C THR B 536 40.53 18.38 -11.56
N ARG B 537 39.48 17.65 -11.96
CA ARG B 537 39.34 17.14 -13.33
C ARG B 537 37.86 17.33 -13.72
N GLU B 538 37.56 18.48 -14.29
CA GLU B 538 36.19 18.80 -14.70
C GLU B 538 36.24 19.96 -15.70
N ALA B 539 35.08 20.30 -16.24
CA ALA B 539 34.96 21.39 -17.19
C ALA B 539 34.65 22.72 -16.52
N GLY B 540 34.00 22.69 -15.36
CA GLY B 540 33.64 23.90 -14.64
C GLY B 540 34.77 24.38 -13.76
N VAL B 541 34.38 25.16 -12.74
CA VAL B 541 35.35 25.72 -11.80
C VAL B 541 34.94 25.40 -10.37
N ARG B 542 34.16 24.32 -10.19
CA ARG B 542 33.73 23.94 -8.85
C ARG B 542 34.92 23.52 -7.99
N GLY B 543 35.80 22.69 -8.56
CA GLY B 543 36.97 22.26 -7.83
C GLY B 543 37.85 23.41 -7.40
N LEU B 544 38.03 24.39 -8.31
CA LEU B 544 38.84 25.56 -7.98
C LEU B 544 38.24 26.33 -6.82
N GLU B 545 36.90 26.50 -6.84
CA GLU B 545 36.23 27.22 -5.77
C GLU B 545 36.41 26.51 -4.44
N ARG B 546 36.22 25.18 -4.43
CA ARG B 546 36.37 24.42 -3.19
C ARG B 546 37.81 24.49 -2.67
N GLU B 547 38.79 24.37 -3.57
CA GLU B 547 40.19 24.43 -3.13
C GLU B 547 40.53 25.81 -2.58
N ILE B 548 40.06 26.87 -3.24
CA ILE B 548 40.35 28.21 -2.74
C ILE B 548 39.67 28.43 -1.39
N SER B 549 38.47 27.88 -1.21
CA SER B 549 37.79 28.02 0.07
C SER B 549 38.57 27.32 1.17
N LYS B 550 39.07 26.11 0.88
CA LYS B 550 39.86 25.38 1.87
C LYS B 550 41.14 26.15 2.20
N LEU B 551 41.78 26.71 1.18
CA LEU B 551 43.00 27.48 1.40
C LEU B 551 42.73 28.69 2.28
N CYS B 552 41.65 29.41 2.01
CA CYS B 552 41.31 30.58 2.82
C CYS B 552 41.01 30.20 4.26
N ARG B 553 40.24 29.12 4.46
CA ARG B 553 39.90 28.70 5.81
C ARG B 553 41.16 28.29 6.59
N LYS B 554 42.04 27.51 5.95
CA LYS B 554 43.25 27.08 6.62
C LYS B 554 44.15 28.28 6.92
N ALA B 555 44.22 29.24 5.99
CA ALA B 555 45.05 30.43 6.23
C ALA B 555 44.52 31.25 7.39
N VAL B 556 43.18 31.38 7.48
CA VAL B 556 42.59 32.13 8.58
C VAL B 556 42.89 31.45 9.90
N LYS B 557 42.72 30.13 9.96
CA LYS B 557 42.99 29.42 11.21
C LYS B 557 44.46 29.49 11.59
N GLN B 558 45.36 29.42 10.61
CA GLN B 558 46.79 29.46 10.90
C GLN B 558 47.21 30.86 11.37
N LEU B 559 46.68 31.91 10.74
CA LEU B 559 47.06 33.26 11.13
C LEU B 559 46.41 33.67 12.46
N LEU B 560 45.25 33.11 12.78
CA LEU B 560 44.59 33.46 14.04
C LEU B 560 45.32 32.86 15.23
N LEU B 561 45.75 31.61 15.11
CA LEU B 561 46.47 30.93 16.19
C LEU B 561 47.95 31.31 16.26
N ASP B 562 48.40 32.27 15.46
CA ASP B 562 49.80 32.71 15.45
C ASP B 562 49.80 34.23 15.26
N LYS B 563 49.82 34.97 16.37
CA LYS B 563 49.83 36.42 16.29
C LYS B 563 51.13 36.98 15.73
N SER B 564 52.18 36.16 15.67
CA SER B 564 53.46 36.61 15.13
C SER B 564 53.51 36.56 13.61
N LEU B 565 52.52 35.95 12.97
CA LEU B 565 52.48 35.85 11.51
C LEU B 565 51.73 37.06 10.97
N LYS B 566 52.38 37.80 10.06
CA LYS B 566 51.77 38.99 9.47
C LYS B 566 51.18 38.75 8.08
N HIS B 567 51.64 37.74 7.35
CA HIS B 567 51.11 37.48 6.02
C HIS B 567 51.38 36.03 5.65
N ILE B 568 50.45 35.46 4.88
CA ILE B 568 50.55 34.07 4.42
C ILE B 568 50.60 34.08 2.90
N GLU B 569 51.63 33.45 2.34
CA GLU B 569 51.82 33.36 0.90
C GLU B 569 51.91 31.90 0.51
N ILE B 570 51.06 31.47 -0.42
CA ILE B 570 51.02 30.10 -0.91
C ILE B 570 51.50 30.09 -2.36
N ASN B 571 52.49 29.26 -2.65
CA ASN B 571 53.05 29.13 -3.99
C ASN B 571 52.88 27.69 -4.47
N GLY B 572 53.48 27.40 -5.63
CA GLY B 572 53.39 26.07 -6.20
C GLY B 572 54.14 24.99 -5.46
N ASP B 573 54.87 25.33 -4.40
CA ASP B 573 55.63 24.36 -3.61
C ASP B 573 54.96 24.01 -2.30
N ASN B 574 54.58 25.01 -1.51
CA ASN B 574 53.93 24.78 -0.22
C ASN B 574 52.43 24.53 -0.35
N LEU B 575 51.89 24.55 -1.58
CA LEU B 575 50.46 24.33 -1.78
C LEU B 575 50.01 23.02 -1.16
N HIS B 576 50.80 21.95 -1.35
CA HIS B 576 50.43 20.66 -0.79
C HIS B 576 50.26 20.73 0.73
N ASP B 577 51.03 21.58 1.40
CA ASP B 577 50.91 21.73 2.85
C ASP B 577 49.49 22.08 3.27
N TYR B 578 48.70 22.68 2.38
CA TYR B 578 47.33 23.04 2.68
C TYR B 578 46.31 22.13 2.00
N LEU B 579 46.75 21.25 1.10
CA LEU B 579 45.84 20.35 0.40
C LEU B 579 46.21 18.87 0.54
N GLY B 580 47.44 18.55 0.92
CA GLY B 580 47.84 17.17 1.07
C GLY B 580 48.50 16.62 -0.18
N VAL B 581 48.43 15.29 -0.30
CA VAL B 581 49.01 14.59 -1.44
C VAL B 581 48.14 14.79 -2.67
N GLN B 582 48.79 14.85 -3.84
CA GLN B 582 48.06 15.03 -5.09
C GLN B 582 47.14 13.84 -5.34
N ARG B 583 45.95 14.13 -5.90
CA ARG B 583 44.97 13.09 -6.18
C ARG B 583 44.85 12.75 -7.66
N PHE B 584 45.35 13.59 -8.56
CA PHE B 584 45.27 13.34 -9.98
C PHE B 584 46.66 13.41 -10.61
N ASP B 585 46.77 12.78 -11.79
CA ASP B 585 48.04 12.72 -12.56
C ASP B 585 47.89 13.54 -13.84
N TYR B 586 48.92 14.32 -14.19
CA TYR B 586 48.94 15.16 -15.38
C TYR B 586 50.11 14.75 -16.25
N GLY B 587 49.83 14.38 -17.49
CA GLY B 587 50.86 13.97 -18.43
C GLY B 587 50.92 12.47 -18.65
N ARG B 588 51.08 12.05 -19.90
CA ARG B 588 51.15 10.65 -20.27
C ARG B 588 52.54 10.24 -20.76
N ALA B 589 53.57 11.05 -20.44
CA ALA B 589 54.92 10.72 -20.87
C ALA B 589 55.44 9.46 -20.19
N ASP B 590 55.11 9.29 -18.91
CA ASP B 590 55.54 8.13 -18.13
C ASP B 590 54.42 7.12 -17.95
N ASN B 591 53.59 6.95 -18.97
CA ASN B 591 52.46 6.02 -18.91
C ASN B 591 52.87 4.56 -19.10
N GLU B 592 54.07 4.30 -19.60
CA GLU B 592 54.54 2.92 -19.83
C GLU B 592 53.57 2.20 -20.76
N ASN B 593 53.55 2.68 -22.00
CA ASN B 593 52.68 2.21 -23.08
C ASN B 593 52.42 0.71 -23.00
N ARG B 594 51.14 0.35 -23.05
CA ARG B 594 50.66 -1.03 -22.99
C ARG B 594 50.20 -1.49 -24.37
N VAL B 595 49.90 -2.78 -24.46
CA VAL B 595 49.46 -3.40 -25.70
C VAL B 595 47.94 -3.44 -25.80
N GLY B 596 47.31 -4.16 -24.86
CA GLY B 596 45.86 -4.32 -24.85
C GLY B 596 45.04 -3.11 -24.50
N GLN B 597 45.68 -1.98 -24.15
CA GLN B 597 44.94 -0.77 -23.78
C GLN B 597 45.11 0.30 -24.85
N VAL B 598 44.03 1.04 -25.11
CA VAL B 598 44.04 2.13 -26.08
C VAL B 598 43.29 3.31 -25.48
N THR B 599 43.84 4.51 -25.65
CA THR B 599 43.25 5.73 -25.12
C THR B 599 42.39 6.39 -26.20
N GLY B 600 41.14 6.69 -25.87
CA GLY B 600 40.24 7.31 -26.81
C GLY B 600 39.47 8.46 -26.18
N LEU B 601 38.88 9.28 -27.05
CA LEU B 601 38.08 10.43 -26.66
C LEU B 601 36.60 10.08 -26.74
N ALA B 602 35.84 10.52 -25.74
CA ALA B 602 34.41 10.24 -25.68
C ALA B 602 33.62 11.54 -25.61
N TRP B 603 32.58 11.64 -26.43
CA TRP B 603 31.71 12.80 -26.46
C TRP B 603 30.59 12.60 -25.44
N THR B 604 30.48 13.54 -24.49
CA THR B 604 29.47 13.47 -23.45
C THR B 604 28.71 14.79 -23.41
N GLU B 605 27.43 14.72 -23.03
CA GLU B 605 26.59 15.90 -22.93
C GLU B 605 27.13 16.92 -21.93
N VAL B 606 28.00 16.50 -21.02
CA VAL B 606 28.58 17.40 -20.02
C VAL B 606 30.06 17.57 -20.29
N GLY B 607 30.46 17.46 -21.56
CA GLY B 607 31.85 17.60 -21.93
C GLY B 607 32.55 16.27 -22.17
N GLY B 608 33.35 16.19 -23.23
CA GLY B 608 34.06 14.97 -23.53
C GLY B 608 35.03 14.57 -22.44
N ASP B 609 35.44 13.31 -22.49
CA ASP B 609 36.37 12.77 -21.50
C ASP B 609 37.28 11.75 -22.16
N LEU B 610 38.16 11.15 -21.36
CA LEU B 610 39.11 10.14 -21.81
C LEU B 610 38.68 8.76 -21.35
N LEU B 611 38.84 7.77 -22.22
CA LEU B 611 38.47 6.40 -21.92
C LEU B 611 39.62 5.48 -22.31
N THR B 612 39.71 4.35 -21.62
CA THR B 612 40.75 3.35 -21.87
C THR B 612 40.06 2.06 -22.28
N ILE B 613 39.99 1.81 -23.58
CA ILE B 613 39.36 0.62 -24.11
C ILE B 613 40.37 -0.52 -24.10
N GLU B 614 39.89 -1.73 -23.77
CA GLU B 614 40.76 -2.90 -23.69
C GLU B 614 40.23 -4.02 -24.56
N THR B 615 41.13 -4.89 -24.99
CA THR B 615 40.79 -6.04 -25.81
C THR B 615 41.61 -7.23 -25.35
N ALA B 616 40.98 -8.40 -25.32
CA ALA B 616 41.63 -9.63 -24.89
C ALA B 616 41.40 -10.68 -25.97
N CYS B 617 42.49 -11.30 -26.42
CA CYS B 617 42.47 -12.34 -27.44
C CYS B 617 42.92 -13.62 -26.76
N VAL B 618 41.96 -14.44 -26.34
CA VAL B 618 42.28 -15.68 -25.63
C VAL B 618 42.01 -16.88 -26.54
N PRO B 619 42.53 -18.07 -26.23
CA PRO B 619 42.25 -19.23 -27.09
C PRO B 619 40.81 -19.69 -26.93
N GLY B 620 40.18 -20.03 -28.05
CA GLY B 620 38.81 -20.49 -28.02
C GLY B 620 38.29 -20.99 -29.35
N LYS B 621 37.05 -20.63 -29.69
CA LYS B 621 36.43 -21.05 -30.94
C LYS B 621 36.14 -19.90 -31.88
N GLY B 622 36.39 -18.65 -31.47
CA GLY B 622 36.13 -17.51 -32.31
C GLY B 622 34.92 -16.69 -31.94
N LYS B 623 34.37 -16.86 -30.74
CA LYS B 623 33.20 -16.11 -30.32
C LYS B 623 33.60 -14.68 -29.94
N LEU B 624 32.64 -13.77 -30.09
CA LEU B 624 32.85 -12.36 -29.78
C LEU B 624 32.09 -11.98 -28.52
N THR B 625 32.77 -11.33 -27.59
CA THR B 625 32.18 -10.88 -26.34
C THR B 625 32.53 -9.42 -26.13
N TYR B 626 31.60 -8.65 -25.59
CA TYR B 626 31.83 -7.23 -25.33
C TYR B 626 31.24 -6.88 -23.98
N THR B 627 31.86 -5.89 -23.33
CA THR B 627 31.42 -5.41 -22.03
C THR B 627 31.46 -3.89 -22.01
N GLY B 628 30.50 -3.30 -21.31
CA GLY B 628 30.39 -1.86 -21.20
C GLY B 628 29.02 -1.34 -21.61
N SER B 629 28.03 -2.24 -21.61
CA SER B 629 26.66 -1.90 -21.98
C SER B 629 26.59 -1.29 -23.38
N LEU B 630 27.12 -2.03 -24.34
CA LEU B 630 27.16 -1.59 -25.73
C LEU B 630 25.91 -2.05 -26.47
N GLY B 631 25.57 -1.30 -27.52
CA GLY B 631 24.40 -1.60 -28.33
C GLY B 631 24.76 -2.29 -29.64
N GLU B 632 23.78 -2.27 -30.56
CA GLU B 632 23.98 -2.90 -31.86
C GLU B 632 25.01 -2.14 -32.70
N VAL B 633 25.08 -0.81 -32.54
CA VAL B 633 26.05 -0.03 -33.32
C VAL B 633 27.46 -0.49 -32.97
N MET B 634 27.73 -0.74 -31.69
CA MET B 634 29.05 -1.21 -31.31
C MET B 634 29.31 -2.61 -31.87
N GLN B 635 28.27 -3.43 -31.95
CA GLN B 635 28.42 -4.77 -32.49
C GLN B 635 28.83 -4.71 -33.96
N GLU B 636 28.12 -3.91 -34.76
CA GLU B 636 28.48 -3.81 -36.18
C GLU B 636 29.84 -3.14 -36.35
N SER B 637 30.20 -2.20 -35.47
CA SER B 637 31.50 -1.57 -35.58
C SER B 637 32.61 -2.58 -35.30
N ILE B 638 32.42 -3.41 -34.27
CA ILE B 638 33.42 -4.43 -33.95
C ILE B 638 33.50 -5.44 -35.08
N GLN B 639 32.37 -5.75 -35.71
CA GLN B 639 32.39 -6.70 -36.82
C GLN B 639 33.17 -6.12 -37.99
N ALA B 640 32.97 -4.82 -38.28
CA ALA B 640 33.72 -4.19 -39.37
C ALA B 640 35.20 -4.16 -39.05
N ALA B 641 35.56 -3.88 -37.80
CA ALA B 641 36.96 -3.85 -37.41
C ALA B 641 37.58 -5.24 -37.55
N LEU B 642 36.83 -6.27 -37.17
CA LEU B 642 37.31 -7.64 -37.30
C LEU B 642 37.53 -7.99 -38.76
N THR B 643 36.61 -7.54 -39.63
CA THR B 643 36.77 -7.81 -41.05
C THR B 643 38.01 -7.12 -41.61
N VAL B 644 38.24 -5.87 -41.19
CA VAL B 644 39.42 -5.15 -41.64
C VAL B 644 40.69 -5.86 -41.17
N VAL B 645 40.69 -6.35 -39.93
CA VAL B 645 41.84 -7.06 -39.41
C VAL B 645 42.06 -8.35 -40.18
N ARG B 646 40.98 -9.05 -40.53
CA ARG B 646 41.11 -10.28 -41.29
C ARG B 646 41.65 -10.01 -42.69
N ALA B 647 41.30 -8.86 -43.26
CA ALA B 647 41.77 -8.52 -44.59
C ALA B 647 43.22 -8.04 -44.60
N ARG B 648 43.68 -7.43 -43.50
CA ARG B 648 45.05 -6.92 -43.41
C ARG B 648 45.94 -7.78 -42.52
N ALA B 649 45.50 -8.98 -42.15
CA ALA B 649 46.33 -9.85 -41.30
C ALA B 649 47.65 -10.19 -41.97
N GLU B 650 47.64 -10.45 -43.28
CA GLU B 650 48.87 -10.80 -43.98
C GLU B 650 49.86 -9.64 -43.95
N LYS B 651 49.37 -8.41 -44.08
CA LYS B 651 50.25 -7.25 -44.05
C LYS B 651 50.73 -6.95 -42.64
N LEU B 652 49.90 -7.19 -41.64
CA LEU B 652 50.25 -6.93 -40.25
C LEU B 652 50.93 -8.12 -39.57
N GLY B 653 51.08 -9.23 -40.27
CA GLY B 653 51.72 -10.40 -39.69
C GLY B 653 50.85 -11.19 -38.73
N ILE B 654 49.53 -11.15 -38.92
CA ILE B 654 48.60 -11.86 -38.06
C ILE B 654 48.21 -13.17 -38.74
N ASN B 655 48.12 -14.24 -37.94
CA ASN B 655 47.74 -15.54 -38.48
C ASN B 655 46.30 -15.49 -38.97
N PRO B 656 46.03 -15.86 -40.23
CA PRO B 656 44.64 -15.79 -40.73
C PRO B 656 43.64 -16.64 -39.96
N ASP B 657 44.09 -17.60 -39.16
CA ASP B 657 43.17 -18.45 -38.41
C ASP B 657 42.92 -17.95 -36.99
N PHE B 658 43.10 -16.65 -36.74
CA PHE B 658 42.86 -16.12 -35.39
C PHE B 658 41.38 -16.06 -35.06
N TYR B 659 40.53 -15.78 -36.05
CA TYR B 659 39.09 -15.69 -35.83
C TYR B 659 38.41 -17.05 -35.74
N GLU B 660 39.16 -18.13 -35.86
CA GLU B 660 38.60 -19.48 -35.81
C GLU B 660 38.99 -20.25 -34.56
N LYS B 661 40.17 -19.99 -33.99
CA LYS B 661 40.63 -20.69 -32.80
C LYS B 661 40.84 -19.77 -31.61
N ARG B 662 40.45 -18.50 -31.70
CA ARG B 662 40.65 -17.57 -30.59
C ARG B 662 39.42 -16.69 -30.41
N ASP B 663 39.00 -16.53 -29.15
CA ASP B 663 37.88 -15.69 -28.79
C ASP B 663 38.38 -14.29 -28.46
N ILE B 664 37.57 -13.30 -28.82
CA ILE B 664 37.89 -11.88 -28.63
C ILE B 664 36.89 -11.28 -27.65
N HIS B 665 37.39 -10.53 -26.68
CA HIS B 665 36.58 -9.86 -25.67
C HIS B 665 36.99 -8.40 -25.63
N VAL B 666 36.08 -7.52 -26.03
CA VAL B 666 36.31 -6.08 -26.08
C VAL B 666 35.57 -5.42 -24.92
N HIS B 667 36.29 -4.62 -24.14
CA HIS B 667 35.73 -3.91 -22.99
C HIS B 667 35.86 -2.41 -23.23
N VAL B 668 34.73 -1.71 -23.22
CA VAL B 668 34.68 -0.28 -23.42
C VAL B 668 34.09 0.35 -22.16
N PRO B 669 34.93 0.89 -21.28
CA PRO B 669 34.42 1.50 -20.05
C PRO B 669 33.52 2.70 -20.33
N GLU B 670 32.44 2.78 -19.56
CA GLU B 670 31.46 3.86 -19.69
C GLU B 670 30.90 3.94 -21.11
N GLY B 671 30.49 2.78 -21.63
CA GLY B 671 29.92 2.72 -22.97
C GLY B 671 28.55 3.34 -23.07
N ALA B 672 27.87 3.54 -21.95
CA ALA B 672 26.54 4.14 -21.92
C ALA B 672 26.58 5.66 -22.05
N THR B 673 27.70 6.21 -22.49
CA THR B 673 27.79 7.64 -22.65
C THR B 673 26.77 8.13 -23.67
N PRO B 674 26.25 9.35 -23.51
CA PRO B 674 25.26 9.85 -24.47
C PRO B 674 25.89 10.21 -25.80
N LYS B 675 26.48 9.22 -26.45
CA LYS B 675 27.15 9.39 -27.74
C LYS B 675 26.49 8.44 -28.73
N ASP B 676 25.81 9.00 -29.72
CA ASP B 676 25.12 8.21 -30.74
C ASP B 676 26.10 7.94 -31.88
N GLY B 677 26.63 6.72 -31.91
CA GLY B 677 27.57 6.33 -32.93
C GLY B 677 28.86 5.78 -32.34
N PRO B 678 29.37 4.70 -32.93
CA PRO B 678 30.62 4.08 -32.44
C PRO B 678 31.87 4.85 -32.89
N ALA B 679 32.09 6.01 -32.27
CA ALA B 679 33.23 6.85 -32.60
C ALA B 679 34.57 6.23 -32.18
N ALA B 680 34.57 5.08 -31.53
CA ALA B 680 35.79 4.42 -31.08
C ALA B 680 36.20 3.28 -31.99
N GLY B 681 35.84 3.33 -33.27
CA GLY B 681 36.20 2.27 -34.19
C GLY B 681 37.71 2.09 -34.32
N ILE B 682 38.42 3.19 -34.55
CA ILE B 682 39.88 3.10 -34.69
C ILE B 682 40.52 2.59 -33.42
N ALA B 683 39.99 2.97 -32.25
CA ALA B 683 40.56 2.51 -30.99
C ALA B 683 40.43 1.00 -30.85
N MET B 684 39.24 0.46 -31.12
CA MET B 684 39.04 -0.98 -31.02
C MET B 684 39.87 -1.72 -32.05
N CYS B 685 39.98 -1.17 -33.27
CA CYS B 685 40.77 -1.82 -34.31
C CYS B 685 42.24 -1.86 -33.92
N THR B 686 42.76 -0.75 -33.40
CA THR B 686 44.15 -0.71 -32.97
C THR B 686 44.40 -1.66 -31.82
N ALA B 687 43.47 -1.72 -30.86
CA ALA B 687 43.63 -2.64 -29.74
C ALA B 687 43.62 -4.08 -30.21
N LEU B 688 42.79 -4.40 -31.20
CA LEU B 688 42.74 -5.76 -31.73
C LEU B 688 44.04 -6.11 -32.42
N VAL B 689 44.55 -5.18 -33.25
CA VAL B 689 45.82 -5.42 -33.94
C VAL B 689 46.94 -5.61 -32.93
N SER B 690 46.88 -4.85 -31.83
CA SER B 690 47.91 -4.98 -30.79
C SER B 690 47.82 -6.34 -30.10
N CYS B 691 46.61 -6.77 -29.74
CA CYS B 691 46.45 -8.07 -29.09
C CYS B 691 46.93 -9.20 -29.99
N LEU B 692 46.65 -9.10 -31.29
CA LEU B 692 47.06 -10.15 -32.22
C LEU B 692 48.54 -10.09 -32.58
N THR B 693 49.17 -8.91 -32.47
CA THR B 693 50.57 -8.77 -32.81
C THR B 693 51.49 -8.51 -31.63
N GLY B 694 50.97 -7.98 -30.52
CA GLY B 694 51.79 -7.70 -29.38
C GLY B 694 52.48 -6.36 -29.42
N ASN B 695 52.14 -5.52 -30.39
CA ASN B 695 52.76 -4.19 -30.50
C ASN B 695 52.13 -3.25 -29.50
N PRO B 696 52.90 -2.70 -28.56
CA PRO B 696 52.32 -1.78 -27.58
C PRO B 696 51.88 -0.47 -28.23
N VAL B 697 50.71 0.01 -27.83
CA VAL B 697 50.18 1.25 -28.36
C VAL B 697 50.92 2.42 -27.74
N ARG B 698 51.45 3.31 -28.57
CA ARG B 698 52.20 4.46 -28.08
C ARG B 698 51.35 5.31 -27.15
N ALA B 699 51.88 5.60 -25.97
CA ALA B 699 51.17 6.41 -25.01
C ALA B 699 51.13 7.88 -25.47
N ASP B 700 50.40 8.70 -24.71
CA ASP B 700 50.26 10.12 -25.00
C ASP B 700 49.64 10.34 -26.39
N VAL B 701 48.78 9.41 -26.81
CA VAL B 701 48.11 9.47 -28.11
C VAL B 701 46.63 9.21 -27.90
N ALA B 702 45.79 10.04 -28.52
CA ALA B 702 44.35 9.92 -28.44
C ALA B 702 43.77 9.77 -29.84
N MET B 703 42.69 9.00 -29.95
CA MET B 703 42.06 8.76 -31.24
C MET B 703 40.56 8.60 -31.07
N THR B 704 39.82 8.97 -32.12
CA THR B 704 38.37 8.88 -32.15
C THR B 704 37.90 9.04 -33.59
N GLY B 705 36.87 8.31 -33.95
CA GLY B 705 36.32 8.37 -35.29
C GLY B 705 35.71 7.05 -35.70
N GLU B 706 34.86 7.13 -36.72
CA GLU B 706 34.17 5.96 -37.26
C GLU B 706 35.06 5.23 -38.26
N ILE B 707 34.70 3.96 -38.51
CA ILE B 707 35.44 3.10 -39.42
C ILE B 707 34.46 2.40 -40.34
N THR B 708 34.98 1.95 -41.48
CA THR B 708 34.21 1.23 -42.49
C THR B 708 34.85 -0.12 -42.75
N LEU B 709 34.26 -0.88 -43.67
CA LEU B 709 34.78 -2.20 -44.00
C LEU B 709 36.01 -2.13 -44.90
N ARG B 710 36.21 -1.02 -45.60
CA ARG B 710 37.35 -0.85 -46.49
C ARG B 710 38.51 -0.12 -45.84
N GLY B 711 38.42 0.18 -44.55
CA GLY B 711 39.49 0.88 -43.86
C GLY B 711 39.42 2.39 -43.93
N GLN B 712 38.27 2.95 -44.28
CA GLN B 712 38.12 4.40 -44.38
C GLN B 712 37.57 4.96 -43.06
N VAL B 713 38.03 6.16 -42.73
CA VAL B 713 37.61 6.84 -41.51
C VAL B 713 36.53 7.85 -41.86
N LEU B 714 35.42 7.85 -41.09
CA LEU B 714 34.30 8.75 -41.30
C LEU B 714 34.33 9.90 -40.31
N PRO B 715 33.78 11.05 -40.67
CA PRO B 715 33.78 12.19 -39.75
C PRO B 715 32.85 11.98 -38.57
N ILE B 716 33.12 12.73 -37.51
CA ILE B 716 32.36 12.68 -36.27
C ILE B 716 32.06 14.11 -35.83
N GLY B 717 31.29 14.23 -34.74
CA GLY B 717 30.92 15.51 -34.19
C GLY B 717 31.46 15.69 -32.78
N GLY B 718 31.42 16.93 -32.32
CA GLY B 718 31.91 17.26 -30.98
C GLY B 718 33.41 17.22 -30.84
N LEU B 719 34.14 17.77 -31.82
CA LEU B 719 35.59 17.76 -31.75
C LEU B 719 36.12 18.71 -30.68
N LYS B 720 35.39 19.80 -30.39
CA LYS B 720 35.84 20.76 -29.38
C LYS B 720 35.92 20.11 -28.00
N GLU B 721 34.87 19.38 -27.61
CA GLU B 721 34.87 18.73 -26.30
C GLU B 721 35.97 17.69 -26.19
N LYS B 722 36.18 16.90 -27.25
CA LYS B 722 37.23 15.89 -27.21
C LYS B 722 38.60 16.54 -27.12
N LEU B 723 38.81 17.64 -27.85
CA LEU B 723 40.10 18.33 -27.78
C LEU B 723 40.32 18.92 -26.40
N LEU B 724 39.27 19.46 -25.79
CA LEU B 724 39.40 20.02 -24.44
C LEU B 724 39.73 18.92 -23.45
N ALA B 725 39.10 17.75 -23.60
CA ALA B 725 39.38 16.63 -22.70
C ALA B 725 40.82 16.16 -22.87
N ALA B 726 41.30 16.07 -24.12
CA ALA B 726 42.68 15.65 -24.35
C ALA B 726 43.65 16.67 -23.77
N HIS B 727 43.31 17.96 -23.84
CA HIS B 727 44.17 19.00 -23.30
C HIS B 727 44.23 18.91 -21.79
N ARG B 728 43.08 18.69 -21.14
CA ARG B 728 43.06 18.58 -19.68
C ARG B 728 43.81 17.34 -19.21
N GLY B 729 43.68 16.24 -19.96
CA GLY B 729 44.36 15.00 -19.60
C GLY B 729 45.84 14.97 -19.88
N GLY B 730 46.37 16.00 -20.53
CA GLY B 730 47.80 16.04 -20.83
C GLY B 730 48.20 15.26 -22.06
N ILE B 731 47.29 15.07 -23.00
CA ILE B 731 47.58 14.33 -24.23
C ILE B 731 47.96 15.31 -25.33
N LYS B 732 49.11 15.08 -25.96
CA LYS B 732 49.60 15.96 -27.02
C LYS B 732 49.27 15.45 -28.43
N THR B 733 49.30 14.14 -28.65
CA THR B 733 49.01 13.56 -29.96
C THR B 733 47.54 13.14 -30.00
N VAL B 734 46.80 13.70 -30.96
CA VAL B 734 45.38 13.40 -31.14
C VAL B 734 45.14 13.08 -32.61
N LEU B 735 44.49 11.95 -32.86
CA LEU B 735 44.18 11.51 -34.22
C LEU B 735 42.68 11.70 -34.47
N ILE B 736 42.36 12.52 -35.47
CA ILE B 736 40.97 12.79 -35.82
C ILE B 736 40.77 12.50 -37.29
N PRO B 737 39.52 12.28 -37.73
CA PRO B 737 39.28 12.01 -39.15
C PRO B 737 39.67 13.19 -40.02
N PHE B 738 39.95 12.88 -41.29
CA PHE B 738 40.35 13.92 -42.24
C PHE B 738 39.18 14.84 -42.58
N GLU B 739 37.98 14.28 -42.73
CA GLU B 739 36.81 15.09 -43.08
C GLU B 739 36.51 16.16 -42.03
N ASN B 740 36.95 15.96 -40.80
CA ASN B 740 36.72 16.95 -39.73
C ASN B 740 37.77 18.04 -39.72
N LYS B 741 38.75 18.00 -40.63
CA LYS B 741 39.79 19.03 -40.68
C LYS B 741 39.18 20.42 -40.85
N ARG B 742 38.19 20.55 -41.73
CA ARG B 742 37.55 21.84 -41.94
C ARG B 742 36.90 22.39 -40.69
N ASP B 743 36.66 21.54 -39.68
CA ASP B 743 36.06 22.01 -38.44
C ASP B 743 37.07 22.66 -37.52
N LEU B 744 38.37 22.37 -37.71
CA LEU B 744 39.40 22.96 -36.86
C LEU B 744 39.40 24.49 -36.94
N GLU B 745 38.88 25.06 -38.03
CA GLU B 745 38.84 26.51 -38.17
C GLU B 745 37.87 27.15 -37.18
N GLU B 746 36.97 26.37 -36.59
CA GLU B 746 36.00 26.87 -35.63
C GLU B 746 36.44 26.64 -34.19
N ILE B 747 37.68 26.24 -33.98
CA ILE B 747 38.23 25.97 -32.65
C ILE B 747 39.26 27.06 -32.34
N PRO B 748 39.24 27.66 -31.15
CA PRO B 748 40.22 28.70 -30.83
C PRO B 748 41.64 28.16 -30.85
N ASP B 749 42.59 29.08 -31.04
CA ASP B 749 44.00 28.72 -31.09
C ASP B 749 44.54 28.27 -29.73
N ASN B 750 43.90 28.67 -28.63
CA ASN B 750 44.37 28.29 -27.31
C ASN B 750 44.34 26.78 -27.09
N VAL B 751 43.55 26.05 -27.87
CA VAL B 751 43.46 24.61 -27.75
C VAL B 751 44.27 23.89 -28.81
N ILE B 752 44.33 24.45 -30.03
CA ILE B 752 45.08 23.83 -31.10
C ILE B 752 46.58 24.01 -30.93
N ALA B 753 47.01 25.15 -30.35
CA ALA B 753 48.42 25.39 -30.15
C ALA B 753 49.07 24.46 -29.14
N ASP B 754 48.26 23.81 -28.30
CA ASP B 754 48.79 22.90 -27.28
C ASP B 754 48.76 21.44 -27.70
N LEU B 755 47.86 21.05 -28.59
CA LEU B 755 47.74 19.68 -29.05
C LEU B 755 48.27 19.53 -30.47
N ASP B 756 48.77 18.34 -30.77
CA ASP B 756 49.32 18.01 -32.09
C ASP B 756 48.29 17.12 -32.78
N ILE B 757 47.49 17.72 -33.66
CA ILE B 757 46.45 17.00 -34.38
C ILE B 757 47.01 16.53 -35.72
N HIS B 758 46.66 15.30 -36.09
CA HIS B 758 47.11 14.70 -37.35
C HIS B 758 45.88 14.16 -38.08
N PRO B 759 45.34 14.91 -39.05
CA PRO B 759 44.16 14.42 -39.78
C PRO B 759 44.50 13.14 -40.55
N VAL B 760 43.68 12.11 -40.34
CA VAL B 760 43.86 10.82 -40.99
C VAL B 760 42.56 10.42 -41.68
N LYS B 761 42.70 9.52 -42.66
CA LYS B 761 41.56 9.03 -43.43
C LYS B 761 41.58 7.52 -43.67
N ARG B 762 42.69 6.83 -43.40
CA ARG B 762 42.78 5.39 -43.61
C ARG B 762 43.23 4.72 -42.32
N ILE B 763 42.98 3.41 -42.24
CA ILE B 763 43.37 2.65 -41.05
C ILE B 763 44.88 2.49 -40.97
N GLU B 764 45.57 2.49 -42.11
CA GLU B 764 47.03 2.34 -42.12
C GLU B 764 47.71 3.53 -41.46
N GLU B 765 47.20 4.74 -41.69
CA GLU B 765 47.80 5.92 -41.09
C GLU B 765 47.67 5.89 -39.57
N VAL B 766 46.50 5.49 -39.06
CA VAL B 766 46.30 5.43 -37.61
C VAL B 766 47.15 4.31 -37.02
N LEU B 767 47.28 3.19 -37.72
CA LEU B 767 48.09 2.09 -37.22
C LEU B 767 49.57 2.46 -37.22
N THR B 768 50.01 3.30 -38.16
CA THR B 768 51.41 3.71 -38.19
C THR B 768 51.72 4.77 -37.15
N LEU B 769 50.80 5.73 -36.95
CA LEU B 769 51.02 6.78 -35.98
C LEU B 769 50.66 6.37 -34.56
N ALA B 770 50.00 5.24 -34.35
CA ALA B 770 49.62 4.81 -33.01
C ALA B 770 50.48 3.68 -32.46
N LEU B 771 50.94 2.75 -33.29
CA LEU B 771 51.75 1.65 -32.81
C LEU B 771 53.21 2.06 -32.67
N GLN B 772 53.91 1.38 -31.77
CA GLN B 772 55.32 1.69 -31.53
C GLN B 772 56.19 1.27 -32.71
N ASN B 773 55.92 0.11 -33.30
CA ASN B 773 56.68 -0.37 -34.44
C ASN B 773 55.97 -0.01 -35.73
N GLU B 774 56.54 -0.43 -36.86
CA GLU B 774 55.93 -0.13 -38.15
C GLU B 774 54.63 -0.89 -38.38
N PRO B 775 54.57 -2.23 -38.21
CA PRO B 775 53.29 -2.90 -38.46
C PRO B 775 52.23 -2.53 -37.42
N ALA C 247 -12.67 38.86 30.03
CA ALA C 247 -13.57 39.45 31.02
C ALA C 247 -13.31 38.94 32.46
N PRO C 248 -13.16 37.61 32.67
CA PRO C 248 -12.91 37.13 34.03
C PRO C 248 -11.54 37.53 34.56
N ASP C 249 -11.22 37.07 35.78
CA ASP C 249 -9.94 37.41 36.39
C ASP C 249 -8.77 36.83 35.61
N GLU C 250 -8.95 35.62 35.05
CA GLU C 250 -7.88 34.96 34.31
C GLU C 250 -7.37 35.86 33.19
N ASN C 251 -8.28 36.33 32.32
CA ASN C 251 -7.91 37.20 31.21
C ASN C 251 -7.11 38.41 31.68
N GLU C 252 -7.21 38.76 32.96
CA GLU C 252 -6.44 39.89 33.48
C GLU C 252 -5.00 39.46 33.75
N ALA C 253 -4.84 38.39 34.53
CA ALA C 253 -3.50 37.89 34.85
C ALA C 253 -2.71 37.60 33.58
N LEU C 254 -3.33 36.88 32.64
CA LEU C 254 -2.65 36.57 31.38
C LEU C 254 -2.21 37.85 30.68
N LYS C 255 -3.06 38.89 30.71
CA LYS C 255 -2.71 40.15 30.07
C LYS C 255 -1.41 40.70 30.65
N ARG C 256 -1.21 40.54 31.96
CA ARG C 256 0.01 41.03 32.59
C ARG C 256 1.24 40.36 31.99
N LYS C 257 1.14 39.07 31.66
CA LYS C 257 2.27 38.37 31.08
C LYS C 257 2.68 38.98 29.75
N ILE C 258 1.83 39.80 29.15
CA ILE C 258 2.17 40.45 27.89
C ILE C 258 2.95 41.74 28.13
N ASP C 259 2.69 42.42 29.25
CA ASP C 259 3.36 43.67 29.55
C ASP C 259 4.63 43.48 30.37
N ALA C 260 4.73 42.39 31.15
CA ALA C 260 5.90 42.14 31.98
C ALA C 260 7.10 41.62 31.19
N ALA C 261 6.96 41.38 29.90
CA ALA C 261 8.05 40.86 29.06
C ALA C 261 8.31 41.79 27.89
N LYS C 262 9.56 42.18 27.72
CA LYS C 262 9.94 43.06 26.61
C LYS C 262 9.81 42.29 25.30
N MET C 263 9.22 42.92 24.29
CA MET C 263 9.02 42.25 23.02
C MET C 263 9.34 43.11 21.80
N PRO C 264 10.04 42.54 20.80
CA PRO C 264 10.35 43.30 19.57
C PRO C 264 9.13 43.48 18.69
N LYS C 265 9.33 44.00 17.48
CA LYS C 265 8.21 44.23 16.56
C LYS C 265 7.41 42.96 16.28
N GLU C 266 8.08 41.88 15.89
CA GLU C 266 7.37 40.64 15.61
C GLU C 266 6.70 40.08 16.86
N ALA C 267 7.41 40.11 18.00
CA ALA C 267 6.82 39.63 19.23
C ALA C 267 5.67 40.52 19.66
N LYS C 268 5.79 41.83 19.42
CA LYS C 268 4.69 42.72 19.76
C LYS C 268 3.49 42.46 18.87
N GLU C 269 3.73 42.04 17.63
CA GLU C 269 2.63 41.72 16.72
C GLU C 269 1.88 40.49 17.20
N LYS C 270 2.62 39.42 17.53
CA LYS C 270 1.92 38.25 18.04
C LYS C 270 1.27 38.52 19.38
N ALA C 271 1.87 39.42 20.18
CA ALA C 271 1.27 39.78 21.46
C ALA C 271 -0.04 40.52 21.25
N GLU C 272 -0.10 41.39 20.23
CA GLU C 272 -1.32 42.10 19.93
C GLU C 272 -2.39 41.13 19.44
N ALA C 273 -1.97 40.14 18.64
CA ALA C 273 -2.92 39.14 18.16
C ALA C 273 -3.51 38.36 19.33
N GLU C 274 -2.65 37.96 20.27
CA GLU C 274 -3.13 37.23 21.44
C GLU C 274 -4.04 38.13 22.29
N LEU C 275 -3.69 39.41 22.39
CA LEU C 275 -4.52 40.34 23.15
C LEU C 275 -5.91 40.42 22.53
N GLN C 276 -5.97 40.45 21.21
CA GLN C 276 -7.27 40.47 20.53
C GLN C 276 -8.00 39.16 20.80
N LYS C 277 -7.26 38.06 20.93
CA LYS C 277 -7.84 36.76 21.24
C LYS C 277 -8.15 36.60 22.72
N LEU C 278 -7.62 37.48 23.56
CA LEU C 278 -7.83 37.43 25.00
C LEU C 278 -9.05 38.29 25.36
N LYS C 279 -9.22 38.56 26.66
CA LYS C 279 -10.32 39.36 27.19
C LYS C 279 -11.68 38.73 26.89
N MET C 280 -11.70 37.43 26.60
CA MET C 280 -12.92 36.70 26.29
C MET C 280 -13.32 35.87 27.52
N MET C 281 -14.34 35.03 27.35
CA MET C 281 -14.82 34.19 28.44
C MET C 281 -13.79 33.11 28.76
N SER C 282 -13.36 33.06 30.01
CA SER C 282 -12.39 32.07 30.45
C SER C 282 -12.94 30.65 30.50
N PRO C 283 -14.22 30.40 30.88
CA PRO C 283 -14.70 29.01 30.90
C PRO C 283 -14.95 28.45 29.50
N MET C 284 -14.58 29.20 28.47
CA MET C 284 -14.78 28.75 27.10
C MET C 284 -13.87 27.55 26.85
N SER C 285 -14.48 26.38 26.72
CA SER C 285 -13.72 25.15 26.48
C SER C 285 -12.92 25.22 25.19
N ALA C 286 -11.65 24.82 25.27
CA ALA C 286 -10.71 24.79 24.16
C ALA C 286 -10.43 26.17 23.57
N GLU C 287 -10.80 27.24 24.25
CA GLU C 287 -10.58 28.59 23.76
C GLU C 287 -9.64 29.40 24.66
N ALA C 288 -9.85 29.35 25.97
CA ALA C 288 -8.98 30.09 26.89
C ALA C 288 -7.69 29.32 27.17
N THR C 289 -7.74 27.99 27.16
CA THR C 289 -6.54 27.21 27.44
C THR C 289 -5.52 27.35 26.31
N VAL C 290 -5.98 27.38 25.06
CA VAL C 290 -5.05 27.50 23.93
C VAL C 290 -4.40 28.89 23.94
N VAL C 291 -5.17 29.94 24.22
CA VAL C 291 -4.56 31.27 24.25
C VAL C 291 -3.63 31.38 25.44
N ARG C 292 -3.95 30.73 26.56
CA ARG C 292 -3.05 30.76 27.71
C ARG C 292 -1.74 30.07 27.37
N GLY C 293 -1.84 28.93 26.67
CA GLY C 293 -0.62 28.23 26.27
C GLY C 293 0.19 29.06 25.31
N TYR C 294 -0.48 29.79 24.40
CA TYR C 294 0.23 30.64 23.46
C TYR C 294 0.96 31.76 24.21
N ILE C 295 0.32 32.32 25.23
CA ILE C 295 0.96 33.37 26.03
C ILE C 295 2.18 32.81 26.72
N ASP C 296 2.06 31.61 27.30
CA ASP C 296 3.19 30.99 27.97
C ASP C 296 4.33 30.73 26.99
N TRP C 297 4.00 30.27 25.78
CA TRP C 297 5.03 30.02 24.78
C TRP C 297 5.74 31.32 24.42
N MET C 298 4.98 32.38 24.18
CA MET C 298 5.60 33.66 23.84
C MET C 298 6.52 34.13 24.95
N VAL C 299 6.07 34.02 26.20
CA VAL C 299 6.93 34.41 27.32
C VAL C 299 8.17 33.54 27.36
N GLN C 300 8.06 32.28 26.92
CA GLN C 300 9.20 31.38 26.91
C GLN C 300 10.06 31.55 25.66
N VAL C 301 9.49 32.06 24.57
CA VAL C 301 10.29 32.26 23.35
C VAL C 301 11.38 33.27 23.63
N PRO C 302 12.63 33.01 23.26
CA PRO C 302 13.71 33.97 23.56
C PRO C 302 13.79 35.13 22.57
N TRP C 303 14.15 36.29 23.10
CA TRP C 303 14.34 37.53 22.38
C TRP C 303 14.92 38.54 23.37
N ASN C 304 15.71 39.48 22.85
CA ASN C 304 16.36 40.51 23.66
C ASN C 304 17.28 39.91 24.72
N ALA C 305 17.71 38.68 24.50
CA ALA C 305 18.58 37.97 25.43
C ALA C 305 19.30 36.88 24.63
N ARG C 306 20.58 36.67 24.95
CA ARG C 306 21.37 35.67 24.24
C ARG C 306 22.51 35.21 25.14
N SER C 307 23.20 34.17 24.67
CA SER C 307 24.35 33.62 25.38
C SER C 307 25.60 34.39 24.98
N LYS C 308 26.50 34.59 25.94
CA LYS C 308 27.74 35.31 25.67
C LYS C 308 28.63 34.44 24.80
N VAL C 309 28.63 34.71 23.49
CA VAL C 309 29.45 33.93 22.56
C VAL C 309 30.91 34.34 22.72
N LYS C 310 31.78 33.35 22.83
CA LYS C 310 33.21 33.60 22.99
C LYS C 310 33.84 33.94 21.64
N LYS C 311 34.85 34.80 21.68
CA LYS C 311 35.55 35.24 20.47
C LYS C 311 36.95 34.65 20.33
N ASP C 312 37.60 34.25 21.43
CA ASP C 312 38.93 33.68 21.35
C ASP C 312 38.88 32.25 20.83
N LEU C 313 39.95 31.86 20.14
CA LEU C 313 40.04 30.52 19.57
C LEU C 313 40.91 29.57 20.38
N ARG C 314 41.84 30.12 21.19
CA ARG C 314 42.70 29.25 22.00
C ARG C 314 41.87 28.45 23.00
N GLN C 315 40.93 29.12 23.67
CA GLN C 315 40.08 28.42 24.63
C GLN C 315 39.22 27.38 23.92
N ALA C 316 38.80 27.67 22.69
CA ALA C 316 38.00 26.70 21.95
C ALA C 316 38.81 25.45 21.66
N GLN C 317 40.08 25.62 21.29
CA GLN C 317 40.93 24.47 21.04
C GLN C 317 41.18 23.68 22.31
N GLU C 318 41.41 24.38 23.43
CA GLU C 318 41.64 23.70 24.69
C GLU C 318 40.40 22.90 25.11
N ILE C 319 39.21 23.44 24.83
CA ILE C 319 37.99 22.72 25.17
C ILE C 319 37.80 21.52 24.25
N LEU C 320 38.07 21.69 22.96
CA LEU C 320 37.92 20.60 22.01
C LEU C 320 38.95 19.50 22.24
N ASP C 321 40.05 19.79 22.92
CA ASP C 321 41.08 18.79 23.18
C ASP C 321 40.72 17.87 24.33
N THR C 322 39.63 18.13 25.06
CA THR C 322 39.23 17.30 26.18
C THR C 322 37.80 16.78 26.05
N ASP C 323 37.27 16.69 24.83
CA ASP C 323 35.91 16.18 24.68
C ASP C 323 35.91 14.66 24.79
N HIS C 324 36.50 13.97 23.81
CA HIS C 324 36.61 12.51 23.83
C HIS C 324 38.07 12.10 23.79
N TYR C 325 38.77 12.40 22.70
CA TYR C 325 40.19 12.15 22.54
C TYR C 325 40.92 13.25 21.78
N GLY C 326 40.22 14.02 20.95
CA GLY C 326 40.77 15.09 20.15
C GLY C 326 40.81 14.69 18.69
N LEU C 327 41.29 13.46 18.45
CA LEU C 327 41.40 12.81 17.15
C LEU C 327 42.36 13.52 16.19
N GLU C 328 42.78 14.74 16.55
CA GLU C 328 43.72 15.54 15.77
C GLU C 328 43.34 15.69 14.29
N ARG C 329 42.12 15.29 13.92
CA ARG C 329 41.72 15.40 12.52
C ARG C 329 40.44 16.22 12.31
N VAL C 330 39.39 15.92 13.08
CA VAL C 330 38.12 16.62 12.92
C VAL C 330 38.14 17.94 13.69
N LYS C 331 38.71 17.96 14.89
CA LYS C 331 38.74 19.19 15.68
C LYS C 331 39.37 20.32 14.89
N ASP C 332 40.41 20.02 14.09
CA ASP C 332 41.03 21.06 13.28
C ASP C 332 40.00 21.71 12.37
N ARG C 333 39.24 20.90 11.64
CA ARG C 333 38.19 21.44 10.78
C ARG C 333 37.23 22.29 11.59
N ILE C 334 36.85 21.81 12.77
CA ILE C 334 35.94 22.58 13.63
C ILE C 334 36.54 23.94 13.91
N LEU C 335 37.82 23.96 14.29
CA LEU C 335 38.50 25.22 14.57
C LEU C 335 38.43 26.14 13.36
N GLU C 336 38.64 25.57 12.16
CA GLU C 336 38.56 26.38 10.95
C GLU C 336 37.20 27.07 10.87
N TYR C 337 36.14 26.29 11.06
CA TYR C 337 34.81 26.86 11.02
C TYR C 337 34.66 27.96 12.06
N LEU C 338 35.14 27.71 13.27
CA LEU C 338 35.05 28.72 14.33
C LEU C 338 35.76 29.99 13.90
N ALA C 339 36.92 29.85 13.26
CA ALA C 339 37.66 31.02 12.80
C ALA C 339 36.82 31.80 11.79
N VAL C 340 36.16 31.08 10.88
CA VAL C 340 35.31 31.75 9.89
C VAL C 340 34.16 32.45 10.59
N GLN C 341 33.73 31.93 11.73
CA GLN C 341 32.64 32.51 12.50
C GLN C 341 33.15 33.45 13.59
N SER C 342 34.45 33.73 13.62
CA SER C 342 35.03 34.63 14.61
C SER C 342 35.01 36.09 14.18
N ARG C 343 34.20 36.42 13.18
CA ARG C 343 34.10 37.79 12.68
C ARG C 343 32.71 38.39 12.88
N VAL C 344 31.67 37.67 12.46
CA VAL C 344 30.29 38.14 12.59
C VAL C 344 29.44 37.00 13.15
N ASN C 345 28.23 37.35 13.56
CA ASN C 345 27.28 36.39 14.11
C ASN C 345 26.45 35.71 13.04
N LYS C 346 26.76 35.94 11.77
CA LYS C 346 26.03 35.33 10.65
C LYS C 346 26.85 34.19 10.07
N ILE C 347 26.24 33.00 10.02
CA ILE C 347 26.94 31.83 9.49
C ILE C 347 27.19 32.00 7.99
N LYS C 348 26.11 32.10 7.22
CA LYS C 348 26.18 32.28 5.77
C LYS C 348 27.04 31.20 5.12
N GLY C 349 26.73 29.94 5.43
CA GLY C 349 27.48 28.82 4.88
C GLY C 349 27.04 27.48 5.41
N PRO C 350 28.00 26.56 5.54
CA PRO C 350 27.67 25.21 6.04
C PRO C 350 27.19 25.16 7.48
N ILE C 351 26.85 23.96 7.96
CA ILE C 351 26.36 23.77 9.31
C ILE C 351 27.20 22.74 10.07
N LEU C 352 28.38 22.39 9.57
CA LEU C 352 29.28 21.44 10.20
C LEU C 352 28.63 20.08 10.44
N CYS C 353 28.30 19.41 9.35
CA CYS C 353 27.68 18.08 9.42
C CYS C 353 28.74 17.03 9.72
N LEU C 354 28.43 16.12 10.64
CA LEU C 354 29.33 15.04 11.04
C LEU C 354 28.75 13.70 10.60
N VAL C 355 29.60 12.85 10.03
CA VAL C 355 29.18 11.53 9.56
C VAL C 355 30.23 10.52 9.98
N GLY C 356 29.79 9.30 10.25
CA GLY C 356 30.67 8.23 10.66
C GLY C 356 29.90 7.08 11.29
N PRO C 357 30.60 5.99 11.59
CA PRO C 357 29.93 4.84 12.20
C PRO C 357 29.44 5.17 13.59
N PRO C 358 28.38 4.52 14.06
CA PRO C 358 27.87 4.81 15.42
C PRO C 358 28.86 4.39 16.48
N GLY C 359 28.79 5.05 17.62
CA GLY C 359 29.67 4.78 18.73
C GLY C 359 30.87 5.69 18.85
N VAL C 360 30.85 6.85 18.19
CA VAL C 360 31.96 7.79 18.25
C VAL C 360 31.53 9.01 19.05
N GLY C 361 32.46 9.94 19.24
CA GLY C 361 32.18 11.14 20.01
C GLY C 361 31.36 12.22 19.32
N LYS C 362 30.21 11.84 18.75
CA LYS C 362 29.37 12.84 18.09
C LYS C 362 28.72 13.77 19.09
N THR C 363 28.02 13.21 20.08
CA THR C 363 27.40 14.03 21.11
C THR C 363 28.44 14.79 21.91
N SER C 364 29.59 14.14 22.15
CA SER C 364 30.67 14.81 22.88
C SER C 364 31.20 15.98 22.07
N LEU C 365 31.32 15.82 20.75
CA LEU C 365 31.78 16.91 19.91
C LEU C 365 30.79 18.06 19.94
N GLY C 366 29.50 17.74 19.88
CA GLY C 366 28.48 18.79 19.93
C GLY C 366 28.53 19.56 21.24
N GLN C 367 28.65 18.83 22.36
CA GLN C 367 28.73 19.50 23.66
C GLN C 367 29.98 20.33 23.77
N SER C 368 31.11 19.83 23.24
CA SER C 368 32.36 20.60 23.29
C SER C 368 32.23 21.87 22.46
N ILE C 369 31.56 21.79 21.31
CA ILE C 369 31.38 22.97 20.48
C ILE C 369 30.49 23.97 21.21
N ALA C 370 29.45 23.49 21.88
CA ALA C 370 28.57 24.38 22.63
C ALA C 370 29.33 25.07 23.75
N LYS C 371 30.21 24.34 24.44
CA LYS C 371 30.97 24.93 25.53
C LYS C 371 32.00 25.93 25.00
N ALA C 372 32.64 25.61 23.87
CA ALA C 372 33.64 26.51 23.29
C ALA C 372 33.00 27.79 22.77
N THR C 373 31.82 27.69 22.19
CA THR C 373 31.12 28.85 21.65
C THR C 373 30.36 29.64 22.72
N GLY C 374 30.30 29.12 23.94
CA GLY C 374 29.59 29.81 25.01
C GLY C 374 28.09 29.88 24.83
N ARG C 375 27.51 28.97 24.04
CA ARG C 375 26.08 28.94 23.79
C ARG C 375 25.47 27.71 24.46
N LYS C 376 24.21 27.83 24.86
CA LYS C 376 23.52 26.73 25.52
C LYS C 376 23.36 25.55 24.57
N TYR C 377 23.39 24.35 25.14
CA TYR C 377 23.28 23.11 24.38
C TYR C 377 21.85 22.59 24.38
N VAL C 378 21.38 22.17 23.22
CA VAL C 378 20.04 21.62 23.04
C VAL C 378 20.08 20.63 21.88
N ARG C 379 19.38 19.51 22.04
CA ARG C 379 19.36 18.48 21.01
C ARG C 379 17.94 18.21 20.52
N MET C 380 17.86 17.67 19.31
CA MET C 380 16.62 17.32 18.65
C MET C 380 16.92 16.22 17.65
N ALA C 381 16.18 15.12 17.72
CA ALA C 381 16.41 13.99 16.83
C ALA C 381 15.58 14.11 15.56
N LEU C 382 16.25 13.94 14.41
CA LEU C 382 15.60 14.01 13.11
C LEU C 382 15.19 12.64 12.60
N GLY C 383 15.70 11.57 13.18
CA GLY C 383 15.35 10.24 12.73
C GLY C 383 13.88 9.92 13.03
N GLY C 384 13.27 9.17 12.12
CA GLY C 384 11.87 8.80 12.26
C GLY C 384 10.88 9.88 11.90
N VAL C 385 11.34 11.10 11.64
CA VAL C 385 10.45 12.20 11.30
C VAL C 385 9.98 12.02 9.86
N ARG C 386 8.65 12.06 9.66
CA ARG C 386 8.07 11.90 8.33
C ARG C 386 6.93 12.86 8.07
N ASP C 387 6.71 13.86 8.94
CA ASP C 387 5.63 14.81 8.76
C ASP C 387 6.10 16.18 9.20
N GLU C 388 5.57 17.21 8.52
CA GLU C 388 5.91 18.59 8.88
C GLU C 388 5.35 18.97 10.23
N ALA C 389 4.39 18.21 10.75
CA ALA C 389 3.80 18.48 12.05
C ALA C 389 4.76 18.18 13.19
N GLU C 390 5.94 17.63 12.90
CA GLU C 390 6.93 17.33 13.92
C GLU C 390 7.90 18.50 14.10
N ILE C 391 8.29 19.15 13.01
CA ILE C 391 9.17 20.30 13.10
C ILE C 391 8.34 21.53 13.43
N ARG C 392 7.21 21.70 12.74
CA ARG C 392 6.30 22.80 12.96
C ARG C 392 5.16 22.33 13.86
N GLY C 393 4.35 23.28 14.30
CA GLY C 393 3.22 23.00 15.16
C GLY C 393 1.97 22.72 14.38
N HIS C 394 0.84 22.78 15.08
CA HIS C 394 -0.46 22.56 14.48
C HIS C 394 -1.11 23.92 14.20
N ARG C 395 -2.24 23.88 13.50
CA ARG C 395 -2.94 25.11 13.15
C ARG C 395 -3.45 25.81 14.42
N ARG C 396 -3.68 27.12 14.29
CA ARG C 396 -4.18 27.91 15.40
C ARG C 396 -5.64 27.56 15.62
N THR C 397 -5.89 26.53 16.43
CA THR C 397 -7.22 26.04 16.71
C THR C 397 -7.32 25.70 18.19
N TYR C 398 -8.31 24.89 18.54
CA TYR C 398 -8.59 24.47 19.92
C TYR C 398 -7.35 23.93 20.64
N ILE C 399 -7.40 23.94 21.99
CA ILE C 399 -6.31 23.48 22.83
C ILE C 399 -5.82 22.10 22.38
N GLY C 400 -4.52 21.87 22.51
CA GLY C 400 -3.89 20.63 22.09
C GLY C 400 -2.98 20.82 20.92
N SER C 401 -3.12 21.91 20.18
CA SER C 401 -2.30 22.22 19.02
C SER C 401 -1.00 22.84 19.52
N MET C 402 -0.13 21.99 20.06
CA MET C 402 1.14 22.45 20.59
C MET C 402 2.11 22.74 19.44
N PRO C 403 3.05 23.67 19.66
CA PRO C 403 4.01 24.00 18.60
C PRO C 403 4.92 22.82 18.29
N GLY C 404 5.73 23.00 17.26
CA GLY C 404 6.65 21.97 16.84
C GLY C 404 7.77 21.75 17.84
N LYS C 405 8.56 20.71 17.57
CA LYS C 405 9.68 20.38 18.44
C LYS C 405 10.67 21.53 18.51
N LEU C 406 10.92 22.18 17.37
CA LEU C 406 11.87 23.30 17.35
C LEU C 406 11.41 24.44 18.25
N ILE C 407 10.14 24.82 18.13
CA ILE C 407 9.62 25.91 18.96
C ILE C 407 9.68 25.55 20.43
N GLN C 408 9.40 24.28 20.77
CA GLN C 408 9.46 23.86 22.16
C GLN C 408 10.90 23.95 22.69
N LYS C 409 11.87 23.48 21.89
CA LYS C 409 13.26 23.56 22.30
C LYS C 409 13.70 25.00 22.49
N MET C 410 13.25 25.89 21.58
CA MET C 410 13.61 27.30 21.70
C MET C 410 12.95 27.94 22.92
N ALA C 411 11.75 27.50 23.27
CA ALA C 411 11.06 28.04 24.43
C ALA C 411 11.74 27.59 25.72
N LYS C 412 12.23 26.35 25.74
CA LYS C 412 12.91 25.84 26.92
C LYS C 412 14.27 26.49 27.11
N VAL C 413 14.96 26.78 26.01
CA VAL C 413 16.28 27.41 26.04
C VAL C 413 16.07 28.89 25.80
N GLY C 414 16.06 29.68 26.86
CA GLY C 414 15.83 31.11 26.76
C GLY C 414 16.96 31.97 26.19
N VAL C 415 17.52 31.57 25.06
CA VAL C 415 18.59 32.33 24.40
C VAL C 415 18.29 32.36 22.91
N LYS C 416 18.63 33.49 22.28
CA LYS C 416 18.37 33.65 20.86
C LYS C 416 19.44 33.02 19.97
N ASN C 417 20.58 32.61 20.53
CA ASN C 417 21.67 32.01 19.76
C ASN C 417 22.11 30.70 20.40
N PRO C 418 21.27 29.67 20.35
CA PRO C 418 21.65 28.37 20.92
C PRO C 418 22.25 27.45 19.86
N LEU C 419 22.81 26.34 20.34
CA LEU C 419 23.40 25.34 19.46
C LEU C 419 22.38 24.23 19.27
N PHE C 420 21.69 24.26 18.13
CA PHE C 420 20.66 23.27 17.82
C PHE C 420 21.30 22.11 17.07
N LEU C 421 21.33 20.94 17.71
CA LEU C 421 21.91 19.75 17.12
C LEU C 421 20.84 18.94 16.38
N LEU C 422 21.18 18.48 15.18
CA LEU C 422 20.28 17.68 14.35
C LEU C 422 20.84 16.27 14.28
N ASP C 423 20.32 15.39 15.11
CA ASP C 423 20.78 14.01 15.17
C ASP C 423 19.98 13.12 14.22
N GLU C 424 20.67 12.15 13.62
CA GLU C 424 20.08 11.19 12.68
C GLU C 424 19.37 11.89 11.53
N ILE C 425 20.14 12.66 10.77
CA ILE C 425 19.56 13.37 9.63
C ILE C 425 19.34 12.40 8.46
N ASP C 426 20.12 11.32 8.40
CA ASP C 426 19.97 10.34 7.34
C ASP C 426 18.78 9.42 7.55
N LYS C 427 18.27 9.34 8.78
CA LYS C 427 17.13 8.49 9.09
C LYS C 427 15.80 9.17 8.83
N MET C 428 15.80 10.46 8.50
CA MET C 428 14.55 11.16 8.24
C MET C 428 13.95 10.68 6.93
N SER C 429 12.62 10.57 6.91
CA SER C 429 11.90 10.11 5.72
C SER C 429 10.76 11.07 5.42
N SER C 430 9.99 10.74 4.39
CA SER C 430 8.85 11.54 3.94
C SER C 430 7.72 10.57 3.60
N ASP C 431 6.84 10.31 4.57
CA ASP C 431 5.74 9.38 4.34
C ASP C 431 4.38 9.87 4.82
N MET C 432 4.29 10.86 5.70
CA MET C 432 2.99 11.32 6.20
C MET C 432 2.45 12.54 5.47
N ARG C 433 3.20 13.65 5.47
CA ARG C 433 2.77 14.90 4.83
C ARG C 433 3.92 15.47 4.01
N GLY C 434 3.95 15.11 2.72
CA GLY C 434 4.99 15.61 1.83
C GLY C 434 6.38 15.30 2.37
N ASP C 435 7.29 16.24 2.16
CA ASP C 435 8.68 16.11 2.62
C ASP C 435 8.99 17.20 3.63
N PRO C 436 9.24 16.86 4.90
CA PRO C 436 9.56 17.90 5.90
C PRO C 436 10.88 18.61 5.65
N ALA C 437 11.70 18.11 4.73
CA ALA C 437 12.98 18.73 4.44
C ALA C 437 12.80 20.21 4.11
N SER C 438 11.72 20.55 3.39
CA SER C 438 11.47 21.93 3.04
C SER C 438 11.41 22.80 4.29
N ALA C 439 10.66 22.34 5.31
CA ALA C 439 10.58 23.09 6.55
C ALA C 439 11.97 23.25 7.15
N LEU C 440 12.76 22.18 7.13
CA LEU C 440 14.12 22.27 7.64
C LEU C 440 14.89 23.37 6.92
N LEU C 441 14.75 23.45 5.60
CA LEU C 441 15.42 24.50 4.85
C LEU C 441 14.95 25.87 5.31
N GLU C 442 13.64 26.02 5.52
CA GLU C 442 13.10 27.30 5.96
C GLU C 442 13.68 27.69 7.31
N VAL C 443 14.06 26.70 8.13
CA VAL C 443 14.63 26.99 9.44
C VAL C 443 16.15 26.98 9.42
N LEU C 444 16.77 26.64 8.29
CA LEU C 444 18.22 26.59 8.17
C LEU C 444 18.78 27.58 7.17
N ASP C 445 18.04 27.91 6.12
CA ASP C 445 18.53 28.88 5.13
C ASP C 445 18.58 30.26 5.77
N PRO C 446 19.73 30.95 5.73
CA PRO C 446 19.80 32.29 6.35
C PRO C 446 18.80 33.28 5.77
N GLU C 447 18.29 33.05 4.57
CA GLU C 447 17.32 33.94 3.95
C GLU C 447 15.88 33.61 4.33
N GLN C 448 15.65 32.48 4.99
CA GLN C 448 14.32 32.06 5.40
C GLN C 448 14.15 31.92 6.91
N ASN C 449 15.22 31.65 7.65
CA ASN C 449 15.10 31.51 9.11
C ASN C 449 14.79 32.83 9.79
N VAL C 450 15.13 33.96 9.15
CA VAL C 450 14.85 35.26 9.75
C VAL C 450 13.35 35.51 9.82
N ALA C 451 12.58 34.90 8.93
CA ALA C 451 11.13 35.04 8.88
C ALA C 451 10.46 33.68 8.85
N PHE C 452 10.93 32.76 9.68
CA PHE C 452 10.37 31.42 9.74
C PHE C 452 9.00 31.46 10.41
N SER C 453 7.98 30.96 9.71
CA SER C 453 6.62 30.93 10.23
C SER C 453 6.22 29.51 10.58
N ASP C 454 5.47 29.37 11.66
CA ASP C 454 4.99 28.09 12.15
C ASP C 454 3.48 28.02 11.98
N HIS C 455 2.94 26.79 12.09
CA HIS C 455 1.49 26.64 11.96
C HIS C 455 0.79 27.25 13.17
N TYR C 456 1.35 27.08 14.36
CA TYR C 456 0.80 27.64 15.58
C TYR C 456 1.31 29.06 15.78
N LEU C 457 2.62 29.25 15.61
CA LEU C 457 3.26 30.56 15.73
C LEU C 457 3.37 31.17 14.33
N GLU C 458 2.19 31.52 13.79
CA GLU C 458 2.10 32.09 12.45
C GLU C 458 2.93 33.35 12.27
N VAL C 459 3.23 34.06 13.35
CA VAL C 459 4.03 35.28 13.25
C VAL C 459 5.49 34.90 13.02
N ASP C 460 6.12 35.57 12.06
CA ASP C 460 7.52 35.29 11.74
C ASP C 460 8.42 35.48 12.96
N TYR C 461 9.38 34.58 13.11
CA TYR C 461 10.33 34.61 14.20
C TYR C 461 11.75 34.61 13.64
N ASP C 462 12.62 35.43 14.23
CA ASP C 462 14.00 35.54 13.79
C ASP C 462 14.82 34.36 14.31
N LEU C 463 15.37 33.56 13.38
CA LEU C 463 16.18 32.40 13.73
C LEU C 463 17.54 32.43 13.03
N SER C 464 17.99 33.60 12.59
CA SER C 464 19.28 33.69 11.91
C SER C 464 20.44 33.55 12.88
N ASP C 465 20.24 33.90 14.15
CA ASP C 465 21.32 33.79 15.13
C ASP C 465 21.45 32.39 15.72
N VAL C 466 20.56 31.47 15.38
CA VAL C 466 20.62 30.11 15.90
C VAL C 466 21.58 29.29 15.06
N MET C 467 22.58 28.70 15.72
CA MET C 467 23.58 27.87 15.04
C MET C 467 23.08 26.43 14.99
N PHE C 468 23.14 25.83 13.81
CA PHE C 468 22.68 24.46 13.62
C PHE C 468 23.86 23.54 13.28
N VAL C 469 23.78 22.32 13.78
CA VAL C 469 24.79 21.29 13.57
C VAL C 469 24.06 19.97 13.34
N ALA C 470 24.45 19.24 12.30
CA ALA C 470 23.82 17.98 11.97
C ALA C 470 24.81 16.83 12.10
N THR C 471 24.29 15.66 12.43
CA THR C 471 25.07 14.45 12.58
C THR C 471 24.39 13.33 11.82
N SER C 472 25.17 12.37 11.34
CA SER C 472 24.63 11.26 10.57
C SER C 472 25.58 10.08 10.64
N ASN C 473 25.13 8.95 10.11
CA ASN C 473 25.89 7.71 10.07
C ASN C 473 26.45 7.43 8.67
N SER C 474 25.63 7.62 7.65
CA SER C 474 26.03 7.39 6.26
C SER C 474 25.97 8.72 5.49
N MET C 475 26.56 8.69 4.30
CA MET C 475 26.60 9.86 3.42
C MET C 475 25.37 9.97 2.53
N ASN C 476 24.30 9.23 2.84
CA ASN C 476 23.07 9.27 2.05
C ASN C 476 22.12 10.33 2.59
N ILE C 477 22.59 11.58 2.53
CA ILE C 477 21.82 12.73 2.99
C ILE C 477 20.93 13.18 1.84
N PRO C 478 19.66 13.52 2.10
CA PRO C 478 18.77 13.95 1.02
C PRO C 478 19.34 15.15 0.28
N ALA C 479 19.11 15.18 -1.04
CA ALA C 479 19.60 16.28 -1.88
C ALA C 479 19.18 17.66 -1.39
N PRO C 480 17.92 17.93 -1.02
CA PRO C 480 17.58 19.28 -0.56
C PRO C 480 18.29 19.67 0.73
N LEU C 481 18.63 18.71 1.58
CA LEU C 481 19.31 18.99 2.84
C LEU C 481 20.83 19.02 2.69
N LEU C 482 21.35 18.76 1.49
CA LEU C 482 22.79 18.77 1.28
C LEU C 482 23.34 20.18 1.08
N ASP C 483 22.50 21.12 0.64
CA ASP C 483 22.96 22.48 0.42
C ASP C 483 23.30 23.16 1.74
N ARG C 484 24.29 24.06 1.69
CA ARG C 484 24.75 24.80 2.86
C ARG C 484 25.16 23.84 3.97
N MET C 485 25.95 22.83 3.62
CA MET C 485 26.36 21.84 4.60
C MET C 485 27.74 21.30 4.25
N GLU C 486 28.59 21.15 5.27
CA GLU C 486 29.93 20.62 5.12
C GLU C 486 29.99 19.25 5.77
N VAL C 487 30.40 18.25 5.00
CA VAL C 487 30.48 16.87 5.49
C VAL C 487 31.86 16.61 6.06
N ILE C 488 31.89 16.13 7.31
CA ILE C 488 33.12 15.80 8.02
C ILE C 488 33.00 14.33 8.40
N ARG C 489 33.82 13.49 7.79
CA ARG C 489 33.78 12.05 8.04
C ARG C 489 34.67 11.65 9.20
N LEU C 490 34.15 10.76 10.05
CA LEU C 490 34.84 10.23 11.20
C LEU C 490 35.09 8.74 10.99
N SER C 491 36.09 8.22 11.70
CA SER C 491 36.41 6.80 11.57
C SER C 491 36.62 6.14 12.92
N GLY C 492 37.06 4.88 12.92
CA GLY C 492 37.30 4.15 14.14
C GLY C 492 38.60 4.56 14.82
N TYR C 493 38.96 3.79 15.83
CA TYR C 493 40.18 4.02 16.60
C TYR C 493 41.03 2.77 16.64
N THR C 494 42.31 2.95 16.91
CA THR C 494 43.26 1.85 16.97
C THR C 494 43.22 1.23 18.37
N GLU C 495 44.10 0.25 18.61
CA GLU C 495 44.14 -0.40 19.91
C GLU C 495 44.62 0.56 20.99
N ASP C 496 45.75 1.22 20.77
CA ASP C 496 46.26 2.17 21.77
C ASP C 496 45.31 3.35 21.94
N GLU C 497 44.70 3.80 20.85
CA GLU C 497 43.76 4.92 20.93
C GLU C 497 42.54 4.53 21.78
N LYS C 498 41.98 3.35 21.52
CA LYS C 498 40.84 2.90 22.31
C LYS C 498 41.23 2.68 23.76
N LEU C 499 42.44 2.19 24.00
CA LEU C 499 42.91 1.98 25.37
C LEU C 499 42.99 3.32 26.12
N ASN C 500 43.57 4.33 25.47
CA ASN C 500 43.68 5.64 26.10
C ASN C 500 42.30 6.24 26.32
N ILE C 501 41.38 6.06 25.36
CA ILE C 501 40.03 6.60 25.52
C ILE C 501 39.33 5.94 26.69
N ALA C 502 39.52 4.63 26.84
CA ALA C 502 38.88 3.92 27.95
C ALA C 502 39.48 4.35 29.29
N LYS C 503 40.80 4.52 29.34
CA LYS C 503 41.45 4.93 30.58
C LYS C 503 41.27 6.41 30.89
N ARG C 504 40.79 7.21 29.95
CA ARG C 504 40.60 8.64 30.17
C ARG C 504 39.16 9.02 30.52
N HIS C 505 38.17 8.52 29.79
CA HIS C 505 36.80 8.91 30.10
C HIS C 505 35.86 7.74 30.35
N LEU C 506 35.99 6.64 29.62
CA LEU C 506 35.09 5.50 29.80
C LEU C 506 35.16 4.96 31.23
N LEU C 507 36.37 4.65 31.70
CA LEU C 507 36.51 4.11 33.06
C LEU C 507 36.04 5.08 34.13
N PRO C 508 36.43 6.37 34.14
CA PRO C 508 35.92 7.26 35.20
C PRO C 508 34.42 7.45 35.14
N LYS C 509 33.84 7.57 33.94
CA LYS C 509 32.40 7.75 33.84
C LYS C 509 31.66 6.52 34.34
N GLN C 510 32.12 5.33 33.98
CA GLN C 510 31.45 4.11 34.46
C GLN C 510 31.65 3.92 35.95
N ILE C 511 32.78 4.37 36.50
CA ILE C 511 33.01 4.22 37.94
C ILE C 511 32.11 5.19 38.70
N GLU C 512 31.95 6.41 38.20
CA GLU C 512 31.11 7.39 38.87
C GLU C 512 29.63 7.05 38.73
N ARG C 513 29.24 6.43 37.60
CA ARG C 513 27.83 6.08 37.40
C ARG C 513 27.41 4.93 38.30
N ASN C 514 28.30 3.97 38.54
CA ASN C 514 27.99 2.83 39.39
C ASN C 514 28.16 3.12 40.87
N ALA C 515 28.35 4.39 41.23
CA ALA C 515 28.52 4.81 42.63
C ALA C 515 29.70 4.09 43.28
N LEU C 516 30.84 4.11 42.61
CA LEU C 516 32.06 3.47 43.09
C LEU C 516 33.01 4.51 43.66
N LYS C 517 33.91 4.05 44.52
CA LYS C 517 34.91 4.91 45.14
C LYS C 517 36.17 4.97 44.29
N LYS C 518 37.11 5.82 44.72
CA LYS C 518 38.36 5.96 43.98
C LYS C 518 39.23 4.72 44.11
N GLY C 519 39.22 4.08 45.28
CA GLY C 519 40.04 2.90 45.48
C GLY C 519 39.30 1.60 45.63
N GLU C 520 38.20 1.44 44.89
CA GLU C 520 37.41 0.21 44.95
C GLU C 520 37.67 -0.73 43.78
N LEU C 521 37.87 -0.20 42.58
CA LEU C 521 38.12 -1.02 41.40
C LEU C 521 39.31 -0.46 40.62
N THR C 522 40.23 -1.34 40.24
CA THR C 522 41.43 -0.97 39.49
C THR C 522 41.56 -1.91 38.30
N VAL C 523 41.47 -1.35 37.09
CA VAL C 523 41.58 -2.12 35.86
C VAL C 523 42.85 -1.71 35.13
N ASP C 524 43.65 -2.69 34.75
CA ASP C 524 44.91 -2.45 34.05
C ASP C 524 44.66 -2.40 32.54
N ASP C 525 45.74 -2.23 31.78
CA ASP C 525 45.63 -2.17 30.33
C ASP C 525 45.41 -3.55 29.72
N SER C 526 45.87 -4.61 30.40
CA SER C 526 45.70 -5.96 29.87
C SER C 526 44.23 -6.33 29.73
N ALA C 527 43.42 -5.97 30.72
CA ALA C 527 41.99 -6.28 30.65
C ALA C 527 41.32 -5.55 29.49
N ILE C 528 41.66 -4.27 29.30
CA ILE C 528 41.07 -3.50 28.21
C ILE C 528 41.50 -4.09 26.86
N ILE C 529 42.78 -4.47 26.74
CA ILE C 529 43.25 -5.07 25.49
C ILE C 529 42.53 -6.36 25.22
N GLY C 530 42.34 -7.19 26.25
CA GLY C 530 41.64 -8.45 26.06
C GLY C 530 40.19 -8.24 25.68
N ILE C 531 39.56 -7.20 26.22
CA ILE C 531 38.18 -6.90 25.89
C ILE C 531 38.07 -6.43 24.45
N ILE C 532 39.01 -5.60 24.00
CA ILE C 532 38.96 -5.10 22.63
C ILE C 532 39.30 -6.21 21.64
N ARG C 533 40.11 -7.18 22.03
CA ARG C 533 40.50 -8.25 21.12
C ARG C 533 39.54 -9.44 21.09
N TYR C 534 38.93 -9.81 22.21
CA TYR C 534 38.03 -10.96 22.23
C TYR C 534 36.62 -10.68 22.69
N TYR C 535 36.23 -9.42 22.89
CA TYR C 535 34.87 -9.14 23.34
C TYR C 535 34.14 -8.08 22.53
N THR C 536 34.77 -7.47 21.53
CA THR C 536 34.08 -6.46 20.73
C THR C 536 34.76 -6.35 19.37
N ARG C 537 33.94 -6.14 18.33
CA ARG C 537 34.41 -5.99 16.96
C ARG C 537 33.58 -4.87 16.33
N GLU C 538 34.07 -3.64 16.45
CA GLU C 538 33.38 -2.48 15.92
C GLU C 538 34.37 -1.32 15.83
N ALA C 539 33.91 -0.21 15.26
CA ALA C 539 34.74 0.98 15.12
C ALA C 539 34.59 1.93 16.30
N GLY C 540 33.44 1.91 16.97
CA GLY C 540 33.20 2.78 18.10
C GLY C 540 33.74 2.21 19.40
N VAL C 541 33.16 2.66 20.50
CA VAL C 541 33.56 2.21 21.83
C VAL C 541 32.35 1.75 22.62
N ARG C 542 31.28 1.35 21.91
CA ARG C 542 30.08 0.88 22.60
C ARG C 542 30.35 -0.41 23.36
N GLY C 543 31.05 -1.35 22.72
CA GLY C 543 31.37 -2.60 23.39
C GLY C 543 32.20 -2.40 24.63
N LEU C 544 33.18 -1.48 24.55
CA LEU C 544 34.02 -1.20 25.70
C LEU C 544 33.19 -0.64 26.84
N GLU C 545 32.26 0.27 26.53
CA GLU C 545 31.41 0.85 27.57
C GLU C 545 30.55 -0.22 28.23
N ARG C 546 29.94 -1.10 27.43
CA ARG C 546 29.11 -2.15 27.98
C ARG C 546 29.92 -3.11 28.86
N GLU C 547 31.13 -3.49 28.39
CA GLU C 547 31.95 -4.39 29.17
C GLU C 547 32.39 -3.75 30.48
N ILE C 548 32.77 -2.47 30.45
CA ILE C 548 33.19 -1.81 31.68
C ILE C 548 32.01 -1.69 32.64
N SER C 549 30.80 -1.46 32.10
CA SER C 549 29.63 -1.36 32.96
C SER C 549 29.36 -2.71 33.63
N LYS C 550 29.47 -3.80 32.88
CA LYS C 550 29.27 -5.12 33.44
C LYS C 550 30.31 -5.41 34.52
N LEU C 551 31.57 -5.04 34.25
CA LEU C 551 32.64 -5.25 35.22
C LEU C 551 32.37 -4.48 36.51
N CYS C 552 31.95 -3.23 36.39
CA CYS C 552 31.66 -2.42 37.58
C CYS C 552 30.50 -2.99 38.36
N ARG C 553 29.43 -3.41 37.68
CA ARG C 553 28.28 -3.97 38.38
C ARG C 553 28.66 -5.26 39.11
N LYS C 554 29.39 -6.15 38.44
CA LYS C 554 29.79 -7.39 39.07
C LYS C 554 30.73 -7.13 40.25
N ALA C 555 31.63 -6.16 40.11
CA ALA C 555 32.54 -5.84 41.20
C ALA C 555 31.78 -5.29 42.40
N VAL C 556 30.77 -4.44 42.16
CA VAL C 556 29.99 -3.89 43.25
C VAL C 556 29.23 -5.00 43.97
N LYS C 557 28.61 -5.90 43.21
CA LYS C 557 27.87 -7.00 43.83
C LYS C 557 28.79 -7.93 44.60
N GLN C 558 29.99 -8.19 44.08
CA GLN C 558 30.92 -9.08 44.76
C GLN C 558 31.47 -8.45 46.04
N LEU C 559 31.79 -7.15 45.99
CA LEU C 559 32.32 -6.49 47.18
C LEU C 559 31.25 -6.25 48.23
N LEU C 560 29.99 -6.08 47.81
CA LEU C 560 28.93 -5.85 48.78
C LEU C 560 28.61 -7.12 49.57
N LEU C 561 28.57 -8.27 48.90
CA LEU C 561 28.26 -9.53 49.55
C LEU C 561 29.47 -10.14 50.26
N ASP C 562 30.60 -9.42 50.32
CA ASP C 562 31.80 -9.91 50.99
C ASP C 562 32.45 -8.72 51.70
N LYS C 563 32.12 -8.55 52.99
CA LYS C 563 32.66 -7.45 53.76
C LYS C 563 34.16 -7.61 54.03
N SER C 564 34.70 -8.82 53.83
CA SER C 564 36.12 -9.05 54.05
C SER C 564 36.99 -8.62 52.88
N LEU C 565 36.39 -8.29 51.74
CA LEU C 565 37.11 -7.87 50.56
C LEU C 565 37.28 -6.35 50.59
N LYS C 566 38.53 -5.88 50.52
CA LYS C 566 38.82 -4.46 50.56
C LYS C 566 39.05 -3.83 49.20
N HIS C 567 39.46 -4.61 48.20
CA HIS C 567 39.70 -4.07 46.87
C HIS C 567 39.61 -5.17 45.84
N ILE C 568 39.13 -4.82 44.65
CA ILE C 568 38.97 -5.74 43.54
C ILE C 568 39.85 -5.28 42.39
N GLU C 569 40.72 -6.17 41.91
CA GLU C 569 41.63 -5.87 40.81
C GLU C 569 41.41 -6.89 39.71
N ILE C 570 41.13 -6.40 38.50
CA ILE C 570 40.90 -7.24 37.33
C ILE C 570 42.05 -7.06 36.36
N ASN C 571 42.67 -8.16 35.96
CA ASN C 571 43.79 -8.14 35.03
C ASN C 571 43.42 -8.95 33.78
N GLY C 572 44.41 -9.16 32.91
CA GLY C 572 44.20 -9.90 31.69
C GLY C 572 43.97 -11.38 31.86
N ASP C 573 44.05 -11.90 33.09
CA ASP C 573 43.86 -13.32 33.36
C ASP C 573 42.49 -13.62 33.97
N ASN C 574 42.12 -12.91 35.03
CA ASN C 574 40.83 -13.12 35.69
C ASN C 574 39.69 -12.38 35.00
N LEU C 575 39.97 -11.65 33.92
CA LEU C 575 38.93 -10.92 33.21
C LEU C 575 37.78 -11.83 32.80
N HIS C 576 38.10 -13.02 32.29
CA HIS C 576 37.06 -13.96 31.87
C HIS C 576 36.12 -14.29 33.02
N ASP C 577 36.63 -14.33 34.25
CA ASP C 577 35.78 -14.62 35.41
C ASP C 577 34.61 -13.67 35.52
N TYR C 578 34.71 -12.47 34.93
CA TYR C 578 33.63 -11.50 34.95
C TYR C 578 32.92 -11.36 33.62
N LEU C 579 33.44 -11.98 32.55
CA LEU C 579 32.83 -11.89 31.24
C LEU C 579 32.51 -13.24 30.62
N GLY C 580 33.11 -14.32 31.08
CA GLY C 580 32.86 -15.64 30.53
C GLY C 580 33.85 -16.03 29.46
N VAL C 581 33.40 -16.93 28.58
CA VAL C 581 34.23 -17.42 27.49
C VAL C 581 34.32 -16.36 26.40
N GLN C 582 35.47 -16.31 25.73
CA GLN C 582 35.68 -15.35 24.66
C GLN C 582 34.72 -15.61 23.51
N ARG C 583 34.23 -14.52 22.90
CA ARG C 583 33.28 -14.62 21.80
C ARG C 583 33.89 -14.33 20.43
N PHE C 584 35.06 -13.71 20.38
CA PHE C 584 35.70 -13.38 19.11
C PHE C 584 37.12 -13.94 19.09
N ASP C 585 37.64 -14.08 17.86
CA ASP C 585 39.00 -14.62 17.62
C ASP C 585 39.89 -13.50 17.06
N TYR C 586 41.13 -13.42 17.55
CA TYR C 586 42.10 -12.42 17.11
C TYR C 586 43.32 -13.13 16.56
N GLY C 587 43.67 -12.82 15.31
CA GLY C 587 44.82 -13.43 14.68
C GLY C 587 44.46 -14.50 13.67
N ARG C 588 45.12 -14.49 12.51
CA ARG C 588 44.89 -15.47 11.46
C ARG C 588 46.07 -16.42 11.27
N ALA C 589 46.95 -16.52 12.27
CA ALA C 589 48.10 -17.42 12.15
C ALA C 589 47.67 -18.88 12.12
N ASP C 590 46.65 -19.24 12.90
CA ASP C 590 46.14 -20.60 12.97
C ASP C 590 44.83 -20.75 12.19
N ASN C 591 44.72 -20.06 11.06
CA ASN C 591 43.51 -20.11 10.25
C ASN C 591 43.41 -21.37 9.40
N GLU C 592 44.50 -22.13 9.22
CA GLU C 592 44.50 -23.33 8.39
C GLU C 592 44.02 -23.01 6.98
N ASN C 593 44.87 -22.22 6.30
CA ASN C 593 44.64 -21.72 4.95
C ASN C 593 43.88 -22.70 4.08
N ARG C 594 42.81 -22.20 3.45
CA ARG C 594 41.94 -22.96 2.58
C ARG C 594 42.19 -22.60 1.12
N VAL C 595 41.56 -23.35 0.22
CA VAL C 595 41.70 -23.15 -1.20
C VAL C 595 40.59 -22.26 -1.77
N GLY C 596 39.34 -22.73 -1.64
CA GLY C 596 38.19 -22.01 -2.16
C GLY C 596 37.81 -20.74 -1.44
N GLN C 597 38.47 -20.39 -0.34
CA GLN C 597 38.15 -19.18 0.41
C GLN C 597 39.25 -18.14 0.25
N VAL C 598 38.84 -16.87 0.16
CA VAL C 598 39.76 -15.75 0.04
C VAL C 598 39.27 -14.62 0.95
N THR C 599 40.20 -14.00 1.67
CA THR C 599 39.89 -12.92 2.59
C THR C 599 40.08 -11.58 1.89
N GLY C 600 39.05 -10.73 1.94
CA GLY C 600 39.11 -9.43 1.30
C GLY C 600 38.59 -8.34 2.21
N LEU C 601 38.91 -7.10 1.83
CA LEU C 601 38.50 -5.91 2.55
C LEU C 601 37.30 -5.28 1.85
N ALA C 602 36.32 -4.84 2.63
CA ALA C 602 35.11 -4.22 2.09
C ALA C 602 34.93 -2.82 2.65
N TRP C 603 34.63 -1.87 1.78
CA TRP C 603 34.40 -0.48 2.15
C TRP C 603 32.93 -0.30 2.49
N THR C 604 32.65 0.14 3.71
CA THR C 604 31.29 0.35 4.18
C THR C 604 31.15 1.76 4.73
N GLU C 605 29.95 2.32 4.61
CA GLU C 605 29.68 3.67 5.10
C GLU C 605 29.88 3.78 6.60
N VAL C 606 29.89 2.66 7.33
CA VAL C 606 30.09 2.67 8.77
C VAL C 606 31.42 2.01 9.10
N GLY C 607 32.38 2.10 8.19
CA GLY C 607 33.69 1.52 8.40
C GLY C 607 33.88 0.21 7.67
N GLY C 608 35.05 0.02 7.05
CA GLY C 608 35.32 -1.21 6.33
C GLY C 608 35.30 -2.42 7.24
N ASP C 609 35.20 -3.59 6.60
CA ASP C 609 35.17 -4.85 7.33
C ASP C 609 35.86 -5.93 6.50
N LEU C 610 35.87 -7.15 7.04
CA LEU C 610 36.48 -8.30 6.40
C LEU C 610 35.41 -9.22 5.84
N LEU C 611 35.67 -9.76 4.66
CA LEU C 611 34.76 -10.68 4.00
C LEU C 611 35.51 -11.90 3.51
N THR C 612 34.80 -13.03 3.43
CA THR C 612 35.37 -14.29 2.99
C THR C 612 34.62 -14.72 1.72
N ILE C 613 35.20 -14.43 0.57
CA ILE C 613 34.61 -14.77 -0.72
C ILE C 613 34.95 -16.22 -1.05
N GLU C 614 33.99 -16.95 -1.62
CA GLU C 614 34.20 -18.34 -1.97
C GLU C 614 33.88 -18.58 -3.44
N THR C 615 34.50 -19.62 -3.99
CA THR C 615 34.29 -20.01 -5.38
C THR C 615 34.23 -21.52 -5.46
N ALA C 616 33.33 -22.03 -6.29
CA ALA C 616 33.16 -23.46 -6.48
C ALA C 616 33.21 -23.77 -7.97
N CYS C 617 34.07 -24.70 -8.34
CA CYS C 617 34.25 -25.14 -9.72
C CYS C 617 33.77 -26.58 -9.79
N VAL C 618 32.52 -26.77 -10.23
CA VAL C 618 31.93 -28.10 -10.29
C VAL C 618 31.81 -28.54 -11.75
N PRO C 619 31.61 -29.83 -12.04
CA PRO C 619 31.48 -30.24 -13.44
C PRO C 619 30.13 -29.80 -14.00
N GLY C 620 30.16 -29.32 -15.25
CA GLY C 620 28.95 -28.87 -15.90
C GLY C 620 29.12 -28.51 -17.36
N LYS C 621 28.50 -27.40 -17.78
CA LYS C 621 28.58 -26.95 -19.16
C LYS C 621 29.29 -25.61 -19.31
N GLY C 622 29.68 -24.97 -18.22
CA GLY C 622 30.36 -23.68 -18.28
C GLY C 622 29.53 -22.49 -17.88
N LYS C 623 28.38 -22.69 -17.24
CA LYS C 623 27.54 -21.58 -16.83
C LYS C 623 28.12 -20.88 -15.61
N LEU C 624 27.80 -19.60 -15.48
CA LEU C 624 28.28 -18.77 -14.39
C LEU C 624 27.13 -18.44 -13.43
N THR C 625 27.37 -18.66 -12.14
CA THR C 625 26.38 -18.39 -11.11
C THR C 625 27.05 -17.59 -10.01
N TYR C 626 26.31 -16.65 -9.43
CA TYR C 626 26.84 -15.81 -8.36
C TYR C 626 25.77 -15.64 -7.29
N THR C 627 26.22 -15.47 -6.06
CA THR C 627 25.35 -15.29 -4.92
C THR C 627 25.90 -14.19 -4.02
N GLY C 628 24.99 -13.43 -3.43
CA GLY C 628 25.35 -12.32 -2.56
C GLY C 628 24.73 -11.01 -2.99
N SER C 629 23.67 -11.08 -3.80
CA SER C 629 22.95 -9.92 -4.30
C SER C 629 23.90 -8.97 -5.03
N LEU C 630 24.57 -9.52 -6.04
CA LEU C 630 25.53 -8.76 -6.84
C LEU C 630 24.83 -8.13 -8.04
N GLY C 631 25.40 -7.02 -8.53
CA GLY C 631 24.88 -6.30 -9.66
C GLY C 631 25.63 -6.59 -10.95
N GLU C 632 25.41 -5.72 -11.93
CA GLU C 632 26.06 -5.88 -13.23
C GLU C 632 27.57 -5.64 -13.13
N VAL C 633 28.00 -4.75 -12.24
CA VAL C 633 29.43 -4.48 -12.09
C VAL C 633 30.15 -5.75 -11.67
N MET C 634 29.55 -6.51 -10.75
CA MET C 634 30.17 -7.77 -10.33
C MET C 634 30.18 -8.77 -11.47
N GLN C 635 29.16 -8.75 -12.32
CA GLN C 635 29.11 -9.66 -13.46
C GLN C 635 30.25 -9.37 -14.43
N GLU C 636 30.44 -8.10 -14.80
CA GLU C 636 31.53 -7.79 -15.71
C GLU C 636 32.88 -8.02 -15.07
N SER C 637 33.00 -7.81 -13.74
CA SER C 637 34.27 -8.07 -13.08
C SER C 637 34.60 -9.56 -13.10
N ILE C 638 33.59 -10.41 -12.85
CA ILE C 638 33.81 -11.85 -12.88
C ILE C 638 34.14 -12.28 -14.31
N GLN C 639 33.52 -11.65 -15.31
CA GLN C 639 33.82 -11.99 -16.70
C GLN C 639 35.26 -11.64 -17.03
N ALA C 640 35.73 -10.48 -16.56
CA ALA C 640 37.11 -10.09 -16.82
C ALA C 640 38.08 -11.04 -16.12
N ALA C 641 37.75 -11.43 -14.88
CA ALA C 641 38.60 -12.36 -14.16
C ALA C 641 38.66 -13.71 -14.87
N LEU C 642 37.52 -14.17 -15.39
CA LEU C 642 37.48 -15.42 -16.12
C LEU C 642 38.32 -15.33 -17.38
N THR C 643 38.27 -14.18 -18.06
CA THR C 643 39.09 -14.01 -19.26
C THR C 643 40.57 -14.04 -18.93
N VAL C 644 40.95 -13.38 -17.82
CA VAL C 644 42.35 -13.38 -17.40
C VAL C 644 42.80 -14.80 -17.07
N VAL C 645 41.93 -15.57 -16.41
CA VAL C 645 42.27 -16.95 -16.06
C VAL C 645 42.41 -17.78 -17.34
N ARG C 646 41.54 -17.56 -18.31
CA ARG C 646 41.63 -18.30 -19.56
C ARG C 646 42.90 -17.96 -20.32
N ALA C 647 43.37 -16.71 -20.20
CA ALA C 647 44.58 -16.30 -20.89
C ALA C 647 45.83 -16.79 -20.19
N ARG C 648 45.79 -16.96 -18.86
CA ARG C 648 46.95 -17.42 -18.10
C ARG C 648 46.83 -18.87 -17.63
N ALA C 649 45.88 -19.63 -18.18
CA ALA C 649 45.72 -21.02 -17.77
C ALA C 649 46.97 -21.84 -18.09
N GLU C 650 47.59 -21.60 -19.24
CA GLU C 650 48.79 -22.35 -19.60
C GLU C 650 49.93 -22.08 -18.62
N LYS C 651 50.06 -20.83 -18.18
CA LYS C 651 51.12 -20.50 -17.23
C LYS C 651 50.81 -21.01 -15.83
N LEU C 652 49.54 -21.03 -15.45
CA LEU C 652 49.12 -21.49 -14.13
C LEU C 652 48.85 -22.99 -14.09
N GLY C 653 48.95 -23.68 -15.21
CA GLY C 653 48.70 -25.11 -15.23
C GLY C 653 47.25 -25.50 -15.21
N ILE C 654 46.37 -24.65 -15.74
CA ILE C 654 44.93 -24.91 -15.77
C ILE C 654 44.55 -25.44 -17.14
N ASN C 655 43.67 -26.43 -17.16
CA ASN C 655 43.23 -27.00 -18.42
C ASN C 655 42.43 -25.96 -19.21
N PRO C 656 42.79 -25.67 -20.45
CA PRO C 656 42.06 -24.64 -21.21
C PRO C 656 40.57 -24.94 -21.42
N ASP C 657 40.12 -26.17 -21.21
CA ASP C 657 38.72 -26.52 -21.40
C ASP C 657 37.91 -26.46 -20.09
N PHE C 658 38.37 -25.68 -19.11
CA PHE C 658 37.63 -25.59 -17.85
C PHE C 658 36.35 -24.78 -18.00
N TYR C 659 36.36 -23.76 -18.85
CA TYR C 659 35.17 -22.91 -19.06
C TYR C 659 34.15 -23.56 -19.97
N GLU C 660 34.39 -24.77 -20.46
CA GLU C 660 33.46 -25.46 -21.34
C GLU C 660 32.80 -26.66 -20.72
N LYS C 661 33.46 -27.35 -19.78
CA LYS C 661 32.90 -28.52 -19.13
C LYS C 661 32.72 -28.35 -17.63
N ARG C 662 32.93 -27.16 -17.09
CA ARG C 662 32.78 -26.93 -15.67
C ARG C 662 32.07 -25.62 -15.37
N ASP C 663 31.12 -25.68 -14.45
CA ASP C 663 30.35 -24.51 -14.02
C ASP C 663 31.06 -23.86 -12.84
N ILE C 664 30.99 -22.53 -12.78
CA ILE C 664 31.61 -21.74 -11.73
C ILE C 664 30.53 -21.02 -10.94
N HIS C 665 30.63 -21.08 -9.62
CA HIS C 665 29.70 -20.43 -8.71
C HIS C 665 30.50 -19.59 -7.72
N VAL C 666 30.34 -18.28 -7.80
CA VAL C 666 31.05 -17.33 -6.94
C VAL C 666 30.07 -16.79 -5.90
N HIS C 667 30.46 -16.86 -4.62
CA HIS C 667 29.66 -16.38 -3.51
C HIS C 667 30.41 -15.27 -2.80
N VAL C 668 29.79 -14.09 -2.74
CA VAL C 668 30.37 -12.93 -2.09
C VAL C 668 29.45 -12.53 -0.93
N PRO C 669 29.79 -12.91 0.30
CA PRO C 669 28.93 -12.56 1.43
C PRO C 669 28.83 -11.06 1.63
N GLU C 670 27.62 -10.60 1.95
CA GLU C 670 27.33 -9.18 2.17
C GLU C 670 27.72 -8.34 0.96
N GLY C 671 27.29 -8.79 -0.22
CA GLY C 671 27.59 -8.07 -1.45
C GLY C 671 26.83 -6.77 -1.58
N ALA C 672 25.75 -6.59 -0.81
CA ALA C 672 24.95 -5.38 -0.84
C ALA C 672 25.58 -4.23 -0.07
N THR C 673 26.87 -4.33 0.24
CA THR C 673 27.53 -3.27 0.97
C THR C 673 27.50 -1.98 0.16
N PRO C 674 27.44 -0.82 0.82
CA PRO C 674 27.40 0.46 0.08
C PRO C 674 28.75 0.78 -0.54
N LYS C 675 29.21 -0.09 -1.43
CA LYS C 675 30.48 0.06 -2.13
C LYS C 675 30.19 0.07 -3.62
N ASP C 676 30.43 1.20 -4.27
CA ASP C 676 30.20 1.35 -5.70
C ASP C 676 31.47 0.94 -6.43
N GLY C 677 31.46 -0.27 -7.00
CA GLY C 677 32.60 -0.78 -7.72
C GLY C 677 33.06 -2.11 -7.20
N PRO C 678 33.39 -3.03 -8.12
CA PRO C 678 33.85 -4.39 -7.72
C PRO C 678 35.30 -4.39 -7.26
N ALA C 679 35.54 -3.86 -6.06
CA ALA C 679 36.88 -3.80 -5.49
C ALA C 679 37.44 -5.17 -5.11
N ALA C 680 36.66 -6.24 -5.28
CA ALA C 680 37.11 -7.59 -4.94
C ALA C 680 37.52 -8.39 -6.18
N GLY C 681 37.98 -7.72 -7.23
CA GLY C 681 38.39 -8.42 -8.43
C GLY C 681 39.53 -9.39 -8.19
N ILE C 682 40.59 -8.92 -7.53
CA ILE C 682 41.74 -9.79 -7.24
C ILE C 682 41.33 -10.96 -6.36
N ALA C 683 40.41 -10.74 -5.42
CA ALA C 683 39.98 -11.83 -4.54
C ALA C 683 39.29 -12.92 -5.34
N MET C 684 38.35 -12.54 -6.20
CA MET C 684 37.63 -13.52 -7.01
C MET C 684 38.58 -14.23 -7.98
N CYS C 685 39.52 -13.48 -8.56
CA CYS C 685 40.47 -14.09 -9.49
C CYS C 685 41.34 -15.11 -8.77
N THR C 686 41.84 -14.75 -7.59
CA THR C 686 42.67 -15.68 -6.83
C THR C 686 41.88 -16.91 -6.41
N ALA C 687 40.62 -16.72 -5.99
CA ALA C 687 39.80 -17.86 -5.60
C ALA C 687 39.55 -18.78 -6.79
N LEU C 688 39.36 -18.20 -7.98
CA LEU C 688 39.14 -19.01 -9.17
C LEU C 688 40.40 -19.80 -9.52
N VAL C 689 41.55 -19.14 -9.46
CA VAL C 689 42.81 -19.84 -9.76
C VAL C 689 43.03 -20.96 -8.75
N SER C 690 42.64 -20.74 -7.50
CA SER C 690 42.79 -21.75 -6.47
C SER C 690 41.87 -22.95 -6.75
N CYS C 691 40.60 -22.67 -7.08
CA CYS C 691 39.66 -23.75 -7.36
C CYS C 691 40.14 -24.58 -8.55
N LEU C 692 40.68 -23.92 -9.58
CA LEU C 692 41.13 -24.63 -10.76
C LEU C 692 42.47 -25.34 -10.56
N THR C 693 43.30 -24.86 -9.63
CA THR C 693 44.60 -25.47 -9.39
C THR C 693 44.73 -26.20 -8.06
N GLY C 694 43.90 -25.86 -7.07
CA GLY C 694 43.99 -26.52 -5.78
C GLY C 694 45.00 -25.90 -4.85
N ASN C 695 45.58 -24.77 -5.21
CA ASN C 695 46.58 -24.11 -4.36
C ASN C 695 45.88 -23.36 -3.24
N PRO C 696 46.13 -23.71 -1.98
CA PRO C 696 45.46 -23.00 -0.88
C PRO C 696 45.96 -21.57 -0.75
N VAL C 697 45.02 -20.65 -0.53
CA VAL C 697 45.36 -19.24 -0.39
C VAL C 697 45.98 -19.02 0.98
N ARG C 698 47.15 -18.39 1.00
CA ARG C 698 47.85 -18.13 2.26
C ARG C 698 46.98 -17.30 3.20
N ALA C 699 46.84 -17.79 4.43
CA ALA C 699 46.04 -17.08 5.42
C ALA C 699 46.78 -15.82 5.88
N ASP C 700 46.11 -15.04 6.72
CA ASP C 700 46.66 -13.79 7.27
C ASP C 700 47.03 -12.83 6.15
N VAL C 701 46.30 -12.87 5.04
CA VAL C 701 46.54 -12.02 3.88
C VAL C 701 45.21 -11.41 3.45
N ALA C 702 45.22 -10.10 3.20
CA ALA C 702 44.03 -9.37 2.76
C ALA C 702 44.32 -8.69 1.43
N MET C 703 43.29 -8.60 0.58
CA MET C 703 43.46 -7.98 -0.73
C MET C 703 42.16 -7.27 -1.14
N THR C 704 42.33 -6.23 -1.95
CA THR C 704 41.21 -5.45 -2.46
C THR C 704 41.72 -4.58 -3.61
N GLY C 705 40.88 -4.40 -4.60
CA GLY C 705 41.24 -3.60 -5.76
C GLY C 705 40.54 -4.08 -7.01
N GLU C 706 40.49 -3.20 -8.00
CA GLU C 706 39.85 -3.48 -9.28
C GLU C 706 40.81 -4.23 -10.20
N ILE C 707 40.24 -4.89 -11.21
CA ILE C 707 41.00 -5.66 -12.19
C ILE C 707 40.53 -5.30 -13.59
N THR C 708 41.39 -5.57 -14.56
CA THR C 708 41.12 -5.32 -15.98
C THR C 708 41.27 -6.62 -16.75
N LEU C 709 41.07 -6.54 -18.07
CA LEU C 709 41.18 -7.72 -18.91
C LEU C 709 42.63 -8.09 -19.21
N ARG C 710 43.56 -7.15 -19.05
CA ARG C 710 44.98 -7.39 -19.30
C ARG C 710 45.75 -7.75 -18.03
N GLY C 711 45.07 -7.89 -16.89
CA GLY C 711 45.74 -8.22 -15.65
C GLY C 711 46.26 -7.04 -14.87
N GLN C 712 45.78 -5.83 -15.15
CA GLN C 712 46.23 -4.64 -14.45
C GLN C 712 45.28 -4.33 -13.29
N VAL C 713 45.86 -3.81 -12.20
CA VAL C 713 45.11 -3.46 -11.01
C VAL C 713 44.85 -1.96 -11.03
N LEU C 714 43.58 -1.57 -10.77
CA LEU C 714 43.17 -0.18 -10.76
C LEU C 714 43.04 0.33 -9.33
N PRO C 715 43.23 1.64 -9.12
CA PRO C 715 43.13 2.18 -7.76
C PRO C 715 41.70 2.18 -7.25
N ILE C 716 41.57 2.24 -5.92
CA ILE C 716 40.29 2.25 -5.24
C ILE C 716 40.33 3.34 -4.17
N GLY C 717 39.18 3.51 -3.50
CA GLY C 717 39.04 4.51 -2.46
C GLY C 717 38.74 3.86 -1.11
N GLY C 718 38.88 4.66 -0.06
CA GLY C 718 38.63 4.19 1.29
C GLY C 718 39.67 3.23 1.82
N LEU C 719 40.95 3.53 1.61
CA LEU C 719 42.01 2.65 2.09
C LEU C 719 42.14 2.71 3.61
N LYS C 720 41.82 3.84 4.22
CA LYS C 720 41.94 3.96 5.68
C LYS C 720 40.99 2.99 6.39
N GLU C 721 39.74 2.93 5.96
CA GLU C 721 38.78 2.02 6.59
C GLU C 721 39.19 0.57 6.42
N LYS C 722 39.66 0.21 5.21
CA LYS C 722 40.08 -1.17 4.97
C LYS C 722 41.29 -1.52 5.83
N LEU C 723 42.24 -0.58 5.96
CA LEU C 723 43.42 -0.85 6.79
C LEU C 723 43.01 -0.99 8.25
N LEU C 724 42.08 -0.17 8.72
CA LEU C 724 41.62 -0.27 10.10
C LEU C 724 40.94 -1.62 10.34
N ALA C 725 40.14 -2.07 9.37
CA ALA C 725 39.46 -3.35 9.50
C ALA C 725 40.47 -4.49 9.53
N ALA C 726 41.49 -4.42 8.68
CA ALA C 726 42.51 -5.46 8.66
C ALA C 726 43.29 -5.47 9.97
N HIS C 727 43.52 -4.27 10.54
CA HIS C 727 44.23 -4.19 11.81
C HIS C 727 43.40 -4.79 12.95
N ARG C 728 42.10 -4.49 12.97
CA ARG C 728 41.25 -5.04 14.02
C ARG C 728 41.11 -6.55 13.88
N GLY C 729 41.05 -7.05 12.65
CA GLY C 729 40.92 -8.48 12.43
C GLY C 729 42.19 -9.28 12.64
N GLY C 730 43.31 -8.61 12.89
CA GLY C 730 44.57 -9.31 13.10
C GLY C 730 45.27 -9.73 11.83
N ILE C 731 45.04 -9.04 10.73
CA ILE C 731 45.69 -9.35 9.46
C ILE C 731 46.92 -8.49 9.29
N LYS C 732 48.06 -9.13 9.02
CA LYS C 732 49.33 -8.42 8.84
C LYS C 732 49.68 -8.15 7.39
N THR C 733 49.37 -9.06 6.47
CA THR C 733 49.67 -8.89 5.06
C THR C 733 48.44 -8.34 4.35
N VAL C 734 48.60 -7.17 3.72
CA VAL C 734 47.53 -6.51 2.98
C VAL C 734 48.05 -6.13 1.60
N LEU C 735 47.31 -6.50 0.57
CA LEU C 735 47.67 -6.21 -0.82
C LEU C 735 46.75 -5.11 -1.34
N ILE C 736 47.34 -3.98 -1.74
CA ILE C 736 46.58 -2.85 -2.26
C ILE C 736 47.15 -2.48 -3.62
N PRO C 737 46.37 -1.77 -4.44
CA PRO C 737 46.87 -1.36 -5.76
C PRO C 737 48.07 -0.43 -5.65
N PHE C 738 48.88 -0.41 -6.70
CA PHE C 738 50.07 0.44 -6.71
C PHE C 738 49.70 1.91 -6.81
N GLU C 739 48.68 2.25 -7.60
CA GLU C 739 48.27 3.65 -7.75
C GLU C 739 47.85 4.27 -6.43
N ASN C 740 47.43 3.47 -5.46
CA ASN C 740 47.01 3.98 -4.16
C ASN C 740 48.17 4.18 -3.20
N LYS C 741 49.40 3.88 -3.64
CA LYS C 741 50.57 4.05 -2.78
C LYS C 741 50.70 5.49 -2.30
N ARG C 742 50.47 6.46 -3.20
CA ARG C 742 50.57 7.86 -2.81
C ARG C 742 49.57 8.23 -1.72
N ASP C 743 48.54 7.42 -1.52
CA ASP C 743 47.56 7.71 -0.48
C ASP C 743 48.05 7.31 0.90
N LEU C 744 49.02 6.40 0.98
CA LEU C 744 49.54 5.96 2.27
C LEU C 744 50.13 7.11 3.07
N GLU C 745 50.53 8.20 2.41
CA GLU C 745 51.09 9.35 3.12
C GLU C 745 50.04 10.06 3.96
N GLU C 746 48.75 9.82 3.69
CA GLU C 746 47.67 10.45 4.43
C GLU C 746 47.12 9.56 5.53
N ILE C 747 47.80 8.46 5.84
CA ILE C 747 47.39 7.51 6.87
C ILE C 747 48.36 7.61 8.02
N PRO C 748 47.90 7.68 9.27
CA PRO C 748 48.84 7.78 10.40
C PRO C 748 49.73 6.55 10.51
N ASP C 749 50.87 6.74 11.17
CA ASP C 749 51.83 5.66 11.33
C ASP C 749 51.34 4.58 12.28
N ASN C 750 50.38 4.89 13.16
CA ASN C 750 49.87 3.90 14.10
C ASN C 750 49.20 2.72 13.40
N VAL C 751 48.78 2.89 12.15
CA VAL C 751 48.13 1.84 11.39
C VAL C 751 49.08 1.17 10.41
N ILE C 752 50.00 1.95 9.82
CA ILE C 752 50.94 1.40 8.86
C ILE C 752 52.04 0.60 9.55
N ALA C 753 52.44 1.01 10.77
CA ALA C 753 53.50 0.30 11.48
C ALA C 753 53.08 -1.10 11.92
N ASP C 754 51.78 -1.39 11.95
CA ASP C 754 51.30 -2.70 12.36
C ASP C 754 51.00 -3.63 11.20
N LEU C 755 50.67 -3.10 10.03
CA LEU C 755 50.35 -3.90 8.86
C LEU C 755 51.49 -3.86 7.85
N ASP C 756 51.63 -4.94 7.08
CA ASP C 756 52.65 -5.07 6.05
C ASP C 756 51.94 -4.91 4.71
N ILE C 757 52.03 -3.72 4.14
CA ILE C 757 51.39 -3.40 2.87
C ILE C 757 52.40 -3.64 1.74
N HIS C 758 51.91 -4.23 0.65
CA HIS C 758 52.73 -4.53 -0.53
C HIS C 758 52.03 -3.98 -1.75
N PRO C 759 52.41 -2.79 -2.23
CA PRO C 759 51.76 -2.23 -3.42
C PRO C 759 51.99 -3.12 -4.64
N VAL C 760 50.89 -3.47 -5.31
CA VAL C 760 50.94 -4.32 -6.49
C VAL C 760 50.20 -3.65 -7.63
N LYS C 761 50.54 -4.07 -8.85
CA LYS C 761 49.93 -3.53 -10.06
C LYS C 761 49.54 -4.58 -11.10
N ARG C 762 49.99 -5.82 -10.96
CA ARG C 762 49.67 -6.88 -11.90
C ARG C 762 49.05 -8.06 -11.17
N ILE C 763 48.37 -8.92 -11.93
CA ILE C 763 47.73 -10.10 -11.33
C ILE C 763 48.78 -11.13 -10.91
N GLU C 764 49.93 -11.16 -11.59
CA GLU C 764 50.98 -12.12 -11.24
C GLU C 764 51.55 -11.84 -9.85
N GLU C 765 51.71 -10.57 -9.50
CA GLU C 765 52.25 -10.24 -8.18
C GLU C 765 51.30 -10.68 -7.08
N VAL C 766 49.99 -10.46 -7.26
CA VAL C 766 49.02 -10.86 -6.24
C VAL C 766 48.93 -12.38 -6.17
N LEU C 767 49.03 -13.06 -7.32
CA LEU C 767 48.98 -14.51 -7.32
C LEU C 767 50.23 -15.11 -6.66
N THR C 768 51.37 -14.43 -6.77
CA THR C 768 52.59 -14.94 -6.16
C THR C 768 52.61 -14.66 -4.65
N LEU C 769 52.15 -13.48 -4.24
CA LEU C 769 52.14 -13.15 -2.82
C LEU C 769 50.95 -13.70 -2.07
N ALA C 770 49.93 -14.23 -2.76
CA ALA C 770 48.76 -14.76 -2.08
C ALA C 770 48.70 -16.29 -2.05
N LEU C 771 49.19 -16.96 -3.08
CA LEU C 771 49.14 -18.42 -3.10
C LEU C 771 50.32 -19.01 -2.32
N GLN C 772 50.11 -20.23 -1.81
CA GLN C 772 51.15 -20.90 -1.03
C GLN C 772 52.30 -21.32 -1.92
N ASN C 773 52.02 -21.84 -3.11
CA ASN C 773 53.05 -22.27 -4.03
C ASN C 773 53.37 -21.16 -5.02
N GLU C 774 54.27 -21.45 -5.97
CA GLU C 774 54.63 -20.44 -6.96
C GLU C 774 53.51 -20.18 -7.96
N PRO C 775 52.90 -21.19 -8.61
CA PRO C 775 51.84 -20.86 -9.55
C PRO C 775 50.60 -20.30 -8.88
N ALA D 247 -20.40 27.88 47.34
CA ALA D 247 -21.41 28.54 48.18
C ALA D 247 -22.22 27.57 49.05
N PRO D 248 -22.72 26.44 48.47
CA PRO D 248 -23.49 25.50 49.31
C PRO D 248 -22.64 24.79 50.35
N ASP D 249 -23.27 23.89 51.10
CA ASP D 249 -22.55 23.15 52.14
C ASP D 249 -21.47 22.26 51.54
N GLU D 250 -21.73 21.66 50.38
CA GLU D 250 -20.75 20.78 49.74
C GLU D 250 -19.41 21.47 49.56
N ASN D 251 -19.42 22.64 48.91
CA ASN D 251 -18.19 23.40 48.68
C ASN D 251 -17.42 23.65 49.97
N GLU D 252 -18.09 23.55 51.12
CA GLU D 252 -17.41 23.74 52.40
C GLU D 252 -16.67 22.46 52.78
N ALA D 253 -17.38 21.34 52.80
CA ALA D 253 -16.76 20.06 53.15
C ALA D 253 -15.58 19.77 52.25
N LEU D 254 -15.76 19.92 50.94
CA LEU D 254 -14.66 19.68 50.00
C LEU D 254 -13.46 20.57 50.34
N LYS D 255 -13.72 21.82 50.71
CA LYS D 255 -12.64 22.72 51.07
C LYS D 255 -11.80 22.16 52.21
N ARG D 256 -12.46 21.50 53.17
CA ARG D 256 -11.74 20.91 54.29
C ARG D 256 -10.74 19.87 53.81
N LYS D 257 -11.11 19.09 52.79
CA LYS D 257 -10.20 18.08 52.27
C LYS D 257 -8.91 18.69 51.73
N ILE D 258 -8.90 20.00 51.50
CA ILE D 258 -7.70 20.66 51.01
C ILE D 258 -6.79 21.05 52.18
N ASP D 259 -7.36 21.34 53.36
CA ASP D 259 -6.57 21.74 54.51
C ASP D 259 -6.18 20.56 55.39
N ALA D 260 -6.94 19.48 55.38
CA ALA D 260 -6.64 18.31 56.21
C ALA D 260 -5.52 17.45 55.67
N ALA D 261 -4.97 17.77 54.50
CA ALA D 261 -3.89 16.99 53.90
C ALA D 261 -2.70 17.88 53.62
N LYS D 262 -1.52 17.45 54.09
CA LYS D 262 -0.29 18.21 53.86
C LYS D 262 0.07 18.14 52.39
N MET D 263 0.45 19.28 51.81
CA MET D 263 0.78 19.32 50.39
C MET D 263 2.02 20.14 50.06
N PRO D 264 2.90 19.62 49.18
CA PRO D 264 4.10 20.37 48.79
C PRO D 264 3.77 21.53 47.86
N LYS D 265 4.80 22.16 47.29
CA LYS D 265 4.59 23.32 46.40
C LYS D 265 3.69 22.97 45.22
N GLU D 266 3.99 21.89 44.49
CA GLU D 266 3.17 21.51 43.35
C GLU D 266 1.76 21.13 43.78
N ALA D 267 1.65 20.35 44.87
CA ALA D 267 0.35 19.96 45.35
C ALA D 267 -0.42 21.19 45.85
N LYS D 268 0.29 22.14 46.47
CA LYS D 268 -0.38 23.35 46.92
C LYS D 268 -0.86 24.17 45.73
N GLU D 269 -0.12 24.12 44.62
CA GLU D 269 -0.53 24.84 43.42
C GLU D 269 -1.82 24.26 42.86
N LYS D 270 -1.86 22.93 42.70
CA LYS D 270 -3.09 22.33 42.19
C LYS D 270 -4.23 22.51 43.19
N ALA D 271 -3.92 22.55 44.49
CA ALA D 271 -4.95 22.77 45.48
C ALA D 271 -5.52 24.16 45.36
N GLU D 272 -4.66 25.15 45.09
CA GLU D 272 -5.13 26.52 44.91
C GLU D 272 -5.98 26.62 43.66
N ALA D 273 -5.59 25.90 42.60
CA ALA D 273 -6.38 25.90 41.37
C ALA D 273 -7.77 25.33 41.64
N GLU D 274 -7.83 24.20 42.37
CA GLU D 274 -9.12 23.61 42.69
C GLU D 274 -9.93 24.53 43.59
N LEU D 275 -9.26 25.23 44.52
CA LEU D 275 -9.96 26.16 45.39
C LEU D 275 -10.60 27.27 44.56
N GLN D 276 -9.87 27.75 43.55
CA GLN D 276 -10.44 28.76 42.66
C GLN D 276 -11.61 28.18 41.88
N LYS D 277 -11.55 26.89 41.58
CA LYS D 277 -12.63 26.20 40.88
C LYS D 277 -13.76 25.81 41.82
N LEU D 278 -13.52 25.84 43.13
CA LEU D 278 -14.51 25.49 44.13
C LEU D 278 -15.30 26.73 44.54
N LYS D 279 -16.06 26.63 45.63
CA LYS D 279 -16.88 27.71 46.17
C LYS D 279 -17.94 28.18 45.17
N MET D 280 -18.27 27.35 44.19
CA MET D 280 -19.26 27.65 43.19
C MET D 280 -20.56 26.91 43.50
N MET D 281 -21.52 26.98 42.59
CA MET D 281 -22.81 26.32 42.79
C MET D 281 -22.63 24.80 42.71
N SER D 282 -23.05 24.11 43.76
CA SER D 282 -22.95 22.66 43.81
C SER D 282 -23.90 21.94 42.84
N PRO D 283 -25.16 22.43 42.63
CA PRO D 283 -26.03 21.70 41.68
C PRO D 283 -25.64 21.89 40.23
N MET D 284 -24.50 22.53 39.99
CA MET D 284 -24.02 22.76 38.63
C MET D 284 -23.66 21.42 38.01
N SER D 285 -24.47 20.98 37.04
CA SER D 285 -24.24 19.70 36.38
C SER D 285 -22.88 19.68 35.68
N ALA D 286 -22.15 18.58 35.88
CA ALA D 286 -20.83 18.34 35.30
C ALA D 286 -19.78 19.36 35.72
N GLU D 287 -20.04 20.15 36.76
CA GLU D 287 -19.10 21.15 37.25
C GLU D 287 -18.63 20.87 38.67
N ALA D 288 -19.54 20.55 39.58
CA ALA D 288 -19.15 20.26 40.96
C ALA D 288 -18.64 18.84 41.11
N THR D 289 -19.17 17.89 40.32
CA THR D 289 -18.73 16.51 40.42
C THR D 289 -17.29 16.35 39.95
N VAL D 290 -16.91 17.05 38.88
CA VAL D 290 -15.55 16.93 38.39
C VAL D 290 -14.55 17.53 39.37
N VAL D 291 -14.90 18.68 39.98
CA VAL D 291 -13.97 19.27 40.95
C VAL D 291 -13.91 18.39 42.20
N ARG D 292 -15.04 17.76 42.56
CA ARG D 292 -15.02 16.87 43.72
C ARG D 292 -14.11 15.68 43.45
N GLY D 293 -14.20 15.13 42.24
CA GLY D 293 -13.35 14.02 41.87
C GLY D 293 -11.89 14.42 41.87
N TYR D 294 -11.61 15.64 41.40
CA TYR D 294 -10.23 16.14 41.40
C TYR D 294 -9.71 16.25 42.83
N ILE D 295 -10.55 16.73 43.74
CA ILE D 295 -10.16 16.85 45.14
C ILE D 295 -9.85 15.47 45.71
N ASP D 296 -10.71 14.50 45.41
CA ASP D 296 -10.49 13.14 45.89
C ASP D 296 -9.19 12.57 45.34
N TRP D 297 -8.92 12.82 44.06
CA TRP D 297 -7.68 12.33 43.45
C TRP D 297 -6.47 12.95 44.14
N MET D 298 -6.49 14.27 44.35
CA MET D 298 -5.38 14.93 45.02
C MET D 298 -5.17 14.35 46.41
N VAL D 299 -6.25 14.14 47.16
CA VAL D 299 -6.11 13.55 48.49
C VAL D 299 -5.54 12.14 48.38
N GLN D 300 -5.84 11.45 47.29
CA GLN D 300 -5.33 10.09 47.09
C GLN D 300 -3.92 10.09 46.50
N VAL D 301 -3.53 11.15 45.80
CA VAL D 301 -2.18 11.20 45.22
C VAL D 301 -1.16 11.18 46.35
N PRO D 302 -0.12 10.34 46.29
CA PRO D 302 0.85 10.29 47.38
C PRO D 302 1.90 11.38 47.32
N TRP D 303 2.29 11.84 48.51
CA TRP D 303 3.31 12.86 48.74
C TRP D 303 3.54 12.93 50.25
N ASN D 304 4.77 13.29 50.63
CA ASN D 304 5.17 13.38 52.04
C ASN D 304 5.01 12.05 52.76
N ALA D 305 4.99 10.95 52.01
CA ALA D 305 4.85 9.62 52.55
C ALA D 305 5.42 8.63 51.54
N ARG D 306 6.10 7.60 52.04
CA ARG D 306 6.72 6.62 51.14
C ARG D 306 6.88 5.31 51.90
N SER D 307 7.27 4.28 51.14
CA SER D 307 7.50 2.96 51.70
C SER D 307 8.94 2.88 52.21
N LYS D 308 9.13 2.17 53.32
CA LYS D 308 10.45 2.02 53.91
C LYS D 308 11.29 1.12 53.01
N VAL D 309 12.13 1.73 52.17
CA VAL D 309 12.97 0.97 51.26
C VAL D 309 14.10 0.32 52.04
N LYS D 310 14.31 -0.98 51.81
CA LYS D 310 15.37 -1.71 52.50
C LYS D 310 16.72 -1.42 51.86
N LYS D 311 17.77 -1.43 52.68
CA LYS D 311 19.12 -1.16 52.23
C LYS D 311 20.01 -2.39 52.18
N ASP D 312 19.72 -3.42 52.97
CA ASP D 312 20.53 -4.62 52.99
C ASP D 312 20.27 -5.46 51.74
N LEU D 313 21.30 -6.18 51.31
CA LEU D 313 21.19 -7.03 50.13
C LEU D 313 21.02 -8.50 50.46
N ARG D 314 21.45 -8.93 51.65
CA ARG D 314 21.29 -10.34 52.02
C ARG D 314 19.82 -10.73 52.06
N GLN D 315 18.99 -9.90 52.69
CA GLN D 315 17.57 -10.18 52.76
C GLN D 315 16.95 -10.20 51.37
N ALA D 316 17.45 -9.33 50.47
CA ALA D 316 16.93 -9.31 49.11
C ALA D 316 17.22 -10.62 48.41
N GLN D 317 18.43 -11.16 48.61
CA GLN D 317 18.79 -12.43 47.99
C GLN D 317 17.94 -13.56 48.58
N GLU D 318 17.74 -13.54 49.90
CA GLU D 318 16.93 -14.58 50.53
C GLU D 318 15.50 -14.53 50.02
N ILE D 319 14.97 -13.34 49.77
CA ILE D 319 13.62 -13.22 49.25
C ILE D 319 13.56 -13.68 47.80
N LEU D 320 14.56 -13.31 46.99
CA LEU D 320 14.58 -13.71 45.60
C LEU D 320 14.81 -15.21 45.43
N ASP D 321 15.33 -15.88 46.45
CA ASP D 321 15.57 -17.32 46.37
C ASP D 321 14.31 -18.15 46.60
N THR D 322 13.20 -17.52 46.98
CA THR D 322 11.95 -18.22 47.24
C THR D 322 10.78 -17.69 46.41
N ASP D 323 11.05 -17.06 45.28
CA ASP D 323 9.95 -16.55 44.46
C ASP D 323 9.33 -17.68 43.66
N HIS D 324 10.06 -18.22 42.69
CA HIS D 324 9.58 -19.35 41.90
C HIS D 324 10.53 -20.53 42.06
N TYR D 325 11.77 -20.39 41.62
CA TYR D 325 12.82 -21.40 41.77
C TYR D 325 14.20 -20.80 42.04
N GLY D 326 14.44 -19.55 41.65
CA GLY D 326 15.70 -18.85 41.83
C GLY D 326 16.40 -18.71 40.50
N LEU D 327 16.44 -19.81 39.75
CA LEU D 327 17.02 -19.94 38.41
C LEU D 327 18.53 -19.71 38.38
N GLU D 328 19.09 -19.21 39.48
CA GLU D 328 20.52 -18.94 39.64
C GLU D 328 21.12 -18.13 38.49
N ARG D 329 20.30 -17.56 37.61
CA ARG D 329 20.84 -16.78 36.49
C ARG D 329 20.33 -15.35 36.44
N VAL D 330 19.00 -15.18 36.53
CA VAL D 330 18.43 -13.84 36.45
C VAL D 330 18.49 -13.12 37.80
N LYS D 331 18.23 -13.85 38.90
CA LYS D 331 18.26 -13.22 40.22
C LYS D 331 19.59 -12.54 40.46
N ASP D 332 20.69 -13.13 39.99
CA ASP D 332 22.00 -12.51 40.16
C ASP D 332 21.99 -11.11 39.55
N ARG D 333 21.54 -11.01 38.29
CA ARG D 333 21.48 -9.71 37.64
C ARG D 333 20.62 -8.75 38.46
N ILE D 334 19.49 -9.25 38.97
CA ILE D 334 18.62 -8.41 39.79
C ILE D 334 19.40 -7.88 40.98
N LEU D 335 20.13 -8.76 41.66
CA LEU D 335 20.94 -8.35 42.80
C LEU D 335 21.92 -7.26 42.39
N GLU D 336 22.55 -7.42 41.21
CA GLU D 336 23.47 -6.40 40.74
C GLU D 336 22.78 -5.05 40.68
N TYR D 337 21.61 -5.01 40.06
CA TYR D 337 20.86 -3.77 39.97
C TYR D 337 20.57 -3.21 41.36
N LEU D 338 20.13 -4.08 42.27
CA LEU D 338 19.85 -3.63 43.63
C LEU D 338 21.08 -3.00 44.25
N ALA D 339 22.24 -3.61 44.03
CA ALA D 339 23.48 -3.05 44.57
C ALA D 339 23.72 -1.66 44.01
N VAL D 340 23.49 -1.50 42.71
CA VAL D 340 23.68 -0.18 42.09
C VAL D 340 22.69 0.82 42.70
N GLN D 341 21.52 0.33 43.13
CA GLN D 341 20.51 1.17 43.73
C GLN D 341 20.61 1.21 45.26
N SER D 342 21.66 0.60 45.82
CA SER D 342 21.84 0.58 47.27
C SER D 342 22.61 1.79 47.78
N ARG D 343 22.72 2.85 46.98
CA ARG D 343 23.44 4.06 47.36
C ARG D 343 22.53 5.27 47.45
N VAL D 344 21.73 5.53 46.42
CA VAL D 344 20.81 6.66 46.38
C VAL D 344 19.45 6.18 45.88
N ASN D 345 18.45 7.04 46.04
CA ASN D 345 17.09 6.75 45.62
C ASN D 345 16.83 7.11 44.16
N LYS D 346 17.88 7.49 43.42
CA LYS D 346 17.75 7.86 42.02
C LYS D 346 18.25 6.70 41.15
N ILE D 347 17.39 6.23 40.24
CA ILE D 347 17.78 5.12 39.37
C ILE D 347 18.87 5.56 38.41
N LYS D 348 18.57 6.55 37.56
CA LYS D 348 19.51 7.09 36.58
C LYS D 348 20.11 5.97 35.72
N GLY D 349 19.25 5.16 35.13
CA GLY D 349 19.69 4.06 34.29
C GLY D 349 18.57 3.19 33.78
N PRO D 350 18.85 1.89 33.62
CA PRO D 350 17.83 0.96 33.12
C PRO D 350 16.64 0.76 34.04
N ILE D 351 15.68 -0.04 33.61
CA ILE D 351 14.47 -0.33 34.38
C ILE D 351 14.28 -1.82 34.62
N LEU D 352 15.31 -2.64 34.37
CA LEU D 352 15.26 -4.09 34.58
C LEU D 352 14.13 -4.74 33.77
N CYS D 353 14.27 -4.69 32.44
CA CYS D 353 13.29 -5.29 31.56
C CYS D 353 13.51 -6.79 31.48
N LEU D 354 12.41 -7.56 31.57
CA LEU D 354 12.46 -9.01 31.51
C LEU D 354 11.78 -9.49 30.23
N VAL D 355 12.41 -10.45 29.55
CA VAL D 355 11.88 -11.01 28.31
C VAL D 355 12.05 -12.52 28.35
N GLY D 356 11.10 -13.21 27.71
CA GLY D 356 11.13 -14.66 27.67
C GLY D 356 9.78 -15.22 27.24
N PRO D 357 9.72 -16.54 27.05
CA PRO D 357 8.46 -17.15 26.65
C PRO D 357 7.43 -17.05 27.76
N PRO D 358 6.14 -17.03 27.43
CA PRO D 358 5.11 -16.93 28.46
C PRO D 358 5.07 -18.19 29.32
N GLY D 359 4.61 -18.01 30.55
CA GLY D 359 4.53 -19.11 31.49
C GLY D 359 5.69 -19.22 32.46
N VAL D 360 6.47 -18.16 32.64
CA VAL D 360 7.60 -18.17 33.55
C VAL D 360 7.29 -17.28 34.74
N GLY D 361 8.20 -17.23 35.70
CA GLY D 361 8.00 -16.43 36.90
C GLY D 361 8.19 -14.93 36.74
N LYS D 362 7.53 -14.31 35.77
CA LYS D 362 7.66 -12.88 35.59
C LYS D 362 6.95 -12.12 36.71
N THR D 363 5.66 -12.41 36.92
CA THR D 363 4.92 -11.76 37.99
C THR D 363 5.52 -12.11 39.34
N SER D 364 5.99 -13.36 39.50
CA SER D 364 6.62 -13.76 40.75
C SER D 364 7.90 -12.97 40.98
N LEU D 365 8.67 -12.75 39.91
CA LEU D 365 9.91 -11.97 40.05
C LEU D 365 9.58 -10.54 40.43
N GLY D 366 8.54 -9.96 39.84
CA GLY D 366 8.16 -8.60 40.19
C GLY D 366 7.73 -8.48 41.63
N GLN D 367 6.92 -9.44 42.11
CA GLN D 367 6.48 -9.42 43.49
C GLN D 367 7.65 -9.62 44.44
N SER D 368 8.59 -10.49 44.07
CA SER D 368 9.76 -10.72 44.91
C SER D 368 10.62 -9.47 45.00
N ILE D 369 10.74 -8.74 43.87
CA ILE D 369 11.52 -7.51 43.88
C ILE D 369 10.83 -6.47 44.76
N ALA D 370 9.49 -6.40 44.67
CA ALA D 370 8.75 -5.45 45.49
C ALA D 370 8.92 -5.77 46.99
N LYS D 371 8.91 -7.06 47.33
CA LYS D 371 9.08 -7.44 48.73
C LYS D 371 10.50 -7.17 49.21
N ALA D 372 11.49 -7.44 48.36
CA ALA D 372 12.89 -7.22 48.74
C ALA D 372 13.20 -5.73 48.89
N THR D 373 12.61 -4.90 48.04
CA THR D 373 12.85 -3.46 48.11
C THR D 373 11.96 -2.77 49.14
N GLY D 374 11.03 -3.48 49.76
CA GLY D 374 10.16 -2.89 50.76
C GLY D 374 9.18 -1.87 50.21
N ARG D 375 8.87 -1.92 48.93
CA ARG D 375 7.95 -1.01 48.29
C ARG D 375 6.67 -1.73 47.91
N LYS D 376 5.56 -0.99 47.91
CA LYS D 376 4.27 -1.58 47.56
C LYS D 376 4.25 -2.04 46.11
N TYR D 377 3.51 -3.11 45.86
CA TYR D 377 3.40 -3.70 44.53
C TYR D 377 2.15 -3.21 43.81
N VAL D 378 2.32 -2.86 42.54
CA VAL D 378 1.23 -2.38 41.69
C VAL D 378 1.56 -2.75 40.25
N ARG D 379 0.54 -3.19 39.51
CA ARG D 379 0.72 -3.60 38.13
C ARG D 379 -0.14 -2.77 37.18
N MET D 380 0.30 -2.73 35.93
CA MET D 380 -0.38 -2.01 34.85
C MET D 380 0.01 -2.68 33.55
N ALA D 381 -0.98 -3.04 32.74
CA ALA D 381 -0.73 -3.72 31.48
C ALA D 381 -0.56 -2.73 30.34
N LEU D 382 0.52 -2.90 29.57
CA LEU D 382 0.80 -2.04 28.42
C LEU D 382 0.28 -2.62 27.12
N GLY D 383 -0.07 -3.90 27.10
CA GLY D 383 -0.57 -4.50 25.87
C GLY D 383 -1.92 -3.93 25.49
N GLY D 384 -2.14 -3.81 24.18
CA GLY D 384 -3.38 -3.28 23.66
C GLY D 384 -3.51 -1.77 23.73
N VAL D 385 -2.57 -1.09 24.37
CA VAL D 385 -2.62 0.37 24.48
C VAL D 385 -2.23 0.98 23.14
N ARG D 386 -3.06 1.88 22.63
CA ARG D 386 -2.80 2.53 21.36
C ARG D 386 -3.13 4.02 21.38
N ASP D 387 -3.42 4.60 22.53
CA ASP D 387 -3.76 6.01 22.64
C ASP D 387 -3.15 6.58 23.91
N GLU D 388 -2.78 7.86 23.85
CA GLU D 388 -2.22 8.54 25.01
C GLU D 388 -3.26 8.73 26.10
N ALA D 389 -4.54 8.59 25.76
CA ALA D 389 -5.61 8.75 26.73
C ALA D 389 -5.66 7.58 27.71
N GLU D 390 -4.84 6.55 27.51
CA GLU D 390 -4.80 5.41 28.41
C GLU D 390 -3.78 5.60 29.51
N ILE D 391 -2.62 6.18 29.17
CA ILE D 391 -1.60 6.45 30.17
C ILE D 391 -1.93 7.75 30.89
N ARG D 392 -2.30 8.77 30.14
CA ARG D 392 -2.70 10.07 30.67
C ARG D 392 -4.22 10.14 30.74
N GLY D 393 -4.71 11.18 31.39
CA GLY D 393 -6.13 11.38 31.55
C GLY D 393 -6.71 12.21 30.42
N HIS D 394 -7.93 12.71 30.65
CA HIS D 394 -8.62 13.54 29.69
C HIS D 394 -8.44 15.00 30.07
N ARG D 395 -8.88 15.89 29.19
CA ARG D 395 -8.75 17.32 29.43
C ARG D 395 -9.58 17.74 30.64
N ARG D 396 -9.19 18.87 31.23
CA ARG D 396 -9.90 19.40 32.38
C ARG D 396 -11.23 19.96 31.92
N THR D 397 -12.24 19.11 31.88
CA THR D 397 -13.57 19.49 31.40
C THR D 397 -14.61 18.82 32.31
N TYR D 398 -15.84 18.74 31.81
CA TYR D 398 -16.98 18.15 32.53
C TYR D 398 -16.68 16.79 33.14
N ILE D 399 -17.48 16.39 34.13
CA ILE D 399 -17.33 15.12 34.83
C ILE D 399 -17.22 13.98 33.84
N GLY D 400 -16.43 12.96 34.18
CA GLY D 400 -16.18 11.82 33.34
C GLY D 400 -14.77 11.76 32.82
N SER D 401 -14.05 12.89 32.85
CA SER D 401 -12.67 12.97 32.39
C SER D 401 -11.77 12.47 33.52
N MET D 402 -11.77 11.15 33.69
CA MET D 402 -10.95 10.54 34.72
C MET D 402 -9.49 10.52 34.32
N PRO D 403 -8.57 10.56 35.30
CA PRO D 403 -7.14 10.55 34.97
C PRO D 403 -6.73 9.23 34.32
N GLY D 404 -5.48 9.19 33.88
CA GLY D 404 -4.96 8.01 33.23
C GLY D 404 -4.79 6.86 34.19
N LYS D 405 -4.44 5.70 33.62
CA LYS D 405 -4.22 4.51 34.42
C LYS D 405 -3.11 4.71 35.43
N LEU D 406 -2.03 5.39 35.03
CA LEU D 406 -0.91 5.63 35.93
C LEU D 406 -1.34 6.46 37.14
N ILE D 407 -2.08 7.55 36.90
CA ILE D 407 -2.52 8.40 38.00
C ILE D 407 -3.44 7.62 38.93
N GLN D 408 -4.31 6.77 38.37
CA GLN D 408 -5.21 5.98 39.20
C GLN D 408 -4.42 5.00 40.07
N LYS D 409 -3.43 4.33 39.48
CA LYS D 409 -2.62 3.40 40.26
C LYS D 409 -1.86 4.13 41.36
N MET D 410 -1.36 5.32 41.06
CA MET D 410 -0.64 6.09 42.08
C MET D 410 -1.57 6.57 43.18
N ALA D 411 -2.82 6.87 42.82
CA ALA D 411 -3.78 7.32 43.83
C ALA D 411 -4.18 6.17 44.74
N LYS D 412 -4.29 4.96 44.18
CA LYS D 412 -4.66 3.80 44.98
C LYS D 412 -3.52 3.38 45.90
N VAL D 413 -2.28 3.53 45.44
CA VAL D 413 -1.10 3.16 46.22
C VAL D 413 -0.55 4.45 46.83
N GLY D 414 -0.88 4.69 48.10
CA GLY D 414 -0.46 5.90 48.78
C GLY D 414 1.00 6.01 49.18
N VAL D 415 1.92 5.74 48.25
CA VAL D 415 3.35 5.84 48.51
C VAL D 415 3.98 6.53 47.31
N LYS D 416 5.03 7.32 47.58
CA LYS D 416 5.73 8.09 46.51
C LYS D 416 6.77 7.23 45.78
N ASN D 417 7.13 6.06 46.33
CA ASN D 417 8.14 5.21 45.71
C ASN D 417 7.61 3.78 45.56
N PRO D 418 6.64 3.56 44.69
CA PRO D 418 6.12 2.21 44.48
C PRO D 418 6.81 1.52 43.32
N LEU D 419 6.56 0.22 43.19
CA LEU D 419 7.12 -0.60 42.13
C LEU D 419 6.06 -0.71 41.04
N PHE D 420 6.22 0.08 39.99
CA PHE D 420 5.26 0.10 38.88
C PHE D 420 5.73 -0.90 37.82
N LEU D 421 4.95 -1.96 37.63
CA LEU D 421 5.28 -3.00 36.66
C LEU D 421 4.62 -2.71 35.32
N LEU D 422 5.37 -2.86 34.25
CA LEU D 422 4.90 -2.62 32.88
C LEU D 422 4.83 -3.98 32.18
N ASP D 423 3.63 -4.55 32.15
CA ASP D 423 3.43 -5.86 31.52
C ASP D 423 3.05 -5.71 30.05
N GLU D 424 3.55 -6.64 29.24
CA GLU D 424 3.30 -6.69 27.80
C GLU D 424 3.68 -5.37 27.12
N ILE D 425 4.97 -5.04 27.21
CA ILE D 425 5.45 -3.82 26.58
C ILE D 425 5.60 -4.02 25.08
N ASP D 426 5.80 -5.26 24.63
CA ASP D 426 5.94 -5.53 23.20
C ASP D 426 4.60 -5.56 22.48
N LYS D 427 3.50 -5.68 23.21
CA LYS D 427 2.17 -5.70 22.61
C LYS D 427 1.58 -4.31 22.42
N MET D 428 2.25 -3.27 22.93
CA MET D 428 1.74 -1.92 22.77
C MET D 428 1.88 -1.48 21.31
N SER D 429 0.87 -0.76 20.84
CA SER D 429 0.84 -0.27 19.46
C SER D 429 0.54 1.22 19.46
N SER D 430 0.43 1.77 18.25
CA SER D 430 0.14 3.20 18.03
C SER D 430 -0.85 3.29 16.89
N ASP D 431 -2.15 3.33 17.22
CA ASP D 431 -3.17 3.41 16.18
C ASP D 431 -4.27 4.43 16.42
N MET D 432 -4.47 4.94 17.64
CA MET D 432 -5.54 5.90 17.89
C MET D 432 -5.06 7.36 17.90
N ARG D 433 -4.10 7.69 18.77
CA ARG D 433 -3.59 9.06 18.87
C ARG D 433 -2.07 9.04 18.91
N GLY D 434 -1.45 9.17 17.75
CA GLY D 434 0.01 9.17 17.67
C GLY D 434 0.60 7.94 18.30
N ASP D 435 1.74 8.13 18.96
CA ASP D 435 2.45 7.04 19.64
C ASP D 435 2.51 7.32 21.14
N PRO D 436 1.85 6.52 21.97
CA PRO D 436 1.90 6.76 23.43
C PRO D 436 3.27 6.55 24.03
N ALA D 437 4.22 5.96 23.29
CA ALA D 437 5.56 5.74 23.82
C ALA D 437 6.15 7.03 24.36
N SER D 438 5.89 8.16 23.70
CA SER D 438 6.41 9.44 24.17
C SER D 438 5.98 9.69 25.60
N ALA D 439 4.68 9.50 25.88
CA ALA D 439 4.19 9.69 27.24
C ALA D 439 4.94 8.78 28.20
N LEU D 440 5.14 7.52 27.79
CA LEU D 440 5.87 6.59 28.64
C LEU D 440 7.25 7.15 28.96
N LEU D 441 7.93 7.71 27.95
CA LEU D 441 9.24 8.30 28.20
C LEU D 441 9.14 9.44 29.20
N GLU D 442 8.11 10.28 29.05
CA GLU D 442 7.94 11.40 29.97
C GLU D 442 7.73 10.90 31.40
N VAL D 443 7.19 9.70 31.56
CA VAL D 443 6.98 9.13 32.89
C VAL D 443 8.10 8.20 33.31
N LEU D 444 9.08 7.94 32.44
CA LEU D 444 10.18 7.06 32.75
C LEU D 444 11.53 7.75 32.73
N ASP D 445 11.72 8.79 31.91
CA ASP D 445 12.98 9.50 31.87
C ASP D 445 13.17 10.26 33.17
N PRO D 446 14.30 10.09 33.87
CA PRO D 446 14.50 10.81 35.14
C PRO D 446 14.45 12.32 34.99
N GLU D 447 14.67 12.84 33.78
CA GLU D 447 14.64 14.28 33.56
C GLU D 447 13.25 14.79 33.21
N GLN D 448 12.28 13.90 33.00
CA GLN D 448 10.92 14.28 32.68
C GLN D 448 9.88 13.81 33.69
N ASN D 449 10.15 12.72 34.41
CA ASN D 449 9.18 12.24 35.39
C ASN D 449 9.06 13.16 36.59
N VAL D 450 10.07 13.98 36.86
CA VAL D 450 10.01 14.91 37.99
C VAL D 450 8.97 15.98 37.74
N ALA D 451 8.68 16.28 36.48
CA ALA D 451 7.70 17.29 36.10
C ALA D 451 6.73 16.73 35.09
N PHE D 452 6.24 15.50 35.33
CA PHE D 452 5.31 14.85 34.42
C PHE D 452 3.93 15.50 34.56
N SER D 453 3.40 15.99 33.45
CA SER D 453 2.10 16.64 33.41
C SER D 453 1.08 15.73 32.73
N ASP D 454 -0.15 15.75 33.24
CA ASP D 454 -1.25 14.96 32.73
C ASP D 454 -2.30 15.88 32.12
N HIS D 455 -3.19 15.30 31.34
CA HIS D 455 -4.25 16.11 30.73
C HIS D 455 -5.22 16.60 31.78
N TYR D 456 -5.55 15.75 32.75
CA TYR D 456 -6.44 16.10 33.85
C TYR D 456 -5.66 16.75 34.98
N LEU D 457 -4.52 16.16 35.34
CA LEU D 457 -3.64 16.68 36.38
C LEU D 457 -2.55 17.50 35.70
N GLU D 458 -2.97 18.64 35.15
CA GLU D 458 -2.06 19.53 34.42
C GLU D 458 -0.88 20.00 35.27
N VAL D 459 -1.01 19.99 36.59
CA VAL D 459 0.08 20.42 37.46
C VAL D 459 1.14 19.32 37.49
N ASP D 460 2.41 19.72 37.35
CA ASP D 460 3.50 18.78 37.35
C ASP D 460 3.55 17.98 38.65
N TYR D 461 3.84 16.68 38.52
CA TYR D 461 3.93 15.77 39.65
C TYR D 461 5.29 15.09 39.64
N ASP D 462 5.89 14.97 40.83
CA ASP D 462 7.20 14.35 40.97
C ASP D 462 7.06 12.83 40.91
N LEU D 463 7.70 12.21 39.92
CA LEU D 463 7.67 10.76 39.74
C LEU D 463 9.07 10.17 39.62
N SER D 464 10.09 10.89 40.11
CA SER D 464 11.46 10.38 40.02
C SER D 464 11.71 9.26 41.01
N ASP D 465 10.98 9.22 42.13
CA ASP D 465 11.17 8.17 43.13
C ASP D 465 10.42 6.90 42.80
N VAL D 466 9.61 6.89 41.74
CA VAL D 466 8.85 5.70 41.37
C VAL D 466 9.74 4.77 40.55
N MET D 467 9.87 3.54 40.99
CA MET D 467 10.69 2.53 40.29
C MET D 467 9.82 1.81 39.27
N PHE D 468 10.31 1.72 38.03
CA PHE D 468 9.59 1.06 36.96
C PHE D 468 10.29 -0.22 36.53
N VAL D 469 9.50 -1.22 36.17
CA VAL D 469 9.98 -2.52 35.71
C VAL D 469 9.09 -2.95 34.56
N ALA D 470 9.70 -3.39 33.46
CA ALA D 470 8.96 -3.81 32.29
C ALA D 470 9.19 -5.30 32.02
N THR D 471 8.17 -5.93 31.43
CA THR D 471 8.21 -7.34 31.08
C THR D 471 7.73 -7.49 29.65
N SER D 472 8.24 -8.51 28.96
CA SER D 472 7.86 -8.75 27.57
C SER D 472 8.09 -10.21 27.22
N ASN D 473 7.63 -10.58 26.03
CA ASN D 473 7.77 -11.93 25.50
C ASN D 473 8.85 -12.03 24.45
N SER D 474 8.92 -11.07 23.53
CA SER D 474 9.91 -11.03 22.47
C SER D 474 10.80 -9.80 22.64
N MET D 475 11.90 -9.79 21.89
CA MET D 475 12.85 -8.69 21.92
C MET D 475 12.50 -7.58 20.94
N ASN D 476 11.27 -7.56 20.44
CA ASN D 476 10.82 -6.54 19.49
C ASN D 476 10.22 -5.35 20.23
N ILE D 477 11.05 -4.71 21.05
CA ILE D 477 10.65 -3.55 21.84
C ILE D 477 10.81 -2.32 20.97
N PRO D 478 9.86 -1.39 20.98
CA PRO D 478 9.99 -0.19 20.15
C PRO D 478 11.27 0.58 20.46
N ALA D 479 11.85 1.16 19.42
CA ALA D 479 13.09 1.92 19.55
C ALA D 479 13.03 3.03 20.60
N PRO D 480 11.99 3.87 20.66
CA PRO D 480 11.98 4.92 21.70
C PRO D 480 11.90 4.36 23.11
N LEU D 481 11.32 3.17 23.30
CA LEU D 481 11.21 2.57 24.62
C LEU D 481 12.42 1.71 24.97
N LEU D 482 13.38 1.58 24.06
CA LEU D 482 14.57 0.78 24.33
C LEU D 482 15.61 1.53 25.15
N ASP D 483 15.59 2.86 25.13
CA ASP D 483 16.55 3.64 25.88
C ASP D 483 16.30 3.52 27.38
N ARG D 484 17.39 3.57 28.16
CA ARG D 484 17.35 3.45 29.61
C ARG D 484 16.65 2.16 30.02
N MET D 485 17.06 1.06 29.40
CA MET D 485 16.44 -0.22 29.69
C MET D 485 17.44 -1.36 29.52
N GLU D 486 17.43 -2.30 30.46
CA GLU D 486 18.32 -3.45 30.43
C GLU D 486 17.48 -4.70 30.15
N VAL D 487 17.85 -5.43 29.10
CA VAL D 487 17.13 -6.63 28.69
C VAL D 487 17.72 -7.84 29.40
N ILE D 488 16.85 -8.61 30.07
CA ILE D 488 17.23 -9.82 30.77
C ILE D 488 16.38 -10.93 30.17
N ARG D 489 17.03 -11.86 29.46
CA ARG D 489 16.32 -12.95 28.81
C ARG D 489 16.17 -14.16 29.73
N LEU D 490 14.97 -14.76 29.69
CA LEU D 490 14.63 -15.93 30.47
C LEU D 490 14.37 -17.09 29.52
N SER D 491 14.51 -18.31 30.04
CA SER D 491 14.31 -19.50 29.22
C SER D 491 13.44 -20.53 29.92
N GLY D 492 13.31 -21.70 29.33
CA GLY D 492 12.52 -22.78 29.89
C GLY D 492 13.24 -23.47 31.03
N TYR D 493 12.64 -24.60 31.45
CA TYR D 493 13.18 -25.40 32.54
C TYR D 493 13.32 -26.84 32.09
N THR D 494 14.19 -27.57 32.78
CA THR D 494 14.43 -28.98 32.47
C THR D 494 13.38 -29.85 33.16
N GLU D 495 13.53 -31.17 33.03
CA GLU D 495 12.58 -32.09 33.65
C GLU D 495 12.67 -32.02 35.17
N ASP D 496 13.88 -32.15 35.72
CA ASP D 496 14.03 -32.09 37.18
C ASP D 496 13.68 -30.72 37.71
N GLU D 497 14.01 -29.66 36.96
CA GLU D 497 13.68 -28.31 37.40
C GLU D 497 12.17 -28.12 37.46
N LYS D 498 11.46 -28.55 36.42
CA LYS D 498 10.01 -28.43 36.41
C LYS D 498 9.39 -29.28 37.51
N LEU D 499 9.97 -30.46 37.77
CA LEU D 499 9.45 -31.32 38.82
C LEU D 499 9.58 -30.66 40.18
N ASN D 500 10.75 -30.06 40.45
CA ASN D 500 10.96 -29.38 41.72
C ASN D 500 10.04 -28.17 41.83
N ILE D 501 9.85 -27.43 40.73
CA ILE D 501 8.96 -26.27 40.76
C ILE D 501 7.54 -26.70 41.06
N ALA D 502 7.10 -27.80 40.47
CA ALA D 502 5.74 -28.28 40.71
C ALA D 502 5.58 -28.76 42.15
N LYS D 503 6.58 -29.45 42.68
CA LYS D 503 6.51 -29.95 44.05
C LYS D 503 6.75 -28.87 45.09
N ARG D 504 7.22 -27.69 44.69
CA ARG D 504 7.48 -26.61 45.63
C ARG D 504 6.37 -25.56 45.70
N HIS D 505 5.88 -25.10 44.56
CA HIS D 505 4.84 -24.07 44.62
C HIS D 505 3.57 -24.43 43.86
N LEU D 506 3.68 -25.07 42.70
CA LEU D 506 2.48 -25.41 41.92
C LEU D 506 1.53 -26.30 42.71
N LEU D 507 2.02 -27.41 43.23
CA LEU D 507 1.17 -28.32 44.00
C LEU D 507 0.56 -27.66 45.24
N PRO D 508 1.32 -26.98 46.10
CA PRO D 508 0.69 -26.35 47.27
C PRO D 508 -0.32 -25.28 46.90
N LYS D 509 -0.01 -24.45 45.89
CA LYS D 509 -0.95 -23.41 45.49
C LYS D 509 -2.24 -24.01 44.94
N GLN D 510 -2.14 -25.04 44.10
CA GLN D 510 -3.34 -25.67 43.57
C GLN D 510 -4.13 -26.40 44.65
N ILE D 511 -3.44 -26.95 45.65
CA ILE D 511 -4.13 -27.64 46.73
C ILE D 511 -4.88 -26.64 47.61
N GLU D 512 -4.26 -25.50 47.89
CA GLU D 512 -4.90 -24.48 48.71
C GLU D 512 -6.02 -23.78 47.97
N ARG D 513 -5.90 -23.63 46.64
CA ARG D 513 -6.95 -22.97 45.88
C ARG D 513 -8.20 -23.83 45.76
N ASN D 514 -8.04 -25.15 45.65
CA ASN D 514 -9.17 -26.05 45.54
C ASN D 514 -9.78 -26.42 46.89
N ALA D 515 -9.38 -25.72 47.96
CA ALA D 515 -9.88 -25.97 49.31
C ALA D 515 -9.67 -27.43 49.74
N LEU D 516 -8.43 -27.89 49.57
CA LEU D 516 -8.05 -29.25 49.92
C LEU D 516 -7.29 -29.25 51.24
N LYS D 517 -7.28 -30.42 51.88
CA LYS D 517 -6.59 -30.59 53.15
C LYS D 517 -5.15 -31.05 52.92
N LYS D 518 -4.39 -31.15 54.01
CA LYS D 518 -3.00 -31.57 53.90
C LYS D 518 -2.89 -33.04 53.55
N GLY D 519 -3.80 -33.88 54.05
CA GLY D 519 -3.75 -35.30 53.77
C GLY D 519 -4.87 -35.83 52.90
N GLU D 520 -5.31 -35.05 51.92
CA GLU D 520 -6.38 -35.47 51.02
C GLU D 520 -5.87 -35.94 49.67
N LEU D 521 -4.84 -35.30 49.13
CA LEU D 521 -4.28 -35.67 47.82
C LEU D 521 -2.77 -35.75 47.92
N THR D 522 -2.20 -36.82 47.38
CA THR D 522 -0.76 -37.04 47.38
C THR D 522 -0.33 -37.42 45.97
N VAL D 523 0.50 -36.60 45.35
CA VAL D 523 0.99 -36.82 44.00
C VAL D 523 2.49 -37.07 44.06
N ASP D 524 2.94 -38.16 43.44
CA ASP D 524 4.34 -38.52 43.43
C ASP D 524 5.04 -37.86 42.23
N ASP D 525 6.33 -38.15 42.07
CA ASP D 525 7.10 -37.58 40.96
C ASP D 525 6.78 -38.26 39.64
N SER D 526 6.33 -39.52 39.68
CA SER D 526 6.01 -40.23 38.45
C SER D 526 4.87 -39.55 37.69
N ALA D 527 3.84 -39.11 38.42
CA ALA D 527 2.72 -38.44 37.76
C ALA D 527 3.16 -37.14 37.11
N ILE D 528 3.99 -36.35 37.80
CA ILE D 528 4.46 -35.09 37.24
C ILE D 528 5.32 -35.35 36.01
N ILE D 529 6.18 -36.37 36.07
CA ILE D 529 7.03 -36.69 34.92
C ILE D 529 6.17 -37.11 33.74
N GLY D 530 5.14 -37.93 33.99
CA GLY D 530 4.26 -38.34 32.92
C GLY D 530 3.49 -37.18 32.32
N ILE D 531 3.12 -36.22 33.15
CA ILE D 531 2.39 -35.05 32.67
C ILE D 531 3.31 -34.18 31.80
N ILE D 532 4.56 -34.01 32.22
CA ILE D 532 5.50 -33.19 31.46
C ILE D 532 5.90 -33.88 30.16
N ARG D 533 5.91 -35.21 30.14
CA ARG D 533 6.32 -35.93 28.94
C ARG D 533 5.19 -36.20 27.95
N TYR D 534 3.97 -36.44 28.40
CA TYR D 534 2.87 -36.76 27.48
C TYR D 534 1.67 -35.83 27.58
N TYR D 535 1.74 -34.74 28.35
CA TYR D 535 0.59 -33.85 28.45
C TYR D 535 0.90 -32.37 28.23
N THR D 536 2.16 -32.00 28.02
CA THR D 536 2.48 -30.60 27.79
C THR D 536 3.79 -30.49 27.03
N ARG D 537 3.85 -29.52 26.11
CA ARG D 537 5.04 -29.26 25.29
C ARG D 537 5.20 -27.74 25.22
N GLU D 538 5.94 -27.18 26.17
CA GLU D 538 6.18 -25.75 26.23
C GLU D 538 7.38 -25.49 27.13
N ALA D 539 7.78 -24.22 27.21
CA ALA D 539 8.91 -23.82 28.04
C ALA D 539 8.48 -23.42 29.44
N GLY D 540 7.24 -22.94 29.60
CA GLY D 540 6.75 -22.53 30.90
C GLY D 540 6.20 -23.68 31.71
N VAL D 541 5.31 -23.34 32.64
CA VAL D 541 4.67 -24.34 33.51
C VAL D 541 3.16 -24.18 33.48
N ARG D 542 2.63 -23.60 32.39
CA ARG D 542 1.19 -23.41 32.28
C ARG D 542 0.48 -24.76 32.20
N GLY D 543 1.01 -25.67 31.37
CA GLY D 543 0.40 -26.98 31.24
C GLY D 543 0.39 -27.73 32.56
N LEU D 544 1.49 -27.65 33.31
CA LEU D 544 1.55 -28.32 34.59
C LEU D 544 0.49 -27.77 35.55
N GLU D 545 0.33 -26.44 35.56
CA GLU D 545 -0.67 -25.83 36.43
C GLU D 545 -2.07 -26.29 36.06
N ARG D 546 -2.38 -26.30 34.76
CA ARG D 546 -3.71 -26.74 34.33
C ARG D 546 -3.95 -28.20 34.67
N GLU D 547 -2.95 -29.06 34.46
CA GLU D 547 -3.12 -30.48 34.77
C GLU D 547 -3.31 -30.69 36.26
N ILE D 548 -2.53 -29.99 37.10
CA ILE D 548 -2.68 -30.15 38.53
C ILE D 548 -4.05 -29.64 38.99
N SER D 549 -4.54 -28.57 38.35
CA SER D 549 -5.86 -28.05 38.71
C SER D 549 -6.93 -29.08 38.36
N LYS D 550 -6.83 -29.70 37.19
CA LYS D 550 -7.80 -30.72 36.80
C LYS D 550 -7.74 -31.91 37.75
N LEU D 551 -6.52 -32.32 38.13
CA LEU D 551 -6.37 -33.43 39.06
C LEU D 551 -7.02 -33.12 40.40
N CYS D 552 -6.79 -31.91 40.92
CA CYS D 552 -7.38 -31.54 42.21
C CYS D 552 -8.90 -31.49 42.13
N ARG D 553 -9.45 -30.92 41.05
CA ARG D 553 -10.89 -30.85 40.91
C ARG D 553 -11.51 -32.24 40.83
N LYS D 554 -10.91 -33.12 40.02
CA LYS D 554 -11.44 -34.48 39.90
C LYS D 554 -11.33 -35.23 41.22
N ALA D 555 -10.22 -35.03 41.95
CA ALA D 555 -10.06 -35.70 43.23
C ALA D 555 -11.09 -35.21 44.23
N VAL D 556 -11.39 -33.91 44.24
CA VAL D 556 -12.38 -33.37 45.16
C VAL D 556 -13.75 -33.94 44.84
N LYS D 557 -14.11 -33.97 43.56
CA LYS D 557 -15.41 -34.52 43.18
C LYS D 557 -15.52 -36.01 43.50
N GLN D 558 -14.44 -36.76 43.30
CA GLN D 558 -14.48 -38.19 43.57
C GLN D 558 -14.55 -38.47 45.07
N LEU D 559 -13.82 -37.71 45.88
CA LEU D 559 -13.86 -37.94 47.33
C LEU D 559 -15.16 -37.44 47.95
N LEU D 560 -15.77 -36.41 47.36
CA LEU D 560 -17.03 -35.90 47.91
C LEU D 560 -18.18 -36.88 47.68
N LEU D 561 -18.25 -37.47 46.49
CA LEU D 561 -19.31 -38.41 46.17
C LEU D 561 -19.05 -39.82 46.71
N ASP D 562 -18.00 -40.01 47.50
CA ASP D 562 -17.67 -41.31 48.08
C ASP D 562 -17.16 -41.06 49.50
N LYS D 563 -18.07 -41.14 50.48
CA LYS D 563 -17.70 -40.92 51.88
C LYS D 563 -16.83 -42.04 52.42
N SER D 564 -16.75 -43.18 51.73
CA SER D 564 -15.93 -44.29 52.18
C SER D 564 -14.47 -44.13 51.79
N LEU D 565 -14.13 -43.16 50.94
CA LEU D 565 -12.77 -42.93 50.51
C LEU D 565 -12.11 -41.95 51.47
N LYS D 566 -10.97 -42.34 52.05
CA LYS D 566 -10.26 -41.50 52.99
C LYS D 566 -9.07 -40.76 52.39
N HIS D 567 -8.50 -41.25 51.30
CA HIS D 567 -7.37 -40.59 50.68
C HIS D 567 -7.25 -41.00 49.22
N ILE D 568 -6.81 -40.07 48.39
CA ILE D 568 -6.63 -40.30 46.96
C ILE D 568 -5.16 -40.14 46.62
N GLU D 569 -4.58 -41.15 45.99
CA GLU D 569 -3.17 -41.14 45.60
C GLU D 569 -3.08 -41.41 44.10
N ILE D 570 -2.43 -40.49 43.39
CA ILE D 570 -2.25 -40.59 41.94
C ILE D 570 -0.77 -40.85 41.66
N ASN D 571 -0.50 -41.90 40.89
CA ASN D 571 0.86 -42.28 40.52
C ASN D 571 1.00 -42.25 39.00
N GLY D 572 2.15 -42.72 38.51
CA GLY D 572 2.42 -42.74 37.09
C GLY D 572 1.60 -43.74 36.30
N ASP D 573 0.77 -44.55 36.95
CA ASP D 573 -0.06 -45.54 36.28
C ASP D 573 -1.52 -45.12 36.16
N ASN D 574 -2.13 -44.72 37.28
CA ASN D 574 -3.52 -44.29 37.27
C ASN D 574 -3.70 -42.84 36.83
N LEU D 575 -2.61 -42.14 36.52
CA LEU D 575 -2.70 -40.75 36.10
C LEU D 575 -3.65 -40.58 34.92
N HIS D 576 -3.56 -41.48 33.94
CA HIS D 576 -4.44 -41.39 32.78
C HIS D 576 -5.90 -41.41 33.17
N ASP D 577 -6.25 -42.15 34.24
CA ASP D 577 -7.63 -42.21 34.69
C ASP D 577 -8.21 -40.83 34.99
N TYR D 578 -7.36 -39.85 35.26
CA TYR D 578 -7.80 -38.49 35.53
C TYR D 578 -7.51 -37.54 34.38
N LEU D 579 -6.76 -37.96 33.37
CA LEU D 579 -6.42 -37.10 32.25
C LEU D 579 -6.80 -37.70 30.89
N GLY D 580 -7.02 -39.00 30.80
CA GLY D 580 -7.39 -39.62 29.54
C GLY D 580 -6.18 -40.16 28.79
N VAL D 581 -6.36 -40.27 27.48
CA VAL D 581 -5.31 -40.78 26.60
C VAL D 581 -4.23 -39.72 26.42
N GLN D 582 -2.99 -40.18 26.28
CA GLN D 582 -1.87 -39.26 26.09
C GLN D 582 -2.03 -38.50 24.78
N ARG D 583 -1.63 -37.23 24.80
CA ARG D 583 -1.74 -36.37 23.63
C ARG D 583 -0.40 -36.09 22.94
N PHE D 584 0.72 -36.33 23.61
CA PHE D 584 2.03 -36.10 23.02
C PHE D 584 2.88 -37.35 23.10
N ASP D 585 3.90 -37.38 22.24
CA ASP D 585 4.85 -38.53 22.15
C ASP D 585 6.23 -38.08 22.62
N TYR D 586 6.90 -38.93 23.41
CA TYR D 586 8.22 -38.67 23.96
C TYR D 586 9.18 -39.75 23.48
N GLY D 587 10.25 -39.34 22.81
CA GLY D 587 11.23 -40.29 22.32
C GLY D 587 11.14 -40.53 20.83
N ARG D 588 12.30 -40.56 20.15
CA ARG D 588 12.37 -40.80 18.71
C ARG D 588 12.99 -42.14 18.37
N ALA D 589 13.02 -43.06 19.32
CA ALA D 589 13.60 -44.38 19.06
C ALA D 589 12.77 -45.18 18.06
N ASP D 590 11.45 -45.06 18.15
CA ASP D 590 10.52 -45.76 17.25
C ASP D 590 9.95 -44.82 16.20
N ASN D 591 10.76 -43.89 15.70
CA ASN D 591 10.32 -42.93 14.70
C ASN D 591 10.26 -43.51 13.29
N GLU D 592 10.89 -44.67 13.04
CA GLU D 592 10.91 -45.29 11.71
C GLU D 592 11.49 -44.30 10.68
N ASN D 593 12.78 -44.04 10.88
CA ASN D 593 13.57 -43.11 10.07
C ASN D 593 13.14 -43.08 8.61
N ARG D 594 12.91 -41.87 8.12
CA ARG D 594 12.48 -41.62 6.75
C ARG D 594 13.62 -41.03 5.94
N VAL D 595 13.38 -40.91 4.63
CA VAL D 595 14.38 -40.39 3.70
C VAL D 595 14.21 -38.90 3.46
N GLY D 596 13.05 -38.51 2.93
CA GLY D 596 12.76 -37.12 2.61
C GLY D 596 12.54 -36.19 3.78
N GLN D 597 12.53 -36.70 5.01
CA GLN D 597 12.32 -35.86 6.19
C GLN D 597 13.60 -35.73 7.00
N VAL D 598 13.82 -34.53 7.54
CA VAL D 598 14.98 -34.24 8.37
C VAL D 598 14.52 -33.41 9.57
N THR D 599 15.03 -33.75 10.75
CA THR D 599 14.68 -33.07 11.99
C THR D 599 15.71 -31.99 12.28
N GLY D 600 15.25 -30.76 12.51
CA GLY D 600 16.12 -29.66 12.81
C GLY D 600 15.62 -28.84 13.97
N LEU D 601 16.53 -28.01 14.49
CA LEU D 601 16.26 -27.12 15.61
C LEU D 601 16.02 -25.72 15.09
N ALA D 602 15.02 -25.03 15.66
CA ALA D 602 14.66 -23.69 15.25
C ALA D 602 14.73 -22.73 16.43
N TRP D 603 15.36 -21.59 16.23
CA TRP D 603 15.49 -20.56 17.25
C TRP D 603 14.28 -19.64 17.18
N THR D 604 13.54 -19.53 18.28
CA THR D 604 12.36 -18.70 18.35
C THR D 604 12.46 -17.77 19.56
N GLU D 605 11.86 -16.59 19.42
CA GLU D 605 11.87 -15.60 20.50
C GLU D 605 11.22 -16.12 21.78
N VAL D 606 10.39 -17.16 21.67
CA VAL D 606 9.72 -17.74 22.83
C VAL D 606 10.26 -19.14 23.09
N GLY D 607 11.53 -19.36 22.74
CA GLY D 607 12.15 -20.65 22.94
C GLY D 607 12.22 -21.48 21.68
N GLY D 608 13.36 -22.14 21.46
CA GLY D 608 13.52 -22.96 20.27
C GLY D 608 12.55 -24.12 20.25
N ASP D 609 12.39 -24.72 19.06
CA ASP D 609 11.49 -25.83 18.88
C ASP D 609 12.07 -26.78 17.83
N LEU D 610 11.32 -27.83 17.53
CA LEU D 610 11.71 -28.85 16.56
C LEU D 610 10.90 -28.70 15.28
N LEU D 611 11.57 -28.86 14.15
CA LEU D 611 10.93 -28.75 12.84
C LEU D 611 11.31 -29.96 11.99
N THR D 612 10.42 -30.31 11.06
CA THR D 612 10.62 -31.43 10.15
C THR D 612 10.63 -30.89 8.73
N ILE D 613 11.82 -30.67 8.18
CA ILE D 613 11.98 -30.14 6.84
C ILE D 613 11.89 -31.30 5.85
N GLU D 614 11.25 -31.06 4.71
CA GLU D 614 11.08 -32.08 3.70
C GLU D 614 11.59 -31.60 2.35
N THR D 615 11.97 -32.56 1.50
CA THR D 615 12.47 -32.27 0.17
C THR D 615 11.91 -33.31 -0.79
N ALA D 616 11.54 -32.86 -1.98
CA ALA D 616 10.99 -33.73 -3.01
C ALA D 616 11.76 -33.52 -4.30
N CYS D 617 12.26 -34.60 -4.86
CA CYS D 617 13.02 -34.59 -6.11
C CYS D 617 12.16 -35.32 -7.15
N VAL D 618 11.42 -34.55 -7.95
CA VAL D 618 10.54 -35.14 -8.95
C VAL D 618 11.11 -34.92 -10.35
N PRO D 619 10.65 -35.64 -11.38
CA PRO D 619 11.20 -35.42 -12.71
C PRO D 619 10.70 -34.09 -13.28
N GLY D 620 11.60 -33.37 -13.95
CA GLY D 620 11.25 -32.09 -14.53
C GLY D 620 12.34 -31.48 -15.38
N LYS D 621 12.53 -30.17 -15.24
CA LYS D 621 13.54 -29.44 -16.00
C LYS D 621 14.64 -28.85 -15.13
N GLY D 622 14.55 -28.97 -13.81
CA GLY D 622 15.55 -28.44 -12.91
C GLY D 622 15.16 -27.19 -12.17
N LYS D 623 13.88 -26.85 -12.13
CA LYS D 623 13.43 -25.65 -11.43
C LYS D 623 13.43 -25.89 -9.93
N LEU D 624 13.60 -24.80 -9.17
CA LEU D 624 13.63 -24.84 -7.72
C LEU D 624 12.37 -24.21 -7.15
N THR D 625 11.73 -24.92 -6.22
CA THR D 625 10.51 -24.45 -5.58
C THR D 625 10.67 -24.62 -4.07
N TYR D 626 10.16 -23.67 -3.31
CA TYR D 626 10.24 -23.73 -1.86
C TYR D 626 8.91 -23.29 -1.26
N THR D 627 8.61 -23.84 -0.09
CA THR D 627 7.37 -23.53 0.62
C THR D 627 7.68 -23.35 2.11
N GLY D 628 6.96 -22.43 2.72
CA GLY D 628 7.13 -22.13 4.13
C GLY D 628 7.41 -20.67 4.39
N SER D 629 7.07 -19.82 3.41
CA SER D 629 7.26 -18.37 3.50
C SER D 629 8.72 -18.02 3.77
N LEU D 630 9.58 -18.52 2.88
CA LEU D 630 11.01 -18.29 3.00
C LEU D 630 11.42 -17.02 2.25
N GLY D 631 12.52 -16.43 2.70
CA GLY D 631 13.05 -15.22 2.10
C GLY D 631 14.23 -15.48 1.18
N GLU D 632 14.95 -14.40 0.87
CA GLU D 632 16.11 -14.50 -0.01
C GLU D 632 17.25 -15.27 0.63
N VAL D 633 17.39 -15.18 1.96
CA VAL D 633 18.45 -15.90 2.65
C VAL D 633 18.28 -17.40 2.44
N MET D 634 17.03 -17.88 2.52
CA MET D 634 16.78 -19.30 2.30
C MET D 634 17.07 -19.67 0.85
N GLN D 635 16.81 -18.76 -0.08
CA GLN D 635 17.09 -19.03 -1.48
C GLN D 635 18.57 -19.22 -1.72
N GLU D 636 19.39 -18.29 -1.21
CA GLU D 636 20.84 -18.44 -1.40
C GLU D 636 21.37 -19.64 -0.64
N SER D 637 20.78 -19.98 0.51
CA SER D 637 21.24 -21.15 1.25
C SER D 637 20.95 -22.42 0.46
N ILE D 638 19.74 -22.50 -0.14
CA ILE D 638 19.39 -23.67 -0.94
C ILE D 638 20.29 -23.74 -2.17
N GLN D 639 20.63 -22.58 -2.74
CA GLN D 639 21.52 -22.57 -3.90
C GLN D 639 22.90 -23.10 -3.53
N ALA D 640 23.42 -22.68 -2.37
CA ALA D 640 24.72 -23.16 -1.92
C ALA D 640 24.67 -24.66 -1.65
N ALA D 641 23.58 -25.13 -1.04
CA ALA D 641 23.45 -26.57 -0.78
C ALA D 641 23.41 -27.35 -2.09
N LEU D 642 22.70 -26.82 -3.09
CA LEU D 642 22.61 -27.48 -4.38
C LEU D 642 23.99 -27.53 -5.04
N THR D 643 24.77 -26.45 -4.90
CA THR D 643 26.10 -26.43 -5.47
C THR D 643 26.99 -27.47 -4.80
N VAL D 644 26.88 -27.59 -3.47
CA VAL D 644 27.68 -28.57 -2.74
C VAL D 644 27.29 -29.97 -3.17
N VAL D 645 26.00 -30.22 -3.37
CA VAL D 645 25.54 -31.53 -3.81
C VAL D 645 26.05 -31.82 -5.21
N ARG D 646 26.06 -30.81 -6.09
CA ARG D 646 26.55 -31.02 -7.44
C ARG D 646 28.05 -31.30 -7.44
N ALA D 647 28.78 -30.71 -6.49
CA ALA D 647 30.22 -30.94 -6.41
C ALA D 647 30.56 -32.29 -5.80
N ARG D 648 29.72 -32.80 -4.90
CA ARG D 648 29.96 -34.08 -4.25
C ARG D 648 29.08 -35.21 -4.76
N ALA D 649 28.40 -35.01 -5.91
CA ALA D 649 27.54 -36.05 -6.45
C ALA D 649 28.33 -37.31 -6.79
N GLU D 650 29.53 -37.14 -7.35
CA GLU D 650 30.35 -38.31 -7.70
C GLU D 650 30.72 -39.11 -6.47
N LYS D 651 31.03 -38.43 -5.36
CA LYS D 651 31.40 -39.14 -4.13
C LYS D 651 30.18 -39.76 -3.46
N LEU D 652 29.02 -39.12 -3.57
CA LEU D 652 27.80 -39.63 -2.96
C LEU D 652 27.01 -40.56 -3.88
N GLY D 653 27.48 -40.77 -5.11
CA GLY D 653 26.77 -41.64 -6.02
C GLY D 653 25.55 -41.05 -6.65
N ILE D 654 25.51 -39.72 -6.81
CA ILE D 654 24.38 -39.03 -7.41
C ILE D 654 24.69 -38.74 -8.87
N ASN D 655 23.69 -38.91 -9.73
CA ASN D 655 23.88 -38.66 -11.15
C ASN D 655 24.10 -37.17 -11.37
N PRO D 656 25.19 -36.78 -12.04
CA PRO D 656 25.46 -35.35 -12.25
C PRO D 656 24.38 -34.59 -13.01
N ASP D 657 23.47 -35.28 -13.71
CA ASP D 657 22.41 -34.61 -14.46
C ASP D 657 21.11 -34.49 -13.67
N PHE D 658 21.17 -34.52 -12.34
CA PHE D 658 19.95 -34.40 -11.55
C PHE D 658 19.40 -32.98 -11.57
N TYR D 659 20.26 -31.97 -11.62
CA TYR D 659 19.82 -30.58 -11.63
C TYR D 659 19.34 -30.12 -13.01
N GLU D 660 19.35 -31.00 -14.01
CA GLU D 660 18.93 -30.65 -15.35
C GLU D 660 17.63 -31.32 -15.77
N LYS D 661 17.33 -32.51 -15.26
CA LYS D 661 16.12 -33.24 -15.62
C LYS D 661 15.19 -33.47 -14.43
N ARG D 662 15.49 -32.91 -13.27
CA ARG D 662 14.65 -33.11 -12.10
C ARG D 662 14.44 -31.82 -11.33
N ASP D 663 13.19 -31.56 -10.94
CA ASP D 663 12.83 -30.39 -10.17
C ASP D 663 12.91 -30.72 -8.68
N ILE D 664 13.32 -29.74 -7.89
CA ILE D 664 13.48 -29.88 -6.44
C ILE D 664 12.50 -28.93 -5.74
N HIS D 665 11.79 -29.47 -4.75
CA HIS D 665 10.83 -28.71 -3.95
C HIS D 665 11.17 -28.91 -2.48
N VAL D 666 11.58 -27.83 -1.82
CA VAL D 666 11.96 -27.85 -0.42
C VAL D 666 10.86 -27.19 0.40
N HIS D 667 10.39 -27.90 1.44
CA HIS D 667 9.34 -27.40 2.33
C HIS D 667 9.90 -27.28 3.74
N VAL D 668 9.85 -26.08 4.28
CA VAL D 668 10.34 -25.78 5.62
C VAL D 668 9.15 -25.30 6.46
N PRO D 669 8.56 -26.17 7.27
CA PRO D 669 7.41 -25.76 8.09
C PRO D 669 7.78 -24.66 9.08
N GLU D 670 6.88 -23.69 9.22
CA GLU D 670 7.06 -22.57 10.13
C GLU D 670 8.35 -21.80 9.82
N GLY D 671 8.54 -21.49 8.53
CA GLY D 671 9.71 -20.76 8.10
C GLY D 671 9.72 -19.31 8.53
N ALA D 672 8.56 -18.78 8.91
CA ALA D 672 8.43 -17.39 9.35
C ALA D 672 8.88 -17.19 10.78
N THR D 673 9.62 -18.14 11.34
CA THR D 673 10.07 -18.01 12.71
C THR D 673 11.00 -16.79 12.83
N PRO D 674 11.01 -16.13 13.99
CA PRO D 674 11.86 -14.95 14.16
C PRO D 674 13.33 -15.33 14.26
N LYS D 675 13.85 -15.97 13.22
CA LYS D 675 15.24 -16.41 13.15
C LYS D 675 15.88 -15.76 11.94
N ASP D 676 16.84 -14.88 12.18
CA ASP D 676 17.54 -14.17 11.12
C ASP D 676 18.74 -15.01 10.70
N GLY D 677 18.61 -15.70 9.57
CA GLY D 677 19.67 -16.54 9.06
C GLY D 677 19.21 -17.96 8.81
N PRO D 678 19.64 -18.53 7.68
CA PRO D 678 19.25 -19.92 7.34
C PRO D 678 20.06 -20.96 8.10
N ALA D 679 19.74 -21.10 9.40
CA ALA D 679 20.42 -22.05 10.26
C ALA D 679 20.12 -23.50 9.91
N ALA D 680 19.24 -23.76 8.94
CA ALA D 680 18.88 -25.12 8.54
C ALA D 680 19.60 -25.56 7.27
N GLY D 681 20.78 -25.01 6.99
CA GLY D 681 21.50 -25.40 5.78
C GLY D 681 21.84 -26.87 5.75
N ILE D 682 22.41 -27.39 6.84
CA ILE D 682 22.77 -28.81 6.88
C ILE D 682 21.54 -29.69 6.75
N ALA D 683 20.42 -29.28 7.33
CA ALA D 683 19.20 -30.07 7.23
C ALA D 683 18.73 -30.19 5.79
N MET D 684 18.68 -29.06 5.08
CA MET D 684 18.26 -29.08 3.68
C MET D 684 19.23 -29.87 2.82
N CYS D 685 20.54 -29.72 3.09
CA CYS D 685 21.53 -30.45 2.30
C CYS D 685 21.40 -31.95 2.52
N THR D 686 21.21 -32.37 3.77
CA THR D 686 21.05 -33.79 4.06
C THR D 686 19.78 -34.33 3.43
N ALA D 687 18.69 -33.56 3.49
CA ALA D 687 17.44 -34.01 2.87
C ALA D 687 17.59 -34.14 1.36
N LEU D 688 18.34 -33.22 0.75
CA LEU D 688 18.57 -33.30 -0.70
C LEU D 688 19.38 -34.53 -1.05
N VAL D 689 20.45 -34.78 -0.29
CA VAL D 689 21.28 -35.96 -0.54
C VAL D 689 20.46 -37.22 -0.37
N SER D 690 19.54 -37.22 0.60
CA SER D 690 18.69 -38.38 0.84
C SER D 690 17.73 -38.60 -0.33
N CYS D 691 17.09 -37.51 -0.79
CA CYS D 691 16.16 -37.64 -1.91
C CYS D 691 16.88 -38.15 -3.17
N LEU D 692 18.10 -37.67 -3.40
CA LEU D 692 18.84 -38.09 -4.58
C LEU D 692 19.45 -39.48 -4.44
N THR D 693 19.72 -39.95 -3.21
CA THR D 693 20.30 -41.26 -3.00
C THR D 693 19.37 -42.28 -2.37
N GLY D 694 18.33 -41.85 -1.68
CA GLY D 694 17.42 -42.78 -1.05
C GLY D 694 17.86 -43.26 0.32
N ASN D 695 18.92 -42.67 0.88
CA ASN D 695 19.41 -43.07 2.19
C ASN D 695 18.53 -42.46 3.27
N PRO D 696 17.86 -43.26 4.09
CA PRO D 696 17.01 -42.70 5.15
C PRO D 696 17.84 -41.99 6.21
N VAL D 697 17.36 -40.83 6.64
CA VAL D 697 18.05 -40.05 7.67
C VAL D 697 17.80 -40.71 9.03
N ARG D 698 18.89 -40.98 9.75
CA ARG D 698 18.78 -41.61 11.06
C ARG D 698 17.92 -40.78 11.99
N ALA D 699 16.93 -41.42 12.61
CA ALA D 699 16.04 -40.75 13.54
C ALA D 699 16.79 -40.44 14.84
N ASP D 700 16.10 -39.72 15.73
CA ASP D 700 16.67 -39.32 17.02
C ASP D 700 17.94 -38.50 16.85
N VAL D 701 18.00 -37.73 15.77
CA VAL D 701 19.15 -36.88 15.45
C VAL D 701 18.65 -35.49 15.08
N ALA D 702 19.29 -34.47 15.65
CA ALA D 702 18.94 -33.08 15.40
C ALA D 702 20.16 -32.34 14.86
N MET D 703 19.92 -31.38 13.97
CA MET D 703 21.01 -30.61 13.39
C MET D 703 20.55 -29.19 13.11
N THR D 704 21.52 -28.26 13.14
CA THR D 704 21.28 -26.86 12.89
C THR D 704 22.62 -26.17 12.66
N GLY D 705 22.64 -25.21 11.76
CA GLY D 705 23.85 -24.49 11.45
C GLY D 705 23.88 -24.01 10.01
N GLU D 706 24.73 -23.02 9.76
CA GLU D 706 24.89 -22.43 8.44
C GLU D 706 25.84 -23.27 7.59
N ILE D 707 25.75 -23.08 6.27
CA ILE D 707 26.59 -23.79 5.32
C ILE D 707 27.16 -22.80 4.31
N THR D 708 28.25 -23.22 3.68
CA THR D 708 28.94 -22.42 2.67
C THR D 708 29.01 -23.21 1.37
N LEU D 709 29.64 -22.61 0.36
CA LEU D 709 29.77 -23.27 -0.94
C LEU D 709 30.86 -24.33 -0.94
N ARG D 710 31.81 -24.26 -0.01
CA ARG D 710 32.90 -25.23 0.08
C ARG D 710 32.61 -26.36 1.06
N GLY D 711 31.42 -26.40 1.64
CA GLY D 711 31.08 -27.45 2.59
C GLY D 711 31.45 -27.16 4.03
N GLN D 712 31.72 -25.90 4.37
CA GLN D 712 32.08 -25.52 5.73
C GLN D 712 30.84 -25.10 6.51
N VAL D 713 30.84 -25.41 7.80
CA VAL D 713 29.74 -25.09 8.70
C VAL D 713 30.11 -23.82 9.47
N LEU D 714 29.18 -22.85 9.53
CA LEU D 714 29.38 -21.60 10.21
C LEU D 714 28.67 -21.60 11.56
N PRO D 715 29.17 -20.84 12.53
CA PRO D 715 28.53 -20.81 13.85
C PRO D 715 27.18 -20.10 13.81
N ILE D 716 26.36 -20.40 14.82
CA ILE D 716 25.03 -19.83 14.97
C ILE D 716 24.85 -19.39 16.41
N GLY D 717 23.69 -18.78 16.69
CA GLY D 717 23.36 -18.31 18.02
C GLY D 717 22.13 -19.02 18.58
N GLY D 718 21.94 -18.86 19.88
CA GLY D 718 20.81 -19.48 20.56
C GLY D 718 20.93 -20.97 20.71
N LEU D 719 22.10 -21.47 21.10
CA LEU D 719 22.27 -22.91 21.27
C LEU D 719 21.53 -23.43 22.49
N LYS D 720 21.36 -22.60 23.52
CA LYS D 720 20.66 -23.05 24.72
C LYS D 720 19.21 -23.41 24.43
N GLU D 721 18.50 -22.56 23.69
CA GLU D 721 17.11 -22.82 23.37
C GLU D 721 16.98 -24.07 22.51
N LYS D 722 17.86 -24.24 21.53
CA LYS D 722 17.80 -25.42 20.68
C LYS D 722 18.08 -26.69 21.47
N LEU D 723 19.04 -26.63 22.39
CA LEU D 723 19.34 -27.80 23.21
C LEU D 723 18.16 -28.13 24.13
N LEU D 724 17.51 -27.10 24.68
CA LEU D 724 16.36 -27.34 25.54
C LEU D 724 15.22 -27.96 24.73
N ALA D 725 15.02 -27.50 23.50
CA ALA D 725 13.97 -28.06 22.66
C ALA D 725 14.28 -29.51 22.32
N ALA D 726 15.54 -29.81 22.01
CA ALA D 726 15.91 -31.19 21.70
C ALA D 726 15.73 -32.08 22.92
N HIS D 727 16.01 -31.54 24.11
CA HIS D 727 15.85 -32.32 25.33
C HIS D 727 14.38 -32.61 25.61
N ARG D 728 13.52 -31.60 25.41
CA ARG D 728 12.09 -31.80 25.64
C ARG D 728 11.50 -32.78 24.62
N GLY D 729 11.97 -32.72 23.37
CA GLY D 729 11.47 -33.60 22.34
C GLY D 729 11.99 -35.02 22.40
N GLY D 730 12.93 -35.30 23.31
CA GLY D 730 13.47 -36.64 23.43
C GLY D 730 14.56 -36.98 22.45
N ILE D 731 15.28 -35.98 21.94
CA ILE D 731 16.35 -36.20 20.98
C ILE D 731 17.67 -36.28 21.73
N LYS D 732 18.43 -37.34 21.48
CA LYS D 732 19.72 -37.55 22.12
C LYS D 732 20.90 -37.11 21.29
N THR D 733 20.86 -37.29 19.97
CA THR D 733 21.95 -36.90 19.08
C THR D 733 21.66 -35.52 18.50
N VAL D 734 22.56 -34.58 18.74
CA VAL D 734 22.43 -33.21 18.26
C VAL D 734 23.74 -32.81 17.59
N LEU D 735 23.65 -32.30 16.36
CA LEU D 735 24.81 -31.87 15.59
C LEU D 735 24.84 -30.35 15.56
N ILE D 736 25.91 -29.76 16.08
CA ILE D 736 26.07 -28.31 16.12
C ILE D 736 27.40 -27.96 15.48
N PRO D 737 27.56 -26.71 15.03
CA PRO D 737 28.82 -26.30 14.42
C PRO D 737 29.99 -26.39 15.40
N PHE D 738 31.19 -26.53 14.85
CA PHE D 738 32.39 -26.64 15.68
C PHE D 738 32.72 -25.32 16.36
N GLU D 739 32.54 -24.20 15.65
CA GLU D 739 32.83 -22.89 16.23
C GLU D 739 32.00 -22.59 17.47
N ASN D 740 30.84 -23.22 17.61
CA ASN D 740 29.99 -23.01 18.77
C ASN D 740 30.39 -23.88 19.96
N LYS D 741 31.42 -24.71 19.81
CA LYS D 741 31.85 -25.57 20.91
C LYS D 741 32.20 -24.76 22.15
N ARG D 742 32.90 -23.64 21.96
CA ARG D 742 33.28 -22.80 23.10
C ARG D 742 32.07 -22.27 23.84
N ASP D 743 30.89 -22.29 23.23
CA ASP D 743 29.69 -21.81 23.89
C ASP D 743 29.11 -22.84 24.85
N LEU D 744 29.44 -24.12 24.67
CA LEU D 744 28.93 -25.16 25.55
C LEU D 744 29.33 -24.94 27.01
N GLU D 745 30.41 -24.19 27.24
CA GLU D 745 30.83 -23.92 28.61
C GLU D 745 29.85 -23.02 29.36
N GLU D 746 28.97 -22.33 28.63
CA GLU D 746 27.98 -21.45 29.24
C GLU D 746 26.62 -22.11 29.40
N ILE D 747 26.55 -23.42 29.19
CA ILE D 747 25.30 -24.18 29.30
C ILE D 747 25.40 -25.08 30.53
N PRO D 748 24.38 -25.13 31.38
CA PRO D 748 24.45 -25.99 32.57
C PRO D 748 24.61 -27.46 32.20
N ASP D 749 25.13 -28.23 33.15
CA ASP D 749 25.35 -29.65 32.93
C ASP D 749 24.04 -30.44 32.88
N ASN D 750 22.96 -29.91 33.45
CA ASN D 750 21.68 -30.62 33.43
C ASN D 750 21.15 -30.83 32.01
N VAL D 751 21.62 -30.06 31.04
CA VAL D 751 21.18 -30.19 29.66
C VAL D 751 22.20 -30.94 28.81
N ILE D 752 23.49 -30.75 29.09
CA ILE D 752 24.53 -31.42 28.32
C ILE D 752 24.64 -32.89 28.70
N ALA D 753 24.41 -33.22 29.97
CA ALA D 753 24.50 -34.61 30.42
C ALA D 753 23.43 -35.50 29.82
N ASP D 754 22.36 -34.93 29.29
CA ASP D 754 21.28 -35.72 28.71
C ASP D 754 21.38 -35.85 27.19
N LEU D 755 22.00 -34.89 26.52
CA LEU D 755 22.13 -34.90 25.07
C LEU D 755 23.56 -35.25 24.66
N ASP D 756 23.69 -35.87 23.49
CA ASP D 756 24.98 -36.26 22.94
C ASP D 756 25.28 -35.29 21.80
N ILE D 757 26.12 -34.29 22.09
CA ILE D 757 26.50 -33.28 21.12
C ILE D 757 27.78 -33.70 20.42
N HIS D 758 27.82 -33.49 19.10
CA HIS D 758 28.98 -33.83 18.28
C HIS D 758 29.37 -32.62 17.46
N PRO D 759 30.35 -31.84 17.91
CA PRO D 759 30.76 -30.66 17.13
C PRO D 759 31.29 -31.05 15.76
N VAL D 760 30.74 -30.43 14.72
CA VAL D 760 31.13 -30.70 13.34
C VAL D 760 31.50 -29.40 12.65
N LYS D 761 32.28 -29.52 11.58
CA LYS D 761 32.72 -28.38 10.80
C LYS D 761 32.63 -28.57 9.29
N ARG D 762 32.42 -29.79 8.81
CA ARG D 762 32.33 -30.06 7.38
C ARG D 762 31.03 -30.78 7.07
N ILE D 763 30.64 -30.74 5.79
CA ILE D 763 29.39 -31.39 5.37
C ILE D 763 29.54 -32.92 5.40
N GLU D 764 30.77 -33.42 5.21
CA GLU D 764 30.98 -34.86 5.23
C GLU D 764 30.71 -35.46 6.60
N GLU D 765 31.10 -34.75 7.67
CA GLU D 765 30.87 -35.26 9.01
C GLU D 765 29.38 -35.34 9.31
N VAL D 766 28.61 -34.33 8.92
CA VAL D 766 27.16 -34.35 9.17
C VAL D 766 26.50 -35.42 8.32
N LEU D 767 26.98 -35.61 7.08
CA LEU D 767 26.40 -36.64 6.23
C LEU D 767 26.72 -38.03 6.75
N THR D 768 27.87 -38.21 7.39
CA THR D 768 28.23 -39.52 7.93
C THR D 768 27.50 -39.81 9.24
N LEU D 769 27.35 -38.80 10.09
CA LEU D 769 26.67 -39.00 11.36
C LEU D 769 25.16 -38.92 11.26
N ALA D 770 24.61 -38.46 10.13
CA ALA D 770 23.16 -38.34 9.99
C ALA D 770 22.55 -39.42 9.12
N LEU D 771 23.23 -39.89 8.09
CA LEU D 771 22.67 -40.91 7.21
C LEU D 771 22.87 -42.30 7.80
N GLN D 772 21.98 -43.21 7.42
CA GLN D 772 22.05 -44.59 7.93
C GLN D 772 23.25 -45.33 7.35
N ASN D 773 23.52 -45.14 6.06
CA ASN D 773 24.65 -45.81 5.42
C ASN D 773 25.86 -44.87 5.40
N GLU D 774 26.95 -45.32 4.79
CA GLU D 774 28.16 -44.50 4.73
C GLU D 774 27.99 -43.31 3.79
N PRO D 775 27.55 -43.47 2.53
CA PRO D 775 27.42 -42.28 1.69
C PRO D 775 26.33 -41.33 2.16
N ALA E 247 -38.83 19.32 51.55
CA ALA E 247 -39.78 20.18 52.26
C ALA E 247 -41.24 19.74 52.10
N PRO E 248 -41.70 19.41 50.86
CA PRO E 248 -43.10 18.98 50.70
C PRO E 248 -43.37 17.62 51.33
N ASP E 249 -44.60 17.13 51.18
CA ASP E 249 -44.98 15.84 51.75
C ASP E 249 -44.21 14.70 51.10
N GLU E 250 -43.93 14.80 49.79
CA GLU E 250 -43.20 13.75 49.09
C GLU E 250 -41.88 13.45 49.77
N ASN E 251 -41.05 14.49 49.95
CA ASN E 251 -39.74 14.32 50.59
C ASN E 251 -39.85 13.62 51.94
N GLU E 252 -41.03 13.62 52.56
CA GLU E 252 -41.22 12.93 53.83
C GLU E 252 -41.40 11.44 53.58
N ALA E 253 -42.36 11.08 52.73
CA ALA E 253 -42.61 9.68 52.43
C ALA E 253 -41.35 8.99 51.94
N LEU E 254 -40.65 9.61 50.99
CA LEU E 254 -39.42 9.04 50.47
C LEU E 254 -38.41 8.81 51.60
N LYS E 255 -38.33 9.76 52.54
CA LYS E 255 -37.41 9.61 53.66
C LYS E 255 -37.70 8.34 54.44
N ARG E 256 -38.99 7.99 54.57
CA ARG E 256 -39.34 6.77 55.30
C ARG E 256 -38.76 5.54 54.62
N LYS E 257 -38.72 5.53 53.28
CA LYS E 257 -38.15 4.39 52.57
C LYS E 257 -36.69 4.18 52.91
N ILE E 258 -36.04 5.17 53.51
CA ILE E 258 -34.64 5.04 53.89
C ILE E 258 -34.52 4.38 55.27
N ASP E 259 -35.50 4.60 56.15
CA ASP E 259 -35.46 4.04 57.49
C ASP E 259 -36.14 2.67 57.59
N ALA E 260 -37.11 2.39 56.71
CA ALA E 260 -37.82 1.13 56.75
C ALA E 260 -37.02 -0.04 56.16
N ALA E 261 -35.83 0.20 55.63
CA ALA E 261 -35.00 -0.85 55.05
C ALA E 261 -33.64 -0.89 55.72
N LYS E 262 -33.23 -2.08 56.17
CA LYS E 262 -31.94 -2.23 56.82
C LYS E 262 -30.84 -2.07 55.78
N MET E 263 -29.80 -1.32 56.12
CA MET E 263 -28.72 -1.07 55.18
C MET E 263 -27.32 -1.18 55.78
N PRO E 264 -26.38 -1.82 55.06
CA PRO E 264 -25.01 -1.92 55.58
C PRO E 264 -24.26 -0.61 55.46
N LYS E 265 -22.94 -0.63 55.70
CA LYS E 265 -22.15 0.59 55.64
C LYS E 265 -22.22 1.28 54.28
N GLU E 266 -21.99 0.53 53.19
CA GLU E 266 -22.06 1.13 51.87
C GLU E 266 -23.47 1.61 51.54
N ALA E 267 -24.48 0.80 51.87
CA ALA E 267 -25.84 1.20 51.62
C ALA E 267 -26.21 2.40 52.48
N LYS E 268 -25.70 2.44 53.72
CA LYS E 268 -25.98 3.60 54.57
C LYS E 268 -25.32 4.84 54.01
N GLU E 269 -24.16 4.68 53.36
CA GLU E 269 -23.48 5.83 52.76
C GLU E 269 -24.29 6.39 51.60
N LYS E 270 -24.74 5.51 50.70
CA LYS E 270 -25.55 6.02 49.60
C LYS E 270 -26.88 6.56 50.11
N ALA E 271 -27.40 5.99 51.21
CA ALA E 271 -28.64 6.49 51.78
C ALA E 271 -28.44 7.89 52.34
N GLU E 272 -27.29 8.14 52.96
CA GLU E 272 -26.99 9.47 53.48
C GLU E 272 -26.84 10.45 52.35
N ALA E 273 -26.22 10.02 51.24
CA ALA E 273 -26.07 10.89 50.08
C ALA E 273 -27.44 11.27 49.53
N GLU E 274 -28.33 10.29 49.41
CA GLU E 274 -29.67 10.58 48.92
C GLU E 274 -30.43 11.48 49.89
N LEU E 275 -30.22 11.27 51.20
CA LEU E 275 -30.87 12.11 52.20
C LEU E 275 -30.42 13.55 52.03
N GLN E 276 -29.12 13.75 51.76
CA GLN E 276 -28.63 15.10 51.52
C GLN E 276 -29.24 15.66 50.24
N LYS E 277 -29.51 14.79 49.27
CA LYS E 277 -30.14 15.19 48.02
C LYS E 277 -31.65 15.34 48.16
N LEU E 278 -32.23 14.81 49.24
CA LEU E 278 -33.66 14.88 49.48
C LEU E 278 -33.98 16.15 50.29
N LYS E 279 -35.19 16.21 50.82
CA LYS E 279 -35.69 17.34 51.61
C LYS E 279 -35.69 18.65 50.82
N MET E 280 -35.67 18.56 49.50
CA MET E 280 -35.67 19.71 48.62
C MET E 280 -37.08 19.90 48.05
N MET E 281 -37.21 20.83 47.10
CA MET E 281 -38.49 21.11 46.48
C MET E 281 -38.90 19.94 45.58
N SER E 282 -40.09 19.40 45.84
CA SER E 282 -40.60 18.27 45.07
C SER E 282 -41.00 18.66 43.64
N PRO E 283 -41.57 19.86 43.37
CA PRO E 283 -41.93 20.18 41.99
C PRO E 283 -40.73 20.51 41.11
N MET E 284 -39.53 20.33 41.65
CA MET E 284 -38.31 20.60 40.89
C MET E 284 -38.19 19.60 39.75
N SER E 285 -38.39 20.09 38.53
CA SER E 285 -38.33 19.23 37.35
C SER E 285 -36.95 18.57 37.22
N ALA E 286 -36.96 17.28 36.95
CA ALA E 286 -35.77 16.45 36.76
C ALA E 286 -34.88 16.38 37.99
N GLU E 287 -35.37 16.80 39.15
CA GLU E 287 -34.59 16.77 40.39
C GLU E 287 -35.19 15.84 41.43
N ALA E 288 -36.50 15.91 41.66
CA ALA E 288 -37.13 15.04 42.64
C ALA E 288 -37.41 13.65 42.08
N THR E 289 -37.68 13.56 40.78
CA THR E 289 -37.96 12.26 40.17
C THR E 289 -36.71 11.38 40.15
N VAL E 290 -35.55 11.96 39.88
CA VAL E 290 -34.33 11.17 39.84
C VAL E 290 -33.97 10.67 41.24
N VAL E 291 -34.12 11.52 42.26
CA VAL E 291 -33.80 11.06 43.61
C VAL E 291 -34.82 10.02 44.05
N ARG E 292 -36.08 10.16 43.63
CA ARG E 292 -37.09 9.17 43.99
C ARG E 292 -36.74 7.83 43.35
N GLY E 293 -36.30 7.87 42.09
CA GLY E 293 -35.91 6.65 41.42
C GLY E 293 -34.71 6.01 42.09
N TYR E 294 -33.76 6.85 42.54
CA TYR E 294 -32.59 6.33 43.24
C TYR E 294 -32.99 5.65 44.54
N ILE E 295 -33.95 6.25 45.26
CA ILE E 295 -34.44 5.66 46.50
C ILE E 295 -35.08 4.31 46.21
N ASP E 296 -35.90 4.25 45.16
CA ASP E 296 -36.54 2.99 44.79
C ASP E 296 -35.50 1.94 44.42
N TRP E 297 -34.46 2.33 43.69
CA TRP E 297 -33.41 1.39 43.32
C TRP E 297 -32.72 0.86 44.56
N MET E 298 -32.35 1.75 45.48
CA MET E 298 -31.69 1.31 46.71
C MET E 298 -32.56 0.34 47.47
N VAL E 299 -33.87 0.64 47.60
CA VAL E 299 -34.76 -0.27 48.30
C VAL E 299 -34.82 -1.60 47.57
N GLN E 300 -34.67 -1.58 46.24
CA GLN E 300 -34.71 -2.81 45.45
C GLN E 300 -33.36 -3.52 45.43
N VAL E 301 -32.26 -2.79 45.63
CA VAL E 301 -30.94 -3.43 45.63
C VAL E 301 -30.87 -4.44 46.78
N PRO E 302 -30.42 -5.67 46.55
CA PRO E 302 -30.38 -6.65 47.64
C PRO E 302 -29.17 -6.51 48.55
N TRP E 303 -29.41 -6.79 49.82
CA TRP E 303 -28.43 -6.78 50.91
C TRP E 303 -29.11 -7.33 52.14
N ASN E 304 -28.32 -7.95 53.02
CA ASN E 304 -28.82 -8.57 54.25
C ASN E 304 -29.87 -9.65 53.97
N ALA E 305 -29.86 -10.20 52.75
CA ALA E 305 -30.79 -11.22 52.34
C ALA E 305 -30.17 -11.97 51.17
N ARG E 306 -30.36 -13.29 51.15
CA ARG E 306 -29.78 -14.11 50.08
C ARG E 306 -30.61 -15.38 49.93
N SER E 307 -30.29 -16.13 48.87
CA SER E 307 -30.94 -17.39 48.59
C SER E 307 -30.24 -18.51 49.36
N LYS E 308 -31.03 -19.48 49.83
CA LYS E 308 -30.48 -20.59 50.59
C LYS E 308 -29.70 -21.49 49.62
N VAL E 309 -28.38 -21.33 49.61
CA VAL E 309 -27.54 -22.13 48.73
C VAL E 309 -27.42 -23.54 49.28
N LYS E 310 -27.64 -24.52 48.41
CA LYS E 310 -27.57 -25.92 48.82
C LYS E 310 -26.12 -26.37 48.90
N LYS E 311 -25.85 -27.29 49.84
CA LYS E 311 -24.51 -27.82 50.05
C LYS E 311 -24.32 -29.25 49.57
N ASP E 312 -25.39 -30.04 49.48
CA ASP E 312 -25.27 -31.42 49.02
C ASP E 312 -25.06 -31.46 47.51
N LEU E 313 -24.35 -32.50 47.07
CA LEU E 313 -24.06 -32.67 45.65
C LEU E 313 -24.94 -33.72 44.99
N ARG E 314 -25.50 -34.66 45.76
CA ARG E 314 -26.36 -35.68 45.17
C ARG E 314 -27.59 -35.05 44.54
N GLN E 315 -28.23 -34.11 45.25
CA GLN E 315 -29.40 -33.44 44.71
C GLN E 315 -29.03 -32.64 43.47
N ALA E 316 -27.82 -32.06 43.44
CA ALA E 316 -27.40 -31.31 42.28
C ALA E 316 -27.27 -32.22 41.07
N GLN E 317 -26.73 -33.41 41.26
CA GLN E 317 -26.62 -34.37 40.16
C GLN E 317 -28.00 -34.82 39.69
N GLU E 318 -28.90 -35.08 40.63
CA GLU E 318 -30.25 -35.50 40.26
C GLU E 318 -30.95 -34.41 39.47
N ILE E 319 -30.72 -33.15 39.82
CA ILE E 319 -31.34 -32.05 39.10
C ILE E 319 -30.72 -31.89 37.72
N LEU E 320 -29.39 -32.02 37.63
CA LEU E 320 -28.72 -31.90 36.35
C LEU E 320 -29.03 -33.06 35.41
N ASP E 321 -29.51 -34.18 35.94
CA ASP E 321 -29.84 -35.33 35.12
C ASP E 321 -31.19 -35.20 34.43
N THR E 322 -31.97 -34.16 34.75
CA THR E 322 -33.29 -33.96 34.15
C THR E 322 -33.44 -32.60 33.50
N ASP E 323 -32.33 -31.96 33.10
CA ASP E 323 -32.46 -30.65 32.45
C ASP E 323 -32.88 -30.82 30.99
N HIS E 324 -31.99 -31.38 30.16
CA HIS E 324 -32.30 -31.65 28.77
C HIS E 324 -32.17 -33.14 28.48
N TYR E 325 -30.97 -33.69 28.60
CA TYR E 325 -30.69 -35.11 28.43
C TYR E 325 -29.64 -35.64 29.41
N GLY E 326 -28.76 -34.78 29.91
CA GLY E 326 -27.69 -35.13 30.84
C GLY E 326 -26.36 -35.06 30.12
N LEU E 327 -26.32 -35.65 28.92
CA LEU E 327 -25.17 -35.69 28.03
C LEU E 327 -23.98 -36.47 28.59
N GLU E 328 -24.03 -36.80 29.88
CA GLU E 328 -22.99 -37.55 30.57
C GLU E 328 -21.57 -37.02 30.37
N ARG E 329 -21.44 -35.82 29.80
CA ARG E 329 -20.10 -35.27 29.57
C ARG E 329 -19.89 -33.90 30.21
N VAL E 330 -20.82 -32.98 29.99
CA VAL E 330 -20.68 -31.63 30.54
C VAL E 330 -21.14 -31.57 31.99
N LYS E 331 -22.25 -32.26 32.31
CA LYS E 331 -22.76 -32.24 33.68
C LYS E 331 -21.68 -32.65 34.66
N ASP E 332 -20.84 -33.63 34.29
CA ASP E 332 -19.77 -34.05 35.17
C ASP E 332 -18.89 -32.88 35.53
N ARG E 333 -18.43 -32.14 34.51
CA ARG E 333 -17.60 -30.96 34.76
C ARG E 333 -18.33 -29.99 35.69
N ILE E 334 -19.63 -29.79 35.44
CA ILE E 334 -20.40 -28.88 36.29
C ILE E 334 -20.33 -29.36 37.74
N LEU E 335 -20.54 -30.67 37.94
CA LEU E 335 -20.47 -31.22 39.28
C LEU E 335 -19.12 -30.94 39.91
N GLU E 336 -18.05 -31.09 39.12
CA GLU E 336 -16.71 -30.81 39.64
C GLU E 336 -16.67 -29.39 40.18
N TYR E 337 -17.12 -28.43 39.37
CA TYR E 337 -17.13 -27.03 39.80
C TYR E 337 -17.92 -26.88 41.09
N LEU E 338 -19.10 -27.51 41.14
CA LEU E 338 -19.93 -27.42 42.35
C LEU E 338 -19.17 -27.94 43.55
N ALA E 339 -18.44 -29.04 43.37
CA ALA E 339 -17.66 -29.58 44.48
C ALA E 339 -16.62 -28.57 44.94
N VAL E 340 -15.96 -27.91 44.00
CA VAL E 340 -14.97 -26.91 44.36
C VAL E 340 -15.64 -25.76 45.09
N GLN E 341 -16.92 -25.50 44.79
CA GLN E 341 -17.67 -24.44 45.43
C GLN E 341 -18.47 -24.94 46.63
N SER E 342 -18.29 -26.20 47.01
CA SER E 342 -19.01 -26.78 48.15
C SER E 342 -18.29 -26.56 49.48
N ARG E 343 -17.34 -25.62 49.53
CA ARG E 343 -16.59 -25.33 50.73
C ARG E 343 -16.82 -23.91 51.24
N VAL E 344 -16.69 -22.91 50.37
CA VAL E 344 -16.88 -21.51 50.74
C VAL E 344 -17.76 -20.86 49.67
N ASN E 345 -18.23 -19.66 50.00
CA ASN E 345 -19.08 -18.88 49.11
C ASN E 345 -18.28 -18.01 48.14
N LYS E 346 -16.95 -18.18 48.11
CA LYS E 346 -16.08 -17.40 47.23
C LYS E 346 -15.67 -18.28 46.05
N ILE E 347 -15.93 -17.81 44.83
CA ILE E 347 -15.57 -18.57 43.64
C ILE E 347 -14.06 -18.65 43.51
N LYS E 348 -13.41 -17.50 43.34
CA LYS E 348 -11.95 -17.41 43.21
C LYS E 348 -11.44 -18.32 42.09
N GLY E 349 -12.03 -18.18 40.91
CA GLY E 349 -11.64 -18.98 39.77
C GLY E 349 -12.49 -18.74 38.53
N PRO E 350 -12.69 -19.80 37.75
CA PRO E 350 -13.49 -19.67 36.51
C PRO E 350 -14.95 -19.35 36.75
N ILE E 351 -15.70 -19.18 35.65
CA ILE E 351 -17.12 -18.86 35.71
C ILE E 351 -17.97 -19.87 34.96
N LEU E 352 -17.40 -21.03 34.60
CA LEU E 352 -18.12 -22.09 33.88
C LEU E 352 -18.70 -21.61 32.56
N CYS E 353 -17.81 -21.26 31.64
CA CYS E 353 -18.23 -20.79 30.32
C CYS E 353 -18.61 -21.98 29.44
N LEU E 354 -19.73 -21.86 28.74
CA LEU E 354 -20.23 -22.91 27.85
C LEU E 354 -20.14 -22.44 26.41
N VAL E 355 -19.67 -23.32 25.52
CA VAL E 355 -19.54 -23.00 24.11
C VAL E 355 -20.02 -24.19 23.30
N GLY E 356 -20.59 -23.91 22.12
CA GLY E 356 -21.10 -24.93 21.25
C GLY E 356 -22.03 -24.36 20.20
N PRO E 357 -22.47 -25.20 19.26
CA PRO E 357 -23.37 -24.72 18.22
C PRO E 357 -24.72 -24.33 18.82
N PRO E 358 -25.44 -23.41 18.18
CA PRO E 358 -26.75 -23.01 18.73
C PRO E 358 -27.75 -24.14 18.61
N GLY E 359 -28.73 -24.11 19.51
CA GLY E 359 -29.77 -25.11 19.55
C GLY E 359 -29.54 -26.22 20.56
N VAL E 360 -28.68 -26.00 21.55
CA VAL E 360 -28.40 -27.01 22.57
C VAL E 360 -28.98 -26.54 23.89
N GLY E 361 -28.87 -27.37 24.92
CA GLY E 361 -29.40 -27.04 26.23
C GLY E 361 -28.60 -26.05 27.05
N LYS E 362 -28.27 -24.89 26.47
CA LYS E 362 -27.52 -23.89 27.23
C LYS E 362 -28.39 -23.24 28.31
N THR E 363 -29.54 -22.71 27.91
CA THR E 363 -30.45 -22.10 28.87
C THR E 363 -30.94 -23.15 29.87
N SER E 364 -31.17 -24.37 29.39
CA SER E 364 -31.62 -25.43 30.29
C SER E 364 -30.53 -25.76 31.30
N LEU E 365 -29.26 -25.75 30.87
CA LEU E 365 -28.17 -26.01 31.79
C LEU E 365 -28.08 -24.91 32.82
N GLY E 366 -28.25 -23.65 32.39
CA GLY E 366 -28.20 -22.55 33.35
C GLY E 366 -29.31 -22.64 34.38
N GLN E 367 -30.53 -22.96 33.92
CA GLN E 367 -31.65 -23.08 34.85
C GLN E 367 -31.44 -24.26 35.80
N SER E 368 -30.88 -25.36 35.30
CA SER E 368 -30.63 -26.51 36.15
C SER E 368 -29.58 -26.18 37.20
N ILE E 369 -28.55 -25.41 36.81
CA ILE E 369 -27.53 -25.02 37.77
C ILE E 369 -28.13 -24.10 38.83
N ALA E 370 -29.02 -23.19 38.41
CA ALA E 370 -29.66 -22.29 39.36
C ALA E 370 -30.52 -23.08 40.35
N LYS E 371 -31.24 -24.10 39.86
CA LYS E 371 -32.08 -24.90 40.74
C LYS E 371 -31.23 -25.76 41.68
N ALA E 372 -30.12 -26.32 41.18
CA ALA E 372 -29.27 -27.15 42.02
C ALA E 372 -28.57 -26.33 43.09
N THR E 373 -28.17 -25.10 42.77
CA THR E 373 -27.49 -24.24 43.72
C THR E 373 -28.45 -23.51 44.65
N GLY E 374 -29.76 -23.62 44.41
CA GLY E 374 -30.73 -22.95 45.25
C GLY E 374 -30.74 -21.44 45.15
N ARG E 375 -30.21 -20.90 44.05
CA ARG E 375 -30.16 -19.46 43.83
C ARG E 375 -31.14 -19.06 42.75
N LYS E 376 -31.64 -17.83 42.84
CA LYS E 376 -32.60 -17.34 41.85
C LYS E 376 -31.93 -17.22 40.48
N TYR E 377 -32.73 -17.42 39.44
CA TYR E 377 -32.26 -17.38 38.06
C TYR E 377 -32.55 -16.02 37.44
N VAL E 378 -31.55 -15.48 36.72
CA VAL E 378 -31.66 -14.20 36.05
C VAL E 378 -30.73 -14.24 34.84
N ARG E 379 -31.18 -13.68 33.73
CA ARG E 379 -30.41 -13.66 32.49
C ARG E 379 -30.16 -12.24 32.01
N MET E 380 -29.10 -12.11 31.22
CA MET E 380 -28.69 -10.85 30.63
C MET E 380 -27.89 -11.17 29.37
N ALA E 381 -28.28 -10.55 28.25
CA ALA E 381 -27.62 -10.82 26.97
C ALA E 381 -26.45 -9.86 26.75
N LEU E 382 -25.30 -10.43 26.40
CA LEU E 382 -24.10 -9.65 26.13
C LEU E 382 -23.92 -9.34 24.64
N GLY E 383 -24.66 -10.02 23.77
CA GLY E 383 -24.54 -9.76 22.35
C GLY E 383 -25.07 -8.38 21.98
N GLY E 384 -24.41 -7.76 21.01
CA GLY E 384 -24.79 -6.44 20.55
C GLY E 384 -24.34 -5.30 21.45
N VAL E 385 -23.77 -5.61 22.62
CA VAL E 385 -23.32 -4.56 23.54
C VAL E 385 -22.03 -3.97 23.01
N ARG E 386 -21.99 -2.65 22.90
CA ARG E 386 -20.80 -1.97 22.40
C ARG E 386 -20.48 -0.70 23.19
N ASP E 387 -21.14 -0.46 24.31
CA ASP E 387 -20.91 0.73 25.12
C ASP E 387 -20.99 0.37 26.59
N GLU E 388 -20.19 1.08 27.40
CA GLU E 388 -20.21 0.85 28.84
C GLU E 388 -21.51 1.32 29.47
N ALA E 389 -22.29 2.13 28.74
CA ALA E 389 -23.57 2.61 29.24
C ALA E 389 -24.62 1.52 29.28
N GLU E 390 -24.31 0.33 28.77
CA GLU E 390 -25.25 -0.79 28.79
C GLU E 390 -25.07 -1.63 30.05
N ILE E 391 -23.82 -1.85 30.47
CA ILE E 391 -23.58 -2.60 31.69
C ILE E 391 -23.73 -1.69 32.90
N ARG E 392 -23.17 -0.48 32.82
CA ARG E 392 -23.26 0.52 33.85
C ARG E 392 -24.37 1.51 33.50
N GLY E 393 -24.71 2.37 34.44
CA GLY E 393 -25.73 3.36 34.25
C GLY E 393 -25.18 4.66 33.72
N HIS E 394 -25.98 5.71 33.83
CA HIS E 394 -25.60 7.03 33.38
C HIS E 394 -25.13 7.85 34.58
N ARG E 395 -24.59 9.03 34.30
CA ARG E 395 -24.10 9.89 35.36
C ARG E 395 -25.23 10.35 36.28
N ARG E 396 -24.87 10.73 37.49
CA ARG E 396 -25.84 11.20 38.46
C ARG E 396 -26.30 12.58 38.04
N THR E 397 -27.33 12.63 37.20
CA THR E 397 -27.86 13.88 36.67
C THR E 397 -29.38 13.78 36.65
N TYR E 398 -30.02 14.64 35.86
CA TYR E 398 -31.47 14.73 35.71
C TYR E 398 -32.13 13.38 35.46
N ILE E 399 -33.43 13.30 35.74
CA ILE E 399 -34.23 12.09 35.57
C ILE E 399 -34.01 11.50 34.18
N GLY E 400 -34.04 10.17 34.09
CA GLY E 400 -33.81 9.46 32.86
C GLY E 400 -32.52 8.69 32.85
N SER E 401 -31.59 9.03 33.75
CA SER E 401 -30.30 8.36 33.87
C SER E 401 -30.50 7.09 34.68
N MET E 402 -31.10 6.09 34.05
CA MET E 402 -31.37 4.83 34.72
C MET E 402 -30.08 4.02 34.84
N PRO E 403 -29.98 3.16 35.87
CA PRO E 403 -28.77 2.36 36.04
C PRO E 403 -28.60 1.36 34.90
N GLY E 404 -27.47 0.67 34.93
CA GLY E 404 -27.17 -0.31 33.91
C GLY E 404 -28.04 -1.53 34.00
N LYS E 405 -27.90 -2.40 33.00
CA LYS E 405 -28.68 -3.63 32.97
C LYS E 405 -28.39 -4.49 34.18
N LEU E 406 -27.13 -4.56 34.59
CA LEU E 406 -26.76 -5.37 35.76
C LEU E 406 -27.45 -4.88 37.02
N ILE E 407 -27.43 -3.57 37.26
CA ILE E 407 -28.05 -3.02 38.45
C ILE E 407 -29.55 -3.27 38.42
N GLN E 408 -30.17 -3.16 37.24
CA GLN E 408 -31.60 -3.42 37.14
C GLN E 408 -31.93 -4.87 37.46
N LYS E 409 -31.13 -5.79 36.92
CA LYS E 409 -31.36 -7.21 37.19
C LYS E 409 -31.18 -7.50 38.68
N MET E 410 -30.18 -6.88 39.31
CA MET E 410 -29.96 -7.09 40.73
C MET E 410 -31.09 -6.49 41.56
N ALA E 411 -31.66 -5.38 41.11
CA ALA E 411 -32.77 -4.77 41.84
C ALA E 411 -34.03 -5.61 41.72
N LYS E 412 -34.24 -6.24 40.56
CA LYS E 412 -35.41 -7.08 40.38
C LYS E 412 -35.29 -8.37 41.17
N VAL E 413 -34.09 -8.91 41.28
CA VAL E 413 -33.84 -10.16 42.00
C VAL E 413 -33.31 -9.76 43.38
N GLY E 414 -34.19 -9.77 44.37
CA GLY E 414 -33.82 -9.38 45.72
C GLY E 414 -32.96 -10.34 46.53
N VAL E 415 -31.87 -10.84 45.94
CA VAL E 415 -30.95 -11.74 46.63
C VAL E 415 -29.54 -11.29 46.32
N LYS E 416 -28.65 -11.44 47.30
CA LYS E 416 -27.26 -11.03 47.13
C LYS E 416 -26.41 -12.07 46.42
N ASN E 417 -26.89 -13.29 46.25
CA ASN E 417 -26.15 -14.35 45.58
C ASN E 417 -26.98 -15.00 44.48
N PRO E 418 -27.24 -14.28 43.39
CA PRO E 418 -28.02 -14.85 42.30
C PRO E 418 -27.10 -15.43 41.22
N LEU E 419 -27.72 -16.16 40.29
CA LEU E 419 -27.01 -16.78 39.17
C LEU E 419 -27.18 -15.86 37.98
N PHE E 420 -26.15 -15.06 37.70
CA PHE E 420 -26.17 -14.12 36.58
C PHE E 420 -25.61 -14.81 35.34
N LEU E 421 -26.46 -15.01 34.34
CA LEU E 421 -26.06 -15.67 33.10
C LEU E 421 -25.64 -14.63 32.08
N LEU E 422 -24.52 -14.88 31.39
CA LEU E 422 -23.98 -14.01 30.36
C LEU E 422 -24.14 -14.72 29.02
N ASP E 423 -25.20 -14.37 28.30
CA ASP E 423 -25.48 -14.97 27.00
C ASP E 423 -24.84 -14.19 25.87
N GLU E 424 -24.37 -14.91 24.86
CA GLU E 424 -23.73 -14.35 23.67
C GLU E 424 -22.54 -13.44 24.05
N ILE E 425 -21.56 -14.06 24.70
CA ILE E 425 -20.37 -13.29 25.09
C ILE E 425 -19.47 -13.06 23.88
N ASP E 426 -19.54 -13.94 22.88
CA ASP E 426 -18.71 -13.80 21.68
C ASP E 426 -19.26 -12.74 20.73
N LYS E 427 -20.53 -12.36 20.87
CA LYS E 427 -21.14 -11.36 20.01
C LYS E 427 -20.91 -9.94 20.51
N MET E 428 -20.32 -9.77 21.70
CA MET E 428 -20.08 -8.43 22.21
C MET E 428 -18.97 -7.76 21.42
N SER E 429 -19.13 -6.47 21.18
CA SER E 429 -18.17 -5.68 20.42
C SER E 429 -17.81 -4.41 21.19
N SER E 430 -16.97 -3.59 20.58
CA SER E 430 -16.51 -2.33 21.17
C SER E 430 -16.51 -1.28 20.06
N ASP E 431 -17.61 -0.54 19.94
CA ASP E 431 -17.72 0.47 18.90
C ASP E 431 -18.25 1.83 19.35
N MET E 432 -18.90 1.95 20.50
CA MET E 432 -19.45 3.23 20.95
C MET E 432 -18.56 3.96 21.94
N ARG E 433 -18.25 3.34 23.07
CA ARG E 433 -17.41 3.96 24.12
C ARG E 433 -16.35 2.97 24.59
N GLY E 434 -15.18 3.02 23.97
CA GLY E 434 -14.09 2.13 24.35
C GLY E 434 -14.50 0.68 24.28
N ASP E 435 -14.01 -0.11 25.23
CA ASP E 435 -14.31 -1.54 25.31
C ASP E 435 -15.03 -1.83 26.62
N PRO E 436 -16.30 -2.24 26.59
CA PRO E 436 -17.02 -2.53 27.84
C PRO E 436 -16.48 -3.74 28.59
N ALA E 437 -15.59 -4.52 27.97
CA ALA E 437 -15.03 -5.69 28.63
C ALA E 437 -14.42 -5.31 29.98
N SER E 438 -13.78 -4.14 30.06
CA SER E 438 -13.19 -3.70 31.31
C SER E 438 -14.24 -3.67 32.41
N ALA E 439 -15.40 -3.08 32.13
CA ALA E 439 -16.48 -3.05 33.12
C ALA E 439 -16.86 -4.47 33.52
N LEU E 440 -16.95 -5.37 32.54
CA LEU E 440 -17.27 -6.75 32.85
C LEU E 440 -16.26 -7.31 33.84
N LEU E 441 -14.97 -7.03 33.61
CA LEU E 441 -13.94 -7.51 34.53
C LEU E 441 -14.17 -6.93 35.92
N GLU E 442 -14.49 -5.65 36.00
CA GLU E 442 -14.73 -5.02 37.30
C GLU E 442 -15.90 -5.68 38.02
N VAL E 443 -16.84 -6.25 37.27
CA VAL E 443 -17.99 -6.92 37.87
C VAL E 443 -17.79 -8.43 37.99
N LEU E 444 -16.69 -8.95 37.46
CA LEU E 444 -16.41 -10.38 37.52
C LEU E 444 -15.16 -10.73 38.31
N ASP E 445 -14.16 -9.86 38.35
CA ASP E 445 -12.95 -10.15 39.11
C ASP E 445 -13.28 -10.11 40.61
N PRO E 446 -12.96 -11.16 41.36
CA PRO E 446 -13.27 -11.15 42.80
C PRO E 446 -12.64 -10.00 43.56
N GLU E 447 -11.58 -9.40 43.03
CA GLU E 447 -10.92 -8.28 43.69
C GLU E 447 -11.52 -6.93 43.31
N GLN E 448 -12.43 -6.89 42.35
CA GLN E 448 -13.06 -5.66 41.91
C GLN E 448 -14.58 -5.66 42.08
N ASN E 449 -15.23 -6.82 42.08
CA ASN E 449 -16.68 -6.86 42.24
C ASN E 449 -17.11 -6.48 43.65
N VAL E 450 -16.22 -6.62 44.64
CA VAL E 450 -16.57 -6.27 46.01
C VAL E 450 -16.76 -4.77 46.14
N ALA E 451 -16.12 -3.98 45.28
CA ALA E 451 -16.22 -2.53 45.29
C ALA E 451 -16.54 -2.01 43.90
N PHE E 452 -17.49 -2.66 43.23
CA PHE E 452 -17.88 -2.25 41.88
C PHE E 452 -18.70 -0.97 41.95
N SER E 453 -18.24 0.06 41.24
CA SER E 453 -18.90 1.35 41.21
C SER E 453 -19.59 1.55 39.86
N ASP E 454 -20.75 2.19 39.90
CA ASP E 454 -21.55 2.47 38.70
C ASP E 454 -21.59 3.98 38.48
N HIS E 455 -22.00 4.37 37.26
CA HIS E 455 -22.09 5.79 36.97
C HIS E 455 -23.21 6.44 37.76
N TYR E 456 -24.34 5.74 37.89
CA TYR E 456 -25.48 6.23 38.66
C TYR E 456 -25.32 5.85 40.13
N LEU E 457 -24.95 4.59 40.39
CA LEU E 457 -24.73 4.10 41.74
C LEU E 457 -23.23 4.20 42.04
N GLU E 458 -22.78 5.44 42.16
CA GLU E 458 -21.37 5.73 42.41
C GLU E 458 -20.84 5.07 43.69
N VAL E 459 -21.70 4.74 44.63
CA VAL E 459 -21.26 4.10 45.86
C VAL E 459 -20.95 2.63 45.57
N ASP E 460 -19.80 2.16 46.07
CA ASP E 460 -19.37 0.79 45.84
C ASP E 460 -20.41 -0.20 46.36
N TYR E 461 -20.62 -1.27 45.60
CA TYR E 461 -21.56 -2.32 45.95
C TYR E 461 -20.85 -3.66 45.95
N ASP E 462 -21.16 -4.49 46.95
CA ASP E 462 -20.54 -5.80 47.08
C ASP E 462 -21.18 -6.79 46.11
N LEU E 463 -20.39 -7.32 45.19
CA LEU E 463 -20.86 -8.29 44.20
C LEU E 463 -20.02 -9.55 44.18
N SER E 464 -19.29 -9.83 45.28
CA SER E 464 -18.46 -11.03 45.33
C SER E 464 -19.28 -12.30 45.49
N ASP E 465 -20.47 -12.20 46.09
CA ASP E 465 -21.32 -13.36 46.29
C ASP E 465 -22.16 -13.70 45.07
N VAL E 466 -22.13 -12.89 44.02
CA VAL E 466 -22.91 -13.14 42.81
C VAL E 466 -22.14 -14.10 41.92
N MET E 467 -22.78 -15.22 41.56
CA MET E 467 -22.17 -16.22 40.70
C MET E 467 -22.48 -15.89 39.25
N PHE E 468 -21.45 -15.89 38.42
CA PHE E 468 -21.60 -15.57 37.00
C PHE E 468 -21.32 -16.80 36.14
N VAL E 469 -22.06 -16.90 35.04
CA VAL E 469 -21.95 -18.00 34.08
C VAL E 469 -22.09 -17.40 32.69
N ALA E 470 -21.18 -17.75 31.79
CA ALA E 470 -21.18 -17.23 30.43
C ALA E 470 -21.44 -18.35 29.43
N THR E 471 -22.06 -17.99 28.32
CA THR E 471 -22.36 -18.91 27.23
C THR E 471 -21.93 -18.27 25.93
N SER E 472 -21.56 -19.12 24.96
CA SER E 472 -21.11 -18.62 23.66
C SER E 472 -21.31 -19.71 22.62
N ASN E 473 -21.09 -19.32 21.36
CA ASN E 473 -21.20 -20.21 20.21
C ASN E 473 -19.84 -20.65 19.68
N SER E 474 -18.89 -19.72 19.58
CA SER E 474 -17.55 -19.99 19.10
C SER E 474 -16.54 -19.73 20.21
N MET E 475 -15.31 -20.19 19.99
CA MET E 475 -14.23 -20.01 20.93
C MET E 475 -13.48 -18.69 20.75
N ASN E 476 -14.06 -17.76 20.00
CA ASN E 476 -13.43 -16.46 19.76
C ASN E 476 -13.84 -15.45 20.83
N ILE E 477 -13.48 -15.78 22.07
CA ILE E 477 -13.78 -14.94 23.22
C ILE E 477 -12.68 -13.89 23.33
N PRO E 478 -13.02 -12.63 23.61
CA PRO E 478 -11.98 -11.59 23.72
C PRO E 478 -10.95 -11.95 24.79
N ALA E 479 -9.70 -11.58 24.52
CA ALA E 479 -8.60 -11.87 25.44
C ALA E 479 -8.84 -11.36 26.85
N PRO E 480 -9.29 -10.12 27.09
CA PRO E 480 -9.51 -9.68 28.47
C PRO E 480 -10.59 -10.46 29.19
N LEU E 481 -11.57 -10.99 28.46
CA LEU E 481 -12.66 -11.76 29.07
C LEU E 481 -12.33 -13.24 29.19
N LEU E 482 -11.15 -13.67 28.72
CA LEU E 482 -10.77 -15.07 28.81
C LEU E 482 -10.21 -15.44 30.18
N ASP E 483 -9.70 -14.47 30.94
CA ASP E 483 -9.15 -14.75 32.25
C ASP E 483 -10.25 -15.13 33.23
N ARG E 484 -9.90 -16.02 34.17
CA ARG E 484 -10.83 -16.51 35.18
C ARG E 484 -12.07 -17.13 34.53
N MET E 485 -11.83 -17.98 33.54
CA MET E 485 -12.94 -18.60 32.82
C MET E 485 -12.55 -19.99 32.33
N GLU E 486 -13.47 -20.94 32.48
CA GLU E 486 -13.26 -22.31 32.05
C GLU E 486 -14.17 -22.59 30.86
N VAL E 487 -13.58 -23.02 29.76
CA VAL E 487 -14.32 -23.30 28.53
C VAL E 487 -14.77 -24.75 28.52
N ILE E 488 -16.08 -24.96 28.32
CA ILE E 488 -16.68 -26.28 28.25
C ILE E 488 -17.38 -26.35 26.89
N ARG E 489 -16.85 -27.20 26.02
CA ARG E 489 -17.39 -27.35 24.67
C ARG E 489 -18.51 -28.38 24.61
N LEU E 490 -19.56 -28.04 23.87
CA LEU E 490 -20.71 -28.91 23.67
C LEU E 490 -20.79 -29.28 22.20
N SER E 491 -21.46 -30.39 21.92
CA SER E 491 -21.59 -30.86 20.54
C SER E 491 -23.01 -31.28 20.22
N GLY E 492 -23.21 -31.85 19.03
CA GLY E 492 -24.52 -32.28 18.60
C GLY E 492 -24.94 -33.59 19.26
N TYR E 493 -26.04 -34.14 18.74
CA TYR E 493 -26.59 -35.38 19.25
C TYR E 493 -26.78 -36.36 18.10
N THR E 494 -26.84 -37.65 18.46
CA THR E 494 -27.02 -38.70 17.48
C THR E 494 -28.51 -38.87 17.17
N GLU E 495 -28.84 -39.87 16.35
CA GLU E 495 -30.23 -40.12 15.99
C GLU E 495 -31.03 -40.58 17.20
N ASP E 496 -30.54 -41.61 17.91
CA ASP E 496 -31.26 -42.11 19.07
C ASP E 496 -31.30 -41.07 20.18
N GLU E 497 -30.21 -40.30 20.33
CA GLU E 497 -30.19 -39.26 21.36
C GLU E 497 -31.22 -38.19 21.07
N LYS E 498 -31.29 -37.73 19.81
CA LYS E 498 -32.29 -36.73 19.45
C LYS E 498 -33.69 -37.28 19.58
N LEU E 499 -33.89 -38.56 19.26
CA LEU E 499 -35.21 -39.17 19.39
C LEU E 499 -35.64 -39.19 20.85
N ASN E 500 -34.74 -39.59 21.75
CA ASN E 500 -35.06 -39.62 23.16
C ASN E 500 -35.33 -38.21 23.69
N ILE E 501 -34.54 -37.24 23.23
CA ILE E 501 -34.73 -35.86 23.67
C ILE E 501 -36.10 -35.34 23.22
N ALA E 502 -36.50 -35.68 22.00
CA ALA E 502 -37.79 -35.24 21.49
C ALA E 502 -38.93 -35.92 22.24
N LYS E 503 -38.78 -37.21 22.54
CA LYS E 503 -39.83 -37.93 23.26
C LYS E 503 -39.85 -37.63 24.75
N ARG E 504 -38.82 -36.96 25.28
CA ARG E 504 -38.77 -36.64 26.70
C ARG E 504 -39.20 -35.22 27.03
N HIS E 505 -38.71 -34.22 26.29
CA HIS E 505 -39.10 -32.86 26.63
C HIS E 505 -39.69 -32.07 25.47
N LEU E 506 -39.20 -32.25 24.25
CA LEU E 506 -39.73 -31.51 23.11
C LEU E 506 -41.21 -31.77 22.90
N LEU E 507 -41.59 -33.05 22.79
CA LEU E 507 -42.99 -33.38 22.57
C LEU E 507 -43.90 -32.91 23.71
N PRO E 508 -43.60 -33.16 25.00
CA PRO E 508 -44.50 -32.67 26.05
C PRO E 508 -44.59 -31.15 26.09
N LYS E 509 -43.47 -30.46 25.91
CA LYS E 509 -43.50 -29.00 25.94
C LYS E 509 -44.34 -28.45 24.79
N GLN E 510 -44.17 -29.00 23.59
CA GLN E 510 -44.96 -28.52 22.46
C GLN E 510 -46.43 -28.87 22.60
N ILE E 511 -46.74 -30.01 23.24
CA ILE E 511 -48.13 -30.38 23.44
C ILE E 511 -48.79 -29.47 24.46
N GLU E 512 -48.06 -29.13 25.54
CA GLU E 512 -48.62 -28.26 26.56
C GLU E 512 -48.72 -26.81 26.07
N ARG E 513 -47.80 -26.39 25.20
CA ARG E 513 -47.85 -25.02 24.69
C ARG E 513 -49.01 -24.81 23.73
N ASN E 514 -49.33 -25.82 22.92
CA ASN E 514 -50.43 -25.72 21.96
C ASN E 514 -51.79 -26.00 22.59
N ALA E 515 -51.86 -26.09 23.92
CA ALA E 515 -53.11 -26.36 24.65
C ALA E 515 -53.75 -27.66 24.18
N LEU E 516 -52.96 -28.72 24.14
CA LEU E 516 -53.41 -30.04 23.74
C LEU E 516 -53.63 -30.93 24.95
N LYS E 517 -54.45 -31.96 24.75
CA LYS E 517 -54.76 -32.90 25.82
C LYS E 517 -53.77 -34.06 25.80
N LYS E 518 -53.90 -34.95 26.80
CA LYS E 518 -53.01 -36.09 26.89
C LYS E 518 -53.28 -37.12 25.79
N GLY E 519 -54.55 -37.28 25.41
CA GLY E 519 -54.89 -38.24 24.37
C GLY E 519 -55.39 -37.66 23.08
N GLU E 520 -54.83 -36.52 22.67
CA GLU E 520 -55.24 -35.87 21.42
C GLU E 520 -54.27 -36.11 20.27
N LEU E 521 -52.96 -36.15 20.55
CA LEU E 521 -51.96 -36.36 19.52
C LEU E 521 -50.95 -37.40 20.01
N THR E 522 -50.65 -38.37 19.14
CA THR E 522 -49.69 -39.42 19.44
C THR E 522 -48.72 -39.54 18.28
N VAL E 523 -47.44 -39.28 18.55
CA VAL E 523 -46.39 -39.34 17.55
C VAL E 523 -45.45 -40.49 17.90
N ASP E 524 -45.18 -41.36 16.93
CA ASP E 524 -44.30 -42.49 17.13
C ASP E 524 -42.86 -42.10 16.82
N ASP E 525 -41.95 -43.08 16.92
CA ASP E 525 -40.54 -42.81 16.64
C ASP E 525 -40.26 -42.69 15.16
N SER E 526 -41.07 -43.33 14.31
CA SER E 526 -40.86 -43.25 12.87
C SER E 526 -40.98 -41.82 12.36
N ALA E 527 -41.96 -41.08 12.85
CA ALA E 527 -42.13 -39.69 12.42
C ALA E 527 -40.93 -38.84 12.82
N ILE E 528 -40.44 -39.01 14.05
CA ILE E 528 -39.30 -38.24 14.50
C ILE E 528 -38.06 -38.60 13.69
N ILE E 529 -37.88 -39.89 13.39
CA ILE E 529 -36.72 -40.30 12.59
C ILE E 529 -36.81 -39.69 11.20
N GLY E 530 -38.00 -39.70 10.60
CA GLY E 530 -38.17 -39.13 9.28
C GLY E 530 -37.92 -37.63 9.28
N ILE E 531 -38.31 -36.95 10.37
CA ILE E 531 -38.10 -35.51 10.46
C ILE E 531 -36.60 -35.21 10.59
N ILE E 532 -35.89 -36.01 11.38
CA ILE E 532 -34.46 -35.77 11.57
C ILE E 532 -33.68 -36.13 10.31
N ARG E 533 -34.17 -37.08 9.52
CA ARG E 533 -33.46 -37.48 8.31
C ARG E 533 -33.78 -36.66 7.07
N TYR E 534 -35.02 -36.20 6.90
CA TYR E 534 -35.38 -35.45 5.70
C TYR E 534 -35.94 -34.06 5.96
N TYR E 535 -35.93 -33.56 7.19
CA TYR E 535 -36.47 -32.23 7.46
C TYR E 535 -35.55 -31.31 8.24
N THR E 536 -34.38 -31.77 8.67
CA THR E 536 -33.48 -30.90 9.42
C THR E 536 -32.05 -31.43 9.30
N ARG E 537 -31.10 -30.49 9.21
CA ARG E 537 -29.67 -30.80 9.09
C ARG E 537 -28.94 -29.79 9.98
N GLU E 538 -28.75 -30.15 11.25
CA GLU E 538 -28.06 -29.30 12.20
C GLU E 538 -27.63 -30.14 13.38
N ALA E 539 -26.90 -29.52 14.30
CA ALA E 539 -26.43 -30.19 15.50
C ALA E 539 -27.39 -30.06 16.67
N GLY E 540 -28.19 -28.99 16.70
CA GLY E 540 -29.14 -28.78 17.77
C GLY E 540 -30.45 -29.49 17.54
N VAL E 541 -31.50 -28.97 18.17
CA VAL E 541 -32.84 -29.56 18.05
C VAL E 541 -33.85 -28.48 17.67
N ARG E 542 -33.37 -27.41 17.04
CA ARG E 542 -34.28 -26.33 16.63
C ARG E 542 -35.25 -26.82 15.57
N GLY E 543 -34.73 -27.54 14.56
CA GLY E 543 -35.59 -28.06 13.52
C GLY E 543 -36.65 -29.00 14.06
N LEU E 544 -36.27 -29.85 15.01
CA LEU E 544 -37.24 -30.77 15.61
C LEU E 544 -38.33 -29.99 16.33
N GLU E 545 -37.95 -28.95 17.07
CA GLU E 545 -38.95 -28.14 17.78
C GLU E 545 -39.91 -27.48 16.81
N ARG E 546 -39.38 -26.89 15.73
CA ARG E 546 -40.24 -26.24 14.75
C ARG E 546 -41.18 -27.23 14.08
N GLU E 547 -40.67 -28.41 13.72
CA GLU E 547 -41.51 -29.41 13.07
C GLU E 547 -42.60 -29.91 14.02
N ILE E 548 -42.27 -30.14 15.29
CA ILE E 548 -43.28 -30.60 16.23
C ILE E 548 -44.31 -29.52 16.46
N SER E 549 -43.89 -28.25 16.47
CA SER E 549 -44.85 -27.16 16.64
C SER E 549 -45.81 -27.11 15.47
N LYS E 550 -45.28 -27.26 14.24
CA LYS E 550 -46.14 -27.25 13.07
C LYS E 550 -47.10 -28.43 13.10
N LEU E 551 -46.63 -29.60 13.52
CA LEU E 551 -47.48 -30.78 13.60
C LEU E 551 -48.61 -30.55 14.61
N CYS E 552 -48.28 -30.00 15.77
CA CYS E 552 -49.30 -29.75 16.78
C CYS E 552 -50.33 -28.73 16.30
N ARG E 553 -49.88 -27.65 15.66
CA ARG E 553 -50.81 -26.64 15.16
C ARG E 553 -51.74 -27.23 14.10
N LYS E 554 -51.18 -27.98 13.15
CA LYS E 554 -52.00 -28.59 12.11
C LYS E 554 -52.98 -29.60 12.70
N ALA E 555 -52.54 -30.37 13.70
CA ALA E 555 -53.42 -31.34 14.32
C ALA E 555 -54.57 -30.64 15.05
N VAL E 556 -54.28 -29.54 15.73
CA VAL E 556 -55.32 -28.81 16.44
C VAL E 556 -56.33 -28.25 15.44
N LYS E 557 -55.86 -27.66 14.35
CA LYS E 557 -56.77 -27.10 13.36
C LYS E 557 -57.61 -28.20 12.69
N GLN E 558 -57.00 -29.36 12.43
CA GLN E 558 -57.74 -30.45 11.79
C GLN E 558 -58.79 -31.05 12.73
N LEU E 559 -58.44 -31.22 14.01
CA LEU E 559 -59.39 -31.79 14.95
C LEU E 559 -60.49 -30.81 15.32
N LEU E 560 -60.20 -29.51 15.29
CA LEU E 560 -61.23 -28.52 15.63
C LEU E 560 -62.29 -28.42 14.55
N LEU E 561 -61.87 -28.43 13.28
CA LEU E 561 -62.80 -28.34 12.16
C LEU E 561 -63.47 -29.67 11.84
N ASP E 562 -63.25 -30.72 12.64
CA ASP E 562 -63.86 -32.02 12.41
C ASP E 562 -64.22 -32.61 13.77
N LYS E 563 -65.47 -32.39 14.18
CA LYS E 563 -65.93 -32.89 15.48
C LYS E 563 -66.06 -34.40 15.49
N SER E 564 -66.04 -35.05 14.33
CA SER E 564 -66.14 -36.51 14.27
C SER E 564 -64.81 -37.20 14.51
N LEU E 565 -63.71 -36.45 14.53
CA LEU E 565 -62.38 -37.02 14.75
C LEU E 565 -62.09 -37.02 16.25
N LYS E 566 -61.77 -38.20 16.79
CA LYS E 566 -61.48 -38.34 18.21
C LYS E 566 -60.00 -38.36 18.54
N HIS E 567 -59.14 -38.74 17.60
CA HIS E 567 -57.71 -38.80 17.87
C HIS E 567 -56.95 -38.71 16.57
N ILE E 568 -55.77 -38.09 16.61
CA ILE E 568 -54.91 -37.92 15.46
C ILE E 568 -53.58 -38.63 15.74
N GLU E 569 -53.20 -39.53 14.84
CA GLU E 569 -51.96 -40.30 14.97
C GLU E 569 -51.12 -40.08 13.72
N ILE E 570 -49.89 -39.63 13.91
CA ILE E 570 -48.95 -39.37 12.82
C ILE E 570 -47.83 -40.40 12.89
N ASN E 571 -47.59 -41.09 11.79
CA ASN E 571 -46.55 -42.10 11.69
C ASN E 571 -45.55 -41.71 10.61
N GLY E 572 -44.63 -42.61 10.31
CA GLY E 572 -43.61 -42.37 9.30
C GLY E 572 -44.12 -42.33 7.88
N ASP E 573 -45.41 -42.58 7.65
CA ASP E 573 -45.98 -42.57 6.31
C ASP E 573 -46.80 -41.31 6.04
N ASN E 574 -47.73 -40.97 6.92
CA ASN E 574 -48.56 -39.78 6.75
C ASN E 574 -47.88 -38.51 7.22
N LEU E 575 -46.65 -38.60 7.72
CA LEU E 575 -45.93 -37.42 8.19
C LEU E 575 -45.86 -36.34 7.12
N HIS E 576 -45.57 -36.74 5.87
CA HIS E 576 -45.48 -35.77 4.79
C HIS E 576 -46.78 -34.98 4.64
N ASP E 577 -47.92 -35.61 4.91
CA ASP E 577 -49.21 -34.93 4.80
C ASP E 577 -49.26 -33.66 5.65
N TYR E 578 -48.43 -33.58 6.69
CA TYR E 578 -48.39 -32.42 7.55
C TYR E 578 -47.15 -31.56 7.34
N LEU E 579 -46.17 -32.04 6.56
CA LEU E 579 -44.95 -31.30 6.30
C LEU E 579 -44.66 -31.07 4.83
N GLY E 580 -45.27 -31.83 3.92
CA GLY E 580 -45.03 -31.66 2.51
C GLY E 580 -43.95 -32.58 1.98
N VAL E 581 -43.34 -32.14 0.88
CA VAL E 581 -42.28 -32.90 0.23
C VAL E 581 -40.99 -32.77 1.03
N GLN E 582 -40.19 -33.84 1.04
CA GLN E 582 -38.93 -33.84 1.77
C GLN E 582 -37.99 -32.79 1.18
N ARG E 583 -37.22 -32.14 2.06
CA ARG E 583 -36.30 -31.10 1.64
C ARG E 583 -34.83 -31.53 1.69
N PHE E 584 -34.51 -32.62 2.39
CA PHE E 584 -33.14 -33.09 2.48
C PHE E 584 -33.06 -34.55 2.05
N ASP E 585 -31.83 -34.96 1.69
CA ASP E 585 -31.55 -36.34 1.24
C ASP E 585 -30.66 -37.05 2.27
N TYR E 586 -30.97 -38.31 2.57
CA TYR E 586 -30.23 -39.11 3.53
C TYR E 586 -29.69 -40.35 2.82
N GLY E 587 -28.37 -40.53 2.89
CA GLY E 587 -27.74 -41.68 2.25
C GLY E 587 -27.03 -41.34 0.96
N ARG E 588 -25.82 -41.88 0.77
CA ARG E 588 -25.03 -41.65 -0.42
C ARG E 588 -24.89 -42.89 -1.29
N ALA E 589 -25.78 -43.88 -1.10
CA ALA E 589 -25.71 -45.10 -1.89
C ALA E 589 -26.04 -44.83 -3.36
N ASP E 590 -26.99 -43.94 -3.62
CA ASP E 590 -27.39 -43.59 -4.99
C ASP E 590 -26.84 -42.24 -5.40
N ASN E 591 -25.60 -41.94 -4.99
CA ASN E 591 -24.97 -40.67 -5.32
C ASN E 591 -24.41 -40.62 -6.73
N GLU E 592 -24.25 -41.76 -7.41
CA GLU E 592 -23.71 -41.81 -8.76
C GLU E 592 -22.32 -41.16 -8.80
N ASN E 593 -21.41 -41.85 -8.10
CA ASN E 593 -20.02 -41.44 -7.93
C ASN E 593 -19.46 -40.70 -9.14
N ARG E 594 -18.87 -39.53 -8.87
CA ARG E 594 -18.28 -38.66 -9.88
C ARG E 594 -16.77 -38.73 -9.82
N VAL E 595 -16.13 -38.09 -10.79
CA VAL E 595 -14.67 -38.07 -10.89
C VAL E 595 -14.09 -36.81 -10.25
N GLY E 596 -14.45 -35.65 -10.77
CA GLY E 596 -13.94 -34.38 -10.29
C GLY E 596 -14.42 -33.94 -8.93
N GLN E 597 -15.34 -34.66 -8.30
CA GLN E 597 -15.86 -34.29 -7.00
C GLN E 597 -15.37 -35.25 -5.91
N VAL E 598 -15.06 -34.69 -4.74
CA VAL E 598 -14.61 -35.47 -3.59
C VAL E 598 -15.32 -34.95 -2.35
N THR E 599 -15.77 -35.88 -1.50
CA THR E 599 -16.49 -35.55 -0.28
C THR E 599 -15.50 -35.52 0.89
N GLY E 600 -15.50 -34.42 1.63
CA GLY E 600 -14.61 -34.27 2.76
C GLY E 600 -15.33 -33.72 3.99
N LEU E 601 -14.68 -33.87 5.13
CA LEU E 601 -15.17 -33.41 6.42
C LEU E 601 -14.51 -32.09 6.78
N ALA E 602 -15.30 -31.14 7.30
CA ALA E 602 -14.79 -29.83 7.67
C ALA E 602 -15.07 -29.56 9.14
N TRP E 603 -14.06 -29.07 9.85
CA TRP E 603 -14.17 -28.73 11.26
C TRP E 603 -14.63 -27.29 11.38
N THR E 604 -15.77 -27.08 12.05
CA THR E 604 -16.33 -25.75 12.24
C THR E 604 -16.60 -25.52 13.72
N GLU E 605 -16.51 -24.26 14.13
CA GLU E 605 -16.75 -23.90 15.53
C GLU E 605 -18.16 -24.24 15.99
N VAL E 606 -19.09 -24.44 15.05
CA VAL E 606 -20.47 -24.78 15.38
C VAL E 606 -20.77 -26.20 14.92
N GLY E 607 -19.74 -27.04 14.91
CA GLY E 607 -19.91 -28.43 14.49
C GLY E 607 -19.44 -28.68 13.07
N GLY E 608 -18.75 -29.79 12.86
CA GLY E 608 -18.26 -30.13 11.54
C GLY E 608 -19.40 -30.33 10.54
N ASP E 609 -19.04 -30.29 9.26
CA ASP E 609 -20.01 -30.47 8.19
C ASP E 609 -19.34 -31.19 7.03
N LEU E 610 -20.11 -31.38 5.96
CA LEU E 610 -19.66 -32.06 4.76
C LEU E 610 -19.43 -31.05 3.64
N LEU E 611 -18.35 -31.24 2.88
CA LEU E 611 -18.01 -30.36 1.77
C LEU E 611 -17.70 -31.19 0.54
N THR E 612 -17.93 -30.60 -0.63
CA THR E 612 -17.68 -31.26 -1.92
C THR E 612 -16.64 -30.44 -2.67
N ILE E 613 -15.39 -30.88 -2.58
CA ILE E 613 -14.28 -30.19 -3.25
C ILE E 613 -14.22 -30.66 -4.69
N GLU E 614 -13.92 -29.73 -5.61
CA GLU E 614 -13.85 -30.05 -7.02
C GLU E 614 -12.51 -29.61 -7.59
N THR E 615 -12.11 -30.28 -8.68
CA THR E 615 -10.87 -29.99 -9.37
C THR E 615 -11.11 -30.08 -10.87
N ALA E 616 -10.51 -29.17 -11.61
CA ALA E 616 -10.64 -29.12 -13.06
C ALA E 616 -9.25 -29.07 -13.68
N CYS E 617 -8.98 -29.99 -14.60
CA CYS E 617 -7.71 -30.07 -15.30
C CYS E 617 -7.99 -29.74 -16.76
N VAL E 618 -7.77 -28.49 -17.14
CA VAL E 618 -8.04 -28.04 -18.50
C VAL E 618 -6.73 -27.83 -19.25
N PRO E 619 -6.74 -27.73 -20.58
CA PRO E 619 -5.48 -27.51 -21.30
C PRO E 619 -4.99 -26.08 -21.11
N GLY E 620 -3.68 -25.93 -20.91
CA GLY E 620 -3.11 -24.61 -20.70
C GLY E 620 -1.59 -24.60 -20.66
N LYS E 621 -1.03 -23.83 -19.73
CA LYS E 621 0.41 -23.71 -19.57
C LYS E 621 0.92 -24.26 -18.25
N GLY E 622 0.03 -24.69 -17.35
CA GLY E 622 0.43 -25.21 -16.07
C GLY E 622 0.20 -24.29 -14.88
N LYS E 623 -0.61 -23.25 -15.04
CA LYS E 623 -0.88 -22.33 -13.94
C LYS E 623 -1.85 -22.97 -12.94
N LEU E 624 -1.76 -22.52 -11.70
CA LEU E 624 -2.59 -23.02 -10.61
C LEU E 624 -3.58 -21.94 -10.19
N THR E 625 -4.85 -22.32 -10.11
CA THR E 625 -5.92 -21.42 -9.71
C THR E 625 -6.75 -22.10 -8.63
N TYR E 626 -7.20 -21.32 -7.65
CA TYR E 626 -8.00 -21.86 -6.57
C TYR E 626 -9.14 -20.90 -6.25
N THR E 627 -10.25 -21.45 -5.79
CA THR E 627 -11.42 -20.67 -5.44
C THR E 627 -12.00 -21.19 -4.13
N GLY E 628 -12.53 -20.26 -3.33
CA GLY E 628 -13.10 -20.59 -2.05
C GLY E 628 -12.50 -19.79 -0.91
N SER E 629 -11.85 -18.67 -1.25
CA SER E 629 -11.21 -17.79 -0.28
C SER E 629 -10.19 -18.54 0.56
N LEU E 630 -9.24 -19.17 -0.13
CA LEU E 630 -8.19 -19.95 0.51
C LEU E 630 -6.98 -19.07 0.82
N GLY E 631 -6.22 -19.47 1.83
CA GLY E 631 -5.03 -18.77 2.25
C GLY E 631 -3.76 -19.41 1.74
N GLU E 632 -2.64 -19.00 2.36
CA GLU E 632 -1.34 -19.54 1.99
C GLU E 632 -1.20 -21.00 2.37
N VAL E 633 -1.83 -21.43 3.46
CA VAL E 633 -1.75 -22.82 3.88
C VAL E 633 -2.33 -23.72 2.79
N MET E 634 -3.46 -23.30 2.19
CA MET E 634 -4.04 -24.09 1.12
C MET E 634 -3.14 -24.10 -0.10
N GLN E 635 -2.43 -23.00 -0.34
CA GLN E 635 -1.52 -22.94 -1.48
C GLN E 635 -0.39 -23.94 -1.32
N GLU E 636 0.26 -23.94 -0.15
CA GLU E 636 1.34 -24.90 0.06
C GLU E 636 0.83 -26.34 0.08
N SER E 637 -0.40 -26.55 0.58
CA SER E 637 -0.95 -27.91 0.58
C SER E 637 -1.19 -28.39 -0.86
N ILE E 638 -1.73 -27.51 -1.70
CA ILE E 638 -1.96 -27.87 -3.09
C ILE E 638 -0.63 -28.11 -3.80
N GLN E 639 0.39 -27.33 -3.45
CA GLN E 639 1.71 -27.53 -4.04
C GLN E 639 2.28 -28.89 -3.66
N ALA E 640 2.12 -29.27 -2.39
CA ALA E 640 2.61 -30.57 -1.94
C ALA E 640 1.85 -31.69 -2.64
N ALA E 641 0.53 -31.52 -2.78
CA ALA E 641 -0.26 -32.55 -3.47
C ALA E 641 0.17 -32.68 -4.92
N LEU E 642 0.45 -31.55 -5.57
CA LEU E 642 0.89 -31.58 -6.96
C LEU E 642 2.24 -32.27 -7.06
N THR E 643 3.12 -32.04 -6.11
CA THR E 643 4.42 -32.70 -6.12
C THR E 643 4.27 -34.20 -5.95
N VAL E 644 3.37 -34.62 -5.05
CA VAL E 644 3.14 -36.05 -4.84
C VAL E 644 2.58 -36.67 -6.11
N VAL E 645 1.67 -35.97 -6.79
CA VAL E 645 1.10 -36.48 -8.02
C VAL E 645 2.17 -36.59 -9.10
N ARG E 646 3.06 -35.60 -9.16
CA ARG E 646 4.13 -35.66 -10.15
C ARG E 646 5.10 -36.80 -9.87
N ALA E 647 5.29 -37.13 -8.59
CA ALA E 647 6.19 -38.22 -8.24
C ALA E 647 5.55 -39.59 -8.46
N ARG E 648 4.23 -39.70 -8.34
CA ARG E 648 3.54 -40.96 -8.52
C ARG E 648 2.77 -41.05 -9.84
N ALA E 649 3.02 -40.14 -10.78
CA ALA E 649 2.32 -40.17 -12.06
C ALA E 649 2.62 -41.47 -12.82
N GLU E 650 3.86 -41.94 -12.78
CA GLU E 650 4.21 -43.17 -13.49
C GLU E 650 3.45 -44.36 -12.92
N LYS E 651 3.28 -44.40 -11.59
CA LYS E 651 2.56 -45.51 -10.97
C LYS E 651 1.06 -45.39 -11.20
N LEU E 652 0.53 -44.18 -11.24
CA LEU E 652 -0.89 -43.95 -11.45
C LEU E 652 -1.28 -43.84 -12.91
N GLY E 653 -0.32 -43.91 -13.83
CA GLY E 653 -0.61 -43.81 -15.24
C GLY E 653 -0.89 -42.42 -15.73
N ILE E 654 -0.32 -41.40 -15.09
CA ILE E 654 -0.51 -40.01 -15.48
C ILE E 654 0.67 -39.55 -16.31
N ASN E 655 0.38 -38.79 -17.36
CA ASN E 655 1.44 -38.29 -18.23
C ASN E 655 2.31 -37.30 -17.44
N PRO E 656 3.63 -37.51 -17.41
CA PRO E 656 4.50 -36.59 -16.63
C PRO E 656 4.45 -35.14 -17.10
N ASP E 657 3.94 -34.85 -18.30
CA ASP E 657 3.88 -33.48 -18.79
C ASP E 657 2.53 -32.80 -18.51
N PHE E 658 1.80 -33.27 -17.51
CA PHE E 658 0.50 -32.66 -17.20
C PHE E 658 0.66 -31.29 -16.56
N TYR E 659 1.70 -31.09 -15.75
CA TYR E 659 1.92 -29.82 -15.08
C TYR E 659 2.55 -28.78 -15.98
N GLU E 660 2.82 -29.10 -17.24
CA GLU E 660 3.43 -28.18 -18.18
C GLU E 660 2.49 -27.70 -19.29
N LYS E 661 1.51 -28.53 -19.68
CA LYS E 661 0.58 -28.17 -20.74
C LYS E 661 -0.86 -28.12 -20.26
N ARG E 662 -1.12 -28.25 -18.96
CA ARG E 662 -2.49 -28.22 -18.45
C ARG E 662 -2.58 -27.41 -17.18
N ASP E 663 -3.60 -26.56 -17.11
CA ASP E 663 -3.86 -25.72 -15.95
C ASP E 663 -4.81 -26.46 -15.00
N ILE E 664 -4.59 -26.25 -13.70
CA ILE E 664 -5.37 -26.89 -12.65
C ILE E 664 -6.12 -25.82 -11.87
N HIS E 665 -7.41 -26.07 -11.64
CA HIS E 665 -8.27 -25.16 -10.89
C HIS E 665 -8.96 -25.95 -9.79
N VAL E 666 -8.64 -25.65 -8.54
CA VAL E 666 -9.20 -26.33 -7.38
C VAL E 666 -10.21 -25.41 -6.71
N HIS E 667 -11.41 -25.93 -6.47
CA HIS E 667 -12.49 -25.19 -5.84
C HIS E 667 -12.87 -25.89 -4.53
N VAL E 668 -12.76 -25.17 -3.43
CA VAL E 668 -13.09 -25.67 -2.10
C VAL E 668 -14.23 -24.83 -1.55
N PRO E 669 -15.47 -25.33 -1.62
CA PRO E 669 -16.60 -24.55 -1.10
C PRO E 669 -16.49 -24.32 0.39
N GLU E 670 -16.86 -23.09 0.79
CA GLU E 670 -16.83 -22.68 2.20
C GLU E 670 -15.43 -22.86 2.79
N GLY E 671 -14.43 -22.36 2.06
CA GLY E 671 -13.06 -22.45 2.53
C GLY E 671 -12.74 -21.55 3.70
N ALA E 672 -13.58 -20.55 3.94
CA ALA E 672 -13.40 -19.61 5.05
C ALA E 672 -13.84 -20.18 6.39
N THR E 673 -14.01 -21.50 6.47
CA THR E 673 -14.42 -22.11 7.71
C THR E 673 -13.37 -21.86 8.79
N PRO E 674 -13.78 -21.74 10.05
CA PRO E 674 -12.81 -21.49 11.13
C PRO E 674 -11.97 -22.73 11.43
N LYS E 675 -11.23 -23.19 10.43
CA LYS E 675 -10.37 -24.36 10.53
C LYS E 675 -8.95 -23.93 10.18
N ASP E 676 -8.07 -23.98 11.18
CA ASP E 676 -6.67 -23.59 10.99
C ASP E 676 -5.89 -24.82 10.54
N GLY E 677 -5.60 -24.88 9.25
CA GLY E 677 -4.86 -26.00 8.70
C GLY E 677 -5.58 -26.65 7.54
N PRO E 678 -4.84 -26.98 6.48
CA PRO E 678 -5.45 -27.63 5.29
C PRO E 678 -5.72 -29.11 5.51
N ALA E 679 -6.75 -29.40 6.29
CA ALA E 679 -7.14 -30.78 6.59
C ALA E 679 -7.71 -31.51 5.39
N ALA E 680 -7.87 -30.85 4.24
CA ALA E 680 -8.40 -31.47 3.05
C ALA E 680 -7.33 -31.85 2.03
N GLY E 681 -6.11 -32.11 2.51
CA GLY E 681 -5.03 -32.48 1.59
C GLY E 681 -5.34 -33.74 0.79
N ILE E 682 -5.76 -34.80 1.48
CA ILE E 682 -6.07 -36.05 0.80
C ILE E 682 -7.21 -35.86 -0.18
N ALA E 683 -8.21 -35.04 0.15
CA ALA E 683 -9.33 -34.82 -0.75
C ALA E 683 -8.85 -34.16 -2.04
N MET E 684 -8.05 -33.10 -1.94
CA MET E 684 -7.55 -32.42 -3.13
C MET E 684 -6.64 -33.34 -3.94
N CYS E 685 -5.81 -34.13 -3.26
CA CYS E 685 -4.92 -35.05 -3.98
C CYS E 685 -5.72 -36.10 -4.74
N THR E 686 -6.74 -36.67 -4.10
CA THR E 686 -7.57 -37.67 -4.75
C THR E 686 -8.32 -37.05 -5.93
N ALA E 687 -8.84 -35.84 -5.77
CA ALA E 687 -9.55 -35.19 -6.86
C ALA E 687 -8.62 -34.92 -8.03
N LEU E 688 -7.36 -34.55 -7.74
CA LEU E 688 -6.39 -34.30 -8.80
C LEU E 688 -6.07 -35.59 -9.55
N VAL E 689 -5.85 -36.67 -8.80
CA VAL E 689 -5.56 -37.95 -9.43
C VAL E 689 -6.74 -38.40 -10.28
N SER E 690 -7.96 -38.11 -9.82
CA SER E 690 -9.15 -38.48 -10.58
C SER E 690 -9.23 -37.67 -11.87
N CYS E 691 -9.01 -36.35 -11.79
CA CYS E 691 -9.06 -35.51 -12.98
C CYS E 691 -8.03 -35.95 -14.00
N LEU E 692 -6.83 -36.30 -13.53
CA LEU E 692 -5.77 -36.72 -14.45
C LEU E 692 -5.95 -38.14 -14.98
N THR E 693 -6.66 -39.00 -14.25
CA THR E 693 -6.86 -40.38 -14.68
C THR E 693 -8.29 -40.71 -15.09
N GLY E 694 -9.28 -39.96 -14.62
CA GLY E 694 -10.65 -40.25 -14.96
C GLY E 694 -11.31 -41.28 -14.08
N ASN E 695 -10.65 -41.69 -13.00
CA ASN E 695 -11.22 -42.69 -12.09
C ASN E 695 -12.25 -42.03 -11.19
N PRO E 696 -13.51 -42.42 -11.24
CA PRO E 696 -14.52 -41.81 -10.36
C PRO E 696 -14.28 -42.15 -8.90
N VAL E 697 -14.43 -41.15 -8.04
CA VAL E 697 -14.24 -41.33 -6.61
C VAL E 697 -15.45 -42.06 -6.04
N ARG E 698 -15.20 -43.17 -5.33
CA ARG E 698 -16.28 -43.95 -4.75
C ARG E 698 -17.13 -43.09 -3.81
N ALA E 699 -18.44 -43.13 -4.03
CA ALA E 699 -19.35 -42.37 -3.18
C ALA E 699 -19.46 -43.01 -1.80
N ASP E 700 -20.19 -42.33 -0.92
CA ASP E 700 -20.40 -42.80 0.45
C ASP E 700 -19.07 -42.96 1.19
N VAL E 701 -18.08 -42.12 0.84
CA VAL E 701 -16.76 -42.15 1.44
C VAL E 701 -16.37 -40.73 1.83
N ALA E 702 -15.85 -40.57 3.05
CA ALA E 702 -15.42 -39.29 3.57
C ALA E 702 -13.96 -39.36 3.96
N MET E 703 -13.25 -38.25 3.78
CA MET E 703 -11.83 -38.21 4.11
C MET E 703 -11.45 -36.82 4.60
N THR E 704 -10.42 -36.78 5.45
CA THR E 704 -9.90 -35.55 6.02
C THR E 704 -8.54 -35.84 6.65
N GLY E 705 -7.63 -34.88 6.54
CA GLY E 705 -6.31 -35.04 7.10
C GLY E 705 -5.27 -34.28 6.30
N GLU E 706 -4.13 -34.03 6.95
CA GLU E 706 -3.03 -33.31 6.34
C GLU E 706 -2.17 -34.25 5.49
N ILE E 707 -1.39 -33.65 4.59
CA ILE E 707 -0.51 -34.39 3.70
C ILE E 707 0.87 -33.75 3.69
N THR E 708 1.86 -34.53 3.30
CA THR E 708 3.25 -34.10 3.21
C THR E 708 3.75 -34.31 1.79
N LEU E 709 5.03 -33.96 1.57
CA LEU E 709 5.62 -34.13 0.25
C LEU E 709 6.00 -35.57 -0.05
N ARG E 710 6.15 -36.41 0.98
CA ARG E 710 6.51 -37.80 0.80
C ARG E 710 5.30 -38.74 0.80
N GLY E 711 4.09 -38.19 0.85
CA GLY E 711 2.90 -39.01 0.86
C GLY E 711 2.44 -39.48 2.21
N GLN E 712 2.91 -38.85 3.29
CA GLN E 712 2.52 -39.22 4.64
C GLN E 712 1.35 -38.38 5.10
N VAL E 713 0.46 -38.99 5.89
CA VAL E 713 -0.71 -38.34 6.43
C VAL E 713 -0.41 -37.91 7.86
N LEU E 714 -0.74 -36.64 8.19
CA LEU E 714 -0.52 -36.09 9.52
C LEU E 714 -1.82 -36.05 10.31
N PRO E 715 -1.73 -36.12 11.64
CA PRO E 715 -2.95 -36.09 12.45
C PRO E 715 -3.62 -34.72 12.43
N ILE E 716 -4.90 -34.72 12.78
CA ILE E 716 -5.73 -33.53 12.81
C ILE E 716 -6.54 -33.54 14.11
N GLY E 717 -7.29 -32.47 14.34
CA GLY E 717 -8.12 -32.32 15.52
C GLY E 717 -9.59 -32.22 15.15
N GLY E 718 -10.43 -32.39 16.17
CA GLY E 718 -11.87 -32.32 15.98
C GLY E 718 -12.46 -33.50 15.25
N LEU E 719 -12.03 -34.72 15.61
CA LEU E 719 -12.55 -35.91 14.94
C LEU E 719 -14.00 -36.18 15.32
N LYS E 720 -14.41 -35.81 16.54
CA LYS E 720 -15.78 -36.05 16.98
C LYS E 720 -16.78 -35.30 16.11
N GLU E 721 -16.53 -34.02 15.85
CA GLU E 721 -17.45 -33.23 15.02
C GLU E 721 -17.52 -33.77 13.61
N LYS E 722 -16.37 -34.16 13.04
CA LYS E 722 -16.37 -34.69 11.68
C LYS E 722 -17.13 -36.01 11.63
N LEU E 723 -16.95 -36.87 12.64
CA LEU E 723 -17.67 -38.14 12.66
C LEU E 723 -19.17 -37.92 12.81
N LEU E 724 -19.56 -36.94 13.63
CA LEU E 724 -20.98 -36.64 13.79
C LEU E 724 -21.57 -36.12 12.48
N ALA E 725 -20.81 -35.29 11.76
CA ALA E 725 -21.28 -34.77 10.48
C ALA E 725 -21.43 -35.89 9.47
N ALA E 726 -20.46 -36.81 9.43
CA ALA E 726 -20.54 -37.94 8.51
C ALA E 726 -21.72 -38.84 8.85
N HIS E 727 -22.01 -38.99 10.15
CA HIS E 727 -23.14 -39.81 10.57
C HIS E 727 -24.46 -39.17 10.17
N ARG E 728 -24.58 -37.85 10.34
CA ARG E 728 -25.82 -37.17 9.97
C ARG E 728 -26.01 -37.18 8.46
N GLY E 729 -24.92 -37.05 7.70
CA GLY E 729 -25.01 -37.06 6.25
C GLY E 729 -25.23 -38.42 5.62
N GLY E 730 -25.20 -39.48 6.42
CA GLY E 730 -25.40 -40.83 5.89
C GLY E 730 -24.16 -41.45 5.28
N ILE E 731 -22.97 -41.04 5.69
CA ILE E 731 -21.73 -41.57 5.16
C ILE E 731 -21.24 -42.69 6.08
N LYS E 732 -20.97 -43.85 5.50
CA LYS E 732 -20.50 -45.01 6.25
C LYS E 732 -19.00 -45.18 6.23
N THR E 733 -18.34 -44.89 5.11
CA THR E 733 -16.88 -45.03 5.00
C THR E 733 -16.22 -43.68 5.28
N VAL E 734 -15.35 -43.66 6.29
CA VAL E 734 -14.63 -42.45 6.69
C VAL E 734 -13.16 -42.79 6.81
N LEU E 735 -12.32 -41.98 6.16
CA LEU E 735 -10.87 -42.18 6.18
C LEU E 735 -10.24 -41.09 7.05
N ILE E 736 -9.56 -41.51 8.11
CA ILE E 736 -8.91 -40.59 9.03
C ILE E 736 -7.44 -40.99 9.16
N PRO E 737 -6.59 -40.05 9.60
CA PRO E 737 -5.17 -40.37 9.76
C PRO E 737 -4.95 -41.47 10.79
N PHE E 738 -3.81 -42.16 10.65
CA PHE E 738 -3.49 -43.24 11.57
C PHE E 738 -3.14 -42.71 12.95
N GLU E 739 -2.43 -41.59 13.02
CA GLU E 739 -2.04 -41.02 14.31
C GLU E 739 -3.24 -40.65 15.17
N ASN E 740 -4.41 -40.42 14.57
CA ASN E 740 -5.61 -40.09 15.31
C ASN E 740 -6.35 -41.31 15.81
N LYS E 741 -5.85 -42.52 15.52
CA LYS E 741 -6.52 -43.74 15.98
C LYS E 741 -6.67 -43.75 17.49
N ARG E 742 -5.63 -43.34 18.23
CA ARG E 742 -5.69 -43.32 19.68
C ARG E 742 -6.80 -42.41 20.19
N ASP E 743 -7.28 -41.49 19.35
CA ASP E 743 -8.35 -40.59 19.78
C ASP E 743 -9.72 -41.26 19.72
N LEU E 744 -9.87 -42.33 18.94
CA LEU E 744 -11.15 -43.02 18.84
C LEU E 744 -11.62 -43.55 20.19
N GLU E 745 -10.71 -43.77 21.13
CA GLU E 745 -11.09 -44.26 22.44
C GLU E 745 -11.88 -43.23 23.24
N GLU E 746 -11.83 -41.96 22.83
CA GLU E 746 -12.56 -40.89 23.51
C GLU E 746 -13.87 -40.56 22.83
N ILE E 747 -14.30 -41.38 21.88
CA ILE E 747 -15.55 -41.17 21.15
C ILE E 747 -16.54 -42.24 21.59
N PRO E 748 -17.79 -41.90 21.89
CA PRO E 748 -18.75 -42.92 22.30
C PRO E 748 -19.00 -43.95 21.21
N ASP E 749 -19.47 -45.13 21.63
CA ASP E 749 -19.74 -46.21 20.70
C ASP E 749 -20.94 -45.93 19.81
N ASN E 750 -21.85 -45.05 20.22
CA ASN E 750 -23.02 -44.74 19.41
C ASN E 750 -22.66 -44.12 18.06
N VAL E 751 -21.47 -43.58 17.92
CA VAL E 751 -21.03 -42.96 16.67
C VAL E 751 -20.08 -43.89 15.90
N ILE E 752 -19.25 -44.65 16.60
CA ILE E 752 -18.32 -45.55 15.93
C ILE E 752 -19.02 -46.79 15.41
N ALA E 753 -20.07 -47.26 16.10
CA ALA E 753 -20.78 -48.45 15.66
C ALA E 753 -21.54 -48.24 14.35
N ASP E 754 -21.79 -46.98 13.97
CA ASP E 754 -22.52 -46.70 12.74
C ASP E 754 -21.62 -46.37 11.56
N LEU E 755 -20.40 -45.88 11.80
CA LEU E 755 -19.48 -45.54 10.74
C LEU E 755 -18.35 -46.56 10.65
N ASP E 756 -17.81 -46.74 9.45
CA ASP E 756 -16.71 -47.65 9.19
C ASP E 756 -15.46 -46.81 8.99
N ILE E 757 -14.65 -46.71 10.04
CA ILE E 757 -13.42 -45.93 10.02
C ILE E 757 -12.26 -46.83 9.63
N HIS E 758 -11.38 -46.30 8.77
CA HIS E 758 -10.21 -47.03 8.30
C HIS E 758 -8.98 -46.15 8.51
N PRO E 759 -8.23 -46.35 9.60
CA PRO E 759 -7.04 -45.53 9.83
C PRO E 759 -6.01 -45.73 8.72
N VAL E 760 -5.56 -44.62 8.14
CA VAL E 760 -4.58 -44.64 7.06
C VAL E 760 -3.42 -43.73 7.41
N LYS E 761 -2.28 -43.98 6.76
CA LYS E 761 -1.07 -43.20 6.98
C LYS E 761 -0.32 -42.84 5.70
N ARG E 762 -0.66 -43.43 4.56
CA ARG E 762 0.01 -43.13 3.30
C ARG E 762 -1.03 -42.72 2.26
N ILE E 763 -0.55 -42.05 1.20
CA ILE E 763 -1.45 -41.62 0.13
C ILE E 763 -1.93 -42.80 -0.70
N GLU E 764 -1.15 -43.88 -0.77
CA GLU E 764 -1.56 -45.05 -1.54
C GLU E 764 -2.78 -45.73 -0.93
N GLU E 765 -2.84 -45.79 0.40
CA GLU E 765 -3.99 -46.42 1.05
C GLU E 765 -5.27 -45.63 0.78
N VAL E 766 -5.20 -44.29 0.85
CA VAL E 766 -6.39 -43.48 0.60
C VAL E 766 -6.78 -43.56 -0.88
N LEU E 767 -5.79 -43.62 -1.77
CA LEU E 767 -6.10 -43.73 -3.19
C LEU E 767 -6.72 -45.09 -3.52
N THR E 768 -6.32 -46.14 -2.79
CA THR E 768 -6.89 -47.46 -3.05
C THR E 768 -8.28 -47.60 -2.46
N LEU E 769 -8.50 -47.06 -1.26
CA LEU E 769 -9.81 -47.16 -0.63
C LEU E 769 -10.80 -46.11 -1.12
N ALA E 770 -10.35 -45.09 -1.85
CA ALA E 770 -11.26 -44.05 -2.33
C ALA E 770 -11.61 -44.17 -3.80
N LEU E 771 -10.69 -44.61 -4.65
CA LEU E 771 -10.97 -44.73 -6.07
C LEU E 771 -11.72 -46.03 -6.38
N GLN E 772 -12.49 -46.00 -7.47
CA GLN E 772 -13.25 -47.18 -7.87
C GLN E 772 -12.34 -48.29 -8.38
N ASN E 773 -11.32 -47.94 -9.16
CA ASN E 773 -10.40 -48.93 -9.69
C ASN E 773 -9.17 -49.02 -8.79
N GLU E 774 -8.20 -49.85 -9.21
CA GLU E 774 -6.99 -50.00 -8.41
C GLU E 774 -6.10 -48.76 -8.46
N PRO E 775 -5.75 -48.21 -9.64
CA PRO E 775 -4.89 -47.02 -9.61
C PRO E 775 -5.59 -45.80 -9.02
N ALA F 247 -57.41 23.19 45.24
CA ALA F 247 -58.15 24.17 46.02
C ALA F 247 -59.27 24.86 45.22
N PRO F 248 -59.00 25.32 43.97
CA PRO F 248 -60.07 25.97 43.19
C PRO F 248 -61.17 25.00 42.77
N ASP F 249 -62.14 25.52 42.01
CA ASP F 249 -63.25 24.68 41.56
C ASP F 249 -62.78 23.59 40.61
N GLU F 250 -61.78 23.89 39.77
CA GLU F 250 -61.27 22.90 38.81
C GLU F 250 -60.84 21.62 39.52
N ASN F 251 -59.95 21.75 40.52
CA ASN F 251 -59.48 20.59 41.27
C ASN F 251 -60.61 19.76 41.82
N GLU F 252 -61.81 20.33 41.95
CA GLU F 252 -62.95 19.58 42.43
C GLU F 252 -63.54 18.73 41.30
N ALA F 253 -63.85 19.37 40.18
CA ALA F 253 -64.41 18.65 39.04
C ALA F 253 -63.50 17.50 38.62
N LEU F 254 -62.20 17.79 38.48
CA LEU F 254 -61.26 16.75 38.10
C LEU F 254 -61.30 15.59 39.09
N LYS F 255 -61.42 15.91 40.39
CA LYS F 255 -61.48 14.85 41.39
C LYS F 255 -62.64 13.91 41.13
N ARG F 256 -63.77 14.46 40.66
CA ARG F 256 -64.93 13.62 40.37
C ARG F 256 -64.60 12.59 39.29
N LYS F 257 -63.79 12.98 38.30
CA LYS F 257 -63.43 12.04 37.24
C LYS F 257 -62.67 10.85 37.78
N ILE F 258 -62.17 10.93 39.02
CA ILE F 258 -61.47 9.81 39.61
C ILE F 258 -62.43 8.84 40.29
N ASP F 259 -63.56 9.35 40.80
CA ASP F 259 -64.55 8.51 41.47
C ASP F 259 -65.62 7.98 40.54
N ALA F 260 -65.90 8.67 39.43
CA ALA F 260 -66.93 8.25 38.50
C ALA F 260 -66.48 7.11 37.59
N ALA F 261 -65.24 6.66 37.68
CA ALA F 261 -64.72 5.58 36.84
C ALA F 261 -64.17 4.47 37.72
N LYS F 262 -64.61 3.23 37.46
CA LYS F 262 -64.14 2.08 38.20
C LYS F 262 -62.69 1.81 37.84
N MET F 263 -61.85 1.56 38.85
CA MET F 263 -60.43 1.33 38.59
C MET F 263 -59.84 0.16 39.38
N PRO F 264 -59.02 -0.67 38.73
CA PRO F 264 -58.38 -1.80 39.43
C PRO F 264 -57.26 -1.32 40.35
N LYS F 265 -56.48 -2.27 40.90
CA LYS F 265 -55.40 -1.92 41.82
C LYS F 265 -54.39 -0.97 41.18
N GLU F 266 -53.89 -1.29 39.98
CA GLU F 266 -52.91 -0.42 39.34
C GLU F 266 -53.53 0.93 38.98
N ALA F 267 -54.76 0.90 38.45
CA ALA F 267 -55.42 2.16 38.12
C ALA F 267 -55.72 2.96 39.38
N LYS F 268 -56.06 2.27 40.47
CA LYS F 268 -56.30 2.99 41.72
C LYS F 268 -55.01 3.60 42.24
N GLU F 269 -53.87 2.95 41.99
CA GLU F 269 -52.59 3.49 42.42
C GLU F 269 -52.27 4.76 41.66
N LYS F 270 -52.40 4.73 40.33
CA LYS F 270 -52.13 5.95 39.57
C LYS F 270 -53.16 7.03 39.90
N ALA F 271 -54.39 6.62 40.24
CA ALA F 271 -55.40 7.60 40.62
C ALA F 271 -55.04 8.27 41.93
N GLU F 272 -54.49 7.49 42.88
CA GLU F 272 -54.06 8.07 44.14
C GLU F 272 -52.89 9.01 43.93
N ALA F 273 -51.98 8.65 43.01
CA ALA F 273 -50.85 9.52 42.71
C ALA F 273 -51.35 10.85 42.14
N GLU F 274 -52.30 10.78 41.21
CA GLU F 274 -52.85 12.00 40.63
C GLU F 274 -53.60 12.81 41.68
N LEU F 275 -54.29 12.12 42.59
CA LEU F 275 -55.01 12.81 43.66
C LEU F 275 -54.02 13.58 44.53
N GLN F 276 -52.87 12.97 44.82
CA GLN F 276 -51.84 13.65 45.59
C GLN F 276 -51.30 14.84 44.79
N LYS F 277 -51.27 14.71 43.47
CA LYS F 277 -50.82 15.79 42.60
C LYS F 277 -51.92 16.82 42.35
N LEU F 278 -53.17 16.50 42.69
CA LEU F 278 -54.29 17.39 42.51
C LEU F 278 -54.49 18.23 43.77
N LYS F 279 -55.64 18.90 43.87
CA LYS F 279 -56.00 19.76 45.00
C LYS F 279 -55.02 20.91 45.19
N MET F 280 -54.27 21.25 44.15
CA MET F 280 -53.31 22.33 44.17
C MET F 280 -53.89 23.55 43.47
N MET F 281 -53.06 24.58 43.29
CA MET F 281 -53.49 25.80 42.61
C MET F 281 -53.73 25.53 41.14
N SER F 282 -54.93 25.82 40.66
CA SER F 282 -55.28 25.63 39.25
C SER F 282 -54.57 26.60 38.31
N PRO F 283 -54.35 27.89 38.67
CA PRO F 283 -53.66 28.78 37.72
C PRO F 283 -52.17 28.50 37.61
N MET F 284 -51.71 27.43 38.24
CA MET F 284 -50.29 27.06 38.19
C MET F 284 -49.94 26.65 36.77
N SER F 285 -49.16 27.49 36.09
CA SER F 285 -48.77 27.23 34.72
C SER F 285 -47.98 25.93 34.61
N ALA F 286 -48.34 25.11 33.62
CA ALA F 286 -47.72 23.83 33.32
C ALA F 286 -47.83 22.82 34.46
N GLU F 287 -48.71 23.07 35.44
CA GLU F 287 -48.88 22.15 36.56
C GLU F 287 -50.28 21.56 36.62
N ALA F 288 -51.32 22.39 36.46
CA ALA F 288 -52.69 21.88 36.50
C ALA F 288 -53.10 21.27 35.16
N THR F 289 -52.57 21.80 34.06
CA THR F 289 -52.92 21.26 32.75
C THR F 289 -52.38 19.85 32.56
N VAL F 290 -51.16 19.59 33.03
CA VAL F 290 -50.58 18.25 32.87
C VAL F 290 -51.34 17.24 33.72
N VAL F 291 -51.72 17.62 34.95
CA VAL F 291 -52.46 16.66 35.77
C VAL F 291 -53.85 16.47 35.20
N ARG F 292 -54.44 17.51 34.61
CA ARG F 292 -55.76 17.35 34.00
C ARG F 292 -55.67 16.40 32.81
N GLY F 293 -54.61 16.53 32.01
CA GLY F 293 -54.43 15.64 30.88
C GLY F 293 -54.22 14.21 31.35
N TYR F 294 -53.48 14.04 32.45
CA TYR F 294 -53.26 12.71 33.00
C TYR F 294 -54.57 12.10 33.45
N ILE F 295 -55.44 12.90 34.08
CA ILE F 295 -56.74 12.41 34.51
C ILE F 295 -57.56 11.98 33.31
N ASP F 296 -57.55 12.80 32.25
CA ASP F 296 -58.29 12.46 31.04
C ASP F 296 -57.75 11.16 30.43
N TRP F 297 -56.43 11.00 30.42
CA TRP F 297 -55.85 9.78 29.86
C TRP F 297 -56.29 8.56 30.67
N MET F 298 -56.22 8.66 32.00
CA MET F 298 -56.64 7.55 32.86
C MET F 298 -58.10 7.19 32.59
N VAL F 299 -58.96 8.20 32.50
CA VAL F 299 -60.37 7.94 32.22
C VAL F 299 -60.51 7.29 30.85
N GLN F 300 -59.62 7.61 29.92
CA GLN F 300 -59.66 7.03 28.58
C GLN F 300 -58.98 5.67 28.52
N VAL F 301 -58.04 5.40 29.42
CA VAL F 301 -57.35 4.09 29.41
C VAL F 301 -58.38 3.00 29.69
N PRO F 302 -58.40 1.93 28.91
CA PRO F 302 -59.40 0.87 29.13
C PRO F 302 -59.04 -0.10 30.24
N TRP F 303 -60.05 -0.54 30.96
CA TRP F 303 -59.99 -1.50 32.06
C TRP F 303 -61.42 -1.83 32.46
N ASN F 304 -61.61 -3.05 32.96
CA ASN F 304 -62.93 -3.54 33.38
C ASN F 304 -63.93 -3.52 32.22
N ALA F 305 -63.43 -3.52 30.99
CA ALA F 305 -64.25 -3.51 29.79
C ALA F 305 -63.43 -4.08 28.65
N ARG F 306 -64.07 -4.85 27.78
CA ARG F 306 -63.36 -5.47 26.67
C ARG F 306 -64.36 -5.77 25.55
N SER F 307 -63.81 -6.18 24.41
CA SER F 307 -64.61 -6.53 23.24
C SER F 307 -65.00 -8.00 23.34
N LYS F 308 -66.22 -8.32 22.91
CA LYS F 308 -66.71 -9.69 22.96
C LYS F 308 -65.95 -10.51 21.92
N VAL F 309 -64.95 -11.25 22.38
CA VAL F 309 -64.15 -12.07 21.48
C VAL F 309 -64.95 -13.31 21.07
N LYS F 310 -64.99 -13.57 19.78
CA LYS F 310 -65.72 -14.73 19.26
C LYS F 310 -64.92 -16.01 19.46
N LYS F 311 -65.65 -17.10 19.69
CA LYS F 311 -65.03 -18.41 19.92
C LYS F 311 -65.18 -19.38 18.76
N ASP F 312 -66.20 -19.20 17.91
CA ASP F 312 -66.39 -20.09 16.77
C ASP F 312 -65.38 -19.79 15.68
N LEU F 313 -65.02 -20.83 14.93
CA LEU F 313 -64.05 -20.71 13.84
C LEU F 313 -64.70 -20.65 12.47
N ARG F 314 -65.92 -21.18 12.33
CA ARG F 314 -66.59 -21.16 11.02
C ARG F 314 -66.84 -19.72 10.58
N GLN F 315 -67.33 -18.88 11.49
CA GLN F 315 -67.58 -17.50 11.15
C GLN F 315 -66.28 -16.78 10.81
N ALA F 316 -65.19 -17.15 11.48
CA ALA F 316 -63.90 -16.54 11.19
C ALA F 316 -63.46 -16.87 9.77
N GLN F 317 -63.67 -18.12 9.35
CA GLN F 317 -63.32 -18.52 7.99
C GLN F 317 -64.19 -17.79 6.98
N GLU F 318 -65.49 -17.69 7.27
CA GLU F 318 -66.40 -16.99 6.35
C GLU F 318 -66.00 -15.53 6.21
N ILE F 319 -65.55 -14.90 7.30
CA ILE F 319 -65.13 -13.51 7.25
C ILE F 319 -63.81 -13.37 6.48
N LEU F 320 -62.87 -14.30 6.72
CA LEU F 320 -61.59 -14.25 6.03
C LEU F 320 -61.73 -14.56 4.54
N ASP F 321 -62.82 -15.20 4.13
CA ASP F 321 -63.03 -15.52 2.72
C ASP F 321 -63.53 -14.34 1.91
N THR F 322 -63.86 -13.21 2.55
CA THR F 322 -64.36 -12.04 1.85
C THR F 322 -63.54 -10.78 2.13
N ASP F 323 -62.28 -10.94 2.53
CA ASP F 323 -61.48 -9.74 2.79
C ASP F 323 -60.98 -9.14 1.48
N HIS F 324 -60.09 -9.84 0.78
CA HIS F 324 -59.60 -9.38 -0.52
C HIS F 324 -59.93 -10.41 -1.59
N TYR F 325 -59.37 -11.62 -1.48
CA TYR F 325 -59.63 -12.74 -2.38
C TYR F 325 -59.67 -14.08 -1.67
N GLY F 326 -58.99 -14.21 -0.53
CA GLY F 326 -58.92 -15.43 0.25
C GLY F 326 -57.53 -16.03 0.14
N LEU F 327 -57.03 -16.09 -1.09
CA LEU F 327 -55.71 -16.58 -1.48
C LEU F 327 -55.51 -18.07 -1.17
N GLU F 328 -56.43 -18.67 -0.43
CA GLU F 328 -56.40 -20.08 -0.06
C GLU F 328 -55.07 -20.56 0.50
N ARG F 329 -54.17 -19.64 0.84
CA ARG F 329 -52.86 -20.05 1.38
C ARG F 329 -52.55 -19.44 2.74
N VAL F 330 -52.71 -18.11 2.86
CA VAL F 330 -52.40 -17.45 4.12
C VAL F 330 -53.56 -17.55 5.11
N LYS F 331 -54.80 -17.42 4.63
CA LYS F 331 -55.95 -17.50 5.52
C LYS F 331 -55.93 -18.80 6.31
N ASP F 332 -55.51 -19.90 5.69
CA ASP F 332 -55.43 -21.17 6.39
C ASP F 332 -54.54 -21.04 7.62
N ARG F 333 -53.34 -20.49 7.43
CA ARG F 333 -52.44 -20.29 8.57
C ARG F 333 -53.11 -19.43 9.63
N ILE F 334 -53.80 -18.38 9.19
CA ILE F 334 -54.49 -17.52 10.15
C ILE F 334 -55.47 -18.34 10.97
N LEU F 335 -56.26 -19.18 10.28
CA LEU F 335 -57.22 -20.03 10.97
C LEU F 335 -56.51 -20.90 11.99
N GLU F 336 -55.36 -21.46 11.61
CA GLU F 336 -54.61 -22.28 12.55
C GLU F 336 -54.32 -21.49 13.82
N TYR F 337 -53.79 -20.28 13.66
CA TYR F 337 -53.50 -19.44 14.82
C TYR F 337 -54.76 -19.22 15.65
N LEU F 338 -55.87 -18.91 14.98
CA LEU F 338 -57.12 -18.69 15.70
C LEU F 338 -57.49 -19.92 16.50
N ALA F 339 -57.31 -21.10 15.92
CA ALA F 339 -57.62 -22.33 16.63
C ALA F 339 -56.76 -22.44 17.89
N VAL F 340 -55.47 -22.11 17.76
CA VAL F 340 -54.58 -22.16 18.91
C VAL F 340 -55.04 -21.16 19.96
N GLN F 341 -55.66 -20.06 19.53
CA GLN F 341 -56.16 -19.03 20.43
C GLN F 341 -57.62 -19.25 20.80
N SER F 342 -58.22 -20.36 20.38
CA SER F 342 -59.62 -20.65 20.68
C SER F 342 -59.79 -21.38 22.01
N ARG F 343 -58.78 -21.35 22.88
CA ARG F 343 -58.84 -22.01 24.17
C ARG F 343 -58.75 -21.03 25.33
N VAL F 344 -57.75 -20.15 25.32
CA VAL F 344 -57.55 -19.17 26.37
C VAL F 344 -57.28 -17.82 25.73
N ASN F 345 -57.33 -16.77 26.56
CA ASN F 345 -57.10 -15.40 26.11
C ASN F 345 -55.62 -15.02 26.13
N LYS F 346 -54.74 -15.98 26.39
CA LYS F 346 -53.30 -15.73 26.44
C LYS F 346 -52.66 -16.25 25.15
N ILE F 347 -51.95 -15.37 24.46
CA ILE F 347 -51.30 -15.75 23.20
C ILE F 347 -50.18 -16.75 23.48
N LYS F 348 -49.17 -16.31 24.24
CA LYS F 348 -48.02 -17.15 24.61
C LYS F 348 -47.37 -17.77 23.37
N GLY F 349 -47.04 -16.91 22.40
CA GLY F 349 -46.42 -17.38 21.18
C GLY F 349 -46.19 -16.28 20.16
N PRO F 350 -46.29 -16.63 18.87
CA PRO F 350 -46.08 -15.64 17.80
C PRO F 350 -47.12 -14.54 17.77
N ILE F 351 -46.96 -13.60 16.83
CA ILE F 351 -47.86 -12.48 16.66
C ILE F 351 -48.42 -12.39 15.24
N LEU F 352 -48.27 -13.46 14.44
CA LEU F 352 -48.77 -13.52 13.08
C LEU F 352 -48.22 -12.39 12.21
N CYS F 353 -46.91 -12.43 11.98
CA CYS F 353 -46.25 -11.42 11.15
C CYS F 353 -46.48 -11.73 9.67
N LEU F 354 -46.82 -10.71 8.90
CA LEU F 354 -47.05 -10.84 7.47
C LEU F 354 -45.97 -10.11 6.69
N VAL F 355 -45.46 -10.76 5.64
CA VAL F 355 -44.42 -10.18 4.81
C VAL F 355 -44.75 -10.45 3.35
N GLY F 356 -44.35 -9.51 2.49
CA GLY F 356 -44.61 -9.62 1.07
C GLY F 356 -44.44 -8.29 0.37
N PRO F 357 -44.53 -8.30 -0.97
CA PRO F 357 -44.37 -7.05 -1.71
C PRO F 357 -45.51 -6.10 -1.43
N PRO F 358 -45.28 -4.79 -1.54
CA PRO F 358 -46.37 -3.83 -1.28
C PRO F 358 -47.46 -3.94 -2.32
N GLY F 359 -48.67 -3.56 -1.91
CA GLY F 359 -49.82 -3.61 -2.77
C GLY F 359 -50.70 -4.83 -2.62
N VAL F 360 -50.58 -5.55 -1.50
CA VAL F 360 -51.38 -6.75 -1.26
C VAL F 360 -52.37 -6.46 -0.15
N GLY F 361 -53.23 -7.44 0.15
CA GLY F 361 -54.23 -7.26 1.18
C GLY F 361 -53.76 -7.34 2.61
N LYS F 362 -52.73 -6.58 2.97
CA LYS F 362 -52.25 -6.60 4.35
C LYS F 362 -53.23 -5.93 5.28
N THR F 363 -53.60 -4.68 4.98
CA THR F 363 -54.58 -3.98 5.82
C THR F 363 -55.92 -4.70 5.79
N SER F 364 -56.29 -5.25 4.64
CA SER F 364 -57.54 -5.98 4.55
C SER F 364 -57.49 -7.22 5.42
N LEU F 365 -56.35 -7.90 5.45
CA LEU F 365 -56.21 -9.09 6.30
C LEU F 365 -56.31 -8.70 7.76
N GLY F 366 -55.69 -7.59 8.14
CA GLY F 366 -55.78 -7.14 9.53
C GLY F 366 -57.20 -6.81 9.93
N GLN F 367 -57.93 -6.10 9.06
CA GLN F 367 -59.31 -5.75 9.36
C GLN F 367 -60.18 -7.00 9.43
N SER F 368 -59.93 -7.97 8.54
CA SER F 368 -60.70 -9.20 8.56
C SER F 368 -60.44 -9.97 9.84
N ILE F 369 -59.20 -9.98 10.31
CA ILE F 369 -58.87 -10.67 11.55
C ILE F 369 -59.56 -9.97 12.72
N ALA F 370 -59.58 -8.63 12.70
CA ALA F 370 -60.24 -7.89 13.77
C ALA F 370 -61.73 -8.19 13.80
N LYS F 371 -62.35 -8.29 12.61
CA LYS F 371 -63.78 -8.57 12.55
C LYS F 371 -64.08 -10.01 12.97
N ALA F 372 -63.22 -10.96 12.58
CA ALA F 372 -63.43 -12.35 12.95
C ALA F 372 -63.24 -12.58 14.45
N THR F 373 -62.28 -11.87 15.06
CA THR F 373 -62.02 -12.02 16.48
C THR F 373 -62.96 -11.17 17.33
N GLY F 374 -63.79 -10.33 16.72
CA GLY F 374 -64.70 -9.50 17.47
C GLY F 374 -64.04 -8.42 18.30
N ARG F 375 -62.82 -8.03 17.96
CA ARG F 375 -62.09 -7.00 18.67
C ARG F 375 -61.98 -5.75 17.82
N LYS F 376 -61.91 -4.59 18.48
CA LYS F 376 -61.80 -3.33 17.77
C LYS F 376 -60.49 -3.24 17.00
N TYR F 377 -60.52 -2.55 15.88
CA TYR F 377 -59.37 -2.39 15.00
C TYR F 377 -58.66 -1.07 15.27
N VAL F 378 -57.34 -1.11 15.34
CA VAL F 378 -56.51 0.06 15.58
C VAL F 378 -55.16 -0.19 14.92
N ARG F 379 -54.60 0.85 14.29
CA ARG F 379 -53.33 0.74 13.59
C ARG F 379 -52.30 1.71 14.16
N MET F 380 -51.04 1.37 13.94
CA MET F 380 -49.90 2.17 14.38
C MET F 380 -48.73 1.82 13.46
N ALA F 381 -48.10 2.84 12.89
CA ALA F 381 -46.99 2.64 11.97
C ALA F 381 -45.66 2.61 12.70
N LEU F 382 -44.86 1.58 12.42
CA LEU F 382 -43.54 1.44 13.03
C LEU F 382 -42.44 2.00 12.16
N GLY F 383 -42.72 2.28 10.89
CA GLY F 383 -41.69 2.81 10.01
C GLY F 383 -41.30 4.23 10.42
N GLY F 384 -40.02 4.55 10.25
CA GLY F 384 -39.50 5.85 10.60
C GLY F 384 -39.27 6.08 12.07
N VAL F 385 -39.67 5.13 12.92
CA VAL F 385 -39.47 5.27 14.36
C VAL F 385 -38.01 5.02 14.69
N ARG F 386 -37.39 5.95 15.42
CA ARG F 386 -35.99 5.82 15.80
C ARG F 386 -35.72 6.24 17.23
N ASP F 387 -36.76 6.48 18.03
CA ASP F 387 -36.59 6.91 19.41
C ASP F 387 -37.66 6.25 20.28
N GLU F 388 -37.29 5.97 21.53
CA GLU F 388 -38.23 5.38 22.46
C GLU F 388 -39.34 6.35 22.83
N ALA F 389 -39.15 7.64 22.57
CA ALA F 389 -40.15 8.65 22.86
C ALA F 389 -41.35 8.56 21.94
N GLU F 390 -41.31 7.69 20.93
CA GLU F 390 -42.42 7.51 20.01
C GLU F 390 -43.36 6.42 20.49
N ILE F 391 -42.81 5.33 21.04
CA ILE F 391 -43.65 4.26 21.58
C ILE F 391 -44.11 4.62 22.98
N ARG F 392 -43.18 5.12 23.79
CA ARG F 392 -43.46 5.55 25.16
C ARG F 392 -43.64 7.07 25.16
N GLY F 393 -44.10 7.58 26.29
CA GLY F 393 -44.32 9.01 26.45
C GLY F 393 -43.10 9.72 26.99
N HIS F 394 -43.32 10.94 27.46
CA HIS F 394 -42.26 11.75 28.03
C HIS F 394 -42.31 11.64 29.55
N ARG F 395 -41.30 12.20 30.20
CA ARG F 395 -41.23 12.14 31.65
C ARG F 395 -42.39 12.92 32.29
N ARG F 396 -42.70 12.56 33.53
CA ARG F 396 -43.76 13.22 34.27
C ARG F 396 -43.29 14.61 34.65
N THR F 397 -43.51 15.57 33.76
CA THR F 397 -43.09 16.96 33.96
C THR F 397 -44.19 17.87 33.45
N TYR F 398 -43.84 19.13 33.20
CA TYR F 398 -44.74 20.18 32.73
C TYR F 398 -45.60 19.74 31.55
N ILE F 399 -46.72 20.45 31.34
CA ILE F 399 -47.66 20.16 30.26
C ILE F 399 -46.92 20.05 28.93
N GLY F 400 -47.41 19.16 28.06
CA GLY F 400 -46.81 18.92 26.77
C GLY F 400 -46.20 17.54 26.67
N SER F 401 -45.93 16.90 27.81
CA SER F 401 -45.35 15.56 27.86
C SER F 401 -46.48 14.55 27.65
N MET F 402 -46.93 14.45 26.41
CA MET F 402 -48.00 13.52 26.08
C MET F 402 -47.49 12.09 26.05
N PRO F 403 -48.34 11.11 26.33
CA PRO F 403 -47.92 9.71 26.32
C PRO F 403 -47.52 9.26 24.92
N GLY F 404 -47.00 8.05 24.85
CA GLY F 404 -46.58 7.49 23.58
C GLY F 404 -47.75 7.17 22.68
N LYS F 405 -47.40 6.80 21.45
CA LYS F 405 -48.42 6.45 20.46
C LYS F 405 -49.27 5.28 20.93
N LEU F 406 -48.64 4.29 21.56
CA LEU F 406 -49.38 3.12 22.04
C LEU F 406 -50.41 3.52 23.09
N ILE F 407 -50.01 4.34 24.06
CA ILE F 407 -50.94 4.76 25.11
C ILE F 407 -52.09 5.56 24.51
N GLN F 408 -51.79 6.41 23.52
CA GLN F 408 -52.84 7.19 22.88
C GLN F 408 -53.83 6.29 22.16
N LYS F 409 -53.32 5.29 21.41
CA LYS F 409 -54.20 4.37 20.71
C LYS F 409 -55.06 3.59 21.70
N MET F 410 -54.48 3.18 22.83
CA MET F 410 -55.24 2.44 23.83
C MET F 410 -56.29 3.34 24.48
N ALA F 411 -55.99 4.62 24.66
CA ALA F 411 -56.96 5.54 25.25
C ALA F 411 -58.11 5.80 24.30
N LYS F 412 -57.83 5.87 23.00
CA LYS F 412 -58.89 6.10 22.03
C LYS F 412 -59.77 4.87 21.87
N VAL F 413 -59.20 3.68 21.97
CA VAL F 413 -59.93 2.42 21.84
C VAL F 413 -60.21 1.93 23.25
N GLY F 414 -61.42 2.18 23.75
CA GLY F 414 -61.80 1.79 25.09
C GLY F 414 -62.04 0.32 25.37
N VAL F 415 -61.13 -0.55 24.94
CA VAL F 415 -61.23 -1.99 25.17
C VAL F 415 -59.87 -2.49 25.61
N LYS F 416 -59.88 -3.51 26.49
CA LYS F 416 -58.63 -4.07 27.05
C LYS F 416 -58.01 -5.13 26.12
N ASN F 417 -58.75 -5.57 25.10
CA ASN F 417 -58.25 -6.60 24.19
C ASN F 417 -58.45 -6.16 22.74
N PRO F 418 -57.71 -5.15 22.28
CA PRO F 418 -57.85 -4.69 20.90
C PRO F 418 -56.80 -5.35 20.00
N LEU F 419 -56.98 -5.18 18.70
CA LEU F 419 -56.06 -5.72 17.70
C LEU F 419 -55.13 -4.59 17.30
N PHE F 420 -53.91 -4.61 17.86
CA PHE F 420 -52.90 -3.60 17.59
C PHE F 420 -52.05 -4.05 16.41
N LEU F 421 -52.15 -3.34 15.29
CA LEU F 421 -51.39 -3.66 14.09
C LEU F 421 -50.09 -2.88 14.06
N LEU F 422 -49.01 -3.57 13.71
CA LEU F 422 -47.67 -2.99 13.63
C LEU F 422 -47.27 -2.96 12.15
N ASP F 423 -47.46 -1.81 11.52
CA ASP F 423 -47.14 -1.65 10.10
C ASP F 423 -45.72 -1.17 9.91
N GLU F 424 -45.08 -1.66 8.85
CA GLU F 424 -43.70 -1.31 8.49
C GLU F 424 -42.73 -1.57 9.64
N ILE F 425 -42.66 -2.83 10.05
CA ILE F 425 -41.74 -3.18 11.13
C ILE F 425 -40.31 -3.23 10.62
N ASP F 426 -40.12 -3.49 9.32
CA ASP F 426 -38.77 -3.55 8.74
C ASP F 426 -38.18 -2.17 8.52
N LYS F 427 -39.02 -1.12 8.49
CA LYS F 427 -38.54 0.24 8.28
C LYS F 427 -38.12 0.92 9.57
N MET F 428 -38.34 0.30 10.71
CA MET F 428 -37.94 0.90 11.97
C MET F 428 -36.41 0.91 12.10
N SER F 429 -35.87 1.99 12.66
CA SER F 429 -34.44 2.14 12.83
C SER F 429 -34.14 2.54 14.27
N SER F 430 -32.86 2.77 14.54
CA SER F 430 -32.38 3.16 15.87
C SER F 430 -31.32 4.24 15.67
N ASP F 431 -31.74 5.51 15.71
CA ASP F 431 -30.79 6.61 15.51
C ASP F 431 -30.90 7.75 16.51
N MET F 432 -32.00 7.89 17.26
CA MET F 432 -32.13 9.00 18.20
C MET F 432 -31.80 8.63 19.63
N ARG F 433 -32.49 7.64 20.20
CA ARG F 433 -32.26 7.21 21.59
C ARG F 433 -32.18 5.68 21.65
N GLY F 434 -30.96 5.16 21.55
CA GLY F 434 -30.77 3.72 21.61
C GLY F 434 -31.60 2.99 20.57
N ASP F 435 -32.11 1.82 20.96
CA ASP F 435 -32.93 1.00 20.07
C ASP F 435 -34.33 0.86 20.67
N PRO F 436 -35.37 1.40 20.03
CA PRO F 436 -36.73 1.27 20.59
C PRO F 436 -37.25 -0.14 20.58
N ALA F 437 -36.57 -1.07 19.90
CA ALA F 437 -37.02 -2.46 19.86
C ALA F 437 -37.24 -3.01 21.26
N SER F 438 -36.37 -2.63 22.20
CA SER F 438 -36.51 -3.10 23.58
C SER F 438 -37.89 -2.74 24.12
N ALA F 439 -38.32 -1.49 23.93
CA ALA F 439 -39.64 -1.09 24.38
C ALA F 439 -40.71 -1.95 23.73
N LEU F 440 -40.55 -2.21 22.43
CA LEU F 440 -41.51 -3.06 21.75
C LEU F 440 -41.59 -4.41 22.44
N LEU F 441 -40.44 -4.98 22.79
CA LEU F 441 -40.44 -6.27 23.48
C LEU F 441 -41.19 -6.16 24.81
N GLU F 442 -40.95 -5.08 25.55
CA GLU F 442 -41.63 -4.90 26.82
C GLU F 442 -43.13 -4.82 26.64
N VAL F 443 -43.60 -4.37 25.47
CA VAL F 443 -45.02 -4.28 25.19
C VAL F 443 -45.54 -5.50 24.43
N LEU F 444 -44.67 -6.42 24.04
CA LEU F 444 -45.06 -7.60 23.30
C LEU F 444 -44.79 -8.90 24.04
N ASP F 445 -43.76 -8.95 24.88
CA ASP F 445 -43.46 -10.18 25.62
C ASP F 445 -44.55 -10.41 26.66
N PRO F 446 -45.18 -11.58 26.69
CA PRO F 446 -46.24 -11.82 27.68
C PRO F 446 -45.78 -11.67 29.12
N GLU F 447 -44.48 -11.77 29.39
CA GLU F 447 -43.96 -11.63 30.74
C GLU F 447 -43.63 -10.18 31.09
N GLN F 448 -43.70 -9.26 30.13
CA GLN F 448 -43.41 -7.85 30.37
C GLN F 448 -44.57 -6.93 30.07
N ASN F 449 -45.49 -7.31 29.17
CA ASN F 449 -46.63 -6.46 28.87
C ASN F 449 -47.61 -6.35 30.03
N VAL F 450 -47.61 -7.33 30.93
CA VAL F 450 -48.53 -7.29 32.08
C VAL F 450 -48.15 -6.16 33.02
N ALA F 451 -46.88 -5.77 33.02
CA ALA F 451 -46.38 -4.69 33.88
C ALA F 451 -45.59 -3.69 33.06
N PHE F 452 -46.12 -3.31 31.90
CA PHE F 452 -45.45 -2.35 31.02
C PHE F 452 -45.56 -0.96 31.62
N SER F 453 -44.41 -0.31 31.82
CA SER F 453 -44.35 1.03 32.39
C SER F 453 -43.96 2.03 31.30
N ASP F 454 -44.56 3.21 31.38
CA ASP F 454 -44.32 4.29 30.44
C ASP F 454 -43.62 5.44 31.15
N HIS F 455 -43.05 6.35 30.37
CA HIS F 455 -42.37 7.50 30.97
C HIS F 455 -43.38 8.42 31.63
N TYR F 456 -44.53 8.63 31.00
CA TYR F 456 -45.59 9.46 31.53
C TYR F 456 -46.49 8.64 32.45
N LEU F 457 -46.88 7.45 32.00
CA LEU F 457 -47.71 6.53 32.78
C LEU F 457 -46.78 5.54 33.48
N GLU F 458 -46.04 6.08 34.46
CA GLU F 458 -45.08 5.28 35.22
C GLU F 458 -45.70 4.09 35.91
N VAL F 459 -47.00 4.11 36.19
CA VAL F 459 -47.67 3.00 36.84
C VAL F 459 -47.85 1.87 35.83
N ASP F 460 -47.51 0.65 36.25
CA ASP F 460 -47.62 -0.52 35.38
C ASP F 460 -49.05 -0.69 34.89
N TYR F 461 -49.18 -1.06 33.61
CA TYR F 461 -50.47 -1.29 32.98
C TYR F 461 -50.49 -2.69 32.38
N ASP F 462 -51.62 -3.38 32.54
CA ASP F 462 -51.78 -4.73 32.03
C ASP F 462 -52.06 -4.70 30.53
N LEU F 463 -51.17 -5.30 29.74
CA LEU F 463 -51.30 -5.35 28.29
C LEU F 463 -51.20 -6.78 27.77
N SER F 464 -51.44 -7.78 28.61
CA SER F 464 -51.34 -9.17 28.17
C SER F 464 -52.53 -9.57 27.29
N ASP F 465 -53.67 -8.92 27.47
CA ASP F 465 -54.86 -9.24 26.68
C ASP F 465 -54.87 -8.55 25.32
N VAL F 466 -53.91 -7.68 25.04
CA VAL F 466 -53.85 -6.97 23.76
C VAL F 466 -53.17 -7.86 22.73
N MET F 467 -53.86 -8.11 21.62
CA MET F 467 -53.32 -8.93 20.54
C MET F 467 -52.56 -8.04 19.57
N PHE F 468 -51.33 -8.46 19.23
CA PHE F 468 -50.49 -7.70 18.32
C PHE F 468 -50.28 -8.46 17.02
N VAL F 469 -50.21 -7.71 15.93
CA VAL F 469 -49.98 -8.25 14.59
C VAL F 469 -49.04 -7.30 13.87
N ALA F 470 -48.00 -7.86 13.24
CA ALA F 470 -47.01 -7.08 12.53
C ALA F 470 -47.03 -7.38 11.05
N THR F 471 -46.69 -6.37 10.24
CA THR F 471 -46.64 -6.48 8.80
C THR F 471 -45.31 -5.90 8.32
N SER F 472 -44.82 -6.43 7.20
CA SER F 472 -43.54 -5.97 6.65
C SER F 472 -43.50 -6.27 5.17
N ASN F 473 -42.44 -5.75 4.53
CA ASN F 473 -42.21 -5.95 3.10
C ASN F 473 -41.11 -6.96 2.82
N SER F 474 -40.01 -6.89 3.57
CA SER F 474 -38.89 -7.81 3.43
C SER F 474 -38.72 -8.62 4.71
N MET F 475 -37.90 -9.67 4.61
CA MET F 475 -37.61 -10.54 5.74
C MET F 475 -36.46 -10.05 6.59
N ASN F 476 -36.06 -8.79 6.43
CA ASN F 476 -34.96 -8.22 7.21
C ASN F 476 -35.49 -7.58 8.50
N ILE F 477 -36.08 -8.43 9.33
CA ILE F 477 -36.65 -8.01 10.62
C ILE F 477 -35.51 -8.03 11.64
N PRO F 478 -35.41 -7.01 12.51
CA PRO F 478 -34.33 -7.00 13.52
C PRO F 478 -34.37 -8.25 14.38
N ALA F 479 -33.18 -8.72 14.76
CA ALA F 479 -33.05 -9.93 15.59
C ALA F 479 -33.85 -9.86 16.89
N PRO F 480 -33.81 -8.78 17.68
CA PRO F 480 -34.61 -8.76 18.91
C PRO F 480 -36.10 -8.82 18.67
N LEU F 481 -36.59 -8.33 17.54
CA LEU F 481 -38.00 -8.35 17.22
C LEU F 481 -38.43 -9.64 16.51
N LEU F 482 -37.50 -10.55 16.25
CA LEU F 482 -37.83 -11.80 15.58
C LEU F 482 -38.38 -12.84 16.54
N ASP F 483 -38.08 -12.73 17.83
CA ASP F 483 -38.58 -13.70 18.80
C ASP F 483 -40.08 -13.56 18.99
N ARG F 484 -40.73 -14.69 19.25
CA ARG F 484 -42.18 -14.75 19.46
C ARG F 484 -42.91 -14.17 18.25
N MET F 485 -42.51 -14.61 17.07
CA MET F 485 -43.11 -14.10 15.84
C MET F 485 -43.10 -15.17 14.76
N GLU F 486 -44.21 -15.28 14.03
CA GLU F 486 -44.36 -16.24 12.95
C GLU F 486 -44.41 -15.46 11.64
N VAL F 487 -43.51 -15.81 10.71
CA VAL F 487 -43.43 -15.14 9.42
C VAL F 487 -44.32 -15.85 8.42
N ILE F 488 -45.21 -15.09 7.77
CA ILE F 488 -46.12 -15.59 6.76
C ILE F 488 -45.84 -14.78 5.49
N ARG F 489 -45.30 -15.43 4.48
CA ARG F 489 -44.94 -14.76 3.23
C ARG F 489 -46.11 -14.74 2.25
N LEU F 490 -46.29 -13.60 1.61
CA LEU F 490 -47.33 -13.38 0.61
C LEU F 490 -46.66 -13.14 -0.75
N SER F 491 -47.42 -13.40 -1.81
CA SER F 491 -46.89 -13.21 -3.16
C SER F 491 -47.87 -12.46 -4.05
N GLY F 492 -47.54 -12.37 -5.33
CA GLY F 492 -48.38 -11.69 -6.30
C GLY F 492 -49.58 -12.53 -6.70
N TYR F 493 -50.28 -12.04 -7.72
CA TYR F 493 -51.46 -12.70 -8.25
C TYR F 493 -51.31 -12.90 -9.75
N THR F 494 -52.06 -13.87 -10.27
CA THR F 494 -52.04 -14.19 -11.70
C THR F 494 -52.98 -13.24 -12.45
N GLU F 495 -53.13 -13.48 -13.76
CA GLU F 495 -54.00 -12.64 -14.56
C GLU F 495 -55.46 -12.82 -14.17
N ASP F 496 -55.93 -14.07 -14.13
CA ASP F 496 -57.32 -14.32 -13.75
C ASP F 496 -57.57 -13.91 -12.30
N GLU F 497 -56.60 -14.12 -11.42
CA GLU F 497 -56.77 -13.74 -10.03
C GLU F 497 -56.91 -12.23 -9.90
N LYS F 498 -56.04 -11.48 -10.58
CA LYS F 498 -56.13 -10.02 -10.53
C LYS F 498 -57.43 -9.54 -11.16
N LEU F 499 -57.88 -10.21 -12.23
CA LEU F 499 -59.13 -9.83 -12.87
C LEU F 499 -60.31 -10.01 -11.92
N ASN F 500 -60.34 -11.15 -11.22
CA ASN F 500 -61.42 -11.40 -10.27
C ASN F 500 -61.35 -10.42 -9.11
N ILE F 501 -60.14 -10.10 -8.64
CA ILE F 501 -59.99 -9.15 -7.54
C ILE F 501 -60.50 -7.77 -7.96
N ALA F 502 -60.19 -7.36 -9.19
CA ALA F 502 -60.64 -6.06 -9.67
C ALA F 502 -62.16 -6.04 -9.84
N LYS F 503 -62.73 -7.12 -10.35
CA LYS F 503 -64.18 -7.17 -10.55
C LYS F 503 -64.95 -7.41 -9.26
N ARG F 504 -64.28 -7.78 -8.16
CA ARG F 504 -64.95 -8.03 -6.89
C ARG F 504 -64.87 -6.86 -5.92
N HIS F 505 -63.70 -6.26 -5.73
CA HIS F 505 -63.63 -5.16 -4.77
C HIS F 505 -63.07 -3.87 -5.33
N LEU F 506 -62.07 -3.94 -6.22
CA LEU F 506 -61.48 -2.72 -6.77
C LEU F 506 -62.51 -1.88 -7.51
N LEU F 507 -63.22 -2.49 -8.47
CA LEU F 507 -64.23 -1.75 -9.22
C LEU F 507 -65.34 -1.19 -8.35
N PRO F 508 -65.98 -1.96 -7.45
CA PRO F 508 -67.04 -1.36 -6.63
C PRO F 508 -66.53 -0.26 -5.72
N LYS F 509 -65.35 -0.44 -5.11
CA LYS F 509 -64.81 0.58 -4.22
C LYS F 509 -64.52 1.87 -4.99
N GLN F 510 -63.91 1.75 -6.18
CA GLN F 510 -63.62 2.95 -6.95
C GLN F 510 -64.89 3.60 -7.47
N ILE F 511 -65.93 2.82 -7.76
CA ILE F 511 -67.18 3.39 -8.24
C ILE F 511 -67.88 4.14 -7.11
N GLU F 512 -67.86 3.57 -5.91
CA GLU F 512 -68.51 4.21 -4.76
C GLU F 512 -67.73 5.44 -4.31
N ARG F 513 -66.40 5.41 -4.43
CA ARG F 513 -65.60 6.55 -4.00
C ARG F 513 -65.76 7.75 -4.94
N ASN F 514 -65.92 7.51 -6.23
CA ASN F 514 -66.10 8.59 -7.20
C ASN F 514 -67.54 9.07 -7.29
N ALA F 515 -68.40 8.65 -6.36
CA ALA F 515 -69.82 9.04 -6.34
C ALA F 515 -70.52 8.70 -7.65
N LEU F 516 -70.35 7.45 -8.09
CA LEU F 516 -70.96 6.95 -9.31
C LEU F 516 -72.18 6.10 -9.01
N LYS F 517 -73.04 5.98 -9.99
CA LYS F 517 -74.27 5.19 -9.85
C LYS F 517 -74.01 3.74 -10.28
N LYS F 518 -75.04 2.91 -10.10
CA LYS F 518 -74.90 1.50 -10.47
C LYS F 518 -74.85 1.31 -11.98
N GLY F 519 -75.60 2.13 -12.73
CA GLY F 519 -75.62 2.01 -14.18
C GLY F 519 -74.98 3.15 -14.93
N GLU F 520 -73.90 3.71 -14.40
CA GLU F 520 -73.19 4.81 -15.06
C GLU F 520 -71.93 4.37 -15.79
N LEU F 521 -71.18 3.42 -15.23
CA LEU F 521 -69.96 2.93 -15.84
C LEU F 521 -69.93 1.41 -15.82
N THR F 522 -69.59 0.82 -16.96
CA THR F 522 -69.52 -0.63 -17.10
C THR F 522 -68.19 -0.98 -17.76
N VAL F 523 -67.34 -1.72 -17.04
CA VAL F 523 -66.03 -2.13 -17.53
C VAL F 523 -66.03 -3.64 -17.68
N ASP F 524 -65.61 -4.11 -18.85
CA ASP F 524 -65.55 -5.53 -19.14
C ASP F 524 -64.20 -6.11 -18.73
N ASP F 525 -64.00 -7.40 -18.98
CA ASP F 525 -62.74 -8.04 -18.62
C ASP F 525 -61.62 -7.68 -19.58
N SER F 526 -61.95 -7.32 -20.83
CA SER F 526 -60.93 -6.96 -21.80
C SER F 526 -60.14 -5.73 -21.36
N ALA F 527 -60.84 -4.73 -20.82
CA ALA F 527 -60.16 -3.51 -20.36
C ALA F 527 -59.20 -3.83 -19.21
N ILE F 528 -59.65 -4.65 -18.26
CA ILE F 528 -58.81 -5.00 -17.13
C ILE F 528 -57.59 -5.79 -17.59
N ILE F 529 -57.79 -6.71 -18.54
CA ILE F 529 -56.68 -7.50 -19.06
C ILE F 529 -55.68 -6.58 -19.76
N GLY F 530 -56.18 -5.63 -20.56
CA GLY F 530 -55.29 -4.70 -21.24
C GLY F 530 -54.53 -3.83 -20.27
N ILE F 531 -55.17 -3.44 -19.17
CA ILE F 531 -54.50 -2.62 -18.18
C ILE F 531 -53.41 -3.41 -17.47
N ILE F 532 -53.68 -4.67 -17.15
CA ILE F 532 -52.68 -5.49 -16.47
C ILE F 532 -51.53 -5.85 -17.40
N ARG F 533 -51.79 -5.95 -18.71
CA ARG F 533 -50.74 -6.32 -19.64
C ARG F 533 -49.91 -5.15 -20.17
N TYR F 534 -50.52 -3.97 -20.38
CA TYR F 534 -49.77 -2.84 -20.93
C TYR F 534 -49.77 -1.58 -20.06
N TYR F 535 -50.28 -1.64 -18.83
CA TYR F 535 -50.30 -0.45 -18.00
C TYR F 535 -49.74 -0.65 -16.59
N THR F 536 -49.36 -1.86 -16.21
CA THR F 536 -48.81 -2.07 -14.88
C THR F 536 -47.93 -3.32 -14.87
N ARG F 537 -46.84 -3.25 -14.11
CA ARG F 537 -45.88 -4.35 -13.98
C ARG F 537 -45.47 -4.41 -12.51
N GLU F 538 -46.23 -5.18 -11.72
CA GLU F 538 -45.97 -5.32 -10.30
C GLU F 538 -46.69 -6.57 -9.79
N ALA F 539 -46.46 -6.88 -8.51
CA ALA F 539 -47.10 -8.03 -7.90
C ALA F 539 -48.41 -7.68 -7.22
N GLY F 540 -48.57 -6.44 -6.78
CA GLY F 540 -49.78 -5.99 -6.12
C GLY F 540 -50.86 -5.58 -7.11
N VAL F 541 -51.77 -4.73 -6.61
CA VAL F 541 -52.88 -4.25 -7.42
C VAL F 541 -52.94 -2.72 -7.35
N ARG F 542 -51.81 -2.08 -7.05
CA ARG F 542 -51.78 -0.62 -6.97
C ARG F 542 -52.04 0.00 -8.33
N GLY F 543 -51.38 -0.53 -9.37
CA GLY F 543 -51.57 0.00 -10.70
C GLY F 543 -53.02 -0.13 -11.16
N LEU F 544 -53.64 -1.27 -10.85
CA LEU F 544 -55.04 -1.47 -11.23
C LEU F 544 -55.93 -0.45 -10.54
N GLU F 545 -55.68 -0.19 -9.25
CA GLU F 545 -56.48 0.77 -8.52
C GLU F 545 -56.33 2.17 -9.13
N ARG F 546 -55.09 2.56 -9.42
CA ARG F 546 -54.88 3.89 -10.01
C ARG F 546 -55.54 4.01 -11.37
N GLU F 547 -55.43 2.98 -12.21
CA GLU F 547 -56.04 3.03 -13.53
C GLU F 547 -57.56 3.09 -13.43
N ILE F 548 -58.15 2.31 -12.53
CA ILE F 548 -59.61 2.35 -12.38
C ILE F 548 -60.04 3.71 -11.85
N SER F 549 -59.25 4.31 -10.97
CA SER F 549 -59.60 5.64 -10.46
C SER F 549 -59.57 6.67 -11.58
N LYS F 550 -58.55 6.59 -12.44
CA LYS F 550 -58.46 7.52 -13.56
C LYS F 550 -59.63 7.31 -14.51
N LEU F 551 -59.99 6.05 -14.77
CA LEU F 551 -61.12 5.77 -15.65
C LEU F 551 -62.41 6.34 -15.09
N CYS F 552 -62.64 6.16 -13.78
CA CYS F 552 -63.86 6.68 -13.16
C CYS F 552 -63.90 8.20 -13.22
N ARG F 553 -62.77 8.86 -12.92
CA ARG F 553 -62.75 10.31 -12.95
C ARG F 553 -63.02 10.84 -14.36
N LYS F 554 -62.36 10.24 -15.37
CA LYS F 554 -62.57 10.69 -16.74
C LYS F 554 -64.00 10.43 -17.18
N ALA F 555 -64.58 9.30 -16.77
CA ALA F 555 -65.96 9.00 -17.14
C ALA F 555 -66.92 9.99 -16.50
N VAL F 556 -66.67 10.36 -15.25
CA VAL F 556 -67.54 11.33 -14.57
C VAL F 556 -67.46 12.68 -15.28
N LYS F 557 -66.24 13.12 -15.60
CA LYS F 557 -66.10 14.41 -16.26
C LYS F 557 -66.74 14.40 -17.65
N GLN F 558 -66.60 13.28 -18.38
CA GLN F 558 -67.18 13.20 -19.72
C GLN F 558 -68.70 13.17 -19.67
N LEU F 559 -69.28 12.43 -18.72
CA LEU F 559 -70.73 12.35 -18.63
C LEU F 559 -71.34 13.63 -18.08
N LEU F 560 -70.60 14.36 -17.24
CA LEU F 560 -71.14 15.60 -16.68
C LEU F 560 -71.22 16.69 -17.74
N LEU F 561 -70.18 16.81 -18.57
CA LEU F 561 -70.15 17.83 -19.61
C LEU F 561 -70.96 17.43 -20.85
N ASP F 562 -71.68 16.32 -20.82
CA ASP F 562 -72.50 15.87 -21.95
C ASP F 562 -73.79 15.28 -21.38
N LYS F 563 -74.82 16.11 -21.28
CA LYS F 563 -76.11 15.65 -20.75
C LYS F 563 -76.80 14.67 -21.69
N SER F 564 -76.36 14.58 -22.94
CA SER F 564 -76.97 13.65 -23.89
C SER F 564 -76.44 12.23 -23.75
N LEU F 565 -75.39 12.03 -22.97
CA LEU F 565 -74.80 10.71 -22.76
C LEU F 565 -75.48 10.05 -21.57
N LYS F 566 -76.02 8.86 -21.77
CA LYS F 566 -76.71 8.13 -20.72
C LYS F 566 -75.87 7.04 -20.06
N HIS F 567 -74.86 6.52 -20.75
CA HIS F 567 -74.02 5.47 -20.17
C HIS F 567 -72.69 5.44 -20.89
N ILE F 568 -71.64 5.11 -20.14
CA ILE F 568 -70.27 5.02 -20.66
C ILE F 568 -69.79 3.59 -20.50
N GLU F 569 -69.34 3.00 -21.60
CA GLU F 569 -68.85 1.61 -21.61
C GLU F 569 -67.43 1.62 -22.17
N ILE F 570 -66.49 1.07 -21.41
CA ILE F 570 -65.09 0.99 -21.80
C ILE F 570 -64.74 -0.47 -22.05
N ASN F 571 -64.20 -0.76 -23.23
CA ASN F 571 -63.81 -2.11 -23.60
C ASN F 571 -62.31 -2.14 -23.90
N GLY F 572 -61.84 -3.29 -24.40
CA GLY F 572 -60.44 -3.45 -24.72
C GLY F 572 -59.95 -2.66 -25.91
N ASP F 573 -60.83 -1.93 -26.59
CA ASP F 573 -60.44 -1.12 -27.75
C ASP F 573 -60.36 0.37 -27.43
N ASN F 574 -61.41 0.92 -26.83
CA ASN F 574 -61.43 2.35 -26.49
C ASN F 574 -60.71 2.65 -25.17
N LEU F 575 -60.17 1.63 -24.50
CA LEU F 575 -59.47 1.84 -23.24
C LEU F 575 -58.37 2.88 -23.37
N HIS F 576 -57.59 2.80 -24.46
CA HIS F 576 -56.51 3.76 -24.67
C HIS F 576 -57.02 5.19 -24.67
N ASP F 577 -58.24 5.41 -25.18
CA ASP F 577 -58.82 6.75 -25.22
C ASP F 577 -58.86 7.39 -23.84
N TYR F 578 -58.85 6.60 -22.77
CA TYR F 578 -58.87 7.12 -21.41
C TYR F 578 -57.52 6.96 -20.71
N LEU F 579 -56.57 6.25 -21.30
CA LEU F 579 -55.25 6.05 -20.71
C LEU F 579 -54.10 6.48 -21.58
N GLY F 580 -54.30 6.62 -22.89
CA GLY F 580 -53.23 7.03 -23.78
C GLY F 580 -52.51 5.86 -24.41
N VAL F 581 -51.27 6.12 -24.81
CA VAL F 581 -50.44 5.10 -25.45
C VAL F 581 -49.95 4.11 -24.41
N GLN F 582 -49.81 2.86 -24.81
CA GLN F 582 -49.34 1.80 -23.92
C GLN F 582 -47.92 2.11 -23.46
N ARG F 583 -47.64 1.80 -22.19
CA ARG F 583 -46.32 2.04 -21.62
C ARG F 583 -45.48 0.78 -21.42
N PHE F 584 -46.09 -0.40 -21.47
CA PHE F 584 -45.37 -1.65 -21.28
C PHE F 584 -45.64 -2.58 -22.46
N ASP F 585 -44.72 -3.54 -22.63
CA ASP F 585 -44.80 -4.55 -23.71
C ASP F 585 -45.05 -5.93 -23.10
N TYR F 586 -45.95 -6.71 -23.73
CA TYR F 586 -46.31 -8.05 -23.28
C TYR F 586 -46.00 -9.03 -24.40
N GLY F 587 -45.17 -10.03 -24.09
CA GLY F 587 -44.81 -11.04 -25.07
C GLY F 587 -43.41 -10.86 -25.64
N ARG F 588 -42.66 -11.96 -25.76
CA ARG F 588 -41.31 -11.94 -26.28
C ARG F 588 -41.20 -12.63 -27.64
N ALA F 589 -42.32 -12.79 -28.34
CA ALA F 589 -42.29 -13.44 -29.65
C ALA F 589 -41.56 -12.59 -30.68
N ASP F 590 -41.73 -11.27 -30.61
CA ASP F 590 -41.08 -10.33 -31.54
C ASP F 590 -39.90 -9.63 -30.87
N ASN F 591 -39.16 -10.34 -30.04
CA ASN F 591 -38.01 -9.77 -29.34
C ASN F 591 -36.77 -9.65 -30.21
N GLU F 592 -36.72 -10.34 -31.36
CA GLU F 592 -35.56 -10.30 -32.25
C GLU F 592 -34.30 -10.74 -31.49
N ASN F 593 -34.33 -12.02 -31.12
CA ASN F 593 -33.28 -12.69 -30.35
C ASN F 593 -31.89 -12.16 -30.65
N ARG F 594 -31.17 -11.80 -29.59
CA ARG F 594 -29.82 -11.27 -29.65
C ARG F 594 -28.81 -12.31 -29.21
N VAL F 595 -27.53 -11.99 -29.38
CA VAL F 595 -26.44 -12.88 -29.03
C VAL F 595 -25.90 -12.59 -27.63
N GLY F 596 -25.39 -11.37 -27.43
CA GLY F 596 -24.80 -10.97 -26.16
C GLY F 596 -25.77 -10.78 -25.00
N GLN F 597 -27.08 -10.89 -25.24
CA GLN F 597 -28.07 -10.70 -24.18
C GLN F 597 -28.73 -12.02 -23.80
N VAL F 598 -28.98 -12.20 -22.51
CA VAL F 598 -29.63 -13.39 -21.99
C VAL F 598 -30.66 -12.96 -20.95
N THR F 599 -31.84 -13.58 -21.01
CA THR F 599 -32.93 -13.27 -20.08
C THR F 599 -32.91 -14.24 -18.92
N GLY F 600 -32.91 -13.71 -17.70
CA GLY F 600 -32.89 -14.54 -16.52
C GLY F 600 -33.89 -14.07 -15.47
N LEU F 601 -34.16 -14.96 -14.52
CA LEU F 601 -35.08 -14.71 -13.43
C LEU F 601 -34.30 -14.33 -12.18
N ALA F 602 -34.78 -13.34 -11.45
CA ALA F 602 -34.13 -12.87 -10.24
C ALA F 602 -35.08 -12.95 -9.05
N TRP F 603 -34.59 -13.49 -7.94
CA TRP F 603 -35.36 -13.62 -6.71
C TRP F 603 -35.19 -12.36 -5.89
N THR F 604 -36.30 -11.68 -5.59
CA THR F 604 -36.28 -10.46 -4.81
C THR F 604 -37.26 -10.59 -3.64
N GLU F 605 -36.93 -9.90 -2.55
CA GLU F 605 -37.78 -9.93 -1.35
C GLU F 605 -39.17 -9.39 -1.62
N VAL F 606 -39.37 -8.63 -2.71
CA VAL F 606 -40.67 -8.08 -3.05
C VAL F 606 -41.17 -8.73 -4.32
N GLY F 607 -40.78 -9.98 -4.55
CA GLY F 607 -41.19 -10.70 -5.74
C GLY F 607 -40.13 -10.74 -6.83
N GLY F 608 -39.96 -11.90 -7.45
CA GLY F 608 -38.97 -12.02 -8.51
C GLY F 608 -39.28 -11.13 -9.69
N ASP F 609 -38.26 -10.93 -10.53
CA ASP F 609 -38.38 -10.10 -11.71
C ASP F 609 -37.51 -10.67 -12.82
N LEU F 610 -37.50 -9.97 -13.95
CA LEU F 610 -36.75 -10.36 -15.13
C LEU F 610 -35.53 -9.45 -15.29
N LEU F 611 -34.41 -10.05 -15.68
CA LEU F 611 -33.16 -9.31 -15.88
C LEU F 611 -32.56 -9.71 -17.22
N THR F 612 -31.80 -8.79 -17.81
CA THR F 612 -31.13 -8.99 -19.09
C THR F 612 -29.63 -8.87 -18.86
N ILE F 613 -28.96 -10.00 -18.70
CA ILE F 613 -27.53 -10.04 -18.48
C ILE F 613 -26.81 -9.95 -19.82
N GLU F 614 -25.70 -9.21 -19.86
CA GLU F 614 -24.95 -9.04 -21.09
C GLU F 614 -23.49 -9.42 -20.88
N THR F 615 -22.84 -9.81 -21.97
CA THR F 615 -21.44 -10.19 -21.95
C THR F 615 -20.78 -9.64 -23.21
N ALA F 616 -19.55 -9.15 -23.04
CA ALA F 616 -18.78 -8.59 -24.14
C ALA F 616 -17.41 -9.26 -24.17
N CYS F 617 -17.04 -9.78 -25.33
CA CYS F 617 -15.77 -10.45 -25.55
C CYS F 617 -14.99 -9.57 -26.52
N VAL F 618 -14.10 -8.73 -25.99
CA VAL F 618 -13.31 -7.82 -26.82
C VAL F 618 -11.87 -8.28 -26.88
N PRO F 619 -11.06 -7.80 -27.83
CA PRO F 619 -9.66 -8.23 -27.87
C PRO F 619 -8.87 -7.61 -26.73
N GLY F 620 -8.00 -8.41 -26.12
CA GLY F 620 -7.19 -7.94 -25.02
C GLY F 620 -6.13 -8.92 -24.54
N LYS F 621 -5.97 -9.04 -23.23
CA LYS F 621 -5.01 -9.95 -22.64
C LYS F 621 -5.64 -11.06 -21.82
N GLY F 622 -6.96 -11.06 -21.66
CA GLY F 622 -7.63 -12.09 -20.90
C GLY F 622 -8.13 -11.68 -19.53
N LYS F 623 -8.20 -10.38 -19.25
CA LYS F 623 -8.67 -9.91 -17.96
C LYS F 623 -10.19 -10.03 -17.86
N LEU F 624 -10.67 -10.17 -16.63
CA LEU F 624 -12.09 -10.31 -16.36
C LEU F 624 -12.62 -9.05 -15.68
N THR F 625 -13.72 -8.51 -16.21
CA THR F 625 -14.36 -7.32 -15.67
C THR F 625 -15.84 -7.61 -15.51
N TYR F 626 -16.43 -7.07 -14.44
CA TYR F 626 -17.85 -7.27 -14.17
C TYR F 626 -18.45 -5.96 -13.68
N THR F 627 -19.73 -5.77 -13.99
CA THR F 627 -20.45 -4.58 -13.59
C THR F 627 -21.83 -4.98 -13.09
N GLY F 628 -22.30 -4.24 -12.09
CA GLY F 628 -23.60 -4.49 -11.48
C GLY F 628 -23.51 -4.69 -9.99
N SER F 629 -22.42 -4.22 -9.39
CA SER F 629 -22.18 -4.31 -7.94
C SER F 629 -22.25 -5.78 -7.47
N LEU F 630 -21.42 -6.60 -8.10
CA LEU F 630 -21.36 -8.02 -7.78
C LEU F 630 -20.34 -8.30 -6.70
N GLY F 631 -20.55 -9.39 -5.96
CA GLY F 631 -19.68 -9.78 -4.89
C GLY F 631 -18.74 -10.91 -5.28
N GLU F 632 -18.14 -11.53 -4.26
CA GLU F 632 -17.21 -12.64 -4.49
C GLU F 632 -17.91 -13.87 -5.05
N VAL F 633 -19.18 -14.09 -4.66
CA VAL F 633 -19.91 -15.24 -5.17
C VAL F 633 -20.04 -15.14 -6.68
N MET F 634 -20.32 -13.95 -7.20
CA MET F 634 -20.42 -13.78 -8.63
C MET F 634 -19.08 -13.99 -9.30
N GLN F 635 -17.99 -13.60 -8.61
CA GLN F 635 -16.65 -13.80 -9.18
C GLN F 635 -16.34 -15.28 -9.33
N GLU F 636 -16.58 -16.07 -8.28
CA GLU F 636 -16.31 -17.50 -8.39
C GLU F 636 -17.26 -18.17 -9.39
N SER F 637 -18.50 -17.68 -9.49
CA SER F 637 -19.42 -18.27 -10.45
C SER F 637 -18.95 -18.00 -11.87
N ILE F 638 -18.48 -16.77 -12.14
CA ILE F 638 -17.98 -16.44 -13.47
C ILE F 638 -16.72 -17.25 -13.77
N GLN F 639 -15.89 -17.48 -12.74
CA GLN F 639 -14.68 -18.28 -12.94
C GLN F 639 -15.04 -19.72 -13.30
N ALA F 640 -16.05 -20.28 -12.62
CA ALA F 640 -16.48 -21.63 -12.93
C ALA F 640 -17.05 -21.71 -14.33
N ALA F 641 -17.84 -20.70 -14.72
CA ALA F 641 -18.40 -20.68 -16.07
C ALA F 641 -17.30 -20.59 -17.11
N LEU F 642 -16.28 -19.78 -16.85
CA LEU F 642 -15.16 -19.66 -17.77
C LEU F 642 -14.42 -20.98 -17.89
N THR F 643 -14.26 -21.69 -16.77
CA THR F 643 -13.59 -22.98 -16.81
C THR F 643 -14.40 -23.99 -17.63
N VAL F 644 -15.72 -23.97 -17.46
CA VAL F 644 -16.57 -24.88 -18.23
C VAL F 644 -16.47 -24.56 -19.71
N VAL F 645 -16.45 -23.27 -20.05
CA VAL F 645 -16.33 -22.87 -21.45
C VAL F 645 -14.99 -23.31 -22.01
N ARG F 646 -13.91 -23.18 -21.22
CA ARG F 646 -12.60 -23.60 -21.68
C ARG F 646 -12.55 -25.10 -21.89
N ALA F 647 -13.28 -25.86 -21.07
CA ALA F 647 -13.29 -27.31 -21.20
C ALA F 647 -14.15 -27.78 -22.37
N ARG F 648 -15.20 -27.04 -22.72
CA ARG F 648 -16.08 -27.41 -23.81
C ARG F 648 -15.88 -26.57 -25.07
N ALA F 649 -14.79 -25.81 -25.15
CA ALA F 649 -14.55 -24.98 -26.33
C ALA F 649 -14.41 -25.83 -27.60
N GLU F 650 -13.74 -26.98 -27.50
CA GLU F 650 -13.57 -27.83 -28.66
C GLU F 650 -14.91 -28.35 -29.17
N LYS F 651 -15.82 -28.68 -28.25
CA LYS F 651 -17.14 -29.18 -28.65
C LYS F 651 -18.02 -28.06 -29.18
N LEU F 652 -17.89 -26.86 -28.63
CA LEU F 652 -18.69 -25.71 -29.05
C LEU F 652 -18.05 -24.93 -30.19
N GLY F 653 -16.86 -25.32 -30.65
CA GLY F 653 -16.21 -24.62 -31.73
C GLY F 653 -15.56 -23.30 -31.35
N ILE F 654 -15.13 -23.18 -30.10
CA ILE F 654 -14.50 -21.96 -29.60
C ILE F 654 -12.99 -22.15 -29.62
N ASN F 655 -12.28 -21.10 -30.02
CA ASN F 655 -10.82 -21.16 -30.07
C ASN F 655 -10.27 -21.29 -28.65
N PRO F 656 -9.45 -22.30 -28.36
CA PRO F 656 -8.92 -22.46 -27.00
C PRO F 656 -8.11 -21.28 -26.48
N ASP F 657 -7.65 -20.37 -27.34
CA ASP F 657 -6.87 -19.22 -26.91
C ASP F 657 -7.71 -17.97 -26.69
N PHE F 658 -9.01 -18.13 -26.41
CA PHE F 658 -9.85 -16.96 -26.20
C PHE F 658 -9.59 -16.31 -24.85
N TYR F 659 -9.25 -17.10 -23.83
CA TYR F 659 -8.98 -16.57 -22.50
C TYR F 659 -7.58 -15.97 -22.37
N GLU F 660 -6.79 -15.97 -23.43
CA GLU F 660 -5.45 -15.42 -23.41
C GLU F 660 -5.29 -14.15 -24.21
N LYS F 661 -6.05 -13.97 -25.28
CA LYS F 661 -5.96 -12.78 -26.12
C LYS F 661 -7.24 -11.96 -26.15
N ARG F 662 -8.23 -12.30 -25.33
CA ARG F 662 -9.49 -11.55 -25.32
C ARG F 662 -9.98 -11.32 -23.89
N ASP F 663 -10.41 -10.10 -23.63
CA ASP F 663 -10.94 -9.70 -22.34
C ASP F 663 -12.46 -9.90 -22.34
N ILE F 664 -12.99 -10.30 -21.19
CA ILE F 664 -14.40 -10.57 -21.01
C ILE F 664 -14.97 -9.59 -19.99
N HIS F 665 -16.12 -8.99 -20.33
CA HIS F 665 -16.80 -8.04 -19.46
C HIS F 665 -18.25 -8.49 -19.32
N VAL F 666 -18.63 -8.88 -18.10
CA VAL F 666 -19.98 -9.35 -17.80
C VAL F 666 -20.73 -8.27 -17.04
N HIS F 667 -21.92 -7.92 -17.52
CA HIS F 667 -22.76 -6.91 -16.90
C HIS F 667 -24.07 -7.56 -16.46
N VAL F 668 -24.36 -7.46 -15.17
CA VAL F 668 -25.55 -8.02 -14.57
C VAL F 668 -26.36 -6.87 -13.97
N PRO F 669 -27.39 -6.40 -14.68
CA PRO F 669 -28.19 -5.28 -14.15
C PRO F 669 -28.89 -5.66 -12.86
N GLU F 670 -28.91 -4.70 -11.93
CA GLU F 670 -29.54 -4.86 -10.62
C GLU F 670 -28.96 -6.08 -9.89
N GLY F 671 -27.63 -6.16 -9.85
CA GLY F 671 -26.97 -7.25 -9.16
C GLY F 671 -27.08 -7.19 -7.65
N ALA F 672 -27.42 -6.02 -7.11
CA ALA F 672 -27.57 -5.83 -5.67
C ALA F 672 -28.90 -6.37 -5.15
N THR F 673 -29.57 -7.20 -5.92
CA THR F 673 -30.85 -7.75 -5.47
C THR F 673 -30.63 -8.59 -4.21
N PRO F 674 -31.61 -8.64 -3.31
CA PRO F 674 -31.46 -9.43 -2.09
C PRO F 674 -31.52 -10.92 -2.37
N LYS F 675 -30.59 -11.41 -3.18
CA LYS F 675 -30.52 -12.81 -3.56
C LYS F 675 -29.14 -13.32 -3.15
N ASP F 676 -29.11 -14.24 -2.19
CA ASP F 676 -27.86 -14.82 -1.70
C ASP F 676 -27.53 -16.04 -2.55
N GLY F 677 -26.59 -15.88 -3.47
CA GLY F 677 -26.18 -16.94 -4.35
C GLY F 677 -26.28 -16.56 -5.81
N PRO F 678 -25.27 -16.95 -6.59
CA PRO F 678 -25.26 -16.63 -8.04
C PRO F 678 -26.16 -17.55 -8.85
N ALA F 679 -27.47 -17.34 -8.73
CA ALA F 679 -28.45 -18.15 -9.43
C ALA F 679 -28.45 -17.91 -10.94
N ALA F 680 -27.62 -16.99 -11.44
CA ALA F 680 -27.55 -16.69 -12.86
C ALA F 680 -26.35 -17.34 -13.54
N GLY F 681 -25.86 -18.46 -13.00
CA GLY F 681 -24.72 -19.12 -13.60
C GLY F 681 -24.96 -19.56 -15.03
N ILE F 682 -26.09 -20.24 -15.27
CA ILE F 682 -26.40 -20.69 -16.62
C ILE F 682 -26.55 -19.51 -17.58
N ALA F 683 -27.13 -18.40 -17.11
CA ALA F 683 -27.30 -17.25 -17.98
C ALA F 683 -25.95 -16.68 -18.42
N MET F 684 -25.03 -16.51 -17.48
CA MET F 684 -23.71 -15.99 -17.82
C MET F 684 -22.96 -16.95 -18.71
N CYS F 685 -23.07 -18.26 -18.44
CA CYS F 685 -22.39 -19.24 -19.27
C CYS F 685 -22.92 -19.22 -20.70
N THR F 686 -24.24 -19.15 -20.85
CA THR F 686 -24.85 -19.10 -22.18
C THR F 686 -24.44 -17.83 -22.91
N ALA F 687 -24.42 -16.70 -22.20
CA ALA F 687 -24.03 -15.45 -22.83
C ALA F 687 -22.58 -15.50 -23.28
N LEU F 688 -21.71 -16.14 -22.48
CA LEU F 688 -20.31 -16.26 -22.85
C LEU F 688 -20.16 -17.14 -24.09
N VAL F 689 -20.87 -18.27 -24.12
CA VAL F 689 -20.80 -19.15 -25.28
C VAL F 689 -21.31 -18.43 -26.51
N SER F 690 -22.32 -17.59 -26.34
CA SER F 690 -22.86 -16.84 -27.47
C SER F 690 -21.85 -15.81 -27.98
N CYS F 691 -21.22 -15.07 -27.06
CA CYS F 691 -20.24 -14.07 -27.46
C CYS F 691 -19.07 -14.73 -28.20
N LEU F 692 -18.65 -15.90 -27.72
CA LEU F 692 -17.52 -16.59 -28.35
C LEU F 692 -17.89 -17.29 -29.64
N THR F 693 -19.17 -17.66 -29.82
CA THR F 693 -19.60 -18.36 -31.02
C THR F 693 -20.50 -17.54 -31.93
N GLY F 694 -21.18 -16.52 -31.41
CA GLY F 694 -22.06 -15.72 -32.24
C GLY F 694 -23.46 -16.29 -32.38
N ASN F 695 -23.79 -17.34 -31.63
CA ASN F 695 -25.11 -17.95 -31.72
C ASN F 695 -26.11 -17.10 -30.93
N PRO F 696 -27.14 -16.56 -31.57
CA PRO F 696 -28.11 -15.74 -30.83
C PRO F 696 -28.94 -16.60 -29.87
N VAL F 697 -29.15 -16.07 -28.68
CA VAL F 697 -29.92 -16.77 -27.66
C VAL F 697 -31.40 -16.67 -28.02
N ARG F 698 -32.08 -17.82 -28.07
CA ARG F 698 -33.49 -17.85 -28.41
C ARG F 698 -34.30 -17.00 -27.44
N ALA F 699 -35.12 -16.10 -28.00
CA ALA F 699 -35.95 -15.24 -27.17
C ALA F 699 -37.09 -16.06 -26.56
N ASP F 700 -37.87 -15.39 -25.70
CA ASP F 700 -39.00 -16.01 -25.01
C ASP F 700 -38.55 -17.20 -24.17
N VAL F 701 -37.32 -17.16 -23.65
CA VAL F 701 -36.74 -18.22 -22.84
C VAL F 701 -36.14 -17.60 -21.59
N ALA F 702 -36.42 -18.21 -20.44
CA ALA F 702 -35.91 -17.75 -19.15
C ALA F 702 -35.13 -18.87 -18.49
N MET F 703 -34.08 -18.51 -17.75
CA MET F 703 -33.26 -19.50 -17.08
C MET F 703 -32.73 -18.94 -15.77
N THR F 704 -32.48 -19.84 -14.82
CA THR F 704 -31.96 -19.49 -13.51
C THR F 704 -31.49 -20.76 -12.83
N GLY F 705 -30.40 -20.65 -12.07
CA GLY F 705 -29.85 -21.81 -11.37
C GLY F 705 -28.35 -21.69 -11.22
N GLU F 706 -27.82 -22.46 -10.27
CA GLU F 706 -26.40 -22.48 -9.98
C GLU F 706 -25.67 -23.42 -10.92
N ILE F 707 -24.35 -23.23 -11.03
CA ILE F 707 -23.50 -24.04 -11.88
C ILE F 707 -22.27 -24.48 -11.11
N THR F 708 -21.64 -25.55 -11.59
CA THR F 708 -20.44 -26.12 -11.00
C THR F 708 -19.33 -26.15 -12.05
N LEU F 709 -18.18 -26.66 -11.65
CA LEU F 709 -17.04 -26.75 -12.57
C LEU F 709 -17.16 -27.90 -13.55
N ARG F 710 -17.98 -28.90 -13.24
CA ARG F 710 -18.18 -30.05 -14.11
C ARG F 710 -19.40 -29.91 -15.01
N GLY F 711 -20.08 -28.77 -14.99
CA GLY F 711 -21.25 -28.57 -15.81
C GLY F 711 -22.56 -29.02 -15.20
N GLN F 712 -22.60 -29.23 -13.90
CA GLN F 712 -23.82 -29.65 -13.22
C GLN F 712 -24.59 -28.45 -12.70
N VAL F 713 -25.92 -28.56 -12.73
CA VAL F 713 -26.81 -27.50 -12.25
C VAL F 713 -27.26 -27.84 -10.85
N LEU F 714 -27.19 -26.86 -9.95
CA LEU F 714 -27.58 -27.03 -8.55
C LEU F 714 -28.96 -26.41 -8.30
N PRO F 715 -29.70 -26.93 -7.33
CA PRO F 715 -31.03 -26.38 -7.05
C PRO F 715 -30.94 -24.99 -6.43
N ILE F 716 -32.06 -24.26 -6.54
CA ILE F 716 -32.20 -22.91 -6.03
C ILE F 716 -33.53 -22.80 -5.29
N GLY F 717 -33.76 -21.64 -4.70
CA GLY F 717 -34.98 -21.37 -3.96
C GLY F 717 -35.78 -20.23 -4.60
N GLY F 718 -37.03 -20.12 -4.18
CA GLY F 718 -37.91 -19.08 -4.68
C GLY F 718 -38.37 -19.30 -6.11
N LEU F 719 -38.76 -20.53 -6.45
CA LEU F 719 -39.21 -20.81 -7.80
C LEU F 719 -40.57 -20.19 -8.09
N LYS F 720 -41.42 -20.03 -7.07
CA LYS F 720 -42.74 -19.46 -7.28
C LYS F 720 -42.64 -18.02 -7.77
N GLU F 721 -41.80 -17.20 -7.12
CA GLU F 721 -41.66 -15.81 -7.52
C GLU F 721 -41.10 -15.70 -8.94
N LYS F 722 -40.10 -16.52 -9.26
CA LYS F 722 -39.53 -16.48 -10.61
C LYS F 722 -40.55 -16.89 -11.65
N LEU F 723 -41.36 -17.91 -11.35
CA LEU F 723 -42.38 -18.35 -12.30
C LEU F 723 -43.43 -17.26 -12.49
N LEU F 724 -43.80 -16.58 -11.40
CA LEU F 724 -44.78 -15.51 -11.50
C LEU F 724 -44.23 -14.36 -12.33
N ALA F 725 -42.94 -14.05 -12.15
CA ALA F 725 -42.33 -12.98 -12.95
C ALA F 725 -42.29 -13.35 -14.41
N ALA F 726 -41.94 -14.61 -14.72
CA ALA F 726 -41.90 -15.05 -16.10
C ALA F 726 -43.29 -15.02 -16.72
N HIS F 727 -44.31 -15.34 -15.92
CA HIS F 727 -45.68 -15.32 -16.43
C HIS F 727 -46.13 -13.89 -16.71
N ARG F 728 -45.79 -12.95 -15.83
CA ARG F 728 -46.18 -11.56 -16.05
C ARG F 728 -45.44 -10.97 -17.24
N GLY F 729 -44.17 -11.34 -17.43
CA GLY F 729 -43.39 -10.84 -18.53
C GLY F 729 -43.71 -11.45 -19.88
N GLY F 730 -44.58 -12.46 -19.92
CA GLY F 730 -44.94 -13.10 -21.17
C GLY F 730 -43.95 -14.14 -21.66
N ILE F 731 -43.19 -14.74 -20.76
CA ILE F 731 -42.22 -15.77 -21.13
C ILE F 731 -42.85 -17.14 -20.97
N LYS F 732 -42.77 -17.95 -22.03
CA LYS F 732 -43.35 -19.29 -22.03
C LYS F 732 -42.34 -20.38 -21.71
N THR F 733 -41.10 -20.26 -22.18
CA THR F 733 -40.06 -21.25 -21.94
C THR F 733 -39.22 -20.83 -20.73
N VAL F 734 -39.18 -21.69 -19.71
CA VAL F 734 -38.44 -21.43 -18.49
C VAL F 734 -37.59 -22.67 -18.18
N LEU F 735 -36.30 -22.46 -17.95
CA LEU F 735 -35.36 -23.53 -17.64
C LEU F 735 -35.01 -23.45 -16.17
N ILE F 736 -35.30 -24.52 -15.43
CA ILE F 736 -35.02 -24.58 -14.00
C ILE F 736 -34.21 -25.84 -13.72
N PRO F 737 -33.50 -25.88 -12.59
CA PRO F 737 -32.71 -27.07 -12.26
C PRO F 737 -33.59 -28.30 -12.09
N PHE F 738 -32.98 -29.47 -12.29
CA PHE F 738 -33.72 -30.73 -12.15
C PHE F 738 -34.07 -31.02 -10.69
N GLU F 739 -33.16 -30.72 -9.77
CA GLU F 739 -33.42 -30.97 -8.35
C GLU F 739 -34.63 -30.21 -7.84
N ASN F 740 -35.01 -29.11 -8.48
CA ASN F 740 -36.16 -28.32 -8.06
C ASN F 740 -37.47 -28.86 -8.64
N LYS F 741 -37.41 -29.93 -9.42
CA LYS F 741 -38.63 -30.49 -10.01
C LYS F 741 -39.64 -30.88 -8.93
N ARG F 742 -39.17 -31.48 -7.84
CA ARG F 742 -40.06 -31.88 -6.76
C ARG F 742 -40.78 -30.70 -6.14
N ASP F 743 -40.28 -29.48 -6.35
CA ASP F 743 -40.92 -28.29 -5.81
C ASP F 743 -42.12 -27.85 -6.63
N LEU F 744 -42.18 -28.26 -7.91
CA LEU F 744 -43.31 -27.89 -8.76
C LEU F 744 -44.64 -28.37 -8.20
N GLU F 745 -44.63 -29.41 -7.37
CA GLU F 745 -45.87 -29.91 -6.78
C GLU F 745 -46.49 -28.92 -5.80
N GLU F 746 -45.71 -27.95 -5.33
CA GLU F 746 -46.20 -26.95 -4.38
C GLU F 746 -46.59 -25.65 -5.07
N ILE F 747 -46.68 -25.65 -6.38
CA ILE F 747 -47.05 -24.47 -7.16
C ILE F 747 -48.42 -24.72 -7.77
N PRO F 748 -49.35 -23.76 -7.69
CA PRO F 748 -50.68 -23.98 -8.27
C PRO F 748 -50.63 -24.19 -9.77
N ASP F 749 -51.67 -24.84 -10.29
CA ASP F 749 -51.74 -25.12 -11.72
C ASP F 749 -51.96 -23.88 -12.56
N ASN F 750 -52.49 -22.80 -11.98
CA ASN F 750 -52.73 -21.58 -12.73
C ASN F 750 -51.44 -20.96 -13.28
N VAL F 751 -50.30 -21.31 -12.70
CA VAL F 751 -49.01 -20.78 -13.15
C VAL F 751 -48.25 -21.79 -14.01
N ILE F 752 -48.38 -23.08 -13.71
CA ILE F 752 -47.68 -24.11 -14.48
C ILE F 752 -48.37 -24.34 -15.82
N ALA F 753 -49.70 -24.21 -15.88
CA ALA F 753 -50.41 -24.44 -17.13
C ALA F 753 -50.10 -23.39 -18.19
N ASP F 754 -49.55 -22.24 -17.80
CA ASP F 754 -49.24 -21.17 -18.75
C ASP F 754 -47.78 -21.18 -19.19
N LEU F 755 -46.87 -21.69 -18.37
CA LEU F 755 -45.46 -21.72 -18.69
C LEU F 755 -45.02 -23.14 -19.05
N ASP F 756 -44.00 -23.23 -19.90
CA ASP F 756 -43.43 -24.49 -20.34
C ASP F 756 -42.09 -24.66 -19.62
N ILE F 757 -42.10 -25.44 -18.54
CA ILE F 757 -40.91 -25.68 -17.75
C ILE F 757 -40.20 -26.94 -18.24
N HIS F 758 -38.88 -26.87 -18.33
CA HIS F 758 -38.06 -27.99 -18.77
C HIS F 758 -36.96 -28.25 -17.74
N PRO F 759 -37.15 -29.21 -16.83
CA PRO F 759 -36.12 -29.48 -15.83
C PRO F 759 -34.82 -29.94 -16.49
N VAL F 760 -33.72 -29.28 -16.13
CA VAL F 760 -32.41 -29.59 -16.67
C VAL F 760 -31.42 -29.81 -15.53
N LYS F 761 -30.34 -30.53 -15.85
CA LYS F 761 -29.30 -30.83 -14.87
C LYS F 761 -27.88 -30.66 -15.40
N ARG F 762 -27.68 -30.49 -16.70
CA ARG F 762 -26.36 -30.32 -17.28
C ARG F 762 -26.31 -29.05 -18.11
N ILE F 763 -25.09 -28.56 -18.36
CA ILE F 763 -24.93 -27.35 -19.15
C ILE F 763 -25.27 -27.60 -20.62
N GLU F 764 -25.09 -28.83 -21.11
CA GLU F 764 -25.39 -29.14 -22.50
C GLU F 764 -26.88 -29.01 -22.79
N GLU F 765 -27.73 -29.43 -21.85
CA GLU F 765 -29.17 -29.32 -22.07
C GLU F 765 -29.61 -27.87 -22.16
N VAL F 766 -29.07 -27.00 -21.29
CA VAL F 766 -29.44 -25.58 -21.32
C VAL F 766 -28.89 -24.94 -22.59
N LEU F 767 -27.68 -25.33 -23.02
CA LEU F 767 -27.11 -24.77 -24.23
C LEU F 767 -27.89 -25.22 -25.46
N THR F 768 -28.46 -26.42 -25.44
CA THR F 768 -29.23 -26.90 -26.58
C THR F 768 -30.62 -26.28 -26.62
N LEU F 769 -31.26 -26.14 -25.47
CA LEU F 769 -32.60 -25.56 -25.42
C LEU F 769 -32.59 -24.03 -25.43
N ALA F 770 -31.45 -23.38 -25.25
CA ALA F 770 -31.40 -21.92 -25.24
C ALA F 770 -30.83 -21.32 -26.51
N LEU F 771 -29.87 -21.96 -27.15
CA LEU F 771 -29.28 -21.41 -28.37
C LEU F 771 -30.13 -21.74 -29.59
N GLN F 772 -30.03 -20.88 -30.61
CA GLN F 772 -30.80 -21.08 -31.83
C GLN F 772 -30.30 -22.28 -32.61
N ASN F 773 -28.99 -22.45 -32.70
CA ASN F 773 -28.40 -23.57 -33.43
C ASN F 773 -28.09 -24.72 -32.46
N GLU F 774 -27.49 -25.79 -32.99
CA GLU F 774 -27.17 -26.93 -32.13
C GLU F 774 -26.01 -26.63 -31.19
N PRO F 775 -24.85 -26.10 -31.64
CA PRO F 775 -23.79 -25.84 -30.66
C PRO F 775 -24.16 -24.72 -29.68
#